data_6R2D
#
_entry.id   6R2D
#
_cell.length_a   80.840
_cell.length_b   83.730
_cell.length_c   160.570
_cell.angle_alpha   99.52
_cell.angle_beta   98.94
_cell.angle_gamma   100.81
#
_symmetry.space_group_name_H-M   'P 1'
#
loop_
_entity.id
_entity.type
_entity.pdbx_description
1 polymer 'Multifunctional 2-oxoglutarate metabolism enzyme'
2 non-polymer '(4~{S})-4-[(2~{R})-3-[(4-azanyl-2-methyl-pyrimidin-5-yl)methyl]-4-methyl-5-[2-[oxidanyl(phosphonooxy)phosphoryl]oxyethyl]-2~{H}-1,3-thiazol-2-yl]-4-[ethoxy(oxidanyl)phosphoryl]-4-oxidanyl-butanoic acid'
3 non-polymer 'MAGNESIUM ION'
4 non-polymer 'CALCIUM ION'
5 water water
#
_entity_poly.entity_id   1
_entity_poly.type   'polypeptide(L)'
_entity_poly.pdbx_seq_one_letter_code
;GDSIEDKNARVIELIAAYRNRGHLMADIDPLRLDNTRFRSHPDLDVNSHGLTLWDLDREFKVDGFAGVQRKKLRDILSVL
RDAYCRHVGVEYTHILEPEQQRWIQERVETKHDKPTVAEQKYILSKLNAAEAFETFLQTKYVGQKRFSLEGAETVIPMMD
AVIDQCAEHGLDEVVIAMPHRGRLNVLANIVGKPYSQIFSEFEGNLNPSQAHGSGDVKYHLGATGTYIQMFGDNDIEVSL
TANPSHLEAVDPVLEGLVRAKQDLLDTGEEGSDNRFSVVPLMLHGDAAFAGQGVVAETLNLALLRGYRTGGTIHIVVNNQ
IGFTTAPTDSRSSEYCTDVAKMIGAPIFHVNGDDPEACAWVARLAVDFRQAFKKDVVIDMLCYRRRGHNEGDDPSMTQPY
MYDVIDTKRGSRKAYTEALIGRGDISMKEAEDALRDYQGQLERVFNEVRELEKHEIEPSESVEADQQIPSKLATAVDKAM
LQRIGDAHLALPEGFTVHPRVRPVLEKRREMAYEGRIDWAFAELLALGSLIAEGKLVRLSGQDTQRGTFTQRHAVIVDRK
TGEEFTPLQLLATNPDGTPTGGKFLVYNSALSEFAAVGFEYGYSVGNPDAMVLWEAQFGDFVNGAQSIIDEFISSGEAKW
GQLSDVVLLLPHGHEGQGPDHTSGRIERFLQLWAEGSMTIAMPSTPANYFHLLRRHGKDGIQRPLIVFTPKSMLRNKAAV
SDIRDFTESKFRSVLEEPMYTDGEGDRNKVTRLLLTSGKIYYELAARKAKENREDVAIVRIEQLAPLPRRRLAETLDRYP
NVKEKFWVQEEPANQGAWPSFGLTLPEILPDHFTGLKRISRRAMSAPSSGSSKVHAVEQQEILDTAFG
;
_entity_poly.pdbx_strand_id   A,B,C,D
#
loop_
_chem_comp.id
_chem_comp.type
_chem_comp.name
_chem_comp.formula
CA non-polymer 'CALCIUM ION' 'Ca 2'
MG non-polymer 'MAGNESIUM ION' 'Mg 2'
ZP1 non-polymer '(4~{S})-4-[(2~{R})-3-[(4-azanyl-2-methyl-pyrimidin-5-yl)methyl]-4-methyl-5-[2-[oxidanyl(phosphonooxy)phosphoryl]oxyethyl]-2~{H}-1,3-thiazol-2-yl]-4-[ethoxy(oxidanyl)phosphoryl]-4-oxidanyl-butanoic acid' 'C18 H31 N4 O13 P3 S'
#
# COMPACT_ATOMS: atom_id res chain seq x y z
N LYS A 7 -31.01 40.71 71.62
CA LYS A 7 -31.03 39.25 71.72
C LYS A 7 -31.38 38.60 70.38
N ASN A 8 -32.33 39.18 69.63
CA ASN A 8 -32.76 38.62 68.35
C ASN A 8 -31.69 38.82 67.27
N ALA A 9 -30.86 39.89 67.39
CA ALA A 9 -29.80 40.14 66.40
C ALA A 9 -28.62 39.17 66.59
N ARG A 10 -28.36 38.73 67.84
CA ARG A 10 -27.29 37.79 68.20
C ARG A 10 -27.58 36.37 67.66
N VAL A 11 -28.87 36.09 67.39
CA VAL A 11 -29.36 34.82 66.84
C VAL A 11 -29.01 34.79 65.34
N ILE A 12 -29.26 35.92 64.61
CA ILE A 12 -28.95 36.08 63.18
C ILE A 12 -27.44 35.88 62.96
N GLU A 13 -26.61 36.45 63.83
CA GLU A 13 -25.15 36.34 63.79
C GLU A 13 -24.70 34.91 64.12
N LEU A 14 -25.45 34.20 64.98
CA LEU A 14 -25.15 32.81 65.33
C LEU A 14 -25.46 31.89 64.14
N ILE A 15 -26.61 32.12 63.46
CA ILE A 15 -27.01 31.37 62.27
C ILE A 15 -25.94 31.51 61.17
N ALA A 16 -25.49 32.77 60.89
CA ALA A 16 -24.48 33.06 59.88
C ALA A 16 -23.14 32.40 60.23
N ALA A 17 -22.75 32.41 61.53
CA ALA A 17 -21.51 31.78 62.02
C ALA A 17 -21.48 30.29 61.72
N TYR A 18 -22.61 29.57 61.94
CA TYR A 18 -22.68 28.13 61.64
C TYR A 18 -22.61 27.89 60.14
N ARG A 19 -23.32 28.71 59.34
CA ARG A 19 -23.35 28.60 57.89
C ARG A 19 -21.97 28.88 57.27
N ASN A 20 -21.27 29.92 57.77
CA ASN A 20 -19.96 30.37 57.27
C ASN A 20 -18.78 29.56 57.78
N ARG A 21 -18.76 29.23 59.09
CA ARG A 21 -17.60 28.63 59.73
C ARG A 21 -17.84 27.30 60.46
N GLY A 22 -19.08 26.78 60.43
CA GLY A 22 -19.42 25.52 61.10
C GLY A 22 -18.57 24.34 60.66
N HIS A 23 -18.12 24.35 59.39
CA HIS A 23 -17.23 23.33 58.81
C HIS A 23 -15.89 23.19 59.57
N LEU A 24 -15.45 24.24 60.31
CA LEU A 24 -14.21 24.21 61.09
C LEU A 24 -14.35 23.38 62.38
N MET A 25 -15.60 23.10 62.79
CA MET A 25 -15.89 22.36 64.02
C MET A 25 -16.54 21.01 63.72
N ALA A 26 -16.82 20.73 62.45
CA ALA A 26 -17.41 19.46 62.03
C ALA A 26 -16.47 18.27 62.36
N ASP A 27 -17.03 17.07 62.66
CA ASP A 27 -16.24 15.88 62.96
C ASP A 27 -15.96 15.13 61.61
N ILE A 28 -15.03 15.67 60.83
CA ILE A 28 -14.74 15.16 59.49
C ILE A 28 -13.51 14.24 59.42
N ASP A 29 -12.55 14.32 60.36
CA ASP A 29 -11.35 13.47 60.32
C ASP A 29 -11.58 12.14 61.03
N PRO A 30 -11.60 10.99 60.30
CA PRO A 30 -11.77 9.69 61.00
C PRO A 30 -10.60 9.31 61.94
N LEU A 31 -9.44 10.01 61.85
CA LEU A 31 -8.28 9.76 62.71
C LEU A 31 -8.27 10.66 63.96
N ARG A 32 -9.00 11.82 63.93
CA ARG A 32 -9.08 12.82 65.00
C ARG A 32 -7.65 13.23 65.44
N LEU A 33 -6.78 13.52 64.47
CA LEU A 33 -5.39 13.89 64.73
C LEU A 33 -5.25 15.20 65.48
N ASP A 34 -5.98 16.24 65.05
CA ASP A 34 -5.99 17.56 65.66
C ASP A 34 -6.77 17.52 66.97
N ASN A 35 -6.02 17.56 68.08
CA ASN A 35 -6.53 17.53 69.46
C ASN A 35 -6.97 18.92 69.96
N THR A 36 -6.96 19.95 69.08
CA THR A 36 -7.34 21.33 69.41
C THR A 36 -8.51 21.84 68.53
N ARG A 37 -9.02 20.98 67.64
CA ARG A 37 -10.11 21.27 66.69
C ARG A 37 -11.45 21.59 67.38
N PHE A 38 -11.84 20.80 68.38
CA PHE A 38 -13.12 20.96 69.06
C PHE A 38 -13.00 21.88 70.30
N ARG A 39 -11.92 21.70 71.11
CA ARG A 39 -11.63 22.48 72.34
C ARG A 39 -11.55 24.00 72.10
N SER A 40 -11.18 24.45 70.88
CA SER A 40 -11.08 25.87 70.54
C SER A 40 -11.66 26.12 69.14
N LEU A 51 -27.16 35.92 73.81
CA LEU A 51 -27.87 34.66 73.99
C LEU A 51 -27.37 33.90 75.23
N THR A 52 -28.32 33.28 75.97
CA THR A 52 -28.05 32.52 77.20
C THR A 52 -28.79 31.18 77.19
N LEU A 53 -28.60 30.36 78.25
CA LEU A 53 -29.27 29.06 78.41
C LEU A 53 -30.80 29.21 78.63
N TRP A 54 -31.23 30.38 79.13
CA TRP A 54 -32.65 30.70 79.35
C TRP A 54 -33.32 31.11 78.04
N ASP A 55 -32.53 31.60 77.06
CA ASP A 55 -33.01 32.05 75.75
C ASP A 55 -33.32 30.88 74.81
N LEU A 56 -32.90 29.64 75.16
CA LEU A 56 -33.07 28.41 74.38
C LEU A 56 -34.53 28.07 74.11
N ASP A 57 -35.42 28.31 75.06
CA ASP A 57 -36.85 27.98 74.95
C ASP A 57 -37.66 29.15 74.39
N ARG A 58 -37.01 30.31 74.11
CA ARG A 58 -37.65 31.49 73.55
C ARG A 58 -37.73 31.37 72.03
N GLU A 59 -38.88 31.76 71.44
CA GLU A 59 -39.13 31.73 70.00
C GLU A 59 -38.58 32.98 69.32
N PHE A 60 -37.92 32.80 68.16
CA PHE A 60 -37.30 33.88 67.35
C PHE A 60 -37.78 33.85 65.90
N GLN A 69 -41.44 32.73 59.57
CA GLN A 69 -41.10 31.51 60.31
C GLN A 69 -40.67 31.84 61.76
N ARG A 70 -41.34 31.18 62.73
CA ARG A 70 -41.10 31.33 64.16
C ARG A 70 -40.69 30.01 64.79
N LYS A 71 -39.43 29.93 65.28
CA LYS A 71 -38.89 28.72 65.90
C LYS A 71 -38.12 29.02 67.18
N LYS A 72 -38.12 28.06 68.13
CA LYS A 72 -37.38 28.18 69.39
C LYS A 72 -35.87 28.12 69.11
N LEU A 73 -35.07 28.87 69.89
CA LEU A 73 -33.60 28.92 69.75
C LEU A 73 -32.98 27.50 69.83
N ARG A 74 -33.47 26.64 70.75
CA ARG A 74 -32.98 25.27 70.90
C ARG A 74 -33.15 24.48 69.59
N ASP A 75 -34.25 24.75 68.85
CA ASP A 75 -34.58 24.10 67.58
C ASP A 75 -33.73 24.65 66.46
N ILE A 76 -33.47 25.97 66.44
CA ILE A 76 -32.62 26.61 65.43
C ILE A 76 -31.20 26.03 65.56
N LEU A 77 -30.66 26.00 66.79
CA LEU A 77 -29.31 25.50 67.09
C LEU A 77 -29.14 24.00 66.82
N SER A 78 -30.20 23.18 67.04
CA SER A 78 -30.11 21.74 66.78
C SER A 78 -30.04 21.49 65.24
N VAL A 79 -30.81 22.25 64.44
CA VAL A 79 -30.79 22.17 62.96
C VAL A 79 -29.40 22.55 62.43
N LEU A 80 -28.78 23.61 63.00
CA LEU A 80 -27.44 24.12 62.62
C LEU A 80 -26.33 23.13 62.96
N ARG A 81 -26.33 22.55 64.18
CA ARG A 81 -25.32 21.56 64.60
C ARG A 81 -25.39 20.28 63.75
N ASP A 82 -26.60 19.79 63.46
CA ASP A 82 -26.81 18.59 62.65
C ASP A 82 -26.38 18.81 61.20
N ALA A 83 -26.66 19.99 60.65
CA ALA A 83 -26.36 20.34 59.27
C ALA A 83 -24.90 20.68 59.01
N TYR A 84 -24.27 21.41 59.96
CA TYR A 84 -22.92 21.93 59.75
C TYR A 84 -21.82 21.39 60.64
N CYS A 85 -22.16 20.71 61.75
CA CYS A 85 -21.15 20.29 62.72
C CYS A 85 -21.19 18.79 63.07
N ARG A 86 -21.65 17.93 62.13
CA ARG A 86 -21.62 16.48 62.35
C ARG A 86 -20.55 15.90 61.45
N HIS A 87 -20.87 14.95 60.57
CA HIS A 87 -19.84 14.34 59.72
C HIS A 87 -19.68 15.00 58.36
N VAL A 88 -20.39 16.11 58.12
CA VAL A 88 -20.31 16.87 56.86
C VAL A 88 -19.99 18.35 57.13
N GLY A 89 -18.87 18.81 56.59
CA GLY A 89 -18.43 20.20 56.67
C GLY A 89 -18.78 20.86 55.34
N VAL A 90 -19.74 21.78 55.37
CA VAL A 90 -20.27 22.45 54.17
C VAL A 90 -19.65 23.84 53.98
N GLU A 91 -19.08 24.11 52.79
CA GLU A 91 -18.51 25.40 52.39
C GLU A 91 -19.27 25.92 51.17
N TYR A 92 -20.11 26.93 51.37
CA TYR A 92 -20.97 27.42 50.30
C TYR A 92 -21.25 28.94 50.38
N THR A 93 -20.93 29.62 51.49
CA THR A 93 -21.26 31.03 51.63
C THR A 93 -20.33 31.94 50.80
N HIS A 94 -19.28 31.37 50.18
CA HIS A 94 -18.35 32.07 49.28
C HIS A 94 -18.99 32.22 47.89
N ILE A 95 -20.06 31.44 47.59
CA ILE A 95 -20.78 31.45 46.32
C ILE A 95 -21.51 32.80 46.16
N LEU A 96 -21.23 33.53 45.06
CA LEU A 96 -21.85 34.84 44.79
C LEU A 96 -23.31 34.76 44.34
N GLU A 97 -23.77 33.61 43.79
CA GLU A 97 -25.15 33.41 43.34
C GLU A 97 -26.06 33.14 44.56
N PRO A 98 -26.98 34.09 44.94
CA PRO A 98 -27.85 33.86 46.12
C PRO A 98 -28.76 32.64 45.99
N GLU A 99 -29.26 32.35 44.77
CA GLU A 99 -30.14 31.20 44.50
C GLU A 99 -29.44 29.86 44.78
N GLN A 100 -28.10 29.79 44.55
CA GLN A 100 -27.30 28.58 44.80
C GLN A 100 -27.07 28.38 46.29
N GLN A 101 -26.78 29.47 47.03
CA GLN A 101 -26.62 29.46 48.48
C GLN A 101 -27.93 28.98 49.14
N ARG A 102 -29.10 29.50 48.68
CA ARG A 102 -30.43 29.12 49.16
C ARG A 102 -30.75 27.66 48.87
N TRP A 103 -30.47 27.17 47.66
CA TRP A 103 -30.68 25.77 47.25
C TRP A 103 -29.99 24.79 48.21
N ILE A 104 -28.74 25.08 48.62
CA ILE A 104 -27.92 24.21 49.49
C ILE A 104 -28.47 24.24 50.90
N GLN A 105 -28.69 25.44 51.49
CA GLN A 105 -29.22 25.52 52.85
C GLN A 105 -30.62 24.90 52.96
N GLU A 106 -31.46 24.97 51.92
CA GLU A 106 -32.78 24.35 51.92
C GLU A 106 -32.71 22.81 51.96
N ARG A 107 -31.62 22.20 51.44
CA ARG A 107 -31.44 20.74 51.42
C ARG A 107 -30.60 20.24 52.60
N VAL A 108 -29.79 21.12 53.20
CA VAL A 108 -28.86 20.82 54.30
C VAL A 108 -29.53 21.15 55.67
N GLU A 109 -30.34 22.22 55.75
CA GLU A 109 -31.00 22.65 56.99
C GLU A 109 -32.43 22.05 57.15
N THR A 110 -32.57 20.73 56.97
CA THR A 110 -33.83 20.01 57.12
C THR A 110 -33.60 18.67 57.77
N LYS A 111 -34.62 18.13 58.45
CA LYS A 111 -34.55 16.79 59.04
C LYS A 111 -34.64 15.80 57.89
N HIS A 112 -33.52 15.13 57.59
CA HIS A 112 -33.43 14.18 56.48
C HIS A 112 -34.04 12.84 56.84
N ASP A 113 -34.58 12.14 55.83
CA ASP A 113 -35.14 10.81 56.00
C ASP A 113 -34.00 9.81 56.13
N LYS A 114 -34.04 8.97 57.18
CA LYS A 114 -33.02 7.94 57.43
C LYS A 114 -33.08 6.91 56.30
N PRO A 115 -31.94 6.39 55.79
CA PRO A 115 -32.04 5.40 54.70
C PRO A 115 -32.72 4.10 55.13
N THR A 116 -33.34 3.41 54.17
CA THR A 116 -34.02 2.14 54.45
C THR A 116 -32.95 1.07 54.68
N VAL A 117 -33.30 0.01 55.44
CA VAL A 117 -32.41 -1.12 55.74
C VAL A 117 -31.84 -1.68 54.41
N ALA A 118 -32.67 -1.75 53.34
CA ALA A 118 -32.26 -2.17 52.00
C ALA A 118 -31.14 -1.29 51.42
N GLU A 119 -31.23 0.05 51.62
CA GLU A 119 -30.23 1.02 51.14
C GLU A 119 -28.93 0.91 51.97
N GLN A 120 -29.06 0.72 53.29
CA GLN A 120 -27.95 0.55 54.24
C GLN A 120 -27.19 -0.76 53.98
N LYS A 121 -27.93 -1.84 53.70
CA LYS A 121 -27.34 -3.15 53.37
C LYS A 121 -26.66 -3.08 52.01
N TYR A 122 -27.20 -2.24 51.09
CA TYR A 122 -26.61 -2.05 49.77
C TYR A 122 -25.26 -1.33 49.90
N ILE A 123 -25.20 -0.27 50.76
CA ILE A 123 -23.98 0.49 51.04
C ILE A 123 -22.95 -0.49 51.66
N LEU A 124 -23.39 -1.31 52.65
CA LEU A 124 -22.54 -2.32 53.29
C LEU A 124 -21.99 -3.33 52.25
N SER A 125 -22.84 -3.80 51.31
CA SER A 125 -22.46 -4.71 50.22
C SER A 125 -21.35 -4.09 49.32
N LYS A 126 -21.41 -2.78 49.09
CA LYS A 126 -20.42 -2.08 48.28
C LYS A 126 -19.07 -2.01 49.02
N LEU A 127 -19.10 -1.79 50.35
CA LEU A 127 -17.93 -1.75 51.23
C LEU A 127 -17.36 -3.14 51.41
N ASN A 128 -18.24 -4.15 51.32
CA ASN A 128 -17.87 -5.56 51.39
C ASN A 128 -17.12 -5.96 50.15
N ALA A 129 -17.52 -5.41 48.97
CA ALA A 129 -16.93 -5.68 47.67
C ALA A 129 -15.60 -4.99 47.56
N ALA A 130 -15.48 -3.76 48.12
CA ALA A 130 -14.26 -2.93 48.12
C ALA A 130 -13.16 -3.55 48.99
N GLU A 131 -13.48 -3.84 50.26
CA GLU A 131 -12.53 -4.45 51.18
C GLU A 131 -12.22 -5.89 50.77
N ALA A 132 -13.19 -6.62 50.14
CA ALA A 132 -12.89 -7.99 49.67
C ALA A 132 -11.92 -7.96 48.46
N PHE A 133 -11.98 -6.89 47.66
CA PHE A 133 -11.07 -6.71 46.51
C PHE A 133 -9.62 -6.43 47.02
N GLU A 134 -9.45 -5.43 47.94
CA GLU A 134 -8.14 -5.05 48.54
C GLU A 134 -7.47 -6.21 49.26
N THR A 135 -8.24 -7.03 50.01
CA THR A 135 -7.68 -8.20 50.72
C THR A 135 -7.06 -9.19 49.73
N PHE A 136 -7.78 -9.55 48.64
CA PHE A 136 -7.35 -10.43 47.56
C PHE A 136 -6.09 -9.85 46.86
N LEU A 137 -6.20 -8.62 46.32
CA LEU A 137 -5.10 -7.94 45.60
C LEU A 137 -3.77 -8.02 46.39
N GLN A 138 -3.81 -7.85 47.73
CA GLN A 138 -2.63 -7.88 48.57
C GLN A 138 -2.14 -9.28 48.85
N THR A 139 -3.07 -10.20 49.12
CA THR A 139 -2.75 -11.58 49.49
C THR A 139 -2.27 -12.39 48.28
N LYS A 140 -2.88 -12.22 47.09
CA LYS A 140 -2.54 -13.01 45.92
C LYS A 140 -1.29 -12.49 45.20
N TYR A 141 -1.30 -11.24 44.74
CA TYR A 141 -0.17 -10.72 43.99
C TYR A 141 0.86 -9.99 44.86
N VAL A 142 2.07 -9.86 44.31
CA VAL A 142 3.24 -9.19 44.90
C VAL A 142 3.35 -7.77 44.28
N GLY A 143 3.88 -6.85 45.08
CA GLY A 143 4.06 -5.45 44.69
C GLY A 143 2.78 -4.67 44.36
N GLN A 144 1.69 -4.89 45.13
CA GLN A 144 0.37 -4.23 44.95
C GLN A 144 0.10 -3.13 46.00
N LYS A 145 0.96 -3.04 47.06
CA LYS A 145 0.83 -2.10 48.19
C LYS A 145 0.55 -0.66 47.76
N ARG A 146 1.14 -0.18 46.66
CA ARG A 146 0.95 1.20 46.18
C ARG A 146 -0.45 1.46 45.56
N PHE A 147 -1.14 0.42 45.20
CA PHE A 147 -2.43 0.62 44.62
C PHE A 147 -3.53 0.53 45.70
N SER A 148 -3.18 0.12 46.94
CA SER A 148 -4.11 -0.08 48.04
C SER A 148 -5.02 1.09 48.33
N LEU A 149 -6.31 0.81 48.34
CA LEU A 149 -7.41 1.69 48.71
C LEU A 149 -7.79 1.47 50.21
N GLU A 150 -7.14 0.56 50.96
CA GLU A 150 -7.43 0.34 52.39
C GLU A 150 -7.31 1.64 53.23
N GLY A 151 -8.39 1.95 53.94
CA GLY A 151 -8.56 3.17 54.74
C GLY A 151 -9.43 4.16 54.00
N ALA A 152 -9.67 3.93 52.68
CA ALA A 152 -10.43 4.81 51.79
C ALA A 152 -11.52 4.06 50.96
N GLU A 153 -11.94 2.86 51.40
CA GLU A 153 -12.96 2.03 50.72
C GLU A 153 -14.28 2.69 50.53
N THR A 154 -14.62 3.67 51.37
CA THR A 154 -15.88 4.40 51.30
C THR A 154 -16.02 5.14 49.96
N VAL A 155 -14.92 5.31 49.20
CA VAL A 155 -15.00 5.98 47.88
C VAL A 155 -15.80 5.10 46.87
N ILE A 156 -15.85 3.76 47.09
CA ILE A 156 -16.60 2.86 46.22
C ILE A 156 -18.12 3.11 46.43
N PRO A 157 -18.75 3.05 47.64
CA PRO A 157 -20.19 3.39 47.72
C PRO A 157 -20.46 4.85 47.35
N MET A 158 -19.49 5.76 47.57
CA MET A 158 -19.63 7.18 47.19
C MET A 158 -19.73 7.33 45.66
N MET A 159 -18.82 6.70 44.89
CA MET A 159 -18.84 6.75 43.42
C MET A 159 -20.09 6.07 42.87
N ASP A 160 -20.51 4.99 43.52
CA ASP A 160 -21.70 4.23 43.16
C ASP A 160 -22.95 5.12 43.26
N ALA A 161 -23.01 5.96 44.32
CA ALA A 161 -24.11 6.87 44.57
C ALA A 161 -24.11 8.02 43.56
N VAL A 162 -22.91 8.44 43.09
CA VAL A 162 -22.79 9.47 42.06
C VAL A 162 -23.43 8.96 40.77
N ILE A 163 -22.99 7.77 40.29
CA ILE A 163 -23.42 7.15 39.06
C ILE A 163 -24.90 6.77 39.12
N ASP A 164 -25.35 6.26 40.27
CA ASP A 164 -26.77 5.92 40.46
C ASP A 164 -27.66 7.17 40.40
N GLN A 165 -27.19 8.31 40.96
CA GLN A 165 -27.94 9.57 40.92
C GLN A 165 -27.97 10.13 39.51
N CYS A 166 -26.89 9.95 38.74
CA CYS A 166 -26.83 10.36 37.34
C CYS A 166 -27.83 9.53 36.51
N ALA A 167 -27.98 8.22 36.81
CA ALA A 167 -28.94 7.33 36.15
C ALA A 167 -30.38 7.70 36.52
N GLU A 168 -30.58 8.21 37.77
CA GLU A 168 -31.88 8.67 38.27
C GLU A 168 -32.32 9.92 37.50
N HIS A 169 -31.37 10.76 37.06
CA HIS A 169 -31.61 11.96 36.25
C HIS A 169 -31.78 11.60 34.76
N GLY A 170 -31.65 10.31 34.43
CA GLY A 170 -31.79 9.77 33.08
C GLY A 170 -30.67 10.19 32.14
N LEU A 171 -29.47 10.45 32.70
CA LEU A 171 -28.30 10.89 31.93
C LEU A 171 -27.70 9.72 31.13
N ASP A 172 -26.88 10.03 30.13
CA ASP A 172 -26.38 9.04 29.19
C ASP A 172 -25.09 8.33 29.61
N GLU A 173 -24.13 9.07 30.18
CA GLU A 173 -22.84 8.47 30.53
C GLU A 173 -22.13 9.26 31.63
N VAL A 174 -21.27 8.54 32.35
CA VAL A 174 -20.34 9.04 33.35
C VAL A 174 -18.93 8.66 32.88
N VAL A 175 -18.03 9.66 32.77
CA VAL A 175 -16.65 9.39 32.37
C VAL A 175 -15.79 9.75 33.55
N ILE A 176 -15.04 8.76 34.04
CA ILE A 176 -14.14 8.88 35.20
C ILE A 176 -12.74 9.11 34.73
N ALA A 177 -12.02 9.93 35.46
CA ALA A 177 -10.58 10.14 35.39
C ALA A 177 -10.10 10.00 36.81
N MET A 178 -9.02 9.25 37.00
CA MET A 178 -8.50 9.10 38.36
C MET A 178 -6.98 8.78 38.39
N PRO A 179 -6.30 8.94 39.55
CA PRO A 179 -4.93 8.42 39.66
C PRO A 179 -5.00 6.87 39.89
N HIS A 180 -3.89 6.19 40.20
CA HIS A 180 -3.95 4.71 40.22
C HIS A 180 -4.46 4.06 41.55
N ARG A 181 -4.60 4.83 42.68
CA ARG A 181 -5.10 4.28 43.96
C ARG A 181 -6.60 3.81 43.89
N GLY A 182 -6.79 2.49 44.07
CA GLY A 182 -8.08 1.82 43.98
C GLY A 182 -8.63 1.68 42.57
N ARG A 183 -7.78 1.81 41.53
CA ARG A 183 -8.20 1.80 40.13
C ARG A 183 -8.83 0.51 39.66
N LEU A 184 -8.20 -0.67 39.97
CA LEU A 184 -8.78 -1.97 39.60
C LEU A 184 -10.02 -2.25 40.45
N ASN A 185 -10.08 -1.65 41.68
CA ASN A 185 -11.25 -1.76 42.56
C ASN A 185 -12.41 -1.03 41.88
N VAL A 186 -12.13 0.14 41.27
CA VAL A 186 -13.08 0.95 40.52
C VAL A 186 -13.50 0.14 39.27
N LEU A 187 -12.55 -0.53 38.57
CA LEU A 187 -12.87 -1.35 37.40
C LEU A 187 -13.81 -2.47 37.72
N ALA A 188 -13.60 -3.13 38.86
CA ALA A 188 -14.44 -4.27 39.25
C ALA A 188 -15.74 -3.86 39.90
N ASN A 189 -15.76 -2.80 40.74
CA ASN A 189 -16.97 -2.51 41.49
C ASN A 189 -17.74 -1.26 41.06
N ILE A 190 -17.26 -0.52 40.05
CA ILE A 190 -17.90 0.68 39.53
C ILE A 190 -18.18 0.50 38.03
N VAL A 191 -17.11 0.31 37.23
CA VAL A 191 -17.17 0.13 35.77
C VAL A 191 -17.88 -1.22 35.47
N GLY A 192 -17.72 -2.19 36.36
CA GLY A 192 -18.39 -3.48 36.25
C GLY A 192 -17.65 -4.48 35.39
N LYS A 193 -16.32 -4.26 35.18
CA LYS A 193 -15.51 -5.16 34.39
C LYS A 193 -15.35 -6.52 35.12
N PRO A 194 -15.47 -7.68 34.42
CA PRO A 194 -15.28 -8.97 35.12
C PRO A 194 -13.79 -9.19 35.43
N TYR A 195 -13.52 -10.01 36.45
CA TYR A 195 -12.18 -10.35 36.94
C TYR A 195 -11.35 -11.08 35.88
N SER A 196 -12.02 -11.86 34.97
CA SER A 196 -11.38 -12.58 33.88
C SER A 196 -10.73 -11.62 32.88
N GLN A 197 -11.29 -10.41 32.70
CA GLN A 197 -10.77 -9.38 31.82
C GLN A 197 -9.72 -8.50 32.54
N ILE A 198 -9.94 -8.23 33.85
CA ILE A 198 -9.06 -7.41 34.69
C ILE A 198 -7.72 -8.13 34.96
N PHE A 199 -7.76 -9.41 35.40
CA PHE A 199 -6.53 -10.12 35.77
C PHE A 199 -6.00 -11.05 34.65
N SER A 200 -6.38 -10.78 33.38
CA SER A 200 -5.96 -11.53 32.21
C SER A 200 -4.52 -11.17 31.85
N GLU A 201 -3.60 -12.18 31.88
CA GLU A 201 -2.17 -12.06 31.56
C GLU A 201 -1.51 -10.94 32.45
N PHE A 202 -1.78 -11.05 33.78
CA PHE A 202 -1.35 -10.15 34.84
C PHE A 202 0.10 -10.50 35.28
N ASP A 216 1.20 -3.92 35.11
CA ASP A 216 1.06 -2.60 35.71
C ASP A 216 0.56 -1.52 34.68
N VAL A 217 0.47 -1.88 33.36
CA VAL A 217 -0.09 -1.00 32.31
C VAL A 217 -1.62 -0.93 32.50
N LYS A 218 -2.21 -1.97 33.19
CA LYS A 218 -3.62 -2.09 33.52
C LYS A 218 -4.12 -0.94 34.39
N TYR A 219 -3.21 -0.29 35.14
CA TYR A 219 -3.46 0.86 36.02
C TYR A 219 -3.42 2.22 35.26
N HIS A 220 -3.44 2.18 33.93
CA HIS A 220 -3.38 3.37 33.09
C HIS A 220 -4.29 3.23 31.84
N LEU A 221 -4.84 2.02 31.54
CA LEU A 221 -5.70 1.81 30.36
C LEU A 221 -7.15 2.29 30.55
N GLY A 222 -7.77 2.62 29.43
CA GLY A 222 -9.17 3.00 29.38
C GLY A 222 -10.05 1.76 29.51
N ALA A 223 -11.32 1.99 29.87
CA ALA A 223 -12.29 0.91 30.02
C ALA A 223 -13.69 1.44 29.79
N THR A 224 -14.63 0.56 29.46
CA THR A 224 -16.01 0.94 29.23
C THR A 224 -16.94 -0.15 29.73
N GLY A 225 -18.05 0.28 30.32
CA GLY A 225 -19.06 -0.63 30.87
C GLY A 225 -20.43 -0.02 31.01
N THR A 226 -21.35 -0.78 31.60
CA THR A 226 -22.73 -0.37 31.82
C THR A 226 -23.11 -0.57 33.27
N TYR A 227 -23.62 0.53 33.88
CA TYR A 227 -24.11 0.50 35.25
C TYR A 227 -25.61 0.29 35.23
N ILE A 228 -26.09 -0.71 35.96
CA ILE A 228 -27.51 -1.04 36.06
C ILE A 228 -27.96 -0.70 37.49
N GLN A 229 -29.00 0.13 37.63
CA GLN A 229 -29.51 0.56 38.94
C GLN A 229 -30.03 -0.62 39.75
N MET A 230 -29.71 -0.62 41.05
CA MET A 230 -30.10 -1.65 41.99
C MET A 230 -31.60 -1.52 42.33
N PHE A 231 -32.04 -0.30 42.72
CA PHE A 231 -33.41 -0.02 43.14
C PHE A 231 -34.20 0.82 42.10
N GLY A 232 -33.60 1.06 40.93
CA GLY A 232 -34.23 1.81 39.84
C GLY A 232 -34.31 1.00 38.57
N ASP A 233 -34.95 1.57 37.53
CA ASP A 233 -35.13 0.89 36.24
C ASP A 233 -34.26 1.47 35.13
N ASN A 234 -33.35 2.40 35.48
CA ASN A 234 -32.46 2.98 34.47
C ASN A 234 -31.09 2.32 34.48
N ASP A 235 -30.38 2.47 33.36
CA ASP A 235 -28.99 2.09 33.19
C ASP A 235 -28.24 3.30 32.66
N ILE A 236 -26.91 3.27 32.76
CA ILE A 236 -26.06 4.37 32.32
C ILE A 236 -24.69 3.81 31.92
N GLU A 237 -24.07 4.39 30.88
CA GLU A 237 -22.74 3.97 30.47
C GLU A 237 -21.72 4.56 31.44
N VAL A 238 -20.70 3.78 31.77
CA VAL A 238 -19.62 4.19 32.66
C VAL A 238 -18.30 3.89 31.94
N SER A 239 -17.46 4.90 31.77
CA SER A 239 -16.17 4.67 31.15
C SER A 239 -15.06 5.34 31.99
N LEU A 240 -13.84 4.82 31.85
CA LEU A 240 -12.66 5.28 32.56
C LEU A 240 -11.61 5.58 31.56
N THR A 241 -11.13 6.80 31.58
CA THR A 241 -10.16 7.22 30.59
C THR A 241 -8.75 6.79 30.98
N ALA A 242 -7.90 6.59 29.97
CA ALA A 242 -6.48 6.25 30.15
C ALA A 242 -5.72 7.47 30.67
N ASN A 243 -4.58 7.26 31.37
CA ASN A 243 -3.77 8.37 31.89
C ASN A 243 -2.31 7.99 32.18
N PRO A 244 -1.37 8.97 32.23
CA PRO A 244 0.02 8.63 32.60
C PRO A 244 0.18 8.65 34.12
N SER A 245 1.42 8.53 34.61
CA SER A 245 1.67 8.59 36.05
C SER A 245 1.55 10.02 36.58
N HIS A 246 1.73 11.04 35.70
CA HIS A 246 1.67 12.48 36.00
C HIS A 246 0.33 12.83 36.57
N LEU A 247 0.29 13.06 37.89
CA LEU A 247 -0.94 13.33 38.65
C LEU A 247 -1.59 14.60 38.16
N GLU A 248 -2.91 14.56 37.92
CA GLU A 248 -3.79 15.66 37.49
C GLU A 248 -3.63 16.04 36.01
N ALA A 249 -2.62 15.51 35.29
CA ALA A 249 -2.42 15.82 33.85
C ALA A 249 -3.66 15.46 32.97
N VAL A 250 -4.41 14.42 33.36
CA VAL A 250 -5.58 13.90 32.66
C VAL A 250 -6.83 14.80 32.86
N ASP A 251 -6.80 15.70 33.88
CA ASP A 251 -7.95 16.53 34.24
C ASP A 251 -8.54 17.28 33.02
N PRO A 252 -7.79 18.08 32.25
CA PRO A 252 -8.40 18.73 31.07
C PRO A 252 -8.75 17.79 29.94
N VAL A 253 -8.04 16.61 29.85
CA VAL A 253 -8.23 15.55 28.87
C VAL A 253 -9.66 15.01 29.02
N LEU A 254 -10.05 14.73 30.29
CA LEU A 254 -11.39 14.25 30.69
C LEU A 254 -12.43 15.24 30.20
N GLU A 255 -12.25 16.53 30.50
CA GLU A 255 -13.18 17.59 30.10
C GLU A 255 -13.37 17.64 28.55
N GLY A 256 -12.27 17.61 27.79
CA GLY A 256 -12.36 17.61 26.32
C GLY A 256 -13.12 16.41 25.79
N LEU A 257 -12.78 15.23 26.35
CA LEU A 257 -13.39 13.95 26.03
C LEU A 257 -14.91 13.96 26.30
N VAL A 258 -15.33 14.46 27.47
CA VAL A 258 -16.75 14.58 27.82
C VAL A 258 -17.42 15.61 26.86
N ARG A 259 -16.82 16.80 26.65
CA ARG A 259 -17.36 17.83 25.73
C ARG A 259 -17.60 17.28 24.32
N ALA A 260 -16.65 16.45 23.79
CA ALA A 260 -16.79 15.83 22.47
C ALA A 260 -17.99 14.89 22.43
N LYS A 261 -18.21 14.13 23.51
CA LYS A 261 -19.33 13.19 23.64
C LYS A 261 -20.64 13.98 23.75
N GLN A 262 -20.63 15.04 24.56
CA GLN A 262 -21.79 15.93 24.70
C GLN A 262 -22.17 16.53 23.33
N ASP A 263 -21.20 17.05 22.55
CA ASP A 263 -21.47 17.60 21.21
C ASP A 263 -22.06 16.52 20.28
N LEU A 264 -21.59 15.25 20.36
CA LEU A 264 -22.12 14.15 19.55
C LEU A 264 -23.57 13.82 19.92
N LEU A 265 -23.89 13.84 21.22
CA LEU A 265 -25.23 13.54 21.74
C LEU A 265 -26.19 14.73 21.65
N ASP A 266 -25.75 15.85 21.05
CA ASP A 266 -26.53 17.09 20.87
C ASP A 266 -27.08 17.59 22.23
N THR A 267 -26.23 17.52 23.28
CA THR A 267 -26.55 17.95 24.64
C THR A 267 -25.51 19.00 25.11
N GLY A 268 -25.98 19.98 25.87
CA GLY A 268 -25.11 21.02 26.38
C GLY A 268 -24.99 22.28 25.54
N GLU A 269 -23.82 22.97 25.66
CA GLU A 269 -23.47 24.24 25.03
C GLU A 269 -23.70 24.23 23.50
N GLU A 270 -23.30 23.15 22.81
CA GLU A 270 -23.49 23.01 21.37
C GLU A 270 -24.64 22.03 21.06
N GLY A 271 -25.51 21.80 22.05
CA GLY A 271 -26.65 20.90 21.93
C GLY A 271 -28.01 21.57 22.03
N SER A 272 -29.06 20.86 21.55
CA SER A 272 -30.48 21.28 21.54
C SER A 272 -31.06 21.31 22.96
N ASP A 273 -30.60 20.41 23.84
CA ASP A 273 -31.04 20.38 25.24
C ASP A 273 -29.93 20.92 26.16
N ASN A 274 -30.29 21.32 27.38
CA ASN A 274 -29.32 21.82 28.34
C ASN A 274 -29.08 20.82 29.49
N ARG A 275 -29.25 19.51 29.20
CA ARG A 275 -29.06 18.46 30.21
C ARG A 275 -27.59 18.17 30.49
N PHE A 276 -26.66 18.41 29.50
CA PHE A 276 -25.24 18.08 29.64
C PHE A 276 -25.17 16.61 30.14
N SER A 277 -25.87 15.71 29.40
CA SER A 277 -26.13 14.30 29.73
C SER A 277 -24.87 13.36 29.85
N VAL A 278 -23.63 13.87 29.71
CA VAL A 278 -22.35 13.14 29.89
C VAL A 278 -21.67 13.84 31.05
N VAL A 279 -21.44 13.11 32.17
CA VAL A 279 -20.93 13.68 33.41
C VAL A 279 -19.48 13.33 33.65
N PRO A 280 -18.59 14.33 33.81
CA PRO A 280 -17.22 14.05 34.23
C PRO A 280 -17.18 13.81 35.73
N LEU A 281 -16.63 12.66 36.14
CA LEU A 281 -16.40 12.31 37.54
C LEU A 281 -14.89 12.24 37.70
N MET A 282 -14.30 13.26 38.33
CA MET A 282 -12.84 13.38 38.43
C MET A 282 -12.35 13.08 39.85
N LEU A 283 -11.49 12.04 39.98
CA LEU A 283 -10.91 11.68 41.29
C LEU A 283 -9.52 12.26 41.44
N HIS A 284 -9.17 12.62 42.66
CA HIS A 284 -7.87 13.21 42.97
C HIS A 284 -7.32 12.71 44.31
N GLY A 285 -6.03 12.99 44.53
CA GLY A 285 -5.34 12.82 45.80
C GLY A 285 -5.23 14.21 46.39
N ASP A 286 -5.11 14.32 47.70
CA ASP A 286 -5.05 15.61 48.39
C ASP A 286 -3.77 16.38 48.11
N ALA A 287 -2.62 15.70 47.99
CA ALA A 287 -1.38 16.48 47.77
C ALA A 287 -1.35 17.04 46.35
N ALA A 288 -1.76 16.24 45.37
CA ALA A 288 -1.77 16.55 43.94
C ALA A 288 -2.80 17.66 43.61
N PHE A 289 -4.00 17.62 44.23
CA PHE A 289 -5.07 18.59 44.01
C PHE A 289 -4.63 19.99 44.41
N ALA A 290 -3.87 20.11 45.49
CA ALA A 290 -3.36 21.39 46.00
C ALA A 290 -2.09 21.88 45.27
N GLY A 291 -1.22 20.98 44.87
CA GLY A 291 0.04 21.38 44.27
C GLY A 291 0.13 21.52 42.76
N GLN A 292 -0.75 20.84 41.99
CA GLN A 292 -0.63 20.86 40.53
C GLN A 292 -1.43 22.02 39.90
N GLY A 293 -0.73 22.90 39.18
CA GLY A 293 -1.33 24.05 38.48
C GLY A 293 -2.40 23.72 37.46
N VAL A 294 -2.33 22.54 36.83
CA VAL A 294 -3.31 22.11 35.84
C VAL A 294 -4.75 22.01 36.45
N VAL A 295 -4.85 21.82 37.77
CA VAL A 295 -6.12 21.79 38.52
C VAL A 295 -6.80 23.16 38.34
N ALA A 296 -6.11 24.27 38.71
CA ALA A 296 -6.61 25.66 38.54
C ALA A 296 -6.97 25.97 37.07
N GLU A 297 -6.10 25.59 36.12
CA GLU A 297 -6.30 25.77 34.68
C GLU A 297 -7.55 25.08 34.17
N THR A 298 -7.85 23.88 34.69
CA THR A 298 -9.01 23.05 34.28
C THR A 298 -10.30 23.58 34.94
N LEU A 299 -10.22 23.98 36.22
CA LEU A 299 -11.33 24.65 36.92
C LEU A 299 -11.69 25.95 36.19
N ASN A 300 -10.69 26.68 35.69
CA ASN A 300 -10.90 27.93 34.96
C ASN A 300 -11.72 27.74 33.66
N LEU A 301 -11.79 26.49 33.12
CA LEU A 301 -12.54 26.17 31.90
C LEU A 301 -14.02 25.87 32.15
N ALA A 302 -14.39 25.60 33.42
CA ALA A 302 -15.69 25.07 33.85
C ALA A 302 -16.90 25.78 33.30
N LEU A 303 -16.86 27.11 33.09
CA LEU A 303 -18.05 27.83 32.63
C LEU A 303 -17.86 28.52 31.29
N LEU A 304 -16.72 28.29 30.63
CA LEU A 304 -16.41 28.90 29.33
C LEU A 304 -17.27 28.26 28.25
N ARG A 305 -17.81 29.03 27.32
CA ARG A 305 -18.65 28.54 26.22
C ARG A 305 -17.90 27.50 25.35
N GLY A 306 -16.59 27.65 25.16
CA GLY A 306 -15.83 26.70 24.37
C GLY A 306 -15.39 25.44 25.09
N TYR A 307 -15.48 25.43 26.45
CA TYR A 307 -14.93 24.32 27.22
C TYR A 307 -15.85 23.70 28.28
N ARG A 308 -16.98 24.34 28.63
CA ARG A 308 -17.86 23.87 29.69
C ARG A 308 -18.45 22.48 29.40
N THR A 309 -18.55 21.66 30.46
CA THR A 309 -19.12 20.32 30.37
C THR A 309 -20.38 20.20 31.26
N GLY A 310 -20.91 21.34 31.73
CA GLY A 310 -22.09 21.42 32.58
C GLY A 310 -21.86 21.07 34.04
N GLY A 311 -20.61 21.18 34.49
CA GLY A 311 -20.18 20.87 35.84
C GLY A 311 -19.59 19.49 36.01
N THR A 312 -18.44 19.42 36.70
CA THR A 312 -17.69 18.22 37.04
C THR A 312 -17.93 17.84 38.50
N ILE A 313 -18.09 16.53 38.77
CA ILE A 313 -18.19 16.04 40.14
C ILE A 313 -16.75 15.68 40.54
N HIS A 314 -16.21 16.39 41.53
CA HIS A 314 -14.85 16.12 41.98
C HIS A 314 -14.88 15.34 43.27
N ILE A 315 -14.05 14.30 43.35
CA ILE A 315 -13.90 13.52 44.58
C ILE A 315 -12.43 13.50 44.92
N VAL A 316 -12.06 14.10 46.05
CA VAL A 316 -10.68 14.06 46.51
C VAL A 316 -10.56 12.95 47.56
N VAL A 317 -9.72 11.93 47.30
CA VAL A 317 -9.47 10.86 48.26
C VAL A 317 -8.41 11.45 49.20
N ASN A 318 -8.87 12.19 50.22
CA ASN A 318 -7.99 12.92 51.14
C ASN A 318 -7.58 12.04 52.33
N ASN A 319 -6.48 11.28 52.18
CA ASN A 319 -5.92 10.40 53.20
C ASN A 319 -4.87 11.14 54.03
N GLN A 320 -4.90 12.49 53.91
CA GLN A 320 -4.14 13.46 54.70
C GLN A 320 -2.62 13.20 54.69
N ILE A 321 -2.11 12.70 53.55
CA ILE A 321 -0.68 12.39 53.38
C ILE A 321 -0.33 12.34 51.88
N GLY A 322 0.89 12.73 51.56
CA GLY A 322 1.44 12.72 50.21
C GLY A 322 2.76 11.99 50.24
N PHE A 323 2.71 10.66 50.10
CA PHE A 323 3.85 9.73 50.21
C PHE A 323 4.39 9.86 51.66
N THR A 324 5.41 10.68 51.92
CA THR A 324 5.93 10.88 53.30
C THR A 324 5.59 12.29 53.80
N THR A 325 4.99 13.13 52.93
CA THR A 325 4.76 14.54 53.22
C THR A 325 3.43 14.81 53.90
N ALA A 326 3.53 15.57 55.01
CA ALA A 326 2.39 16.02 55.81
C ALA A 326 1.68 17.16 55.06
N PRO A 327 0.34 17.32 55.20
CA PRO A 327 -0.37 18.44 54.53
C PRO A 327 0.21 19.84 54.78
N THR A 328 0.84 20.07 55.94
CA THR A 328 1.43 21.40 56.25
C THR A 328 2.63 21.72 55.34
N ASP A 329 3.24 20.72 54.68
CA ASP A 329 4.32 20.95 53.69
C ASP A 329 3.78 20.86 52.25
N SER A 330 2.49 20.51 52.07
CA SER A 330 1.88 20.34 50.75
C SER A 330 0.99 21.51 50.30
N ARG A 331 0.44 22.30 51.25
CA ARG A 331 -0.45 23.41 50.91
C ARG A 331 -0.40 24.52 51.94
N SER A 332 -0.77 25.72 51.51
CA SER A 332 -0.78 26.94 52.30
C SER A 332 -2.20 27.36 52.73
N SER A 333 -3.15 26.41 52.71
CA SER A 333 -4.56 26.66 53.04
C SER A 333 -5.10 25.57 53.95
N GLU A 334 -6.25 25.85 54.60
CA GLU A 334 -6.91 24.95 55.54
C GLU A 334 -7.28 23.62 54.87
N TYR A 335 -7.88 23.66 53.67
CA TYR A 335 -8.31 22.46 52.95
C TYR A 335 -7.57 22.24 51.65
N CYS A 336 -7.39 20.97 51.24
CA CYS A 336 -6.71 20.60 49.97
C CYS A 336 -7.52 21.08 48.75
N THR A 337 -8.82 21.32 48.93
CA THR A 337 -9.81 21.69 47.93
C THR A 337 -10.04 23.20 47.79
N ASP A 338 -9.27 24.05 48.52
CA ASP A 338 -9.45 25.49 48.54
C ASP A 338 -9.25 26.19 47.16
N VAL A 339 -8.57 25.53 46.22
CA VAL A 339 -8.44 26.01 44.85
C VAL A 339 -9.85 26.10 44.16
N ALA A 340 -10.78 25.17 44.44
CA ALA A 340 -12.11 25.13 43.84
C ALA A 340 -12.97 26.38 44.17
N LYS A 341 -12.55 27.18 45.17
CA LYS A 341 -13.22 28.43 45.55
C LYS A 341 -13.04 29.50 44.45
N MET A 342 -12.03 29.31 43.58
CA MET A 342 -11.69 30.09 42.40
C MET A 342 -12.91 30.28 41.48
N ILE A 343 -13.81 29.27 41.38
CA ILE A 343 -14.97 29.31 40.49
C ILE A 343 -16.27 29.27 41.28
N GLY A 344 -16.15 29.50 42.58
CA GLY A 344 -17.27 29.51 43.51
C GLY A 344 -18.03 28.20 43.54
N ALA A 345 -17.29 27.09 43.51
CA ALA A 345 -17.84 25.75 43.59
C ALA A 345 -18.21 25.41 45.04
N PRO A 346 -19.37 24.77 45.32
CA PRO A 346 -19.63 24.33 46.71
C PRO A 346 -18.65 23.20 47.09
N ILE A 347 -18.26 23.12 48.36
CA ILE A 347 -17.31 22.10 48.83
C ILE A 347 -17.92 21.39 50.02
N PHE A 348 -17.84 20.04 49.99
CA PHE A 348 -18.35 19.19 51.05
C PHE A 348 -17.22 18.33 51.59
N HIS A 349 -16.82 18.58 52.83
CA HIS A 349 -15.81 17.81 53.53
C HIS A 349 -16.56 16.71 54.24
N VAL A 350 -16.27 15.45 53.93
CA VAL A 350 -17.07 14.40 54.56
C VAL A 350 -16.16 13.36 55.25
N ASN A 351 -16.68 12.77 56.34
CA ASN A 351 -15.97 11.77 57.12
C ASN A 351 -16.08 10.43 56.40
N GLY A 352 -14.94 9.98 55.87
CA GLY A 352 -14.79 8.72 55.14
C GLY A 352 -15.18 7.47 55.94
N ASP A 353 -15.32 7.59 57.27
CA ASP A 353 -15.76 6.47 58.11
C ASP A 353 -17.29 6.45 58.20
N ASP A 354 -18.00 7.48 57.65
CA ASP A 354 -19.48 7.52 57.63
C ASP A 354 -19.94 7.32 56.17
N PRO A 355 -20.16 6.06 55.75
CA PRO A 355 -20.53 5.79 54.35
C PRO A 355 -21.89 6.37 53.92
N GLU A 356 -22.84 6.56 54.87
CA GLU A 356 -24.15 7.14 54.63
C GLU A 356 -24.06 8.62 54.30
N ALA A 357 -23.25 9.38 55.08
CA ALA A 357 -23.03 10.81 54.82
C ALA A 357 -22.33 10.98 53.47
N CYS A 358 -21.38 10.08 53.16
CA CYS A 358 -20.63 10.05 51.89
C CYS A 358 -21.57 9.78 50.69
N ALA A 359 -22.51 8.83 50.82
CA ALA A 359 -23.47 8.50 49.77
C ALA A 359 -24.48 9.65 49.58
N TRP A 360 -24.94 10.28 50.68
CA TRP A 360 -25.86 11.41 50.69
C TRP A 360 -25.25 12.63 50.01
N VAL A 361 -23.98 12.97 50.34
CA VAL A 361 -23.25 14.11 49.77
C VAL A 361 -23.06 13.94 48.25
N ALA A 362 -22.73 12.70 47.82
CA ALA A 362 -22.56 12.31 46.42
C ALA A 362 -23.82 12.59 45.59
N ARG A 363 -25.01 12.24 46.14
CA ARG A 363 -26.31 12.45 45.48
C ARG A 363 -26.70 13.93 45.46
N LEU A 364 -26.39 14.67 46.56
CA LEU A 364 -26.62 16.11 46.65
C LEU A 364 -25.77 16.84 45.59
N ALA A 365 -24.52 16.38 45.41
CA ALA A 365 -23.55 16.92 44.45
C ALA A 365 -24.07 16.78 43.01
N VAL A 366 -24.60 15.60 42.65
CA VAL A 366 -25.15 15.36 41.31
C VAL A 366 -26.38 16.29 41.07
N ASP A 367 -27.27 16.43 42.08
CA ASP A 367 -28.45 17.31 42.04
C ASP A 367 -28.05 18.79 41.88
N PHE A 368 -26.97 19.24 42.57
CA PHE A 368 -26.49 20.62 42.46
C PHE A 368 -25.95 20.86 41.04
N ARG A 369 -25.16 19.91 40.50
CA ARG A 369 -24.58 19.98 39.15
C ARG A 369 -25.70 20.04 38.12
N GLN A 370 -26.76 19.22 38.29
CA GLN A 370 -27.90 19.22 37.37
C GLN A 370 -28.68 20.53 37.42
N ALA A 371 -28.79 21.14 38.63
CA ALA A 371 -29.55 22.39 38.79
C ALA A 371 -28.79 23.62 38.29
N PHE A 372 -27.47 23.69 38.49
CA PHE A 372 -26.73 24.90 38.16
C PHE A 372 -25.66 24.76 37.09
N LYS A 373 -25.37 23.54 36.60
CA LYS A 373 -24.36 23.28 35.54
C LYS A 373 -22.97 23.74 35.95
N LYS A 374 -22.66 23.57 37.23
CA LYS A 374 -21.39 24.00 37.83
C LYS A 374 -20.73 22.85 38.62
N ASP A 375 -19.40 22.98 38.88
CA ASP A 375 -18.58 22.01 39.59
C ASP A 375 -18.97 21.92 41.04
N VAL A 376 -18.87 20.71 41.59
CA VAL A 376 -19.09 20.36 42.98
C VAL A 376 -17.88 19.57 43.40
N VAL A 377 -17.34 19.88 44.58
CA VAL A 377 -16.17 19.21 45.11
C VAL A 377 -16.52 18.47 46.41
N ILE A 378 -16.15 17.19 46.46
CA ILE A 378 -16.33 16.35 47.64
C ILE A 378 -14.95 15.97 48.14
N ASP A 379 -14.63 16.45 49.34
CA ASP A 379 -13.38 16.19 50.02
C ASP A 379 -13.59 15.03 51.01
N MET A 380 -13.27 13.78 50.60
CA MET A 380 -13.48 12.61 51.47
C MET A 380 -12.28 12.41 52.40
N LEU A 381 -12.44 12.73 53.67
CA LEU A 381 -11.36 12.56 54.67
C LEU A 381 -11.28 11.11 55.09
N CYS A 382 -10.12 10.53 54.89
CA CYS A 382 -9.86 9.14 55.16
C CYS A 382 -8.41 8.99 55.60
N TYR A 383 -7.84 7.78 55.43
CA TYR A 383 -6.45 7.50 55.75
C TYR A 383 -5.91 6.46 54.79
N ARG A 384 -4.59 6.34 54.75
CA ARG A 384 -3.91 5.33 53.98
C ARG A 384 -3.44 4.29 55.04
N ARG A 385 -4.08 3.13 55.10
CA ARG A 385 -3.79 2.09 56.10
C ARG A 385 -2.31 1.63 56.12
N ARG A 386 -1.75 1.36 54.94
CA ARG A 386 -0.40 0.84 54.82
C ARG A 386 0.59 1.92 54.42
N GLY A 387 1.82 1.49 54.13
CA GLY A 387 2.83 2.38 53.59
C GLY A 387 2.41 2.83 52.19
N HIS A 388 3.06 3.88 51.66
CA HIS A 388 2.80 4.36 50.30
C HIS A 388 3.16 3.24 49.27
N ASN A 389 4.29 2.51 49.52
CA ASN A 389 4.77 1.41 48.68
C ASN A 389 5.63 0.41 49.50
N GLU A 390 6.19 -0.61 48.80
CA GLU A 390 6.97 -1.72 49.33
C GLU A 390 8.05 -1.32 50.36
N GLY A 391 8.92 -0.37 50.01
CA GLY A 391 9.99 0.05 50.92
C GLY A 391 9.60 1.10 51.95
N ASP A 392 8.28 1.25 52.20
CA ASP A 392 7.82 2.26 53.13
C ASP A 392 7.28 1.71 54.43
N ASP A 393 7.95 2.06 55.53
CA ASP A 393 7.47 1.89 56.90
C ASP A 393 7.02 3.33 57.24
N PRO A 394 5.71 3.68 57.09
CA PRO A 394 5.31 5.09 57.26
C PRO A 394 5.47 5.66 58.69
N SER A 395 5.82 4.82 59.70
CA SER A 395 6.10 5.33 61.05
C SER A 395 7.51 6.00 61.11
N MET A 396 8.38 5.83 60.06
CA MET A 396 9.71 6.49 60.00
C MET A 396 9.56 7.99 59.88
N THR A 397 8.56 8.43 59.07
CA THR A 397 8.33 9.84 58.77
C THR A 397 7.06 10.37 59.42
N GLN A 398 6.02 9.53 59.63
CA GLN A 398 4.80 10.00 60.29
C GLN A 398 4.47 9.07 61.48
N PRO A 399 5.33 9.05 62.55
CA PRO A 399 5.10 8.10 63.66
C PRO A 399 3.78 8.28 64.40
N TYR A 400 3.28 9.52 64.53
CA TYR A 400 2.03 9.79 65.27
C TYR A 400 0.79 9.30 64.51
N MET A 401 0.69 9.66 63.21
CA MET A 401 -0.37 9.26 62.30
C MET A 401 -0.47 7.73 62.25
N TYR A 402 0.69 7.06 62.18
CA TYR A 402 0.65 5.62 62.05
C TYR A 402 0.52 4.92 63.40
N ASP A 403 0.62 5.61 64.54
CA ASP A 403 0.29 4.96 65.82
C ASP A 403 -1.27 4.86 65.94
N VAL A 404 -1.98 5.91 65.44
CA VAL A 404 -3.44 6.08 65.39
C VAL A 404 -4.10 5.14 64.31
N ILE A 405 -3.50 5.03 63.11
CA ILE A 405 -3.95 4.18 61.99
C ILE A 405 -3.86 2.67 62.39
N ASP A 406 -2.88 2.32 63.26
CA ASP A 406 -2.72 0.96 63.79
C ASP A 406 -3.87 0.60 64.75
N THR A 407 -4.49 1.58 65.42
CA THR A 407 -5.63 1.31 66.32
C THR A 407 -6.96 1.33 65.51
N LYS A 408 -6.93 1.80 64.25
CA LYS A 408 -8.09 1.88 63.38
C LYS A 408 -8.52 0.55 62.81
N ARG A 409 -9.83 0.29 62.87
CA ARG A 409 -10.49 -0.84 62.24
C ARG A 409 -11.17 -0.26 61.02
N GLY A 410 -11.13 -0.99 59.89
CA GLY A 410 -11.70 -0.56 58.61
C GLY A 410 -13.12 -0.01 58.62
N SER A 411 -13.49 0.75 57.57
CA SER A 411 -14.80 1.40 57.42
C SER A 411 -15.97 0.39 57.43
N ARG A 412 -15.79 -0.76 56.72
CA ARG A 412 -16.75 -1.84 56.58
C ARG A 412 -17.14 -2.37 57.95
N LYS A 413 -16.12 -2.64 58.81
CA LYS A 413 -16.30 -3.15 60.17
C LYS A 413 -16.91 -2.08 61.07
N ALA A 414 -16.51 -0.80 60.91
CA ALA A 414 -17.06 0.33 61.67
C ALA A 414 -18.55 0.47 61.39
N TYR A 415 -18.93 0.44 60.10
CA TYR A 415 -20.30 0.60 59.60
C TYR A 415 -21.18 -0.59 59.99
N THR A 416 -20.61 -1.83 60.07
CA THR A 416 -21.34 -3.03 60.50
C THR A 416 -21.72 -2.87 61.98
N GLU A 417 -20.78 -2.33 62.76
CA GLU A 417 -20.90 -2.11 64.20
C GLU A 417 -21.82 -0.92 64.48
N ALA A 418 -21.75 0.15 63.65
CA ALA A 418 -22.62 1.33 63.77
C ALA A 418 -24.10 0.96 63.50
N LEU A 419 -24.36 0.13 62.45
CA LEU A 419 -25.70 -0.37 62.12
C LEU A 419 -26.27 -1.26 63.22
N ILE A 420 -25.40 -2.00 63.94
CA ILE A 420 -25.82 -2.90 65.04
C ILE A 420 -26.19 -2.09 66.29
N GLY A 421 -25.40 -1.04 66.60
CA GLY A 421 -25.60 -0.16 67.74
C GLY A 421 -26.88 0.65 67.64
N ARG A 422 -27.05 1.33 66.49
CA ARG A 422 -28.22 2.14 66.14
C ARG A 422 -29.54 1.32 66.15
N GLY A 423 -29.42 -0.01 66.03
CA GLY A 423 -30.54 -0.95 66.02
C GLY A 423 -31.05 -1.28 64.64
N ASP A 424 -30.38 -0.73 63.60
CA ASP A 424 -30.74 -0.87 62.18
C ASP A 424 -30.63 -2.31 61.66
N ILE A 425 -29.62 -3.10 62.11
CA ILE A 425 -29.48 -4.51 61.69
C ILE A 425 -29.32 -5.42 62.93
N SER A 426 -29.69 -6.71 62.79
CA SER A 426 -29.58 -7.71 63.87
C SER A 426 -28.21 -8.41 63.81
N MET A 427 -27.93 -9.31 64.79
CA MET A 427 -26.69 -10.09 64.85
C MET A 427 -26.62 -10.98 63.61
N LYS A 428 -27.74 -11.68 63.28
CA LYS A 428 -27.89 -12.56 62.12
C LYS A 428 -27.63 -11.81 60.81
N GLU A 429 -28.16 -10.57 60.70
CA GLU A 429 -28.01 -9.69 59.55
C GLU A 429 -26.55 -9.26 59.37
N ALA A 430 -25.88 -8.85 60.49
CA ALA A 430 -24.46 -8.47 60.52
C ALA A 430 -23.58 -9.68 60.16
N GLU A 431 -23.90 -10.88 60.71
CA GLU A 431 -23.19 -12.14 60.42
C GLU A 431 -23.37 -12.52 58.94
N ASP A 432 -24.59 -12.29 58.38
CA ASP A 432 -24.90 -12.54 56.96
C ASP A 432 -24.10 -11.61 56.05
N ALA A 433 -23.79 -10.38 56.53
CA ALA A 433 -22.99 -9.40 55.83
C ALA A 433 -21.51 -9.85 55.82
N LEU A 434 -21.07 -10.52 56.93
CA LEU A 434 -19.74 -11.12 57.02
C LEU A 434 -19.68 -12.34 56.09
N ARG A 435 -20.86 -13.00 55.89
CA ARG A 435 -21.04 -14.13 54.96
C ARG A 435 -21.02 -13.61 53.52
N ASP A 436 -21.49 -12.36 53.28
CA ASP A 436 -21.46 -11.72 51.96
C ASP A 436 -20.01 -11.34 51.62
N TYR A 437 -19.27 -10.76 52.61
CA TYR A 437 -17.85 -10.37 52.51
C TYR A 437 -17.01 -11.58 52.09
N GLN A 438 -17.11 -12.68 52.88
CA GLN A 438 -16.43 -13.96 52.68
C GLN A 438 -16.74 -14.56 51.30
N GLY A 439 -18.00 -14.51 50.88
CA GLY A 439 -18.41 -14.98 49.57
C GLY A 439 -17.79 -14.15 48.45
N GLN A 440 -17.75 -12.80 48.61
CA GLN A 440 -17.15 -11.91 47.60
C GLN A 440 -15.64 -12.14 47.52
N LEU A 441 -15.00 -12.44 48.67
CA LEU A 441 -13.57 -12.75 48.76
C LEU A 441 -13.27 -14.08 48.04
N GLU A 442 -14.14 -15.09 48.24
CA GLU A 442 -14.01 -16.39 47.61
C GLU A 442 -14.14 -16.31 46.10
N ARG A 443 -15.21 -15.64 45.60
CA ARG A 443 -15.52 -15.48 44.18
C ARG A 443 -14.34 -14.87 43.40
N VAL A 444 -13.69 -13.82 43.93
CA VAL A 444 -12.57 -13.21 43.20
C VAL A 444 -11.38 -14.20 43.18
N PHE A 445 -11.09 -14.88 44.31
CA PHE A 445 -10.03 -15.92 44.35
C PHE A 445 -10.34 -17.11 43.39
N ASN A 446 -11.62 -17.53 43.27
CA ASN A 446 -12.08 -18.61 42.40
C ASN A 446 -12.05 -18.24 40.91
N GLU A 447 -12.65 -17.08 40.54
CA GLU A 447 -12.72 -16.60 39.15
C GLU A 447 -11.33 -16.41 38.55
N VAL A 448 -10.38 -15.88 39.35
CA VAL A 448 -8.98 -15.67 38.96
C VAL A 448 -8.26 -17.05 38.89
N ARG A 449 -8.60 -17.99 39.80
CA ARG A 449 -8.05 -19.36 39.78
C ARG A 449 -8.43 -20.05 38.47
N GLU A 450 -9.72 -19.93 38.08
CA GLU A 450 -10.29 -20.47 36.83
C GLU A 450 -9.65 -19.80 35.59
N LEU A 451 -9.31 -18.50 35.71
CA LEU A 451 -8.70 -17.70 34.64
C LEU A 451 -7.22 -18.13 34.38
N GLU A 452 -6.44 -18.44 35.46
CA GLU A 452 -5.05 -18.91 35.37
C GLU A 452 -4.92 -20.29 34.70
N LYS A 453 -5.94 -21.16 34.87
CA LYS A 453 -6.00 -22.52 34.33
C LYS A 453 -6.05 -22.51 32.79
N HIS A 454 -6.83 -21.57 32.20
CA HIS A 454 -6.98 -21.43 30.75
C HIS A 454 -5.73 -20.83 30.11
N LEU A 472 -6.48 8.20 -1.08
CA LEU A 472 -7.55 9.16 -0.87
C LEU A 472 -7.29 10.45 -1.66
N ALA A 473 -8.33 11.00 -2.33
CA ALA A 473 -8.20 12.24 -3.10
C ALA A 473 -8.62 13.44 -2.25
N THR A 474 -7.76 14.46 -2.19
CA THR A 474 -8.01 15.65 -1.38
C THR A 474 -8.41 16.85 -2.25
N ALA A 475 -8.32 16.72 -3.59
CA ALA A 475 -8.69 17.81 -4.50
C ALA A 475 -10.20 18.08 -4.46
N VAL A 476 -10.60 19.35 -4.60
CA VAL A 476 -12.01 19.77 -4.61
C VAL A 476 -12.32 20.41 -5.97
N ASP A 477 -13.61 20.62 -6.30
CA ASP A 477 -13.98 21.28 -7.55
C ASP A 477 -13.88 22.80 -7.36
N LYS A 478 -13.67 23.57 -8.47
CA LYS A 478 -13.56 25.04 -8.42
C LYS A 478 -14.83 25.65 -7.77
N ALA A 479 -16.01 25.03 -7.98
CA ALA A 479 -17.29 25.46 -7.41
C ALA A 479 -17.28 25.39 -5.87
N MET A 480 -16.48 24.48 -5.28
CA MET A 480 -16.34 24.37 -3.82
C MET A 480 -15.58 25.59 -3.28
N LEU A 481 -14.49 25.99 -3.99
CA LEU A 481 -13.68 27.16 -3.64
C LEU A 481 -14.53 28.42 -3.75
N GLN A 482 -15.27 28.55 -4.86
CA GLN A 482 -16.15 29.69 -5.13
C GLN A 482 -17.21 29.85 -4.03
N ARG A 483 -17.79 28.72 -3.57
CA ARG A 483 -18.80 28.65 -2.52
C ARG A 483 -18.26 29.18 -1.18
N ILE A 484 -17.02 28.77 -0.82
CA ILE A 484 -16.37 29.20 0.43
C ILE A 484 -16.04 30.71 0.30
N GLY A 485 -15.67 31.14 -0.90
CA GLY A 485 -15.41 32.55 -1.22
C GLY A 485 -16.66 33.41 -1.09
N ASP A 486 -17.77 32.93 -1.67
CA ASP A 486 -19.09 33.58 -1.65
C ASP A 486 -19.63 33.69 -0.21
N ALA A 487 -19.38 32.68 0.65
CA ALA A 487 -19.83 32.62 2.04
C ALA A 487 -19.34 33.83 2.86
N HIS A 488 -18.12 34.33 2.57
CA HIS A 488 -17.51 35.49 3.22
C HIS A 488 -18.27 36.80 2.93
N LEU A 489 -19.13 36.80 1.89
CA LEU A 489 -19.92 37.97 1.52
C LEU A 489 -21.43 37.75 1.77
N ALA A 490 -21.82 36.52 2.15
CA ALA A 490 -23.23 36.20 2.43
C ALA A 490 -23.58 36.60 3.87
N LEU A 491 -23.52 37.91 4.13
CA LEU A 491 -23.76 38.51 5.44
C LEU A 491 -25.23 38.48 5.86
N PRO A 492 -25.52 38.29 7.18
CA PRO A 492 -26.92 38.36 7.64
C PRO A 492 -27.48 39.76 7.43
N GLU A 493 -28.81 39.89 7.29
CA GLU A 493 -29.50 41.17 7.06
C GLU A 493 -29.12 42.20 8.12
N GLY A 494 -28.76 43.40 7.66
CA GLY A 494 -28.38 44.52 8.51
C GLY A 494 -27.05 44.41 9.27
N PHE A 495 -26.20 43.43 8.89
CA PHE A 495 -24.90 43.22 9.54
C PHE A 495 -23.91 44.31 9.11
N THR A 496 -23.17 44.90 10.09
CA THR A 496 -22.17 45.95 9.83
C THR A 496 -20.77 45.37 9.95
N VAL A 497 -20.03 45.32 8.84
CA VAL A 497 -18.66 44.82 8.84
C VAL A 497 -17.73 45.96 9.22
N HIS A 498 -16.72 45.69 10.06
CA HIS A 498 -15.68 46.66 10.42
C HIS A 498 -14.93 47.05 9.13
N PRO A 499 -14.69 48.37 8.91
CA PRO A 499 -14.04 48.81 7.66
C PRO A 499 -12.76 48.08 7.24
N ARG A 500 -11.95 47.57 8.20
CA ARG A 500 -10.71 46.85 7.91
C ARG A 500 -10.91 45.33 7.65
N VAL A 501 -12.12 44.81 7.94
CA VAL A 501 -12.42 43.37 7.73
C VAL A 501 -13.07 43.16 6.35
N ARG A 502 -13.91 44.11 5.90
CA ARG A 502 -14.60 44.09 4.60
C ARG A 502 -13.62 43.78 3.43
N PRO A 503 -12.43 44.44 3.25
CA PRO A 503 -11.56 44.08 2.11
C PRO A 503 -11.05 42.64 2.13
N VAL A 504 -10.91 42.03 3.34
CA VAL A 504 -10.45 40.65 3.54
C VAL A 504 -11.51 39.72 2.96
N LEU A 505 -12.79 39.97 3.28
CA LEU A 505 -13.96 39.21 2.78
C LEU A 505 -14.04 39.26 1.24
N GLU A 506 -13.91 40.47 0.66
CA GLU A 506 -13.96 40.72 -0.79
C GLU A 506 -12.76 40.11 -1.52
N LYS A 507 -11.57 40.14 -0.89
CA LYS A 507 -10.33 39.56 -1.40
C LYS A 507 -10.44 38.03 -1.48
N ARG A 508 -11.20 37.43 -0.55
CA ARG A 508 -11.43 35.98 -0.47
C ARG A 508 -12.34 35.51 -1.58
N ARG A 509 -13.39 36.29 -1.92
CA ARG A 509 -14.26 35.98 -3.05
C ARG A 509 -13.41 36.04 -4.35
N GLU A 510 -12.55 37.08 -4.46
CA GLU A 510 -11.64 37.29 -5.59
C GLU A 510 -10.66 36.12 -5.71
N MET A 511 -10.01 35.71 -4.60
CA MET A 511 -9.05 34.60 -4.58
C MET A 511 -9.71 33.28 -5.03
N ALA A 512 -10.94 33.01 -4.55
CA ALA A 512 -11.70 31.80 -4.86
C ALA A 512 -11.98 31.64 -6.38
N TYR A 513 -12.21 32.76 -7.10
CA TYR A 513 -12.52 32.76 -8.53
C TYR A 513 -11.31 33.02 -9.42
N GLU A 514 -10.34 33.81 -8.95
CA GLU A 514 -9.21 34.25 -9.78
C GLU A 514 -7.83 33.69 -9.41
N GLY A 515 -7.69 33.07 -8.23
CA GLY A 515 -6.41 32.52 -7.81
C GLY A 515 -5.62 33.43 -6.89
N ARG A 516 -4.29 33.19 -6.81
CA ARG A 516 -3.35 33.88 -5.90
C ARG A 516 -3.83 33.70 -4.44
N ILE A 517 -4.37 32.49 -4.14
CA ILE A 517 -4.89 32.14 -2.82
C ILE A 517 -3.75 32.17 -1.78
N ASP A 518 -3.93 32.96 -0.71
CA ASP A 518 -2.93 33.07 0.35
C ASP A 518 -3.12 31.96 1.39
N TRP A 519 -2.17 31.84 2.33
CA TRP A 519 -2.15 30.80 3.37
C TRP A 519 -3.41 30.80 4.23
N ALA A 520 -3.79 31.96 4.76
CA ALA A 520 -4.94 32.12 5.67
C ALA A 520 -6.22 31.65 5.02
N PHE A 521 -6.43 31.97 3.72
CA PHE A 521 -7.64 31.56 3.02
C PHE A 521 -7.59 30.07 2.69
N ALA A 522 -6.39 29.54 2.32
CA ALA A 522 -6.20 28.11 2.01
C ALA A 522 -6.62 27.24 3.21
N GLU A 523 -6.29 27.66 4.43
CA GLU A 523 -6.69 26.98 5.66
C GLU A 523 -8.23 26.91 5.76
N LEU A 524 -8.92 28.02 5.52
CA LEU A 524 -10.38 28.10 5.59
C LEU A 524 -11.04 27.32 4.42
N LEU A 525 -10.34 27.22 3.28
CA LEU A 525 -10.80 26.43 2.13
C LEU A 525 -10.81 24.95 2.52
N ALA A 526 -9.75 24.50 3.23
CA ALA A 526 -9.64 23.10 3.70
C ALA A 526 -10.71 22.79 4.74
N LEU A 527 -10.86 23.67 5.76
CA LEU A 527 -11.84 23.46 6.83
C LEU A 527 -13.29 23.58 6.30
N GLY A 528 -13.55 24.55 5.44
CA GLY A 528 -14.86 24.77 4.83
C GLY A 528 -15.33 23.64 3.95
N SER A 529 -14.41 23.07 3.15
CA SER A 529 -14.70 21.93 2.27
C SER A 529 -14.96 20.66 3.10
N LEU A 530 -14.29 20.51 4.26
CA LEU A 530 -14.53 19.38 5.17
C LEU A 530 -15.93 19.49 5.80
N ILE A 531 -16.34 20.70 6.23
CA ILE A 531 -17.67 20.98 6.81
C ILE A 531 -18.75 20.68 5.73
N ALA A 532 -18.50 21.11 4.46
CA ALA A 532 -19.41 20.88 3.32
C ALA A 532 -19.59 19.39 3.05
N GLU A 533 -18.55 18.59 3.34
CA GLU A 533 -18.55 17.13 3.18
C GLU A 533 -19.14 16.40 4.41
N GLY A 534 -19.58 17.15 5.43
CA GLY A 534 -20.20 16.58 6.63
C GLY A 534 -19.35 16.41 7.87
N LYS A 535 -18.11 16.91 7.86
CA LYS A 535 -17.21 16.76 9.01
C LYS A 535 -17.39 17.86 10.06
N LEU A 536 -17.32 17.47 11.35
CA LEU A 536 -17.31 18.42 12.46
C LEU A 536 -15.87 18.96 12.57
N VAL A 537 -15.70 20.28 12.60
CA VAL A 537 -14.39 20.93 12.74
C VAL A 537 -14.42 21.76 14.01
N ARG A 538 -13.45 21.53 14.89
CA ARG A 538 -13.24 22.28 16.12
C ARG A 538 -11.86 22.94 16.04
N LEU A 539 -11.86 24.27 16.07
CA LEU A 539 -10.65 25.08 15.99
C LEU A 539 -10.58 26.04 17.20
N SER A 540 -9.46 26.03 17.93
CA SER A 540 -9.35 26.92 19.08
C SER A 540 -7.90 27.23 19.38
N GLY A 541 -7.68 28.25 20.18
CA GLY A 541 -6.38 28.73 20.58
C GLY A 541 -6.48 30.17 21.00
N GLN A 542 -5.37 30.78 21.42
CA GLN A 542 -5.42 32.14 21.89
C GLN A 542 -5.67 33.09 20.69
N ASP A 543 -6.79 33.83 20.77
CA ASP A 543 -7.23 34.81 19.74
C ASP A 543 -7.37 34.17 18.34
N THR A 544 -7.74 32.89 18.30
CA THR A 544 -7.86 32.09 17.08
C THR A 544 -9.02 32.56 16.19
N GLN A 545 -10.08 33.17 16.76
CA GLN A 545 -11.21 33.60 15.92
C GLN A 545 -10.75 34.65 14.90
N ARG A 546 -9.92 35.61 15.35
CA ARG A 546 -9.42 36.64 14.46
C ARG A 546 -8.07 36.22 13.85
N GLY A 547 -7.26 35.56 14.66
CA GLY A 547 -5.91 35.17 14.33
C GLY A 547 -4.95 36.17 14.95
N THR A 548 -3.85 35.66 15.52
CA THR A 548 -2.78 36.45 16.15
C THR A 548 -2.24 37.50 15.15
N PHE A 549 -2.12 37.12 13.86
CA PHE A 549 -1.53 37.99 12.85
C PHE A 549 -2.59 38.62 11.99
N THR A 550 -3.83 38.78 12.55
CA THR A 550 -5.04 39.42 11.97
C THR A 550 -5.36 38.87 10.57
N GLN A 551 -5.04 37.60 10.36
CA GLN A 551 -5.15 36.95 9.06
C GLN A 551 -6.37 36.03 8.94
N ARG A 552 -6.90 35.47 10.04
CA ARG A 552 -7.95 34.46 9.93
C ARG A 552 -9.35 35.03 9.69
N HIS A 553 -9.91 35.79 10.65
CA HIS A 553 -11.29 36.31 10.63
C HIS A 553 -12.27 35.16 10.36
N ALA A 554 -12.18 34.07 11.19
CA ALA A 554 -13.06 32.91 11.15
C ALA A 554 -14.44 33.33 11.67
N VAL A 555 -14.42 34.29 12.62
CA VAL A 555 -15.58 34.95 13.20
C VAL A 555 -15.37 36.44 12.94
N ILE A 556 -16.40 37.13 12.45
CA ILE A 556 -16.35 38.58 12.25
C ILE A 556 -17.39 39.17 13.20
N VAL A 557 -17.16 40.41 13.67
CA VAL A 557 -17.98 41.04 14.71
C VAL A 557 -18.67 42.29 14.16
N ASP A 558 -20.00 42.41 14.40
CA ASP A 558 -20.78 43.57 13.96
C ASP A 558 -20.24 44.82 14.64
N ARG A 559 -19.85 45.82 13.83
CA ARG A 559 -19.24 47.08 14.27
C ARG A 559 -20.13 47.83 15.28
N LYS A 560 -21.47 47.75 15.13
CA LYS A 560 -22.41 48.43 16.02
C LYS A 560 -23.04 47.53 17.13
N THR A 561 -23.19 46.21 16.93
CA THR A 561 -23.87 45.39 17.94
C THR A 561 -22.99 44.40 18.69
N GLY A 562 -21.88 43.98 18.05
CA GLY A 562 -20.98 43.01 18.63
C GLY A 562 -21.44 41.59 18.32
N GLU A 563 -22.46 41.43 17.47
CA GLU A 563 -22.95 40.10 17.08
C GLU A 563 -21.93 39.40 16.19
N GLU A 564 -21.61 38.16 16.53
CA GLU A 564 -20.66 37.35 15.81
C GLU A 564 -21.30 36.70 14.58
N PHE A 565 -20.55 36.63 13.47
CA PHE A 565 -20.94 35.96 12.23
C PHE A 565 -19.79 35.02 11.86
N THR A 566 -20.11 33.74 11.55
CA THR A 566 -19.13 32.72 11.20
C THR A 566 -19.36 32.29 9.76
N PRO A 567 -18.63 32.91 8.78
CA PRO A 567 -18.84 32.54 7.37
C PRO A 567 -18.78 31.03 7.05
N LEU A 568 -17.82 30.27 7.63
CA LEU A 568 -17.67 28.84 7.33
C LEU A 568 -18.86 28.00 7.81
N GLN A 569 -19.69 28.51 8.75
CA GLN A 569 -20.86 27.80 9.26
C GLN A 569 -21.96 27.65 8.18
N LEU A 570 -21.94 28.50 7.14
CA LEU A 570 -22.89 28.44 6.00
C LEU A 570 -22.65 27.18 5.15
N LEU A 571 -21.45 26.59 5.24
CA LEU A 571 -21.08 25.39 4.49
C LEU A 571 -21.71 24.11 5.09
N ALA A 572 -22.26 24.19 6.32
CA ALA A 572 -22.92 23.09 7.02
C ALA A 572 -24.32 22.82 6.44
N THR A 573 -24.78 23.72 5.54
CA THR A 573 -26.07 23.60 4.84
C THR A 573 -25.77 23.45 3.34
N ASN A 574 -26.32 22.42 2.70
CA ASN A 574 -26.15 22.17 1.26
C ASN A 574 -26.91 23.22 0.44
N PRO A 575 -26.58 23.46 -0.86
CA PRO A 575 -27.33 24.45 -1.66
C PRO A 575 -28.85 24.21 -1.70
N ASP A 576 -29.32 22.94 -1.57
CA ASP A 576 -30.75 22.60 -1.55
C ASP A 576 -31.42 23.02 -0.21
N GLY A 577 -30.62 23.21 0.84
CA GLY A 577 -31.10 23.64 2.14
C GLY A 577 -31.03 22.59 3.23
N THR A 578 -30.64 21.36 2.87
CA THR A 578 -30.53 20.25 3.83
C THR A 578 -29.19 20.34 4.60
N PRO A 579 -29.10 19.84 5.85
CA PRO A 579 -27.80 19.88 6.53
C PRO A 579 -26.81 18.87 5.95
N THR A 580 -25.50 19.19 5.99
CA THR A 580 -24.44 18.32 5.49
C THR A 580 -24.02 17.32 6.58
N GLY A 581 -24.34 17.65 7.83
CA GLY A 581 -23.93 16.89 9.01
C GLY A 581 -22.70 17.52 9.66
N GLY A 582 -22.12 18.51 8.96
CA GLY A 582 -20.92 19.23 9.40
C GLY A 582 -21.22 20.42 10.29
N LYS A 583 -20.18 20.95 10.95
CA LYS A 583 -20.30 22.05 11.89
C LYS A 583 -18.94 22.70 12.12
N PHE A 584 -18.91 24.05 12.31
CA PHE A 584 -17.67 24.77 12.58
C PHE A 584 -17.73 25.33 13.98
N LEU A 585 -16.87 24.81 14.87
CA LEU A 585 -16.78 25.19 16.27
C LEU A 585 -15.43 25.91 16.51
N VAL A 586 -15.45 27.24 16.39
CA VAL A 586 -14.25 28.04 16.56
C VAL A 586 -14.35 28.89 17.85
N TYR A 587 -13.30 28.86 18.66
CA TYR A 587 -13.28 29.59 19.91
C TYR A 587 -11.96 30.26 20.17
N ASN A 588 -12.02 31.33 20.98
CA ASN A 588 -10.86 31.93 21.60
C ASN A 588 -10.65 31.11 22.87
N SER A 589 -9.45 30.65 23.12
CA SER A 589 -9.18 29.90 24.35
C SER A 589 -8.82 30.85 25.51
N ALA A 590 -8.75 30.27 26.71
CA ALA A 590 -8.29 30.98 27.90
C ALA A 590 -6.76 31.14 27.72
N LEU A 591 -6.09 31.94 28.54
CA LEU A 591 -4.64 32.08 28.42
C LEU A 591 -4.00 30.88 29.15
N SER A 592 -4.14 29.69 28.54
CA SER A 592 -3.64 28.42 29.02
C SER A 592 -3.07 27.62 27.85
N GLU A 593 -2.01 26.84 28.12
CA GLU A 593 -1.43 25.93 27.13
C GLU A 593 -1.72 24.52 27.57
N PHE A 594 -1.33 24.17 28.81
CA PHE A 594 -1.46 22.84 29.41
C PHE A 594 -2.93 22.35 29.36
N ALA A 595 -3.89 23.11 29.93
CA ALA A 595 -5.29 22.68 29.93
C ALA A 595 -5.90 22.72 28.55
N ALA A 596 -5.64 23.77 27.74
CA ALA A 596 -6.18 23.87 26.38
C ALA A 596 -5.71 22.73 25.44
N VAL A 597 -4.40 22.40 25.43
CA VAL A 597 -3.84 21.30 24.60
C VAL A 597 -4.40 19.94 25.14
N GLY A 598 -4.45 19.78 26.48
CA GLY A 598 -5.04 18.59 27.09
C GLY A 598 -6.49 18.40 26.65
N PHE A 599 -7.25 19.52 26.63
CA PHE A 599 -8.67 19.53 26.25
C PHE A 599 -8.85 19.08 24.79
N GLU A 600 -8.11 19.68 23.86
CA GLU A 600 -8.18 19.36 22.43
C GLU A 600 -7.74 17.93 22.16
N TYR A 601 -6.70 17.44 22.86
CA TYR A 601 -6.30 16.04 22.74
C TYR A 601 -7.49 15.16 23.18
N GLY A 602 -8.08 15.47 24.34
CA GLY A 602 -9.23 14.75 24.87
C GLY A 602 -10.44 14.77 23.93
N TYR A 603 -10.69 15.94 23.30
CA TYR A 603 -11.78 16.13 22.35
C TYR A 603 -11.64 15.16 21.15
N SER A 604 -10.44 15.04 20.56
CA SER A 604 -10.20 14.12 19.42
C SER A 604 -10.39 12.63 19.84
N VAL A 605 -10.05 12.27 21.09
CA VAL A 605 -10.27 10.91 21.62
C VAL A 605 -11.80 10.67 21.75
N GLY A 606 -12.53 11.68 22.24
CA GLY A 606 -13.97 11.63 22.44
C GLY A 606 -14.77 11.50 21.15
N ASN A 607 -14.28 12.14 20.07
CA ASN A 607 -14.90 12.08 18.75
C ASN A 607 -13.79 11.86 17.70
N PRO A 608 -13.51 10.57 17.39
CA PRO A 608 -12.47 10.25 16.38
C PRO A 608 -12.79 10.78 14.98
N ASP A 609 -14.07 11.13 14.72
CA ASP A 609 -14.55 11.62 13.43
C ASP A 609 -14.45 13.13 13.30
N ALA A 610 -14.12 13.81 14.40
CA ALA A 610 -13.98 15.26 14.43
C ALA A 610 -12.61 15.69 13.95
N MET A 611 -12.55 16.87 13.31
CA MET A 611 -11.32 17.54 12.89
C MET A 611 -11.01 18.50 14.04
N VAL A 612 -9.95 18.23 14.83
CA VAL A 612 -9.62 19.03 16.04
C VAL A 612 -8.28 19.69 15.87
N LEU A 613 -8.27 21.03 15.91
CA LEU A 613 -7.04 21.80 15.74
C LEU A 613 -6.87 22.79 16.89
N TRP A 614 -5.69 22.79 17.50
CA TRP A 614 -5.33 23.73 18.55
C TRP A 614 -4.24 24.57 18.02
N GLU A 615 -4.32 25.88 18.24
CA GLU A 615 -3.33 26.80 17.72
C GLU A 615 -2.60 27.54 18.82
N ALA A 616 -1.24 27.43 18.84
CA ALA A 616 -0.40 28.19 19.76
C ALA A 616 -0.35 29.63 19.28
N GLN A 617 -0.27 30.61 20.22
CA GLN A 617 -0.16 32.04 19.82
C GLN A 617 1.12 32.18 18.94
N PHE A 618 2.19 31.54 19.43
CA PHE A 618 3.51 31.35 18.85
C PHE A 618 3.91 29.96 19.28
N GLY A 619 4.60 29.20 18.42
CA GLY A 619 5.01 27.84 18.79
C GLY A 619 5.85 27.77 20.05
N ASP A 620 6.53 28.87 20.37
CA ASP A 620 7.41 29.05 21.52
C ASP A 620 6.72 28.79 22.90
N PHE A 621 5.37 28.90 22.97
CA PHE A 621 4.61 28.76 24.23
C PHE A 621 4.02 27.38 24.41
N VAL A 622 4.23 26.48 23.43
CA VAL A 622 3.70 25.11 23.52
C VAL A 622 4.49 24.28 24.56
N ASN A 623 5.69 24.73 24.99
CA ASN A 623 6.46 24.03 26.03
C ASN A 623 5.71 24.11 27.40
N GLY A 624 4.74 25.03 27.52
CA GLY A 624 3.85 25.10 28.69
C GLY A 624 2.89 23.91 28.73
N ALA A 625 2.80 23.16 27.62
CA ALA A 625 1.95 21.96 27.50
C ALA A 625 2.78 20.71 27.28
N GLN A 626 4.08 20.74 27.68
CA GLN A 626 5.00 19.63 27.48
C GLN A 626 4.49 18.30 28.06
N SER A 627 3.87 18.29 29.28
CA SER A 627 3.37 17.04 29.88
C SER A 627 2.32 16.38 28.99
N ILE A 628 1.47 17.16 28.31
CA ILE A 628 0.44 16.63 27.40
C ILE A 628 1.13 16.08 26.15
N ILE A 629 2.13 16.81 25.61
CA ILE A 629 2.83 16.40 24.41
C ILE A 629 3.55 15.09 24.68
N ASP A 630 4.35 15.06 25.75
CA ASP A 630 5.13 13.90 26.18
C ASP A 630 4.30 12.68 26.60
N GLU A 631 3.25 12.90 27.44
CA GLU A 631 2.51 11.81 28.06
C GLU A 631 1.26 11.37 27.32
N PHE A 632 0.71 12.19 26.43
CA PHE A 632 -0.53 11.81 25.74
C PHE A 632 -0.37 11.80 24.24
N ILE A 633 -0.10 12.97 23.63
CA ILE A 633 -0.04 13.15 22.17
C ILE A 633 0.98 12.21 21.49
N SER A 634 2.25 12.31 21.87
CA SER A 634 3.32 11.55 21.23
C SER A 634 3.33 10.06 21.56
N SER A 635 2.73 9.65 22.70
CA SER A 635 2.90 8.29 23.20
C SER A 635 1.65 7.48 23.62
N GLY A 636 0.47 8.11 23.68
CA GLY A 636 -0.75 7.42 24.09
C GLY A 636 -1.10 6.16 23.30
N GLU A 637 -0.87 6.17 21.97
CA GLU A 637 -1.16 5.03 21.09
C GLU A 637 -0.32 3.79 21.45
N ALA A 638 1.01 3.92 21.55
CA ALA A 638 1.90 2.82 21.88
C ALA A 638 1.70 2.35 23.30
N LYS A 639 1.46 3.26 24.25
CA LYS A 639 1.31 2.89 25.66
C LYS A 639 -0.05 2.29 26.00
N TRP A 640 -1.13 2.87 25.47
CA TRP A 640 -2.47 2.44 25.89
C TRP A 640 -3.40 1.97 24.77
N GLY A 641 -2.96 2.06 23.52
CA GLY A 641 -3.81 1.74 22.38
C GLY A 641 -4.85 2.83 22.16
N GLN A 642 -4.64 4.01 22.81
CA GLN A 642 -5.53 5.16 22.72
C GLN A 642 -5.08 6.02 21.57
N LEU A 643 -6.00 6.29 20.63
CA LEU A 643 -5.70 7.02 19.42
C LEU A 643 -6.26 8.44 19.45
N SER A 644 -5.49 9.37 18.88
CA SER A 644 -5.87 10.77 18.76
C SER A 644 -5.46 11.31 17.41
N ASP A 645 -6.31 12.13 16.80
CA ASP A 645 -6.08 12.77 15.51
C ASP A 645 -5.95 14.28 15.70
N VAL A 646 -5.58 14.72 16.92
CA VAL A 646 -5.44 16.15 17.23
C VAL A 646 -4.38 16.82 16.34
N VAL A 647 -4.63 18.08 15.94
CA VAL A 647 -3.69 18.89 15.17
C VAL A 647 -3.17 20.00 16.05
N LEU A 648 -1.83 20.21 16.07
CA LEU A 648 -1.21 21.33 16.77
C LEU A 648 -0.63 22.28 15.72
N LEU A 649 -1.11 23.52 15.69
CA LEU A 649 -0.63 24.55 14.76
C LEU A 649 0.34 25.45 15.54
N LEU A 650 1.62 25.44 15.14
CA LEU A 650 2.68 26.17 15.85
C LEU A 650 3.36 27.24 15.00
N PRO A 651 3.00 28.55 15.16
CA PRO A 651 3.65 29.61 14.35
C PRO A 651 5.15 29.61 14.65
N HIS A 652 5.92 29.42 13.57
CA HIS A 652 7.37 29.24 13.62
C HIS A 652 8.06 30.02 12.52
N GLY A 653 9.28 30.51 12.82
CA GLY A 653 10.10 31.24 11.86
C GLY A 653 11.00 32.30 12.44
N HIS A 654 12.26 32.37 11.97
CA HIS A 654 13.24 33.39 12.41
C HIS A 654 12.97 34.69 11.69
N GLU A 655 12.51 35.72 12.44
CA GLU A 655 12.19 37.05 11.88
C GLU A 655 12.74 38.20 12.70
N GLY A 656 13.56 37.90 13.72
CA GLY A 656 14.16 38.91 14.60
C GLY A 656 13.29 39.38 15.75
N GLN A 657 12.25 38.59 16.12
CA GLN A 657 11.36 38.99 17.22
C GLN A 657 11.74 38.33 18.57
N GLY A 658 12.93 37.75 18.66
CA GLY A 658 13.45 37.21 19.90
C GLY A 658 13.26 35.72 20.15
N PRO A 659 13.92 35.19 21.21
CA PRO A 659 13.88 33.73 21.47
C PRO A 659 12.51 33.16 21.88
N ASP A 660 11.49 34.00 22.13
CA ASP A 660 10.16 33.51 22.49
C ASP A 660 9.13 33.83 21.44
N HIS A 661 9.57 34.27 20.26
CA HIS A 661 8.72 34.54 19.11
C HIS A 661 9.43 34.04 17.85
N THR A 662 10.12 32.91 17.95
CA THR A 662 10.87 32.37 16.81
C THR A 662 10.70 30.88 16.57
N SER A 663 10.61 30.04 17.62
CA SER A 663 10.61 28.60 17.40
C SER A 663 9.56 27.78 18.18
N GLY A 664 8.97 26.81 17.47
CA GLY A 664 8.05 25.83 18.05
C GLY A 664 8.82 24.56 18.43
N ARG A 665 10.16 24.62 18.37
CA ARG A 665 11.13 23.58 18.70
C ARG A 665 10.89 22.30 17.90
N ILE A 666 11.08 22.39 16.56
CA ILE A 666 10.96 21.27 15.62
C ILE A 666 11.76 20.06 16.12
N GLU A 667 13.02 20.30 16.54
CA GLU A 667 13.98 19.30 17.02
C GLU A 667 13.40 18.42 18.17
N ARG A 668 12.55 18.99 19.02
CA ARG A 668 11.94 18.28 20.15
C ARG A 668 10.84 17.33 19.68
N PHE A 669 9.99 17.77 18.71
CA PHE A 669 8.93 16.92 18.17
C PHE A 669 9.54 15.78 17.34
N LEU A 670 10.66 16.07 16.62
CA LEU A 670 11.36 15.08 15.78
C LEU A 670 12.02 14.01 16.66
N GLN A 671 12.50 14.42 17.85
CA GLN A 671 13.14 13.54 18.84
C GLN A 671 12.09 12.63 19.46
N LEU A 672 10.86 13.16 19.69
CA LEU A 672 9.74 12.40 20.27
C LEU A 672 9.18 11.36 19.28
N TRP A 673 9.20 11.67 17.97
CA TRP A 673 8.72 10.82 16.89
C TRP A 673 9.40 9.44 16.85
N ALA A 674 8.60 8.44 16.54
CA ALA A 674 8.94 7.04 16.30
C ALA A 674 7.87 6.50 15.36
N GLU A 675 8.26 5.71 14.35
CA GLU A 675 7.40 5.22 13.26
C GLU A 675 5.91 5.11 13.65
N GLY A 676 5.14 5.87 12.88
CA GLY A 676 3.68 5.94 12.95
C GLY A 676 3.08 6.58 14.19
N SER A 677 3.86 7.41 14.92
CA SER A 677 3.26 7.98 16.13
C SER A 677 2.62 9.31 15.82
N MET A 678 3.30 10.15 14.99
CA MET A 678 2.84 11.48 14.60
C MET A 678 3.22 11.80 13.19
N THR A 679 2.57 12.80 12.61
CA THR A 679 2.93 13.39 11.32
C THR A 679 3.44 14.78 11.67
N ILE A 680 4.61 15.16 11.16
CA ILE A 680 5.22 16.47 11.45
C ILE A 680 5.49 17.13 10.11
N ALA A 681 4.97 18.33 9.91
CA ALA A 681 5.12 19.03 8.65
C ALA A 681 5.39 20.52 8.82
N MET A 682 6.04 21.09 7.79
CA MET A 682 6.34 22.52 7.72
CA MET A 682 6.34 22.52 7.72
C MET A 682 6.09 22.95 6.26
N PRO A 683 4.80 23.17 5.88
CA PRO A 683 4.51 23.52 4.47
C PRO A 683 5.01 24.92 4.12
N SER A 684 5.36 25.09 2.84
CA SER A 684 5.88 26.35 2.29
C SER A 684 4.85 27.04 1.39
N THR A 685 3.76 26.34 1.01
CA THR A 685 2.76 26.95 0.14
C THR A 685 1.34 26.79 0.71
N PRO A 686 0.41 27.73 0.41
CA PRO A 686 -0.98 27.60 0.88
C PRO A 686 -1.67 26.30 0.41
N ALA A 687 -1.51 25.95 -0.87
CA ALA A 687 -2.14 24.74 -1.45
C ALA A 687 -1.64 23.45 -0.79
N ASN A 688 -0.33 23.37 -0.50
CA ASN A 688 0.21 22.19 0.15
C ASN A 688 -0.31 22.05 1.59
N TYR A 689 -0.56 23.18 2.29
CA TYR A 689 -1.16 23.21 3.63
C TYR A 689 -2.62 22.73 3.55
N PHE A 690 -3.39 23.26 2.58
CA PHE A 690 -4.77 22.88 2.29
C PHE A 690 -4.89 21.34 2.15
N HIS A 691 -4.03 20.73 1.31
CA HIS A 691 -4.03 19.29 1.05
C HIS A 691 -3.59 18.50 2.30
N LEU A 692 -2.63 19.03 3.08
CA LEU A 692 -2.16 18.42 4.34
C LEU A 692 -3.34 18.26 5.34
N LEU A 693 -4.17 19.33 5.51
CA LEU A 693 -5.33 19.32 6.41
C LEU A 693 -6.44 18.39 5.92
N ARG A 694 -6.70 18.40 4.60
CA ARG A 694 -7.73 17.53 4.02
C ARG A 694 -7.28 16.05 4.07
N ARG A 695 -5.98 15.76 3.82
CA ARG A 695 -5.47 14.37 3.92
C ARG A 695 -5.66 13.90 5.36
N HIS A 696 -5.27 14.73 6.34
CA HIS A 696 -5.38 14.43 7.76
C HIS A 696 -6.81 14.11 8.19
N GLY A 697 -7.78 14.89 7.71
CA GLY A 697 -9.18 14.71 8.07
C GLY A 697 -9.89 13.59 7.34
N LYS A 698 -9.37 13.15 6.18
CA LYS A 698 -10.04 12.13 5.36
C LYS A 698 -9.28 10.78 5.23
N ASP A 699 -8.04 10.67 5.76
CA ASP A 699 -7.20 9.46 5.63
C ASP A 699 -7.68 8.24 6.44
N GLY A 700 -8.62 8.45 7.36
CA GLY A 700 -9.16 7.37 8.20
C GLY A 700 -8.17 6.81 9.22
N ILE A 701 -7.08 7.56 9.49
CA ILE A 701 -5.99 7.23 10.40
C ILE A 701 -6.07 8.17 11.59
N GLN A 702 -6.00 7.63 12.83
CA GLN A 702 -6.04 8.47 14.02
C GLN A 702 -4.60 8.66 14.49
N ARG A 703 -3.98 9.78 14.04
CA ARG A 703 -2.59 10.11 14.35
C ARG A 703 -2.42 11.62 14.50
N PRO A 704 -1.75 12.11 15.56
CA PRO A 704 -1.59 13.57 15.68
C PRO A 704 -0.76 14.17 14.56
N LEU A 705 -1.10 15.42 14.20
CA LEU A 705 -0.43 16.18 13.16
C LEU A 705 0.14 17.44 13.81
N ILE A 706 1.48 17.60 13.69
CA ILE A 706 2.22 18.77 14.20
C ILE A 706 2.57 19.62 12.99
N VAL A 707 2.02 20.86 12.92
CA VAL A 707 2.29 21.76 11.79
C VAL A 707 3.01 23.02 12.26
N PHE A 708 4.19 23.30 11.68
CA PHE A 708 4.95 24.52 11.92
C PHE A 708 4.46 25.51 10.86
N THR A 709 3.69 26.50 11.30
CA THR A 709 2.94 27.45 10.51
C THR A 709 3.64 28.83 10.38
N PRO A 710 3.30 29.61 9.34
CA PRO A 710 4.02 30.87 9.11
C PRO A 710 3.50 32.05 9.92
N LYS A 711 4.28 33.17 9.86
CA LYS A 711 4.01 34.44 10.51
C LYS A 711 4.10 35.55 9.43
N SER A 712 5.29 36.03 9.03
CA SER A 712 5.38 37.02 7.94
C SER A 712 5.11 36.37 6.55
N MET A 713 5.38 35.07 6.39
CA MET A 713 5.11 34.31 5.15
C MET A 713 3.59 34.27 4.79
N LEU A 714 2.70 34.55 5.75
CA LEU A 714 1.26 34.74 5.51
C LEU A 714 1.02 35.83 4.48
N ARG A 715 1.88 36.86 4.46
CA ARG A 715 1.71 38.01 3.57
C ARG A 715 2.79 38.11 2.49
N ASN A 716 3.65 37.08 2.37
CA ASN A 716 4.65 37.00 1.30
C ASN A 716 3.88 36.80 0.00
N LYS A 717 4.01 37.72 -0.95
CA LYS A 717 3.29 37.71 -2.23
C LYS A 717 3.73 36.57 -3.14
N ALA A 718 4.94 35.99 -2.91
CA ALA A 718 5.45 34.85 -3.67
C ALA A 718 4.86 33.53 -3.11
N ALA A 719 4.42 33.53 -1.84
CA ALA A 719 3.85 32.37 -1.15
C ALA A 719 2.32 32.31 -1.33
N VAL A 720 1.89 32.22 -2.60
CA VAL A 720 0.47 32.15 -2.99
C VAL A 720 0.28 30.99 -3.97
N SER A 721 -0.95 30.47 -4.08
CA SER A 721 -1.23 29.31 -4.91
C SER A 721 -2.30 29.55 -5.95
N ASP A 722 -2.20 28.82 -7.08
CA ASP A 722 -3.15 28.86 -8.19
C ASP A 722 -4.32 27.93 -7.87
N ILE A 723 -5.49 28.19 -8.49
CA ILE A 723 -6.71 27.38 -8.32
C ILE A 723 -6.44 25.88 -8.62
N ARG A 724 -5.68 25.59 -9.72
CA ARG A 724 -5.33 24.23 -10.18
C ARG A 724 -4.58 23.43 -9.09
N ASP A 725 -3.83 24.12 -8.20
CA ASP A 725 -3.11 23.48 -7.10
C ASP A 725 -4.09 22.89 -6.07
N PHE A 726 -5.35 23.37 -6.03
CA PHE A 726 -6.41 22.92 -5.11
C PHE A 726 -7.37 21.92 -5.77
N THR A 727 -7.62 22.14 -7.07
CA THR A 727 -8.58 21.37 -7.86
C THR A 727 -7.97 20.18 -8.61
N GLU A 728 -6.67 20.23 -8.96
CA GLU A 728 -6.10 19.11 -9.72
C GLU A 728 -4.75 18.67 -9.14
N SER A 729 -4.60 18.71 -7.82
CA SER A 729 -3.36 18.27 -7.18
C SER A 729 -3.66 17.50 -5.89
N LYS A 730 -2.60 17.16 -5.15
CA LYS A 730 -2.62 16.42 -3.89
C LYS A 730 -1.47 16.91 -3.01
N PHE A 731 -1.36 16.38 -1.78
CA PHE A 731 -0.31 16.77 -0.86
C PHE A 731 1.03 16.31 -1.43
N ARG A 732 2.03 17.19 -1.41
CA ARG A 732 3.35 16.89 -1.92
C ARG A 732 4.31 16.93 -0.74
N SER A 733 4.84 15.75 -0.37
CA SER A 733 5.78 15.61 0.74
C SER A 733 7.15 16.26 0.42
N VAL A 734 7.50 16.31 -0.88
CA VAL A 734 8.75 16.88 -1.39
C VAL A 734 8.39 17.84 -2.53
N LEU A 735 8.94 19.06 -2.53
CA LEU A 735 8.64 20.03 -3.58
C LEU A 735 9.89 20.54 -4.31
N GLU A 736 9.82 20.54 -5.64
CA GLU A 736 10.86 21.09 -6.50
C GLU A 736 10.49 22.51 -6.85
N GLU A 737 11.45 23.27 -7.43
CA GLU A 737 11.22 24.64 -7.89
C GLU A 737 10.31 24.62 -9.12
N PRO A 738 9.33 25.57 -9.21
CA PRO A 738 8.44 25.61 -10.40
C PRO A 738 9.17 25.74 -11.75
N MET A 739 10.40 26.28 -11.79
CA MET A 739 11.17 26.42 -13.04
C MET A 739 11.51 25.04 -13.65
N TYR A 740 11.57 23.97 -12.83
CA TYR A 740 11.91 22.63 -13.31
C TYR A 740 10.65 21.81 -13.64
N THR A 741 9.52 22.05 -12.95
CA THR A 741 8.27 21.30 -13.15
C THR A 741 7.32 21.98 -14.13
N ASP A 742 7.34 23.31 -14.24
CA ASP A 742 6.45 24.08 -15.11
C ASP A 742 7.21 25.04 -16.03
N GLY A 743 8.39 25.48 -15.62
CA GLY A 743 9.21 26.42 -16.38
C GLY A 743 10.19 25.82 -17.36
N GLU A 744 11.21 26.61 -17.75
CA GLU A 744 12.23 26.23 -18.72
C GLU A 744 13.61 25.94 -18.07
N GLY A 745 13.61 25.62 -16.79
CA GLY A 745 14.82 25.26 -16.05
C GLY A 745 15.43 23.93 -16.46
N ASP A 746 16.77 23.84 -16.42
CA ASP A 746 17.51 22.63 -16.78
C ASP A 746 18.16 22.02 -15.52
N ARG A 747 17.63 20.86 -15.08
CA ARG A 747 18.10 20.13 -13.89
C ARG A 747 19.55 19.62 -14.05
N ASN A 748 20.00 19.37 -15.29
CA ASN A 748 21.33 18.83 -15.58
C ASN A 748 22.47 19.83 -15.35
N LYS A 749 22.15 21.13 -15.28
CA LYS A 749 23.14 22.17 -15.02
C LYS A 749 23.49 22.25 -13.53
N VAL A 750 22.64 21.66 -12.67
CA VAL A 750 22.74 21.69 -11.21
C VAL A 750 23.89 20.82 -10.69
N THR A 751 24.79 21.45 -9.93
CA THR A 751 25.96 20.82 -9.30
C THR A 751 25.85 20.90 -7.77
N ARG A 752 25.12 21.92 -7.24
CA ARG A 752 24.92 22.10 -5.80
C ARG A 752 23.43 21.90 -5.44
N LEU A 753 23.14 21.03 -4.50
CA LEU A 753 21.76 20.84 -4.09
C LEU A 753 21.53 21.30 -2.66
N LEU A 754 20.59 22.23 -2.50
CA LEU A 754 20.20 22.74 -1.19
C LEU A 754 18.88 22.13 -0.81
N LEU A 755 18.86 21.42 0.30
CA LEU A 755 17.67 20.80 0.86
C LEU A 755 17.23 21.65 2.02
N THR A 756 15.95 22.03 2.03
CA THR A 756 15.46 22.93 3.06
C THR A 756 13.98 22.65 3.37
N SER A 757 13.41 23.49 4.22
CA SER A 757 12.02 23.43 4.65
C SER A 757 11.58 24.80 5.13
N GLY A 758 10.35 25.18 4.80
CA GLY A 758 9.77 26.43 5.29
C GLY A 758 10.08 27.65 4.45
N LYS A 759 9.85 28.81 5.05
CA LYS A 759 9.98 30.13 4.45
C LYS A 759 11.40 30.48 3.94
N ILE A 760 12.49 29.87 4.45
CA ILE A 760 13.84 30.21 3.96
C ILE A 760 13.95 29.90 2.45
N TYR A 761 13.08 28.97 1.92
CA TYR A 761 13.02 28.63 0.51
C TYR A 761 12.89 29.89 -0.34
N TYR A 762 11.94 30.79 0.01
CA TYR A 762 11.68 32.02 -0.76
C TYR A 762 12.90 32.93 -0.83
N GLU A 763 13.67 33.03 0.28
CA GLU A 763 14.89 33.84 0.36
C GLU A 763 16.00 33.23 -0.52
N LEU A 764 16.10 31.89 -0.53
CA LEU A 764 17.08 31.14 -1.32
C LEU A 764 16.73 31.25 -2.80
N ALA A 765 15.41 31.14 -3.14
CA ALA A 765 14.93 31.24 -4.53
C ALA A 765 15.16 32.65 -5.07
N ALA A 766 14.94 33.70 -4.24
CA ALA A 766 15.16 35.11 -4.64
C ALA A 766 16.64 35.36 -4.96
N ARG A 767 17.56 34.79 -4.13
CA ARG A 767 19.01 34.94 -4.31
C ARG A 767 19.46 34.25 -5.60
N LYS A 768 18.97 33.03 -5.85
CA LYS A 768 19.25 32.24 -7.07
C LYS A 768 18.84 33.05 -8.32
N ALA A 769 17.62 33.62 -8.29
CA ALA A 769 17.07 34.43 -9.38
C ALA A 769 17.92 35.70 -9.62
N LYS A 770 18.41 36.33 -8.54
CA LYS A 770 19.23 37.55 -8.57
C LYS A 770 20.56 37.32 -9.31
N GLU A 771 21.28 36.24 -8.97
CA GLU A 771 22.57 35.89 -9.58
C GLU A 771 22.45 34.99 -10.83
N ASN A 772 21.23 34.52 -11.19
CA ASN A 772 20.96 33.57 -12.28
C ASN A 772 21.83 32.29 -12.04
N ARG A 773 21.68 31.67 -10.84
CA ARG A 773 22.46 30.49 -10.45
C ARG A 773 21.77 29.20 -10.93
N GLU A 774 22.03 28.81 -12.17
CA GLU A 774 21.49 27.59 -12.80
C GLU A 774 22.17 26.34 -12.25
N ASP A 775 23.35 26.53 -11.62
CA ASP A 775 24.18 25.49 -11.02
C ASP A 775 23.66 25.07 -9.62
N VAL A 776 22.65 25.80 -9.06
CA VAL A 776 22.06 25.51 -7.73
C VAL A 776 20.54 25.26 -7.82
N ALA A 777 20.05 24.17 -7.20
CA ALA A 777 18.61 23.86 -7.11
C ALA A 777 18.19 23.73 -5.65
N ILE A 778 16.98 24.18 -5.34
CA ILE A 778 16.44 24.18 -3.96
C ILE A 778 15.30 23.16 -3.89
N VAL A 779 15.44 22.14 -3.02
CA VAL A 779 14.44 21.09 -2.83
C VAL A 779 13.87 21.20 -1.41
N ARG A 780 12.54 21.24 -1.28
CA ARG A 780 11.86 21.38 0.01
C ARG A 780 11.34 20.06 0.54
N ILE A 781 11.57 19.80 1.82
CA ILE A 781 11.02 18.66 2.53
C ILE A 781 9.83 19.22 3.32
N GLU A 782 8.61 19.03 2.79
CA GLU A 782 7.35 19.53 3.36
C GLU A 782 6.87 18.68 4.54
N GLN A 783 7.06 17.35 4.46
CA GLN A 783 6.70 16.40 5.50
C GLN A 783 8.00 15.99 6.18
N LEU A 784 8.23 16.46 7.41
CA LEU A 784 9.50 16.20 8.13
C LEU A 784 9.52 14.80 8.74
N ALA A 785 8.37 14.31 9.18
CA ALA A 785 8.22 12.98 9.78
C ALA A 785 6.82 12.44 9.46
N PRO A 786 6.66 11.17 8.95
CA PRO A 786 7.73 10.23 8.56
C PRO A 786 8.48 10.77 7.35
N LEU A 787 9.81 10.54 7.28
CA LEU A 787 10.61 11.03 6.15
C LEU A 787 10.08 10.44 4.85
N PRO A 788 9.80 11.28 3.83
CA PRO A 788 9.31 10.74 2.56
C PRO A 788 10.47 10.17 1.73
N ARG A 789 11.03 9.03 2.21
CA ARG A 789 12.20 8.36 1.65
C ARG A 789 12.14 8.19 0.11
N ARG A 790 11.09 7.50 -0.42
CA ARG A 790 10.94 7.24 -1.85
C ARG A 790 10.86 8.54 -2.69
N ARG A 791 9.97 9.50 -2.31
CA ARG A 791 9.81 10.75 -3.04
C ARG A 791 11.10 11.56 -3.05
N LEU A 792 11.85 11.53 -1.93
CA LEU A 792 13.14 12.21 -1.77
C LEU A 792 14.16 11.62 -2.75
N ALA A 793 14.30 10.27 -2.75
CA ALA A 793 15.21 9.54 -3.63
C ALA A 793 14.89 9.80 -5.11
N GLU A 794 13.60 9.69 -5.51
CA GLU A 794 13.14 9.91 -6.88
C GLU A 794 13.38 11.35 -7.34
N THR A 795 13.18 12.34 -6.45
CA THR A 795 13.40 13.76 -6.74
C THR A 795 14.89 14.01 -7.00
N LEU A 796 15.78 13.54 -6.09
CA LEU A 796 17.24 13.74 -6.20
C LEU A 796 17.84 13.02 -7.42
N ASP A 797 17.22 11.90 -7.89
CA ASP A 797 17.67 11.15 -9.07
C ASP A 797 17.52 11.95 -10.35
N ARG A 798 16.76 13.04 -10.31
CA ARG A 798 16.50 13.92 -11.44
C ARG A 798 17.60 14.99 -11.59
N TYR A 799 18.56 15.02 -10.66
CA TYR A 799 19.71 15.94 -10.67
C TYR A 799 21.01 15.10 -10.74
N PRO A 800 21.38 14.56 -11.92
CA PRO A 800 22.53 13.61 -11.98
C PRO A 800 23.93 14.21 -11.78
N ASN A 801 24.10 15.52 -12.03
CA ASN A 801 25.42 16.16 -11.96
C ASN A 801 25.71 16.87 -10.64
N VAL A 802 24.91 16.58 -9.57
CA VAL A 802 25.09 17.14 -8.25
C VAL A 802 26.38 16.58 -7.63
N LYS A 803 27.28 17.48 -7.18
CA LYS A 803 28.57 17.15 -6.56
C LYS A 803 28.52 17.37 -5.02
N GLU A 804 27.63 18.26 -4.56
CA GLU A 804 27.51 18.59 -3.13
C GLU A 804 26.06 18.84 -2.73
N LYS A 805 25.68 18.35 -1.54
CA LYS A 805 24.35 18.50 -0.96
C LYS A 805 24.42 19.16 0.42
N PHE A 806 23.54 20.14 0.66
CA PHE A 806 23.52 20.86 1.92
C PHE A 806 22.12 20.95 2.51
N TRP A 807 22.00 20.67 3.83
CA TRP A 807 20.75 20.91 4.53
C TRP A 807 20.84 22.35 5.03
N VAL A 808 19.91 23.22 4.54
CA VAL A 808 19.89 24.64 4.91
C VAL A 808 18.69 24.89 5.84
N GLN A 809 18.98 25.56 6.96
CA GLN A 809 17.97 25.92 7.96
C GLN A 809 18.35 27.23 8.65
N GLU A 810 17.33 27.92 9.13
CA GLU A 810 17.41 29.15 9.90
C GLU A 810 17.82 28.89 11.35
N GLU A 811 17.34 27.77 11.89
CA GLU A 811 17.51 27.40 13.30
C GLU A 811 18.96 27.11 13.65
N PRO A 812 19.36 27.33 14.93
CA PRO A 812 20.73 26.99 15.37
C PRO A 812 21.05 25.52 15.11
N ALA A 813 22.35 25.18 14.97
CA ALA A 813 22.87 23.85 14.60
C ALA A 813 22.32 22.70 15.50
N ASN A 814 22.07 22.98 16.79
CA ASN A 814 21.54 22.01 17.76
C ASN A 814 19.98 22.00 17.75
N GLN A 815 19.37 22.75 16.81
CA GLN A 815 17.92 22.90 16.67
C GLN A 815 17.45 22.68 15.23
N GLY A 816 16.15 22.84 15.00
CA GLY A 816 15.54 22.58 13.70
C GLY A 816 15.59 21.11 13.35
N ALA A 817 15.61 20.79 12.05
CA ALA A 817 15.65 19.39 11.57
C ALA A 817 17.04 18.77 11.54
N TRP A 818 18.13 19.56 11.56
CA TRP A 818 19.50 19.02 11.43
C TRP A 818 19.86 17.95 12.49
N PRO A 819 19.66 18.12 13.82
CA PRO A 819 20.05 17.04 14.77
C PRO A 819 19.51 15.66 14.39
N SER A 820 18.26 15.58 13.85
CA SER A 820 17.72 14.28 13.44
C SER A 820 18.08 13.94 11.97
N PHE A 821 17.90 14.89 11.01
CA PHE A 821 18.19 14.67 9.57
C PHE A 821 19.66 14.38 9.31
N GLY A 822 20.55 15.07 10.02
CA GLY A 822 22.00 14.91 9.92
C GLY A 822 22.45 13.52 10.27
N LEU A 823 21.69 12.84 11.14
CA LEU A 823 21.97 11.46 11.56
C LEU A 823 21.13 10.45 10.73
N THR A 824 19.86 10.75 10.45
CA THR A 824 18.95 9.85 9.74
C THR A 824 19.17 9.80 8.20
N LEU A 825 19.21 10.96 7.50
CA LEU A 825 19.35 11.00 6.03
C LEU A 825 20.55 10.17 5.49
N PRO A 826 21.81 10.26 6.01
CA PRO A 826 22.89 9.41 5.46
C PRO A 826 22.69 7.91 5.71
N GLU A 827 21.83 7.53 6.68
CA GLU A 827 21.59 6.12 6.99
C GLU A 827 20.46 5.54 6.11
N ILE A 828 19.33 6.26 5.96
CA ILE A 828 18.17 5.79 5.19
C ILE A 828 18.40 5.88 3.69
N LEU A 829 19.22 6.85 3.23
CA LEU A 829 19.55 7.04 1.82
C LEU A 829 21.08 7.27 1.67
N PRO A 830 21.91 6.20 1.91
CA PRO A 830 23.37 6.36 1.83
C PRO A 830 23.92 6.78 0.46
N ASP A 831 23.26 6.38 -0.63
CA ASP A 831 23.75 6.74 -1.98
C ASP A 831 23.41 8.19 -2.33
N HIS A 832 22.48 8.81 -1.58
CA HIS A 832 22.09 10.19 -1.83
C HIS A 832 22.67 11.18 -0.82
N PHE A 833 22.76 10.80 0.47
CA PHE A 833 23.17 11.77 1.49
C PHE A 833 24.49 11.49 2.25
N THR A 834 25.35 10.60 1.74
CA THR A 834 26.67 10.40 2.35
C THR A 834 27.47 11.65 1.97
N GLY A 835 27.98 12.36 2.94
CA GLY A 835 28.71 13.60 2.70
C GLY A 835 27.85 14.85 2.83
N LEU A 836 26.57 14.68 3.28
CA LEU A 836 25.60 15.77 3.53
C LEU A 836 26.19 16.76 4.55
N LYS A 837 26.18 18.04 4.22
CA LYS A 837 26.72 19.08 5.08
C LYS A 837 25.61 20.04 5.54
N ARG A 838 25.86 20.77 6.63
CA ARG A 838 24.88 21.67 7.23
C ARG A 838 25.24 23.16 7.03
N ILE A 839 24.19 23.99 6.77
CA ILE A 839 24.21 25.45 6.68
C ILE A 839 23.11 25.95 7.62
N SER A 840 23.49 26.67 8.67
CA SER A 840 22.52 27.16 9.64
C SER A 840 23.14 28.17 10.59
N ARG A 841 22.39 28.53 11.61
CA ARG A 841 22.90 29.39 12.64
C ARG A 841 23.79 28.52 13.54
N ARG A 842 24.74 29.13 14.24
CA ARG A 842 25.59 28.41 15.20
C ARG A 842 24.72 27.75 16.32
N ALA A 843 25.21 26.71 16.99
CA ALA A 843 24.49 26.09 18.11
C ALA A 843 24.27 27.18 19.16
N MET A 844 23.05 27.26 19.70
CA MET A 844 22.70 28.28 20.72
C MET A 844 21.93 27.63 21.86
N SER A 845 22.05 28.19 23.09
CA SER A 845 21.35 27.72 24.28
C SER A 845 19.87 28.25 24.31
N ALA A 846 19.53 29.18 23.40
CA ALA A 846 18.19 29.74 23.21
C ALA A 846 17.76 29.56 21.71
N PRO A 847 16.46 29.68 21.32
CA PRO A 847 16.10 29.47 19.88
C PRO A 847 16.74 30.49 18.91
N SER A 848 17.09 31.65 19.41
CA SER A 848 17.70 32.74 18.64
C SER A 848 18.35 33.76 19.59
N SER A 849 18.85 34.84 19.00
CA SER A 849 19.43 36.02 19.64
C SER A 849 18.26 36.95 20.03
N GLY A 850 18.50 37.86 20.97
CA GLY A 850 17.47 38.82 21.37
C GLY A 850 17.40 40.00 20.41
N SER A 851 18.47 40.21 19.61
CA SER A 851 18.58 41.34 18.69
C SER A 851 18.07 41.00 17.27
N SER A 852 17.21 41.88 16.71
CA SER A 852 16.73 41.78 15.32
C SER A 852 17.89 42.12 14.35
N LYS A 853 18.90 42.90 14.83
CA LYS A 853 20.09 43.28 14.06
C LYS A 853 21.05 42.09 13.92
N VAL A 854 21.29 41.36 15.03
CA VAL A 854 22.13 40.15 15.04
C VAL A 854 21.44 39.09 14.16
N HIS A 855 20.09 38.99 14.23
CA HIS A 855 19.30 38.06 13.41
C HIS A 855 19.51 38.30 11.89
N ALA A 856 19.42 39.59 11.47
CA ALA A 856 19.52 40.03 10.07
C ALA A 856 20.90 39.72 9.49
N VAL A 857 21.97 39.89 10.30
CA VAL A 857 23.35 39.57 9.90
C VAL A 857 23.47 38.04 9.71
N GLU A 858 22.93 37.24 10.66
CA GLU A 858 22.95 35.77 10.61
C GLU A 858 22.15 35.22 9.43
N GLN A 859 20.98 35.85 9.11
CA GLN A 859 20.14 35.44 7.98
C GLN A 859 20.89 35.63 6.69
N GLN A 860 21.56 36.78 6.52
CA GLN A 860 22.36 37.12 5.35
C GLN A 860 23.55 36.15 5.23
N GLU A 861 24.17 35.78 6.37
CA GLU A 861 25.31 34.83 6.43
C GLU A 861 24.94 33.47 5.88
N ILE A 862 23.70 32.99 6.21
CA ILE A 862 23.17 31.68 5.79
C ILE A 862 23.03 31.70 4.24
N LEU A 863 22.40 32.75 3.70
CA LEU A 863 22.17 32.92 2.27
C LEU A 863 23.50 32.99 1.50
N ASP A 864 24.48 33.77 2.02
CA ASP A 864 25.83 33.91 1.44
C ASP A 864 26.60 32.57 1.44
N THR A 865 26.47 31.77 2.53
CA THR A 865 27.15 30.46 2.63
C THR A 865 26.57 29.49 1.58
N ALA A 866 25.22 29.49 1.42
CA ALA A 866 24.52 28.59 0.50
C ALA A 866 24.89 28.87 -0.96
N PHE A 867 25.27 30.15 -1.29
CA PHE A 867 25.64 30.52 -2.66
C PHE A 867 27.13 30.91 -2.78
N GLY A 868 27.93 30.47 -1.81
CA GLY A 868 29.37 30.74 -1.76
C GLY A 868 30.18 29.64 -2.47
N ASP B 6 -37.28 43.95 64.98
CA ASP B 6 -37.47 43.72 63.55
C ASP B 6 -36.64 44.72 62.73
N LYS B 7 -36.84 46.03 62.97
CA LYS B 7 -36.13 47.11 62.29
C LYS B 7 -34.64 47.12 62.64
N ASN B 8 -34.31 46.81 63.91
CA ASN B 8 -32.95 46.76 64.44
C ASN B 8 -32.22 45.54 63.91
N ALA B 9 -32.93 44.39 63.72
CA ALA B 9 -32.30 43.17 63.18
C ALA B 9 -32.00 43.33 61.68
N ARG B 10 -32.83 44.12 60.95
CA ARG B 10 -32.68 44.41 59.52
C ARG B 10 -31.41 45.24 59.25
N VAL B 11 -30.94 45.99 60.27
CA VAL B 11 -29.75 46.84 60.22
C VAL B 11 -28.51 45.90 60.27
N ILE B 12 -28.52 44.89 61.18
CA ILE B 12 -27.44 43.89 61.32
C ILE B 12 -27.24 43.10 59.99
N GLU B 13 -28.36 42.73 59.35
CA GLU B 13 -28.38 42.00 58.08
C GLU B 13 -27.88 42.90 56.95
N LEU B 14 -28.17 44.22 57.04
CA LEU B 14 -27.73 45.18 56.05
C LEU B 14 -26.23 45.39 56.14
N ILE B 15 -25.67 45.49 57.39
CA ILE B 15 -24.24 45.64 57.64
C ILE B 15 -23.48 44.43 57.04
N ALA B 16 -23.95 43.18 57.30
CA ALA B 16 -23.33 41.95 56.80
C ALA B 16 -23.36 41.89 55.26
N ALA B 17 -24.48 42.32 54.65
CA ALA B 17 -24.67 42.36 53.19
C ALA B 17 -23.64 43.25 52.52
N TYR B 18 -23.37 44.45 53.11
CA TYR B 18 -22.35 45.38 52.57
C TYR B 18 -20.96 44.79 52.71
N ARG B 19 -20.65 44.18 53.87
CA ARG B 19 -19.35 43.56 54.14
C ARG B 19 -19.07 42.37 53.22
N ASN B 20 -20.09 41.50 53.00
CA ASN B 20 -19.99 40.30 52.19
C ASN B 20 -20.08 40.53 50.69
N ARG B 21 -21.05 41.37 50.24
CA ARG B 21 -21.36 41.51 48.83
C ARG B 21 -21.32 42.93 48.26
N GLY B 22 -20.94 43.93 49.08
CA GLY B 22 -20.83 45.32 48.66
C GLY B 22 -19.94 45.54 47.45
N HIS B 23 -18.84 44.75 47.33
CA HIS B 23 -17.86 44.78 46.22
C HIS B 23 -18.52 44.53 44.85
N LEU B 24 -19.70 43.88 44.80
CA LEU B 24 -20.43 43.60 43.56
C LEU B 24 -21.12 44.85 43.01
N MET B 25 -21.33 45.87 43.85
CA MET B 25 -22.01 47.12 43.52
C MET B 25 -21.05 48.32 43.53
N ALA B 26 -19.78 48.10 43.87
CA ALA B 26 -18.79 49.16 43.92
C ALA B 26 -18.46 49.69 42.51
N ASP B 27 -18.24 51.00 42.39
CA ASP B 27 -17.93 51.68 41.13
C ASP B 27 -16.42 51.51 40.82
N ILE B 28 -16.03 50.31 40.35
CA ILE B 28 -14.65 49.92 40.13
C ILE B 28 -14.18 50.03 38.68
N ASP B 29 -15.11 49.93 37.71
CA ASP B 29 -14.75 49.96 36.30
C ASP B 29 -14.68 51.39 35.77
N PRO B 30 -13.49 51.92 35.39
CA PRO B 30 -13.44 53.29 34.82
C PRO B 30 -14.16 53.44 33.46
N LEU B 31 -14.52 52.32 32.79
CA LEU B 31 -15.21 52.34 31.50
C LEU B 31 -16.75 52.23 31.67
N ARG B 32 -17.23 51.72 32.82
CA ARG B 32 -18.65 51.47 33.15
C ARG B 32 -19.33 50.68 32.02
N LEU B 33 -18.68 49.60 31.57
CA LEU B 33 -19.17 48.78 30.44
C LEU B 33 -20.47 48.08 30.76
N ASP B 34 -20.56 47.43 31.94
CA ASP B 34 -21.76 46.71 32.36
C ASP B 34 -22.80 47.72 32.83
N ASN B 35 -23.85 47.90 32.01
CA ASN B 35 -24.96 48.83 32.23
C ASN B 35 -26.05 48.25 33.15
N THR B 36 -25.80 47.04 33.72
CA THR B 36 -26.74 46.32 34.61
C THR B 36 -26.13 46.02 36.01
N ARG B 37 -24.87 46.46 36.33
CA ARG B 37 -24.27 46.15 37.65
C ARG B 37 -24.81 47.05 38.79
N PHE B 38 -25.25 48.28 38.50
CA PHE B 38 -25.83 49.17 39.51
C PHE B 38 -27.34 49.06 39.49
N LEU B 53 -38.01 56.27 53.64
CA LEU B 53 -36.79 56.84 54.22
C LEU B 53 -37.16 57.74 55.42
N TRP B 54 -37.45 57.09 56.54
CA TRP B 54 -37.80 57.74 57.81
C TRP B 54 -36.92 57.20 58.94
N ASP B 55 -36.42 55.95 58.76
CA ASP B 55 -35.57 55.26 59.74
C ASP B 55 -34.11 55.76 59.71
N LEU B 56 -33.74 56.57 58.70
CA LEU B 56 -32.42 57.14 58.47
C LEU B 56 -31.93 58.02 59.62
N ASP B 57 -32.83 58.82 60.22
CA ASP B 57 -32.48 59.74 61.31
C ASP B 57 -32.64 59.07 62.70
N ARG B 58 -33.08 57.79 62.75
CA ARG B 58 -33.23 57.01 63.99
C ARG B 58 -31.90 56.39 64.40
N GLU B 59 -31.60 56.43 65.70
CA GLU B 59 -30.37 55.90 66.28
C GLU B 59 -30.49 54.39 66.56
N PHE B 60 -29.43 53.64 66.23
CA PHE B 60 -29.33 52.18 66.40
C PHE B 60 -28.09 51.79 67.21
N LYS B 61 -28.10 50.57 67.80
CA LYS B 61 -26.99 50.06 68.62
C LYS B 61 -25.85 49.56 67.73
N GLN B 69 -21.96 51.43 71.22
CA GLN B 69 -22.02 52.56 70.30
C GLN B 69 -23.45 52.81 69.81
N ARG B 70 -23.87 54.09 69.83
CA ARG B 70 -25.19 54.56 69.37
C ARG B 70 -25.00 55.55 68.22
N LYS B 71 -25.45 55.19 67.01
CA LYS B 71 -25.31 56.03 65.83
C LYS B 71 -26.56 55.99 64.96
N LYS B 72 -26.83 57.10 64.24
CA LYS B 72 -27.97 57.20 63.32
C LYS B 72 -27.75 56.29 62.11
N LEU B 73 -28.84 55.71 61.55
CA LEU B 73 -28.82 54.82 60.39
C LEU B 73 -28.15 55.49 59.19
N ARG B 74 -28.41 56.80 58.95
CA ARG B 74 -27.79 57.54 57.85
C ARG B 74 -26.27 57.52 57.98
N ASP B 75 -25.74 57.55 59.22
CA ASP B 75 -24.31 57.56 59.54
C ASP B 75 -23.72 56.15 59.38
N ILE B 76 -24.43 55.09 59.83
CA ILE B 76 -24.02 53.68 59.65
C ILE B 76 -23.88 53.37 58.15
N LEU B 77 -24.95 53.65 57.39
CA LEU B 77 -25.07 53.38 55.95
C LEU B 77 -24.09 54.17 55.09
N SER B 78 -23.75 55.40 55.47
CA SER B 78 -22.79 56.19 54.68
C SER B 78 -21.38 55.65 54.89
N VAL B 79 -21.08 55.07 56.08
CA VAL B 79 -19.79 54.45 56.38
C VAL B 79 -19.67 53.17 55.52
N LEU B 80 -20.76 52.40 55.37
CA LEU B 80 -20.78 51.19 54.57
C LEU B 80 -20.66 51.48 53.07
N ARG B 81 -21.39 52.49 52.56
CA ARG B 81 -21.31 52.86 51.14
C ARG B 81 -19.93 53.40 50.76
N ASP B 82 -19.33 54.25 51.61
CA ASP B 82 -18.00 54.80 51.38
C ASP B 82 -16.93 53.70 51.42
N ALA B 83 -17.06 52.77 52.38
CA ALA B 83 -16.09 51.67 52.59
C ALA B 83 -16.18 50.57 51.55
N TYR B 84 -17.41 50.18 51.15
CA TYR B 84 -17.58 49.02 50.28
C TYR B 84 -18.17 49.27 48.89
N CYS B 85 -18.76 50.46 48.63
CA CYS B 85 -19.44 50.70 47.37
C CYS B 85 -19.01 51.96 46.64
N ARG B 86 -17.79 52.44 46.91
CA ARG B 86 -17.28 53.62 46.25
C ARG B 86 -16.35 53.16 45.12
N HIS B 87 -15.06 53.52 45.16
CA HIS B 87 -14.11 53.12 44.12
C HIS B 87 -13.23 51.94 44.54
N VAL B 88 -13.51 51.34 45.71
CA VAL B 88 -12.79 50.19 46.24
C VAL B 88 -13.77 49.06 46.59
N GLY B 89 -13.60 47.91 45.94
CA GLY B 89 -14.35 46.70 46.20
C GLY B 89 -13.50 45.79 47.07
N VAL B 90 -13.93 45.59 48.31
CA VAL B 90 -13.20 44.82 49.32
C VAL B 90 -13.79 43.41 49.47
N GLU B 91 -12.95 42.38 49.31
CA GLU B 91 -13.27 40.97 49.51
C GLU B 91 -12.41 40.47 50.66
N TYR B 92 -13.04 40.17 51.77
CA TYR B 92 -12.30 39.73 52.94
C TYR B 92 -13.07 38.76 53.83
N THR B 93 -14.40 38.59 53.61
CA THR B 93 -15.18 37.75 54.53
C THR B 93 -14.95 36.25 54.25
N HIS B 94 -14.17 35.92 53.20
CA HIS B 94 -13.77 34.54 52.88
C HIS B 94 -12.58 34.10 53.75
N ILE B 95 -11.89 35.07 54.39
CA ILE B 95 -10.74 34.83 55.27
C ILE B 95 -11.20 34.08 56.54
N LEU B 96 -10.58 32.93 56.82
CA LEU B 96 -10.94 32.08 57.97
C LEU B 96 -10.42 32.65 59.32
N GLU B 97 -9.38 33.48 59.31
CA GLU B 97 -8.81 34.09 60.53
C GLU B 97 -9.68 35.28 60.97
N PRO B 98 -10.40 35.17 62.13
CA PRO B 98 -11.27 36.29 62.56
C PRO B 98 -10.52 37.60 62.83
N GLU B 99 -9.29 37.52 63.37
CA GLU B 99 -8.45 38.68 63.67
C GLU B 99 -8.08 39.47 62.39
N GLN B 100 -7.91 38.78 61.24
CA GLN B 100 -7.61 39.40 59.94
C GLN B 100 -8.83 40.11 59.37
N GLN B 101 -10.01 39.48 59.46
CA GLN B 101 -11.30 40.08 59.06
C GLN B 101 -11.56 41.36 59.87
N ARG B 102 -11.33 41.29 61.19
CA ARG B 102 -11.48 42.40 62.14
C ARG B 102 -10.51 43.54 61.82
N TRP B 103 -9.21 43.22 61.49
CA TRP B 103 -8.16 44.19 61.13
C TRP B 103 -8.58 45.02 59.89
N ILE B 104 -9.10 44.36 58.84
CA ILE B 104 -9.54 45.00 57.59
C ILE B 104 -10.76 45.88 57.88
N GLN B 105 -11.79 45.29 58.52
CA GLN B 105 -13.04 45.92 58.92
C GLN B 105 -12.81 47.27 59.62
N GLU B 106 -11.90 47.29 60.61
CA GLU B 106 -11.55 48.45 61.41
C GLU B 106 -10.88 49.56 60.59
N ARG B 107 -10.05 49.22 59.61
CA ARG B 107 -9.32 50.22 58.81
C ARG B 107 -10.12 50.72 57.59
N VAL B 108 -11.08 49.91 57.12
CA VAL B 108 -11.94 50.23 55.98
C VAL B 108 -13.24 50.97 56.47
N GLU B 109 -13.79 50.62 57.67
CA GLU B 109 -15.02 51.22 58.20
C GLU B 109 -14.76 52.40 59.15
N THR B 110 -13.96 53.36 58.71
CA THR B 110 -13.64 54.58 59.48
C THR B 110 -13.57 55.77 58.56
N LYS B 111 -13.81 56.97 59.11
CA LYS B 111 -13.69 58.21 58.34
C LYS B 111 -12.19 58.46 58.15
N HIS B 112 -11.71 58.27 56.92
CA HIS B 112 -10.30 58.43 56.60
C HIS B 112 -9.93 59.89 56.43
N ASP B 113 -8.68 60.23 56.76
CA ASP B 113 -8.16 61.58 56.60
C ASP B 113 -7.87 61.80 55.12
N LYS B 114 -8.40 62.90 54.54
CA LYS B 114 -8.17 63.26 53.14
C LYS B 114 -6.68 63.55 52.94
N PRO B 115 -6.04 63.16 51.81
CA PRO B 115 -4.60 63.43 51.66
C PRO B 115 -4.29 64.92 51.64
N THR B 116 -3.07 65.27 52.06
CA THR B 116 -2.60 66.66 52.06
C THR B 116 -2.36 67.09 50.61
N VAL B 117 -2.47 68.41 50.33
CA VAL B 117 -2.25 68.99 48.99
C VAL B 117 -0.87 68.53 48.47
N ALA B 118 0.15 68.47 49.36
CA ALA B 118 1.49 67.99 49.05
C ALA B 118 1.48 66.53 48.55
N GLU B 119 0.67 65.65 49.18
CA GLU B 119 0.53 64.22 48.81
C GLU B 119 -0.21 64.09 47.47
N GLN B 120 -1.26 64.92 47.26
CA GLN B 120 -2.07 64.96 46.04
C GLN B 120 -1.25 65.45 44.84
N LYS B 121 -0.43 66.49 45.07
CA LYS B 121 0.46 67.04 44.04
C LYS B 121 1.56 66.04 43.72
N TYR B 122 1.99 65.24 44.73
CA TYR B 122 3.02 64.21 44.54
C TYR B 122 2.46 63.08 43.67
N ILE B 123 1.20 62.66 43.92
CA ILE B 123 0.50 61.63 43.13
C ILE B 123 0.38 62.15 41.69
N LEU B 124 -0.03 63.43 41.52
CA LEU B 124 -0.15 64.08 40.21
C LEU B 124 1.21 64.09 39.47
N SER B 125 2.31 64.40 40.19
CA SER B 125 3.68 64.40 39.64
C SER B 125 4.08 63.01 39.13
N LYS B 126 3.65 61.93 39.83
CA LYS B 126 3.91 60.54 39.41
C LYS B 126 3.11 60.19 38.15
N LEU B 127 1.89 60.78 38.01
CA LEU B 127 1.03 60.60 36.81
C LEU B 127 1.59 61.36 35.63
N ASN B 128 2.10 62.58 35.90
CA ASN B 128 2.71 63.45 34.89
C ASN B 128 3.92 62.78 34.26
N ALA B 129 4.79 62.18 35.10
CA ALA B 129 6.03 61.49 34.68
C ALA B 129 5.72 60.25 33.86
N ALA B 130 4.71 59.47 34.29
CA ALA B 130 4.28 58.24 33.65
C ALA B 130 3.64 58.46 32.28
N GLU B 131 2.83 59.53 32.13
CA GLU B 131 2.16 59.78 30.86
C GLU B 131 3.09 60.38 29.82
N ALA B 132 3.99 61.31 30.26
CA ALA B 132 5.00 61.92 29.40
C ALA B 132 5.90 60.84 28.82
N PHE B 133 6.30 59.85 29.65
CA PHE B 133 7.12 58.72 29.22
C PHE B 133 6.45 58.00 28.08
N GLU B 134 5.13 57.72 28.20
CA GLU B 134 4.35 56.98 27.20
C GLU B 134 4.25 57.71 25.88
N THR B 135 3.92 59.03 25.91
CA THR B 135 3.84 59.92 24.73
C THR B 135 5.20 59.87 24.00
N PHE B 136 6.31 60.15 24.71
CA PHE B 136 7.69 60.11 24.21
C PHE B 136 8.01 58.77 23.54
N LEU B 137 7.70 57.66 24.22
CA LEU B 137 7.99 56.30 23.77
C LEU B 137 7.22 55.97 22.49
N GLN B 138 5.99 56.47 22.35
CA GLN B 138 5.18 56.25 21.15
C GLN B 138 5.47 57.28 20.03
N THR B 139 6.06 58.44 20.39
CA THR B 139 6.36 59.47 19.41
C THR B 139 7.78 59.31 18.84
N LYS B 140 8.77 58.97 19.68
CA LYS B 140 10.17 58.86 19.23
C LYS B 140 10.46 57.53 18.52
N TYR B 141 10.26 56.40 19.21
CA TYR B 141 10.59 55.11 18.64
C TYR B 141 9.44 54.44 17.90
N VAL B 142 9.81 53.52 17.00
CA VAL B 142 8.95 52.69 16.15
C VAL B 142 8.82 51.31 16.79
N GLY B 143 7.64 50.71 16.66
CA GLY B 143 7.32 49.38 17.16
C GLY B 143 7.29 49.23 18.67
N GLN B 144 6.68 50.18 19.40
CA GLN B 144 6.63 50.10 20.87
C GLN B 144 5.20 50.00 21.41
N LYS B 145 4.17 49.93 20.52
CA LYS B 145 2.72 49.88 20.83
C LYS B 145 2.35 48.88 21.94
N ARG B 146 2.90 47.65 21.88
CA ARG B 146 2.60 46.58 22.83
C ARG B 146 3.19 46.78 24.25
N PHE B 147 4.02 47.79 24.44
CA PHE B 147 4.59 48.02 25.75
C PHE B 147 3.84 49.17 26.45
N SER B 148 2.86 49.79 25.75
CA SER B 148 2.08 50.94 26.22
C SER B 148 1.28 50.64 27.49
N LEU B 149 1.39 51.57 28.43
CA LEU B 149 0.71 51.61 29.73
C LEU B 149 -0.44 52.64 29.70
N GLU B 150 -0.75 53.25 28.54
CA GLU B 150 -1.81 54.24 28.45
C GLU B 150 -3.17 53.63 28.81
N GLY B 151 -3.81 54.27 29.81
CA GLY B 151 -5.07 53.81 30.38
C GLY B 151 -4.84 53.08 31.70
N ALA B 152 -3.55 52.73 31.99
CA ALA B 152 -3.06 52.00 33.16
C ALA B 152 -1.90 52.76 33.93
N GLU B 153 -1.77 54.09 33.71
CA GLU B 153 -0.71 54.94 34.32
C GLU B 153 -0.75 55.00 35.85
N THR B 154 -1.93 54.82 36.45
CA THR B 154 -2.16 54.85 37.89
C THR B 154 -1.38 53.72 38.61
N VAL B 155 -0.87 52.70 37.87
CA VAL B 155 -0.06 51.66 38.48
C VAL B 155 1.29 52.28 38.97
N ILE B 156 1.75 53.39 38.35
CA ILE B 156 3.00 54.04 38.75
C ILE B 156 2.80 54.69 40.17
N PRO B 157 1.83 55.61 40.45
CA PRO B 157 1.68 56.08 41.84
C PRO B 157 1.30 54.94 42.82
N MET B 158 0.62 53.88 42.34
CA MET B 158 0.26 52.73 43.17
C MET B 158 1.52 51.96 43.62
N MET B 159 2.44 51.64 42.69
CA MET B 159 3.70 50.94 42.99
C MET B 159 4.59 51.79 43.89
N ASP B 160 4.58 53.12 43.64
CA ASP B 160 5.33 54.11 44.41
C ASP B 160 4.88 54.08 45.86
N ALA B 161 3.55 53.96 46.09
CA ALA B 161 2.95 53.91 47.41
C ALA B 161 3.34 52.61 48.12
N VAL B 162 3.41 51.49 47.38
CA VAL B 162 3.80 50.20 47.92
C VAL B 162 5.21 50.31 48.50
N ILE B 163 6.16 50.79 47.69
CA ILE B 163 7.57 50.90 48.00
C ILE B 163 7.80 51.93 49.12
N ASP B 164 7.08 53.06 49.06
CA ASP B 164 7.14 54.08 50.10
C ASP B 164 6.64 53.55 51.46
N GLN B 165 5.57 52.71 51.44
CA GLN B 165 5.04 52.12 52.67
C GLN B 165 5.99 51.08 53.23
N CYS B 166 6.69 50.34 52.35
CA CYS B 166 7.71 49.37 52.75
C CYS B 166 8.90 50.11 53.42
N ALA B 167 9.30 51.28 52.89
CA ALA B 167 10.37 52.10 53.49
C ALA B 167 9.92 52.69 54.83
N GLU B 168 8.61 53.01 54.97
CA GLU B 168 8.02 53.53 56.21
C GLU B 168 8.10 52.46 57.32
N HIS B 169 8.03 51.16 56.95
CA HIS B 169 8.15 50.03 57.86
C HIS B 169 9.64 49.70 58.15
N GLY B 170 10.55 50.44 57.49
CA GLY B 170 11.99 50.28 57.62
C GLY B 170 12.52 48.99 57.02
N LEU B 171 11.85 48.50 55.96
CA LEU B 171 12.23 47.25 55.29
C LEU B 171 13.48 47.47 54.40
N ASP B 172 14.14 46.36 54.01
CA ASP B 172 15.43 46.43 53.31
C ASP B 172 15.32 46.54 51.78
N GLU B 173 14.37 45.83 51.17
CA GLU B 173 14.27 45.80 49.70
C GLU B 173 12.90 45.38 49.22
N VAL B 174 12.50 45.92 48.06
CA VAL B 174 11.32 45.50 47.31
C VAL B 174 11.85 44.86 46.02
N VAL B 175 11.49 43.60 45.74
CA VAL B 175 11.93 42.94 44.50
C VAL B 175 10.68 42.77 43.63
N ILE B 176 10.75 43.25 42.39
CA ILE B 176 9.65 43.24 41.43
C ILE B 176 9.81 42.22 40.31
N ALA B 177 8.66 41.60 39.93
CA ALA B 177 8.51 40.71 38.78
C ALA B 177 7.29 41.20 38.00
N MET B 178 7.44 41.34 36.68
CA MET B 178 6.30 41.83 35.91
C MET B 178 6.34 41.39 34.43
N PRO B 179 5.18 41.39 33.72
CA PRO B 179 5.24 41.20 32.25
C PRO B 179 5.77 42.51 31.57
N HIS B 180 5.83 42.58 30.23
CA HIS B 180 6.49 43.73 29.59
C HIS B 180 5.65 45.05 29.51
N ARG B 181 4.35 45.05 29.80
CA ARG B 181 3.56 46.27 29.73
C ARG B 181 3.94 47.28 30.82
N GLY B 182 4.45 48.42 30.40
CA GLY B 182 4.86 49.49 31.31
C GLY B 182 6.21 49.33 31.94
N ARG B 183 6.98 48.32 31.52
CA ARG B 183 8.30 47.95 32.06
C ARG B 183 9.28 49.08 32.06
N LEU B 184 9.53 49.70 30.89
CA LEU B 184 10.48 50.81 30.83
C LEU B 184 9.92 52.01 31.59
N ASN B 185 8.57 52.11 31.71
CA ASN B 185 8.02 53.18 32.55
C ASN B 185 8.39 52.93 34.03
N VAL B 186 8.32 51.66 34.50
CA VAL B 186 8.65 51.20 35.86
C VAL B 186 10.10 51.45 36.12
N LEU B 187 10.99 51.16 35.12
CA LEU B 187 12.42 51.38 35.31
C LEU B 187 12.73 52.84 35.59
N ALA B 188 12.13 53.75 34.79
CA ALA B 188 12.39 55.18 34.95
C ALA B 188 11.70 55.79 36.13
N ASN B 189 10.44 55.38 36.43
CA ASN B 189 9.71 56.12 37.48
C ASN B 189 9.55 55.38 38.82
N ILE B 190 10.04 54.13 38.94
CA ILE B 190 9.94 53.32 40.16
C ILE B 190 11.36 52.90 40.60
N VAL B 191 12.08 52.16 39.73
CA VAL B 191 13.44 51.66 39.99
C VAL B 191 14.41 52.87 40.04
N GLY B 192 14.09 53.93 39.30
CA GLY B 192 14.85 55.17 39.31
C GLY B 192 16.04 55.19 38.38
N LYS B 193 16.03 54.31 37.35
CA LYS B 193 17.10 54.25 36.37
C LYS B 193 17.14 55.53 35.52
N PRO B 194 18.33 56.12 35.23
CA PRO B 194 18.35 57.29 34.32
C PRO B 194 18.09 56.86 32.87
N TYR B 195 17.59 57.81 32.04
CA TYR B 195 17.27 57.62 30.63
C TYR B 195 18.51 57.26 29.78
N SER B 196 19.72 57.75 30.20
CA SER B 196 20.98 57.44 29.52
C SER B 196 21.32 55.94 29.59
N GLN B 197 20.92 55.26 30.68
CA GLN B 197 21.13 53.82 30.89
C GLN B 197 19.99 53.00 30.26
N ILE B 198 18.75 53.53 30.28
CA ILE B 198 17.55 52.88 29.73
C ILE B 198 17.60 52.85 28.20
N PHE B 199 17.87 53.99 27.53
CA PHE B 199 17.82 54.05 26.07
C PHE B 199 19.23 53.93 25.40
N SER B 200 20.20 53.35 26.13
CA SER B 200 21.56 53.09 25.66
C SER B 200 21.57 51.86 24.73
N GLU B 201 22.02 52.04 23.47
CA GLU B 201 22.11 51.01 22.43
C GLU B 201 20.69 50.38 22.18
N PHE B 202 19.69 51.28 22.01
CA PHE B 202 18.28 51.01 21.78
C PHE B 202 18.02 50.85 20.27
N ASP B 216 14.89 45.17 22.19
CA ASP B 216 13.74 44.55 22.82
C ASP B 216 14.13 43.62 23.99
N VAL B 217 15.47 43.35 24.16
CA VAL B 217 16.01 42.54 25.26
C VAL B 217 15.88 43.34 26.58
N LYS B 218 15.86 44.70 26.47
CA LYS B 218 15.71 45.63 27.58
C LYS B 218 14.39 45.41 28.37
N TYR B 219 13.35 44.83 27.71
CA TYR B 219 12.05 44.50 28.28
C TYR B 219 12.04 43.13 29.02
N HIS B 220 13.21 42.57 29.28
CA HIS B 220 13.34 41.26 29.94
C HIS B 220 14.54 41.22 30.91
N LEU B 221 15.42 42.27 30.91
CA LEU B 221 16.61 42.31 31.79
C LEU B 221 16.28 42.71 33.23
N GLY B 222 17.12 42.26 34.15
CA GLY B 222 17.01 42.65 35.54
C GLY B 222 17.58 44.04 35.75
N ALA B 223 17.18 44.72 36.83
CA ALA B 223 17.68 46.08 37.15
C ALA B 223 17.70 46.28 38.65
N THR B 224 18.52 47.23 39.12
CA THR B 224 18.63 47.49 40.54
C THR B 224 18.78 48.99 40.78
N GLY B 225 18.15 49.47 41.85
CA GLY B 225 18.19 50.88 42.23
C GLY B 225 17.85 51.15 43.67
N THR B 226 17.78 52.43 44.03
CA THR B 226 17.48 52.89 45.39
C THR B 226 16.34 53.88 45.35
N TYR B 227 15.32 53.60 46.17
CA TYR B 227 14.16 54.46 46.33
C TYR B 227 14.37 55.33 47.54
N ILE B 228 14.24 56.66 47.36
CA ILE B 228 14.39 57.62 48.44
C ILE B 228 13.00 58.24 48.69
N GLN B 229 12.53 58.18 49.96
CA GLN B 229 11.23 58.72 50.36
C GLN B 229 11.14 60.22 50.10
N MET B 230 9.99 60.65 49.57
CA MET B 230 9.73 62.05 49.27
C MET B 230 9.48 62.84 50.56
N PHE B 231 8.57 62.33 51.42
CA PHE B 231 8.17 63.01 52.68
C PHE B 231 8.74 62.35 53.94
N GLY B 232 9.54 61.30 53.76
CA GLY B 232 10.17 60.57 54.86
C GLY B 232 11.69 60.60 54.78
N ASP B 233 12.34 60.02 55.79
CA ASP B 233 13.80 60.01 55.89
C ASP B 233 14.41 58.62 55.58
N ASN B 234 13.58 57.66 55.18
CA ASN B 234 14.09 56.33 54.86
C ASN B 234 14.31 56.14 53.36
N ASP B 235 15.18 55.18 53.03
CA ASP B 235 15.45 54.73 51.68
C ASP B 235 15.30 53.22 51.67
N ILE B 236 15.13 52.62 50.48
CA ILE B 236 14.94 51.19 50.33
C ILE B 236 15.48 50.76 48.95
N GLU B 237 16.04 49.55 48.85
CA GLU B 237 16.52 49.03 47.59
C GLU B 237 15.32 48.54 46.78
N VAL B 238 15.35 48.80 45.47
CA VAL B 238 14.30 48.38 44.54
C VAL B 238 14.98 47.63 43.39
N SER B 239 14.58 46.38 43.17
CA SER B 239 15.15 45.64 42.06
C SER B 239 14.05 45.01 41.23
N LEU B 240 14.35 44.75 39.96
CA LEU B 240 13.49 44.16 38.97
C LEU B 240 14.14 42.88 38.47
N THR B 241 13.42 41.75 38.51
CA THR B 241 14.02 40.50 38.06
C THR B 241 13.80 40.29 36.55
N ALA B 242 14.72 39.57 35.91
CA ALA B 242 14.66 39.23 34.49
C ALA B 242 13.58 38.18 34.27
N ASN B 243 13.00 38.10 33.05
CA ASN B 243 11.95 37.13 32.74
C ASN B 243 11.80 36.84 31.24
N PRO B 244 11.23 35.67 30.84
CA PRO B 244 10.98 35.43 29.41
C PRO B 244 9.62 36.04 29.00
N SER B 245 9.17 35.77 27.80
CA SER B 245 7.88 36.24 27.33
C SER B 245 6.75 35.45 27.95
N HIS B 246 7.00 34.19 28.41
CA HIS B 246 6.03 33.30 29.07
C HIS B 246 5.45 33.97 30.30
N LEU B 247 4.21 34.41 30.18
CA LEU B 247 3.51 35.14 31.23
C LEU B 247 3.33 34.27 32.46
N GLU B 248 3.65 34.84 33.64
CA GLU B 248 3.53 34.25 34.98
C GLU B 248 4.61 33.23 35.30
N ALA B 249 5.44 32.78 34.31
CA ALA B 249 6.52 31.81 34.54
C ALA B 249 7.55 32.31 35.61
N VAL B 250 7.75 33.63 35.73
CA VAL B 250 8.70 34.27 36.64
C VAL B 250 8.17 34.29 38.11
N ASP B 251 6.86 34.04 38.29
CA ASP B 251 6.22 34.13 39.60
C ASP B 251 7.00 33.34 40.70
N PRO B 252 7.30 32.01 40.51
CA PRO B 252 8.02 31.28 41.57
C PRO B 252 9.48 31.64 41.64
N VAL B 253 10.05 32.17 40.51
CA VAL B 253 11.45 32.61 40.42
C VAL B 253 11.65 33.81 41.37
N LEU B 254 10.66 34.73 41.41
CA LEU B 254 10.67 35.91 42.26
C LEU B 254 10.63 35.50 43.73
N GLU B 255 9.76 34.53 44.05
CA GLU B 255 9.60 34.00 45.39
C GLU B 255 10.91 33.39 45.86
N GLY B 256 11.55 32.60 44.98
CA GLY B 256 12.83 31.94 45.26
C GLY B 256 13.95 32.93 45.51
N LEU B 257 14.07 33.94 44.64
CA LEU B 257 15.06 35.03 44.71
C LEU B 257 14.91 35.78 46.04
N VAL B 258 13.66 36.24 46.35
CA VAL B 258 13.35 36.94 47.61
C VAL B 258 13.75 36.10 48.85
N ARG B 259 13.35 34.80 48.89
CA ARG B 259 13.64 33.91 50.01
C ARG B 259 15.15 33.76 50.23
N ALA B 260 15.95 33.73 49.13
CA ALA B 260 17.41 33.66 49.20
C ALA B 260 17.97 34.92 49.84
N LYS B 261 17.41 36.10 49.49
CA LYS B 261 17.84 37.40 50.03
C LYS B 261 17.44 37.49 51.51
N GLN B 262 16.22 37.01 51.83
CA GLN B 262 15.74 36.95 53.22
C GLN B 262 16.66 36.09 54.07
N ASP B 263 17.07 34.89 53.59
CA ASP B 263 17.99 34.00 54.31
C ASP B 263 19.36 34.69 54.52
N LEU B 264 19.85 35.46 53.51
CA LEU B 264 21.14 36.18 53.62
C LEU B 264 21.07 37.29 54.67
N LEU B 265 19.93 38.00 54.77
CA LEU B 265 19.73 39.08 55.72
C LEU B 265 19.33 38.60 57.11
N ASP B 266 19.25 37.27 57.31
CA ASP B 266 18.85 36.61 58.57
C ASP B 266 17.45 37.11 58.99
N THR B 267 16.56 37.27 57.98
CA THR B 267 15.18 37.69 58.21
C THR B 267 14.23 36.62 57.65
N GLY B 268 13.10 36.44 58.31
CA GLY B 268 12.09 35.50 57.88
C GLY B 268 12.10 34.16 58.58
N GLU B 269 11.64 33.12 57.86
CA GLU B 269 11.51 31.74 58.32
C GLU B 269 12.85 31.17 58.85
N GLU B 270 13.97 31.37 58.13
CA GLU B 270 15.26 30.86 58.59
C GLU B 270 16.09 31.99 59.27
N GLY B 271 15.41 33.04 59.71
CA GLY B 271 16.05 34.18 60.34
C GLY B 271 15.86 34.35 61.83
N SER B 272 16.49 35.41 62.38
CA SER B 272 16.43 35.78 63.80
C SER B 272 15.24 36.68 64.06
N ASP B 273 14.83 37.46 63.06
CA ASP B 273 13.68 38.34 63.17
C ASP B 273 12.56 37.86 62.23
N ASN B 274 11.34 38.32 62.51
CA ASN B 274 10.13 37.99 61.77
C ASN B 274 9.69 39.16 60.85
N ARG B 275 10.62 40.06 60.47
CA ARG B 275 10.27 41.21 59.62
C ARG B 275 10.06 40.82 58.13
N PHE B 276 10.69 39.70 57.63
CA PHE B 276 10.64 39.29 56.21
C PHE B 276 10.89 40.58 55.34
N SER B 277 11.98 41.30 55.68
CA SER B 277 12.35 42.63 55.20
C SER B 277 12.62 42.74 53.69
N VAL B 278 12.47 41.65 52.92
CA VAL B 278 12.61 41.63 51.46
C VAL B 278 11.20 41.29 50.96
N VAL B 279 10.61 42.25 50.25
CA VAL B 279 9.21 42.15 49.83
C VAL B 279 9.09 41.83 48.34
N PRO B 280 8.41 40.73 48.01
CA PRO B 280 8.10 40.47 46.59
C PRO B 280 6.89 41.32 46.15
N LEU B 281 7.05 42.08 45.07
CA LEU B 281 5.98 42.89 44.46
C LEU B 281 5.75 42.27 43.06
N MET B 282 4.66 41.52 42.91
CA MET B 282 4.41 40.78 41.67
C MET B 282 3.30 41.42 40.82
N LEU B 283 3.61 41.82 39.59
CA LEU B 283 2.62 42.41 38.67
C LEU B 283 2.12 41.37 37.71
N HIS B 284 0.85 41.48 37.35
CA HIS B 284 0.21 40.53 36.42
C HIS B 284 -0.75 41.25 35.46
N GLY B 285 -1.18 40.50 34.45
CA GLY B 285 -2.24 40.88 33.53
C GLY B 285 -3.44 40.06 33.94
N ASP B 286 -4.64 40.50 33.60
CA ASP B 286 -5.88 39.82 34.00
C ASP B 286 -6.11 38.50 33.29
N ALA B 287 -5.74 38.38 31.99
CA ALA B 287 -5.96 37.10 31.28
C ALA B 287 -4.97 36.04 31.78
N ALA B 288 -3.72 36.43 32.02
CA ALA B 288 -2.64 35.54 32.43
C ALA B 288 -2.84 35.05 33.85
N PHE B 289 -3.27 35.95 34.78
CA PHE B 289 -3.50 35.65 36.20
C PHE B 289 -4.55 34.57 36.39
N ALA B 290 -5.60 34.59 35.55
CA ALA B 290 -6.67 33.61 35.62
C ALA B 290 -6.36 32.29 34.89
N GLY B 291 -5.62 32.36 33.78
CA GLY B 291 -5.39 31.17 32.99
C GLY B 291 -4.15 30.33 33.25
N GLN B 292 -3.08 30.92 33.83
CA GLN B 292 -1.83 30.19 34.02
C GLN B 292 -1.80 29.43 35.36
N GLY B 293 -1.64 28.11 35.29
CA GLY B 293 -1.56 27.23 36.46
C GLY B 293 -0.44 27.54 37.43
N VAL B 294 0.67 28.12 36.93
CA VAL B 294 1.81 28.45 37.80
C VAL B 294 1.43 29.50 38.88
N VAL B 295 0.36 30.29 38.64
CA VAL B 295 -0.17 31.27 39.59
C VAL B 295 -0.63 30.50 40.85
N ALA B 296 -1.53 29.50 40.68
CA ALA B 296 -2.03 28.64 41.79
C ALA B 296 -0.88 27.94 42.52
N GLU B 297 0.07 27.37 41.75
CA GLU B 297 1.24 26.66 42.28
C GLU B 297 2.10 27.56 43.16
N THR B 298 2.26 28.85 42.76
CA THR B 298 3.11 29.81 43.47
C THR B 298 2.37 30.32 44.71
N LEU B 299 1.04 30.57 44.59
CA LEU B 299 0.19 30.95 45.74
C LEU B 299 0.21 29.83 46.79
N ASN B 300 0.21 28.57 46.34
CA ASN B 300 0.28 27.40 47.22
C ASN B 300 1.58 27.35 48.07
N LEU B 301 2.64 28.09 47.67
CA LEU B 301 3.91 28.14 48.41
C LEU B 301 3.95 29.23 49.50
N ALA B 302 2.98 30.19 49.48
CA ALA B 302 2.97 31.39 50.29
C ALA B 302 3.17 31.20 51.79
N LEU B 303 2.68 30.09 52.37
CA LEU B 303 2.80 29.89 53.83
C LEU B 303 3.64 28.68 54.21
N LEU B 304 4.26 28.01 53.23
CA LEU B 304 5.06 26.81 53.48
C LEU B 304 6.37 27.20 54.15
N ARG B 305 6.84 26.43 55.14
CA ARG B 305 8.10 26.72 55.85
C ARG B 305 9.32 26.75 54.88
N GLY B 306 9.33 25.91 53.84
CA GLY B 306 10.44 25.92 52.92
C GLY B 306 10.39 26.99 51.84
N TYR B 307 9.21 27.64 51.66
CA TYR B 307 9.03 28.55 50.53
C TYR B 307 8.47 29.93 50.84
N ARG B 308 7.94 30.16 52.05
CA ARG B 308 7.31 31.43 52.42
C ARG B 308 8.29 32.61 52.38
N THR B 309 7.80 33.74 51.88
CA THR B 309 8.56 34.98 51.80
C THR B 309 7.87 36.06 52.65
N GLY B 310 6.94 35.62 53.49
CA GLY B 310 6.24 36.50 54.42
C GLY B 310 5.19 37.38 53.79
N GLY B 311 4.69 36.93 52.64
CA GLY B 311 3.64 37.63 51.93
C GLY B 311 4.12 38.42 50.75
N THR B 312 3.42 38.25 49.63
CA THR B 312 3.65 38.91 48.35
C THR B 312 2.59 39.96 48.13
N ILE B 313 2.99 41.13 47.63
CA ILE B 313 2.03 42.16 47.23
C ILE B 313 1.77 41.91 45.74
N HIS B 314 0.52 41.56 45.38
CA HIS B 314 0.15 41.31 44.00
C HIS B 314 -0.59 42.49 43.44
N ILE B 315 -0.22 42.91 42.21
CA ILE B 315 -0.92 43.98 41.52
C ILE B 315 -1.32 43.43 40.16
N VAL B 316 -2.62 43.32 39.89
CA VAL B 316 -3.10 42.89 38.59
C VAL B 316 -3.47 44.14 37.79
N VAL B 317 -2.82 44.35 36.65
CA VAL B 317 -3.15 45.47 35.75
C VAL B 317 -4.32 44.93 34.90
N ASN B 318 -5.51 45.07 35.45
CA ASN B 318 -6.76 44.52 34.86
C ASN B 318 -7.36 45.50 33.89
N ASN B 319 -6.96 45.37 32.61
CA ASN B 319 -7.43 46.28 31.57
C ASN B 319 -8.64 45.68 30.88
N GLN B 320 -9.21 44.60 31.49
CA GLN B 320 -10.48 43.94 31.09
C GLN B 320 -10.43 43.38 29.67
N ILE B 321 -9.24 42.91 29.26
CA ILE B 321 -8.91 42.40 27.91
C ILE B 321 -7.54 41.68 27.93
N GLY B 322 -7.44 40.65 27.08
CA GLY B 322 -6.23 39.86 26.84
C GLY B 322 -6.06 39.75 25.34
N PHE B 323 -5.34 40.71 24.73
CA PHE B 323 -5.08 40.84 23.29
C PHE B 323 -6.43 41.13 22.60
N THR B 324 -7.11 40.11 22.02
CA THR B 324 -8.45 40.33 21.43
C THR B 324 -9.55 39.63 22.26
N THR B 325 -9.17 38.91 23.33
CA THR B 325 -10.06 38.11 24.14
C THR B 325 -10.72 38.88 25.30
N ALA B 326 -12.05 38.76 25.36
CA ALA B 326 -12.88 39.34 26.40
C ALA B 326 -12.77 38.46 27.65
N PRO B 327 -12.90 39.04 28.88
CA PRO B 327 -12.84 38.22 30.12
C PRO B 327 -13.80 37.00 30.16
N THR B 328 -14.94 37.05 29.47
CA THR B 328 -15.90 35.93 29.47
C THR B 328 -15.31 34.68 28.76
N ASP B 329 -14.27 34.85 27.91
CA ASP B 329 -13.60 33.71 27.27
C ASP B 329 -12.28 33.38 27.99
N SER B 330 -11.90 34.16 29.01
CA SER B 330 -10.64 34.00 29.74
C SER B 330 -10.77 33.35 31.11
N ARG B 331 -11.95 33.45 31.75
CA ARG B 331 -12.14 32.90 33.10
C ARG B 331 -13.59 32.52 33.37
N SER B 332 -13.80 31.59 34.32
CA SER B 332 -15.09 31.06 34.74
C SER B 332 -15.56 31.65 36.09
N SER B 333 -15.00 32.79 36.50
CA SER B 333 -15.29 33.44 37.78
C SER B 333 -15.51 34.91 37.60
N GLU B 334 -16.13 35.56 38.60
CA GLU B 334 -16.46 36.99 38.57
C GLU B 334 -15.21 37.85 38.39
N TYR B 335 -14.14 37.56 39.16
CA TYR B 335 -12.90 38.36 39.13
C TYR B 335 -11.71 37.56 38.63
N CYS B 336 -10.74 38.25 37.98
CA CYS B 336 -9.52 37.62 37.45
C CYS B 336 -8.62 37.12 38.61
N THR B 337 -8.82 37.67 39.81
CA THR B 337 -8.06 37.43 41.03
C THR B 337 -8.64 36.35 41.95
N ASP B 338 -9.74 35.69 41.55
CA ASP B 338 -10.46 34.70 42.37
C ASP B 338 -9.60 33.49 42.79
N VAL B 339 -8.51 33.20 42.06
CA VAL B 339 -7.56 32.13 42.41
C VAL B 339 -6.92 32.43 43.80
N ALA B 340 -6.65 33.72 44.12
CA ALA B 340 -6.01 34.12 45.38
C ALA B 340 -6.84 33.74 46.65
N LYS B 341 -8.13 33.38 46.47
CA LYS B 341 -9.02 32.96 47.55
C LYS B 341 -8.59 31.58 48.09
N MET B 342 -7.82 30.85 47.30
CA MET B 342 -7.18 29.55 47.60
C MET B 342 -6.39 29.60 48.95
N ILE B 343 -5.76 30.75 49.26
CA ILE B 343 -4.90 30.90 50.44
C ILE B 343 -5.50 31.95 51.40
N GLY B 344 -6.77 32.28 51.16
CA GLY B 344 -7.53 33.26 51.95
C GLY B 344 -6.89 34.62 51.97
N ALA B 345 -6.36 35.05 50.81
CA ALA B 345 -5.73 36.37 50.67
C ALA B 345 -6.80 37.47 50.55
N PRO B 346 -6.65 38.64 51.20
CA PRO B 346 -7.62 39.73 50.97
C PRO B 346 -7.42 40.28 49.56
N ILE B 347 -8.52 40.63 48.92
CA ILE B 347 -8.47 41.15 47.56
C ILE B 347 -9.13 42.53 47.56
N PHE B 348 -8.48 43.50 46.89
CA PHE B 348 -8.99 44.87 46.76
C PHE B 348 -9.12 45.21 45.29
N HIS B 349 -10.34 45.37 44.82
CA HIS B 349 -10.64 45.78 43.45
C HIS B 349 -10.67 47.30 43.45
N VAL B 350 -9.80 47.95 42.67
CA VAL B 350 -9.74 49.41 42.71
C VAL B 350 -9.87 50.04 41.34
N ASN B 351 -10.61 51.17 41.32
CA ASN B 351 -10.86 52.00 40.16
C ASN B 351 -9.57 52.72 39.80
N GLY B 352 -8.95 52.31 38.69
CA GLY B 352 -7.72 52.84 38.15
C GLY B 352 -7.77 54.31 37.77
N ASP B 353 -8.98 54.90 37.69
CA ASP B 353 -9.13 56.32 37.40
C ASP B 353 -9.11 57.16 38.68
N ASP B 354 -9.06 56.49 39.85
CA ASP B 354 -8.99 57.16 41.15
C ASP B 354 -7.59 56.89 41.73
N PRO B 355 -6.60 57.76 41.45
CA PRO B 355 -5.23 57.50 41.93
C PRO B 355 -5.05 57.52 43.46
N GLU B 356 -5.89 58.27 44.18
CA GLU B 356 -5.88 58.38 45.64
C GLU B 356 -6.33 57.07 46.30
N ALA B 357 -7.44 56.46 45.80
CA ALA B 357 -7.93 55.17 46.30
C ALA B 357 -6.88 54.08 46.01
N CYS B 358 -6.21 54.18 44.85
CA CYS B 358 -5.15 53.25 44.42
C CYS B 358 -3.93 53.33 45.35
N ALA B 359 -3.51 54.56 45.71
CA ALA B 359 -2.38 54.79 46.61
C ALA B 359 -2.72 54.33 48.04
N TRP B 360 -3.96 54.60 48.50
CA TRP B 360 -4.45 54.21 49.83
C TRP B 360 -4.50 52.67 49.99
N VAL B 361 -5.03 51.96 48.99
CA VAL B 361 -5.16 50.50 48.96
C VAL B 361 -3.78 49.82 48.94
N ALA B 362 -2.80 50.42 48.22
CA ALA B 362 -1.40 49.96 48.16
C ALA B 362 -0.73 49.97 49.55
N ARG B 363 -0.97 51.06 50.33
CA ARG B 363 -0.42 51.25 51.68
C ARG B 363 -1.10 50.31 52.68
N LEU B 364 -2.42 50.11 52.54
CA LEU B 364 -3.19 49.19 53.38
C LEU B 364 -2.68 47.76 53.17
N ALA B 365 -2.37 47.41 51.90
CA ALA B 365 -1.86 46.10 51.48
C ALA B 365 -0.51 45.79 52.13
N VAL B 366 0.42 46.77 52.14
CA VAL B 366 1.74 46.62 52.77
C VAL B 366 1.57 46.40 54.31
N ASP B 367 0.67 47.19 54.96
CA ASP B 367 0.37 47.09 56.39
C ASP B 367 -0.24 45.72 56.74
N PHE B 368 -1.14 45.18 55.88
CA PHE B 368 -1.73 43.84 56.09
C PHE B 368 -0.65 42.75 55.99
N ARG B 369 0.24 42.85 54.98
CA ARG B 369 1.34 41.90 54.75
C ARG B 369 2.27 41.94 55.97
N GLN B 370 2.59 43.14 56.48
CA GLN B 370 3.45 43.28 57.66
C GLN B 370 2.81 42.69 58.92
N ALA B 371 1.47 42.84 59.07
CA ALA B 371 0.75 42.34 60.25
C ALA B 371 0.54 40.84 60.24
N PHE B 372 0.26 40.23 59.08
CA PHE B 372 -0.07 38.81 59.08
C PHE B 372 0.87 37.91 58.27
N LYS B 373 1.88 38.49 57.59
CA LYS B 373 2.90 37.76 56.78
C LYS B 373 2.20 36.86 55.74
N LYS B 374 1.21 37.45 55.06
CA LYS B 374 0.36 36.76 54.10
C LYS B 374 0.12 37.65 52.85
N ASP B 375 -0.13 37.02 51.69
CA ASP B 375 -0.36 37.67 50.38
C ASP B 375 -1.57 38.58 50.41
N VAL B 376 -1.47 39.66 49.64
CA VAL B 376 -2.50 40.67 49.41
C VAL B 376 -2.55 40.87 47.92
N VAL B 377 -3.77 40.92 47.37
CA VAL B 377 -3.99 41.08 45.95
C VAL B 377 -4.74 42.40 45.69
N ILE B 378 -4.16 43.24 44.81
CA ILE B 378 -4.75 44.49 44.33
C ILE B 378 -5.14 44.29 42.86
N ASP B 379 -6.44 44.33 42.59
CA ASP B 379 -6.99 44.21 41.25
C ASP B 379 -7.26 45.63 40.73
N MET B 380 -6.33 46.23 39.96
CA MET B 380 -6.51 47.60 39.45
C MET B 380 -7.27 47.61 38.13
N LEU B 381 -8.51 48.02 38.16
CA LEU B 381 -9.36 48.08 36.95
C LEU B 381 -9.03 49.31 36.16
N CYS B 382 -8.64 49.08 34.91
CA CYS B 382 -8.22 50.12 34.01
C CYS B 382 -8.61 49.71 32.58
N TYR B 383 -7.91 50.26 31.59
CA TYR B 383 -8.18 49.93 30.18
C TYR B 383 -6.89 49.99 29.38
N ARG B 384 -6.93 49.46 28.18
CA ARG B 384 -5.81 49.51 27.25
C ARG B 384 -6.24 50.51 26.17
N ARG B 385 -5.71 51.72 26.24
CA ARG B 385 -6.04 52.84 25.33
C ARG B 385 -5.83 52.46 23.85
N ARG B 386 -4.67 51.87 23.54
CA ARG B 386 -4.34 51.53 22.16
C ARG B 386 -4.47 50.04 21.90
N GLY B 387 -4.16 49.65 20.66
CA GLY B 387 -4.15 48.27 20.20
C GLY B 387 -3.12 47.49 20.97
N HIS B 388 -3.27 46.14 20.95
CA HIS B 388 -2.33 45.25 21.62
C HIS B 388 -0.95 45.41 20.97
N ASN B 389 -0.88 45.55 19.64
CA ASN B 389 0.36 45.74 18.88
C ASN B 389 0.11 46.46 17.54
N GLU B 390 1.18 46.64 16.75
CA GLU B 390 1.23 47.32 15.45
C GLU B 390 0.06 47.01 14.49
N GLY B 391 -0.24 45.75 14.25
CA GLY B 391 -1.32 45.39 13.34
C GLY B 391 -2.69 45.25 13.97
N ASP B 392 -2.90 45.88 15.15
CA ASP B 392 -4.18 45.74 15.83
C ASP B 392 -5.02 47.01 15.85
N ASP B 393 -6.18 46.92 15.22
CA ASP B 393 -7.26 47.90 15.27
C ASP B 393 -8.21 47.23 16.27
N PRO B 394 -8.17 47.61 17.58
CA PRO B 394 -8.92 46.82 18.58
C PRO B 394 -10.44 46.84 18.38
N SER B 395 -10.97 47.80 17.61
CA SER B 395 -12.42 47.87 17.37
C SER B 395 -12.90 46.75 16.44
N MET B 396 -11.99 45.96 15.81
CA MET B 396 -12.38 44.81 14.95
C MET B 396 -13.02 43.71 15.77
N THR B 397 -12.47 43.47 16.98
CA THR B 397 -12.90 42.38 17.86
C THR B 397 -13.63 42.89 19.10
N GLN B 398 -13.32 44.12 19.59
CA GLN B 398 -14.03 44.67 20.75
C GLN B 398 -14.58 46.08 20.38
N PRO B 399 -15.54 46.16 19.42
CA PRO B 399 -16.02 47.48 18.99
C PRO B 399 -16.69 48.32 20.07
N TYR B 400 -17.40 47.68 21.03
CA TYR B 400 -18.13 48.40 22.08
C TYR B 400 -17.15 49.01 23.08
N MET B 401 -16.22 48.19 23.60
CA MET B 401 -15.18 48.61 24.53
C MET B 401 -14.40 49.82 23.96
N TYR B 402 -13.93 49.70 22.70
CA TYR B 402 -13.10 50.74 22.09
C TYR B 402 -13.89 51.98 21.67
N ASP B 403 -15.23 51.94 21.59
CA ASP B 403 -15.95 53.20 21.33
C ASP B 403 -16.04 53.98 22.66
N VAL B 404 -16.11 53.26 23.81
CA VAL B 404 -16.14 53.89 25.12
C VAL B 404 -14.71 54.43 25.43
N ILE B 405 -13.65 53.64 25.10
CA ILE B 405 -12.25 54.03 25.34
C ILE B 405 -11.90 55.31 24.56
N ASP B 406 -12.38 55.42 23.31
CA ASP B 406 -12.12 56.59 22.46
C ASP B 406 -12.67 57.88 23.09
N THR B 407 -13.71 57.79 23.94
CA THR B 407 -14.27 58.97 24.62
C THR B 407 -13.51 59.24 25.94
N LYS B 408 -12.66 58.30 26.37
CA LYS B 408 -11.90 58.42 27.63
C LYS B 408 -10.72 59.38 27.52
N ARG B 409 -10.59 60.24 28.54
CA ARG B 409 -9.45 61.13 28.75
C ARG B 409 -8.64 60.44 29.84
N GLY B 410 -7.31 60.45 29.72
CA GLY B 410 -6.41 59.78 30.67
C GLY B 410 -6.61 60.11 32.15
N SER B 411 -6.11 59.25 33.04
CA SER B 411 -6.26 59.41 34.47
C SER B 411 -5.44 60.60 35.01
N ARG B 412 -4.46 61.14 34.23
CA ARG B 412 -3.70 62.33 34.58
C ARG B 412 -4.60 63.56 34.41
N LYS B 413 -5.20 63.73 33.20
CA LYS B 413 -6.11 64.83 32.89
C LYS B 413 -7.34 64.78 33.80
N ALA B 414 -7.85 63.57 34.07
CA ALA B 414 -8.99 63.33 34.94
C ALA B 414 -8.71 63.75 36.39
N TYR B 415 -7.55 63.34 36.95
CA TYR B 415 -7.14 63.67 38.32
C TYR B 415 -6.80 65.16 38.47
N THR B 416 -6.25 65.81 37.41
CA THR B 416 -5.96 67.25 37.43
C THR B 416 -7.31 68.01 37.51
N GLU B 417 -8.33 67.54 36.77
CA GLU B 417 -9.68 68.11 36.72
C GLU B 417 -10.45 67.85 38.03
N ALA B 418 -10.34 66.61 38.58
CA ALA B 418 -11.00 66.20 39.84
C ALA B 418 -10.53 67.03 41.02
N LEU B 419 -9.24 67.44 41.02
CA LEU B 419 -8.64 68.29 42.05
C LEU B 419 -9.17 69.72 41.97
N ILE B 420 -9.54 70.19 40.75
CA ILE B 420 -10.11 71.54 40.55
C ILE B 420 -11.55 71.53 41.08
N GLY B 421 -12.32 70.52 40.66
CA GLY B 421 -13.71 70.31 41.04
C GLY B 421 -13.91 70.23 42.54
N ARG B 422 -12.98 69.54 43.23
CA ARG B 422 -12.95 69.38 44.69
C ARG B 422 -12.42 70.64 45.41
N GLY B 423 -11.83 71.57 44.65
CA GLY B 423 -11.24 72.80 45.18
C GLY B 423 -9.91 72.60 45.90
N ASP B 424 -9.30 71.41 45.72
CA ASP B 424 -8.01 71.03 46.33
C ASP B 424 -6.84 71.78 45.69
N ILE B 425 -6.93 72.10 44.37
CA ILE B 425 -5.90 72.86 43.65
C ILE B 425 -6.55 74.07 42.91
N SER B 426 -5.76 75.13 42.68
CA SER B 426 -6.20 76.36 41.99
C SER B 426 -5.94 76.26 40.49
N MET B 427 -6.39 77.26 39.70
CA MET B 427 -6.16 77.34 38.25
C MET B 427 -4.65 77.43 37.97
N LYS B 428 -3.95 78.30 38.73
CA LYS B 428 -2.49 78.49 38.65
C LYS B 428 -1.75 77.18 38.94
N GLU B 429 -2.19 76.42 39.97
CA GLU B 429 -1.62 75.14 40.39
C GLU B 429 -1.83 74.09 39.30
N ALA B 430 -3.04 74.09 38.68
CA ALA B 430 -3.45 73.17 37.59
C ALA B 430 -2.68 73.47 36.32
N GLU B 431 -2.43 74.77 36.04
CA GLU B 431 -1.64 75.24 34.91
C GLU B 431 -0.17 74.87 35.11
N ASP B 432 0.34 74.98 36.37
CA ASP B 432 1.72 74.65 36.74
C ASP B 432 1.97 73.14 36.63
N ALA B 433 0.96 72.34 37.03
CA ALA B 433 0.95 70.88 36.97
C ALA B 433 1.00 70.43 35.49
N LEU B 434 0.32 71.19 34.60
CA LEU B 434 0.31 70.97 33.16
C LEU B 434 1.68 71.34 32.55
N ARG B 435 2.41 72.29 33.19
CA ARG B 435 3.75 72.71 32.77
C ARG B 435 4.84 71.84 33.43
N ASP B 436 4.46 71.02 34.43
CA ASP B 436 5.35 70.03 35.06
C ASP B 436 5.40 68.86 34.10
N TYR B 437 4.24 68.58 33.46
CA TYR B 437 4.04 67.55 32.43
C TYR B 437 4.95 67.85 31.24
N GLN B 438 4.85 69.08 30.70
CA GLN B 438 5.61 69.60 29.57
C GLN B 438 7.13 69.55 29.81
N GLY B 439 7.56 69.91 31.02
CA GLY B 439 8.97 69.86 31.42
C GLY B 439 9.51 68.43 31.36
N GLN B 440 8.79 67.46 31.99
CA GLN B 440 9.13 66.04 31.98
C GLN B 440 9.15 65.48 30.56
N LEU B 441 8.19 65.92 29.71
CA LEU B 441 8.09 65.52 28.30
C LEU B 441 9.36 65.97 27.53
N GLU B 442 9.82 67.22 27.76
CA GLU B 442 11.01 67.83 27.19
C GLU B 442 12.27 67.14 27.66
N ARG B 443 12.41 66.95 28.99
CA ARG B 443 13.55 66.33 29.67
C ARG B 443 13.91 64.96 29.07
N VAL B 444 12.91 64.07 28.87
CA VAL B 444 13.20 62.74 28.34
C VAL B 444 13.62 62.87 26.84
N PHE B 445 12.99 63.77 26.06
CA PHE B 445 13.40 64.00 24.66
C PHE B 445 14.82 64.56 24.58
N ASN B 446 15.18 65.51 25.46
CA ASN B 446 16.49 66.15 25.54
C ASN B 446 17.60 65.19 26.00
N GLU B 447 17.38 64.46 27.13
CA GLU B 447 18.36 63.53 27.71
C GLU B 447 18.71 62.41 26.71
N VAL B 448 17.71 61.91 25.96
CA VAL B 448 17.88 60.87 24.96
C VAL B 448 18.56 61.49 23.71
N ARG B 449 18.24 62.75 23.35
CA ARG B 449 18.89 63.47 22.24
C ARG B 449 20.39 63.59 22.53
N GLU B 450 20.73 64.00 23.78
CA GLU B 450 22.10 64.14 24.29
C GLU B 450 22.81 62.78 24.33
N LEU B 451 22.06 61.69 24.60
CA LEU B 451 22.58 60.33 24.66
C LEU B 451 23.04 59.88 23.25
N GLU B 452 22.17 60.05 22.22
CA GLU B 452 22.41 59.68 20.82
C GLU B 452 23.66 60.35 20.21
N LYS B 453 23.99 61.58 20.69
CA LYS B 453 25.15 62.36 20.26
C LYS B 453 26.48 61.70 20.70
N HIS B 454 26.53 61.13 21.92
CA HIS B 454 27.69 60.45 22.47
C HIS B 454 27.87 59.07 21.82
N LEU B 472 41.25 23.95 41.26
CA LEU B 472 40.55 23.72 42.53
C LEU B 472 40.49 22.21 42.88
N ALA B 473 40.94 21.87 44.10
CA ALA B 473 40.94 20.50 44.60
C ALA B 473 39.68 20.21 45.41
N THR B 474 39.02 19.08 45.11
CA THR B 474 37.76 18.68 45.75
C THR B 474 37.97 17.59 46.82
N ALA B 475 39.18 17.02 46.93
CA ALA B 475 39.47 15.98 47.92
C ALA B 475 39.42 16.55 49.35
N VAL B 476 38.95 15.74 50.32
CA VAL B 476 38.86 16.12 51.73
C VAL B 476 39.76 15.17 52.56
N ASP B 477 40.04 15.52 53.82
CA ASP B 477 40.85 14.65 54.68
C ASP B 477 39.95 13.56 55.28
N LYS B 478 40.54 12.40 55.69
CA LYS B 478 39.81 11.28 56.30
C LYS B 478 39.04 11.75 57.53
N ALA B 479 39.60 12.73 58.30
CA ALA B 479 38.97 13.30 59.50
C ALA B 479 37.65 14.00 59.17
N MET B 480 37.51 14.56 57.94
CA MET B 480 36.28 15.20 57.48
C MET B 480 35.18 14.15 57.31
N LEU B 481 35.53 13.00 56.67
CA LEU B 481 34.60 11.89 56.44
C LEU B 481 34.14 11.32 57.77
N GLN B 482 35.10 11.11 58.69
CA GLN B 482 34.85 10.57 60.04
C GLN B 482 33.89 11.44 60.82
N ARG B 483 34.06 12.75 60.70
CA ARG B 483 33.23 13.76 61.36
C ARG B 483 31.79 13.70 60.87
N ILE B 484 31.57 13.59 59.54
CA ILE B 484 30.23 13.52 58.94
C ILE B 484 29.59 12.17 59.36
N GLY B 485 30.40 11.12 59.46
CA GLY B 485 29.98 9.80 59.93
C GLY B 485 29.55 9.83 61.37
N ASP B 486 30.37 10.47 62.24
CA ASP B 486 30.11 10.64 63.68
C ASP B 486 28.85 11.46 63.94
N ALA B 487 28.57 12.49 63.10
CA ALA B 487 27.40 13.38 63.20
C ALA B 487 26.07 12.61 63.18
N HIS B 488 26.01 11.51 62.40
CA HIS B 488 24.83 10.63 62.27
C HIS B 488 24.51 9.89 63.58
N LEU B 489 25.47 9.83 64.53
CA LEU B 489 25.30 9.18 65.83
C LEU B 489 25.28 10.20 66.98
N ALA B 490 25.55 11.49 66.69
CA ALA B 490 25.55 12.55 67.71
C ALA B 490 24.13 13.08 67.91
N LEU B 491 23.27 12.19 68.42
CA LEU B 491 21.85 12.44 68.68
C LEU B 491 21.60 13.36 69.86
N PRO B 492 20.58 14.26 69.79
CA PRO B 492 20.25 15.10 70.97
C PRO B 492 19.79 14.22 72.13
N GLU B 493 19.99 14.69 73.38
CA GLU B 493 19.62 13.94 74.58
C GLU B 493 18.13 13.54 74.53
N GLY B 494 17.86 12.28 74.86
CA GLY B 494 16.52 11.70 74.88
C GLY B 494 15.85 11.47 73.54
N PHE B 495 16.61 11.60 72.42
CA PHE B 495 16.07 11.38 71.08
C PHE B 495 15.88 9.87 70.80
N THR B 496 14.70 9.48 70.26
CA THR B 496 14.40 8.09 69.91
C THR B 496 14.45 7.92 68.37
N VAL B 497 15.41 7.13 67.90
CA VAL B 497 15.54 6.84 66.48
C VAL B 497 14.58 5.69 66.14
N HIS B 498 13.90 5.78 64.99
CA HIS B 498 13.04 4.71 64.51
C HIS B 498 13.91 3.46 64.28
N PRO B 499 13.46 2.26 64.73
CA PRO B 499 14.29 1.05 64.60
C PRO B 499 14.90 0.76 63.22
N ARG B 500 14.26 1.19 62.13
CA ARG B 500 14.77 0.98 60.75
C ARG B 500 15.73 2.08 60.29
N VAL B 501 15.82 3.19 61.02
CA VAL B 501 16.72 4.31 60.65
C VAL B 501 18.08 4.17 61.37
N ARG B 502 18.07 3.66 62.62
CA ARG B 502 19.25 3.43 63.44
C ARG B 502 20.35 2.65 62.67
N PRO B 503 20.10 1.50 61.97
CA PRO B 503 21.20 0.81 61.26
C PRO B 503 21.85 1.65 60.15
N VAL B 504 21.08 2.58 59.53
CA VAL B 504 21.54 3.48 58.47
C VAL B 504 22.59 4.44 59.07
N LEU B 505 22.30 4.98 60.25
CA LEU B 505 23.19 5.90 60.95
C LEU B 505 24.49 5.21 61.40
N GLU B 506 24.38 3.96 61.92
CA GLU B 506 25.52 3.16 62.35
C GLU B 506 26.39 2.70 61.14
N LYS B 507 25.76 2.37 59.98
CA LYS B 507 26.48 1.98 58.75
C LYS B 507 27.19 3.16 58.14
N ARG B 508 26.72 4.41 58.40
CA ARG B 508 27.37 5.63 57.90
C ARG B 508 28.63 5.94 58.68
N ARG B 509 28.62 5.70 60.01
CA ARG B 509 29.83 5.83 60.83
C ARG B 509 30.85 4.79 60.36
N GLU B 510 30.39 3.54 60.10
CA GLU B 510 31.20 2.42 59.61
C GLU B 510 31.81 2.78 58.24
N MET B 511 30.98 3.28 57.28
CA MET B 511 31.45 3.66 55.95
C MET B 511 32.53 4.76 55.99
N ALA B 512 32.36 5.77 56.87
CA ALA B 512 33.25 6.90 57.03
C ALA B 512 34.65 6.49 57.50
N TYR B 513 34.75 5.43 58.33
CA TYR B 513 36.02 4.93 58.88
C TYR B 513 36.59 3.74 58.11
N GLU B 514 35.72 2.89 57.53
CA GLU B 514 36.15 1.63 56.91
C GLU B 514 36.01 1.55 55.37
N GLY B 515 35.28 2.47 54.75
CA GLY B 515 35.09 2.45 53.31
C GLY B 515 33.80 1.80 52.87
N ARG B 516 33.76 1.35 51.58
CA ARG B 516 32.57 0.78 50.92
C ARG B 516 31.40 1.82 50.98
N ILE B 517 31.75 3.11 50.83
CA ILE B 517 30.81 4.23 50.89
C ILE B 517 29.81 4.12 49.72
N ASP B 518 28.51 4.12 50.04
CA ASP B 518 27.46 4.02 49.03
C ASP B 518 27.11 5.42 48.48
N TRP B 519 26.26 5.47 47.44
CA TRP B 519 25.85 6.68 46.75
C TRP B 519 25.19 7.71 47.70
N ALA B 520 24.20 7.28 48.46
CA ALA B 520 23.42 8.13 49.37
C ALA B 520 24.31 8.81 50.40
N PHE B 521 25.30 8.08 50.96
CA PHE B 521 26.21 8.66 51.94
C PHE B 521 27.22 9.58 51.27
N ALA B 522 27.70 9.23 50.06
CA ALA B 522 28.64 10.06 49.29
C ALA B 522 28.05 11.46 49.04
N GLU B 523 26.75 11.53 48.73
CA GLU B 523 26.04 12.80 48.55
C GLU B 523 26.10 13.65 49.82
N LEU B 524 25.83 13.04 50.99
CA LEU B 524 25.85 13.75 52.28
C LEU B 524 27.28 14.12 52.69
N LEU B 525 28.27 13.32 52.27
CA LEU B 525 29.67 13.62 52.52
C LEU B 525 30.05 14.91 51.76
N ALA B 526 29.56 15.06 50.51
CA ALA B 526 29.82 16.26 49.67
C ALA B 526 29.16 17.48 50.27
N LEU B 527 27.87 17.37 50.64
CA LEU B 527 27.10 18.49 51.17
C LEU B 527 27.59 18.87 52.56
N GLY B 528 27.87 17.88 53.41
CA GLY B 528 28.40 18.08 54.76
C GLY B 528 29.73 18.81 54.77
N SER B 529 30.67 18.37 53.92
CA SER B 529 32.01 18.96 53.80
C SER B 529 31.93 20.41 53.29
N LEU B 530 30.94 20.72 52.41
CA LEU B 530 30.71 22.10 51.94
C LEU B 530 30.20 22.97 53.09
N ILE B 531 29.26 22.45 53.94
CA ILE B 531 28.71 23.15 55.12
C ILE B 531 29.87 23.42 56.10
N ALA B 532 30.77 22.40 56.32
CA ALA B 532 31.93 22.53 57.21
C ALA B 532 32.88 23.61 56.73
N GLU B 533 32.94 23.83 55.40
CA GLU B 533 33.79 24.85 54.76
C GLU B 533 33.09 26.24 54.71
N GLY B 534 31.87 26.35 55.25
CA GLY B 534 31.14 27.61 55.33
C GLY B 534 30.07 27.87 54.29
N LYS B 535 29.76 26.89 53.43
CA LYS B 535 28.76 27.06 52.38
C LYS B 535 27.31 26.80 52.85
N LEU B 536 26.38 27.64 52.38
CA LEU B 536 24.95 27.43 52.61
C LEU B 536 24.48 26.38 51.60
N VAL B 537 23.81 25.32 52.08
CA VAL B 537 23.30 24.25 51.22
C VAL B 537 21.79 24.16 51.37
N ARG B 538 21.06 24.34 50.26
CA ARG B 538 19.63 24.24 50.19
C ARG B 538 19.29 23.05 49.31
N LEU B 539 18.61 22.05 49.89
CA LEU B 539 18.20 20.82 49.21
C LEU B 539 16.69 20.64 49.37
N SER B 540 15.96 20.43 48.26
CA SER B 540 14.52 20.22 48.36
C SER B 540 14.00 19.42 47.17
N GLY B 541 12.79 18.91 47.31
CA GLY B 541 12.11 18.10 46.31
C GLY B 541 11.06 17.26 47.01
N GLN B 542 10.31 16.46 46.25
CA GLN B 542 9.23 15.66 46.83
C GLN B 542 9.83 14.55 47.68
N ASP B 543 9.49 14.56 48.99
CA ASP B 543 9.95 13.59 50.00
C ASP B 543 11.49 13.49 50.08
N THR B 544 12.18 14.63 49.82
CA THR B 544 13.64 14.74 49.78
C THR B 544 14.29 14.55 51.17
N GLN B 545 13.58 14.89 52.27
CA GLN B 545 14.19 14.72 53.60
C GLN B 545 14.53 13.24 53.85
N ARG B 546 13.63 12.32 53.47
CA ARG B 546 13.89 10.90 53.68
C ARG B 546 14.52 10.28 52.43
N GLY B 547 14.05 10.72 51.26
CA GLY B 547 14.44 10.15 49.98
C GLY B 547 13.32 9.22 49.51
N THR B 548 12.93 9.40 48.22
CA THR B 548 11.94 8.57 47.51
C THR B 548 12.29 7.10 47.69
N PHE B 549 13.60 6.75 47.65
CA PHE B 549 14.04 5.36 47.73
C PHE B 549 14.54 4.99 49.12
N THR B 550 14.05 5.69 50.17
CA THR B 550 14.36 5.51 51.61
C THR B 550 15.87 5.47 51.82
N GLN B 551 16.62 6.21 51.01
CA GLN B 551 18.08 6.15 51.06
C GLN B 551 18.75 7.35 51.78
N ARG B 552 18.13 8.54 51.80
CA ARG B 552 18.82 9.75 52.28
C ARG B 552 18.84 9.93 53.79
N HIS B 553 17.66 10.08 54.43
CA HIS B 553 17.50 10.35 55.87
C HIS B 553 18.35 11.56 56.25
N ALA B 554 18.15 12.70 55.52
CA ALA B 554 18.82 13.99 55.77
C ALA B 554 18.24 14.58 57.06
N VAL B 555 16.96 14.29 57.30
CA VAL B 555 16.21 14.61 58.51
C VAL B 555 15.70 13.29 59.06
N ILE B 556 15.86 13.05 60.36
CA ILE B 556 15.33 11.84 61.00
C ILE B 556 14.28 12.32 62.02
N VAL B 557 13.26 11.49 62.28
CA VAL B 557 12.13 11.86 63.10
C VAL B 557 12.08 11.03 64.39
N ASP B 558 11.93 11.72 65.53
CA ASP B 558 11.81 11.09 66.84
C ASP B 558 10.56 10.16 66.84
N ARG B 559 10.76 8.86 67.17
CA ARG B 559 9.71 7.83 67.16
C ARG B 559 8.58 8.13 68.17
N LYS B 560 8.91 8.77 69.32
CA LYS B 560 7.94 9.12 70.36
C LYS B 560 7.45 10.58 70.33
N THR B 561 8.23 11.55 69.80
CA THR B 561 7.76 12.96 69.82
C THR B 561 7.48 13.56 68.44
N GLY B 562 8.13 13.04 67.39
CA GLY B 562 7.99 13.57 66.05
C GLY B 562 8.95 14.71 65.79
N GLU B 563 9.83 15.02 66.76
CA GLU B 563 10.87 16.06 66.63
C GLU B 563 11.86 15.66 65.53
N GLU B 564 12.16 16.62 64.65
CA GLU B 564 13.11 16.42 63.55
C GLU B 564 14.53 16.69 64.03
N PHE B 565 15.49 15.87 63.56
CA PHE B 565 16.93 16.00 63.80
C PHE B 565 17.64 15.98 62.46
N THR B 566 18.53 16.95 62.22
CA THR B 566 19.27 17.07 60.96
C THR B 566 20.76 16.85 61.23
N PRO B 567 21.27 15.60 61.05
CA PRO B 567 22.69 15.33 61.33
C PRO B 567 23.70 16.29 60.66
N LEU B 568 23.51 16.64 59.36
CA LEU B 568 24.46 17.52 58.66
C LEU B 568 24.52 18.95 59.23
N GLN B 569 23.52 19.38 60.02
CA GLN B 569 23.48 20.71 60.62
C GLN B 569 24.56 20.87 61.71
N LEU B 570 25.12 19.77 62.23
CA LEU B 570 26.20 19.81 63.23
C LEU B 570 27.52 20.29 62.59
N LEU B 571 27.69 20.07 61.28
CA LEU B 571 28.88 20.47 60.51
C LEU B 571 28.92 21.99 60.31
N ALA B 572 27.82 22.70 60.66
CA ALA B 572 27.75 24.17 60.62
C ALA B 572 28.51 24.79 61.81
N THR B 573 28.99 23.95 62.74
CA THR B 573 29.74 24.33 63.93
C THR B 573 31.11 23.64 63.89
N ASN B 574 32.21 24.41 64.01
CA ASN B 574 33.57 23.89 64.01
C ASN B 574 33.85 23.09 65.30
N PRO B 575 34.87 22.18 65.32
CA PRO B 575 35.18 21.43 66.57
C PRO B 575 35.42 22.32 67.81
N ASP B 576 35.92 23.56 67.62
CA ASP B 576 36.14 24.51 68.73
C ASP B 576 34.80 25.09 69.27
N GLY B 577 33.73 25.01 68.48
CA GLY B 577 32.40 25.49 68.85
C GLY B 577 31.93 26.74 68.13
N THR B 578 32.80 27.35 67.30
CA THR B 578 32.47 28.56 66.54
C THR B 578 31.69 28.19 65.28
N PRO B 579 30.82 29.09 64.73
CA PRO B 579 30.12 28.74 63.48
C PRO B 579 31.05 28.77 62.27
N THR B 580 30.78 27.92 61.26
CA THR B 580 31.58 27.85 60.02
C THR B 580 31.07 28.88 59.01
N GLY B 581 29.84 29.35 59.21
CA GLY B 581 29.14 30.25 58.31
C GLY B 581 28.21 29.47 57.39
N GLY B 582 28.31 28.14 57.44
CA GLY B 582 27.49 27.22 56.66
C GLY B 582 26.17 26.89 57.29
N LYS B 583 25.26 26.27 56.52
CA LYS B 583 23.91 25.92 56.97
C LYS B 583 23.31 24.86 56.05
N PHE B 584 22.52 23.93 56.62
CA PHE B 584 21.83 22.91 55.86
C PHE B 584 20.33 23.20 55.92
N LEU B 585 19.75 23.50 54.76
CA LEU B 585 18.34 23.82 54.61
C LEU B 585 17.70 22.76 53.75
N VAL B 586 17.08 21.75 54.40
CA VAL B 586 16.48 20.64 53.67
C VAL B 586 14.96 20.60 53.89
N TYR B 587 14.21 20.52 52.76
CA TYR B 587 12.76 20.51 52.85
C TYR B 587 12.11 19.51 51.96
N ASN B 588 10.92 19.09 52.36
CA ASN B 588 9.99 18.35 51.53
C ASN B 588 9.24 19.42 50.76
N SER B 589 9.17 19.29 49.45
CA SER B 589 8.46 20.27 48.65
C SER B 589 6.95 19.93 48.57
N ALA B 590 6.18 20.86 47.98
CA ALA B 590 4.77 20.65 47.67
C ALA B 590 4.77 19.73 46.45
N LEU B 591 3.60 19.14 46.10
CA LEU B 591 3.54 18.29 44.92
C LEU B 591 3.44 19.19 43.66
N SER B 592 4.55 19.87 43.35
CA SER B 592 4.75 20.79 42.24
C SER B 592 6.12 20.58 41.62
N GLU B 593 6.20 20.77 40.30
CA GLU B 593 7.45 20.72 39.56
C GLU B 593 7.75 22.12 39.06
N PHE B 594 6.79 22.77 38.36
CA PHE B 594 6.94 24.10 37.77
C PHE B 594 7.33 25.15 38.80
N ALA B 595 6.52 25.31 39.90
CA ALA B 595 6.84 26.29 40.92
C ALA B 595 8.10 25.94 41.70
N ALA B 596 8.28 24.66 42.10
CA ALA B 596 9.44 24.23 42.88
C ALA B 596 10.78 24.43 42.10
N VAL B 597 10.86 24.03 40.82
CA VAL B 597 12.06 24.21 39.98
C VAL B 597 12.29 25.73 39.76
N GLY B 598 11.22 26.48 39.47
CA GLY B 598 11.29 27.93 39.34
C GLY B 598 11.83 28.59 40.60
N PHE B 599 11.38 28.10 41.77
CA PHE B 599 11.79 28.61 43.09
C PHE B 599 13.29 28.39 43.32
N GLU B 600 13.77 27.14 43.12
CA GLU B 600 15.18 26.79 43.31
C GLU B 600 16.07 27.52 42.32
N TYR B 601 15.62 27.69 41.05
CA TYR B 601 16.36 28.51 40.10
C TYR B 601 16.49 29.93 40.66
N GLY B 602 15.36 30.51 41.10
CA GLY B 602 15.33 31.84 41.70
C GLY B 602 16.21 31.98 42.92
N TYR B 603 16.22 30.95 43.79
CA TYR B 603 17.03 30.93 44.99
C TYR B 603 18.54 31.04 44.66
N SER B 604 19.04 30.26 43.63
CA SER B 604 20.45 30.34 43.23
C SER B 604 20.83 31.72 42.66
N VAL B 605 19.90 32.39 41.96
CA VAL B 605 20.10 33.76 41.45
C VAL B 605 20.19 34.74 42.65
N GLY B 606 19.30 34.56 43.65
CA GLY B 606 19.24 35.40 44.84
C GLY B 606 20.49 35.30 45.71
N ASN B 607 21.10 34.08 45.78
CA ASN B 607 22.33 33.86 46.53
C ASN B 607 23.28 33.02 45.66
N PRO B 608 24.15 33.72 44.88
CA PRO B 608 25.11 32.99 44.01
C PRO B 608 26.11 32.13 44.78
N ASP B 609 26.27 32.36 46.11
CA ASP B 609 27.19 31.63 46.97
C ASP B 609 26.56 30.38 47.58
N ALA B 610 25.23 30.22 47.39
CA ALA B 610 24.51 29.06 47.91
C ALA B 610 24.65 27.85 46.99
N MET B 611 24.62 26.66 47.59
CA MET B 611 24.58 25.38 46.89
C MET B 611 23.10 25.01 46.87
N VAL B 612 22.44 25.07 45.70
CA VAL B 612 20.98 24.86 45.57
C VAL B 612 20.72 23.63 44.72
N LEU B 613 20.06 22.62 45.33
CA LEU B 613 19.75 21.37 44.64
C LEU B 613 18.27 21.08 44.72
N TRP B 614 17.65 20.81 43.59
CA TRP B 614 16.24 20.42 43.51
C TRP B 614 16.22 18.98 43.04
N GLU B 615 15.42 18.16 43.68
CA GLU B 615 15.35 16.76 43.32
C GLU B 615 13.98 16.35 42.81
N ALA B 616 13.93 15.79 41.58
CA ALA B 616 12.69 15.23 41.04
C ALA B 616 12.39 13.91 41.74
N GLN B 617 11.11 13.56 41.92
CA GLN B 617 10.75 12.28 42.54
C GLN B 617 11.36 11.16 41.67
N PHE B 618 11.19 11.31 40.35
CA PHE B 618 11.71 10.55 39.23
C PHE B 618 11.95 11.59 38.17
N GLY B 619 13.03 11.44 37.39
CA GLY B 619 13.33 12.40 36.34
C GLY B 619 12.19 12.59 35.35
N ASP B 620 11.31 11.56 35.22
CA ASP B 620 10.16 11.55 34.29
C ASP B 620 9.12 12.71 34.53
N PHE B 621 9.14 13.33 35.73
CA PHE B 621 8.17 14.37 36.09
C PHE B 621 8.74 15.77 35.95
N VAL B 622 10.03 15.90 35.54
CA VAL B 622 10.66 17.20 35.37
C VAL B 622 10.08 17.93 34.12
N ASN B 623 9.42 17.20 33.18
CA ASN B 623 8.79 17.82 32.01
C ASN B 623 7.62 18.75 32.44
N GLY B 624 7.13 18.60 33.67
CA GLY B 624 6.12 19.48 34.28
C GLY B 624 6.70 20.85 34.58
N ALA B 625 8.05 20.98 34.52
CA ALA B 625 8.78 22.23 34.73
C ALA B 625 9.50 22.67 33.44
N GLN B 626 9.06 22.18 32.26
CA GLN B 626 9.70 22.47 30.98
C GLN B 626 9.88 23.95 30.70
N SER B 627 8.89 24.81 31.04
CA SER B 627 9.01 26.27 30.80
C SER B 627 10.21 26.86 31.56
N ILE B 628 10.50 26.35 32.76
CA ILE B 628 11.62 26.85 33.59
C ILE B 628 12.94 26.37 32.99
N ILE B 629 13.04 25.09 32.64
CA ILE B 629 14.21 24.50 32.01
C ILE B 629 14.53 25.27 30.72
N ASP B 630 13.51 25.43 29.82
CA ASP B 630 13.66 26.10 28.53
C ASP B 630 13.95 27.60 28.62
N GLU B 631 13.18 28.31 29.45
CA GLU B 631 13.22 29.78 29.51
C GLU B 631 14.15 30.37 30.53
N PHE B 632 14.57 29.61 31.56
CA PHE B 632 15.43 30.19 32.60
C PHE B 632 16.75 29.48 32.73
N ILE B 633 16.70 28.18 33.13
CA ILE B 633 17.88 27.39 33.44
C ILE B 633 18.86 27.29 32.24
N SER B 634 18.39 26.78 31.10
CA SER B 634 19.25 26.53 29.94
C SER B 634 19.68 27.77 29.18
N SER B 635 18.94 28.88 29.30
CA SER B 635 19.14 30.05 28.44
C SER B 635 19.23 31.44 29.11
N GLY B 636 18.96 31.57 30.41
CA GLY B 636 19.02 32.86 31.11
C GLY B 636 20.34 33.61 30.97
N GLU B 637 21.49 32.88 31.02
CA GLU B 637 22.83 33.47 30.93
C GLU B 637 23.04 34.16 29.57
N ALA B 638 22.82 33.43 28.44
CA ALA B 638 23.00 34.00 27.11
C ALA B 638 21.99 35.12 26.82
N LYS B 639 20.74 34.98 27.25
CA LYS B 639 19.71 35.98 26.96
C LYS B 639 19.79 37.22 27.82
N TRP B 640 20.05 37.07 29.13
CA TRP B 640 19.99 38.24 30.02
C TRP B 640 21.27 38.53 30.82
N GLY B 641 22.28 37.67 30.69
CA GLY B 641 23.50 37.79 31.49
C GLY B 641 23.21 37.37 32.93
N GLN B 642 22.05 36.69 33.15
CA GLN B 642 21.63 36.24 34.48
C GLN B 642 22.18 34.85 34.71
N LEU B 643 22.93 34.69 35.79
CA LEU B 643 23.60 33.45 36.11
C LEU B 643 22.92 32.69 37.25
N SER B 644 22.94 31.37 37.11
CA SER B 644 22.39 30.45 38.09
C SER B 644 23.27 29.21 38.21
N ASP B 645 23.45 28.73 39.44
CA ASP B 645 24.27 27.56 39.76
C ASP B 645 23.35 26.44 40.27
N VAL B 646 22.05 26.49 39.93
CA VAL B 646 21.08 25.51 40.39
C VAL B 646 21.45 24.06 39.91
N VAL B 647 21.22 23.07 40.79
CA VAL B 647 21.44 21.66 40.49
C VAL B 647 20.08 20.97 40.38
N LEU B 648 19.87 20.19 39.31
CA LEU B 648 18.69 19.37 39.16
C LEU B 648 19.12 17.91 39.27
N LEU B 649 18.56 17.20 40.25
CA LEU B 649 18.83 15.77 40.49
C LEU B 649 17.67 14.98 39.90
N LEU B 650 17.94 14.18 38.86
CA LEU B 650 16.89 13.44 38.14
C LEU B 650 17.07 11.93 38.20
N PRO B 651 16.32 11.20 39.09
CA PRO B 651 16.44 9.72 39.13
C PRO B 651 16.08 9.14 37.77
N HIS B 652 17.05 8.41 37.21
CA HIS B 652 17.02 7.88 35.86
C HIS B 652 17.52 6.44 35.82
N GLY B 653 16.94 5.63 34.94
CA GLY B 653 17.37 4.25 34.72
C GLY B 653 16.29 3.28 34.29
N HIS B 654 16.61 2.41 33.34
CA HIS B 654 15.68 1.36 32.85
C HIS B 654 15.69 0.19 33.81
N GLU B 655 14.56 -0.02 34.53
CA GLU B 655 14.43 -1.08 35.54
C GLU B 655 13.10 -1.85 35.43
N GLY B 656 12.31 -1.58 34.40
CA GLY B 656 11.02 -2.25 34.19
C GLY B 656 9.85 -1.65 34.95
N GLN B 657 9.96 -0.39 35.42
CA GLN B 657 8.87 0.26 36.16
C GLN B 657 8.00 1.18 35.28
N GLY B 658 8.13 1.06 33.97
CA GLY B 658 7.28 1.77 33.02
C GLY B 658 7.80 3.08 32.46
N PRO B 659 7.04 3.67 31.49
CA PRO B 659 7.53 4.89 30.81
C PRO B 659 7.57 6.18 31.64
N ASP B 660 7.00 6.17 32.87
CA ASP B 660 7.00 7.32 33.75
C ASP B 660 7.83 7.10 34.99
N HIS B 661 8.62 6.03 35.01
CA HIS B 661 9.56 5.74 36.10
C HIS B 661 10.85 5.20 35.48
N THR B 662 11.24 5.74 34.33
CA THR B 662 12.44 5.26 33.64
C THR B 662 13.40 6.37 33.19
N SER B 663 12.90 7.54 32.74
CA SER B 663 13.79 8.48 32.10
C SER B 663 13.58 9.95 32.49
N GLY B 664 14.72 10.64 32.67
CA GLY B 664 14.77 12.06 32.91
C GLY B 664 14.97 12.81 31.61
N ARG B 665 14.90 12.06 30.47
CA ARG B 665 15.05 12.53 29.08
C ARG B 665 16.39 13.24 28.87
N ILE B 666 17.49 12.49 29.00
CA ILE B 666 18.89 12.95 28.77
C ILE B 666 18.99 13.70 27.43
N GLU B 667 18.42 13.10 26.35
CA GLU B 667 18.43 13.60 24.97
C GLU B 667 17.91 15.04 24.86
N ARG B 668 16.94 15.42 25.72
CA ARG B 668 16.33 16.75 25.73
C ARG B 668 17.28 17.77 26.34
N PHE B 669 17.96 17.43 27.44
CA PHE B 669 18.92 18.34 28.08
C PHE B 669 20.15 18.52 27.19
N LEU B 670 20.58 17.43 26.49
CA LEU B 670 21.74 17.47 25.58
C LEU B 670 21.44 18.33 24.34
N GLN B 671 20.17 18.33 23.89
CA GLN B 671 19.70 19.12 22.76
C GLN B 671 19.65 20.60 23.16
N LEU B 672 19.27 20.90 24.43
CA LEU B 672 19.21 22.27 24.94
C LEU B 672 20.59 22.90 25.13
N TRP B 673 21.58 22.05 25.47
CA TRP B 673 22.97 22.45 25.73
C TRP B 673 23.63 23.12 24.49
N ALA B 674 24.44 24.13 24.78
CA ALA B 674 25.33 24.88 23.88
C ALA B 674 26.47 25.37 24.75
N GLU B 675 27.71 25.30 24.23
CA GLU B 675 28.96 25.59 24.94
C GLU B 675 28.80 26.56 26.11
N GLY B 676 29.11 26.04 27.29
CA GLY B 676 29.13 26.74 28.56
C GLY B 676 27.80 27.17 29.14
N SER B 677 26.68 26.53 28.75
CA SER B 677 25.41 26.94 29.34
C SER B 677 25.09 26.07 30.53
N MET B 678 25.36 24.77 30.44
CA MET B 678 25.08 23.81 31.52
C MET B 678 26.13 22.74 31.60
N THR B 679 26.18 22.04 32.74
CA THR B 679 26.98 20.84 32.93
C THR B 679 25.96 19.71 33.05
N ILE B 680 26.14 18.62 32.30
CA ILE B 680 25.23 17.47 32.31
C ILE B 680 26.05 16.23 32.61
N ALA B 681 25.69 15.51 33.66
CA ALA B 681 26.44 14.33 34.07
C ALA B 681 25.55 13.16 34.48
N MET B 682 26.13 11.94 34.38
CA MET B 682 25.49 10.70 34.77
CA MET B 682 25.49 10.70 34.77
C MET B 682 26.57 9.84 35.46
N PRO B 683 26.91 10.13 36.75
CA PRO B 683 27.96 9.37 37.43
C PRO B 683 27.57 7.92 37.70
N SER B 684 28.57 7.03 37.70
CA SER B 684 28.40 5.60 37.93
C SER B 684 28.92 5.18 39.31
N THR B 685 29.67 6.05 40.01
CA THR B 685 30.20 5.68 41.33
C THR B 685 29.87 6.77 42.38
N PRO B 686 29.74 6.38 43.67
CA PRO B 686 29.49 7.37 44.74
C PRO B 686 30.57 8.47 44.82
N ALA B 687 31.86 8.07 44.76
CA ALA B 687 32.98 9.03 44.86
C ALA B 687 32.98 10.03 43.71
N ASN B 688 32.66 9.58 42.48
CA ASN B 688 32.64 10.48 41.35
C ASN B 688 31.49 11.49 41.48
N TYR B 689 30.35 11.09 42.09
CA TYR B 689 29.21 11.97 42.38
C TYR B 689 29.61 13.02 43.43
N PHE B 690 30.27 12.56 44.51
CA PHE B 690 30.80 13.40 45.60
C PHE B 690 31.67 14.53 45.02
N HIS B 691 32.64 14.18 44.14
CA HIS B 691 33.56 15.13 43.52
C HIS B 691 32.84 16.06 42.53
N LEU B 692 31.79 15.56 41.84
CA LEU B 692 30.98 16.35 40.90
C LEU B 692 30.28 17.50 41.65
N LEU B 693 29.67 17.20 42.84
CA LEU B 693 28.97 18.19 43.68
C LEU B 693 29.94 19.18 44.30
N ARG B 694 31.11 18.70 44.73
CA ARG B 694 32.14 19.54 45.35
C ARG B 694 32.78 20.45 44.32
N ARG B 695 33.03 19.97 43.09
CA ARG B 695 33.57 20.81 42.01
C ARG B 695 32.56 21.93 41.71
N HIS B 696 31.28 21.56 41.57
CA HIS B 696 30.19 22.48 41.26
C HIS B 696 30.02 23.60 42.32
N GLY B 697 30.18 23.27 43.59
CA GLY B 697 30.07 24.25 44.66
C GLY B 697 31.31 25.09 44.90
N LYS B 698 32.50 24.65 44.44
CA LYS B 698 33.77 25.34 44.70
C LYS B 698 34.48 25.92 43.45
N ASP B 699 33.97 25.65 42.22
CA ASP B 699 34.61 26.09 40.97
C ASP B 699 34.55 27.60 40.70
N GLY B 700 33.74 28.34 41.44
CA GLY B 700 33.59 29.79 41.25
C GLY B 700 32.85 30.19 39.98
N ILE B 701 32.15 29.23 39.36
CA ILE B 701 31.42 29.39 38.10
C ILE B 701 29.93 29.25 38.39
N GLN B 702 29.10 30.17 37.87
CA GLN B 702 27.66 30.10 38.07
C GLN B 702 27.06 29.48 36.82
N ARG B 703 26.89 28.16 36.86
CA ARG B 703 26.39 27.38 35.73
C ARG B 703 25.51 26.22 36.21
N PRO B 704 24.29 26.01 35.66
CA PRO B 704 23.46 24.89 36.14
C PRO B 704 24.06 23.52 35.92
N LEU B 705 23.82 22.61 36.85
CA LEU B 705 24.28 21.23 36.79
C LEU B 705 23.07 20.30 36.73
N ILE B 706 22.99 19.47 35.68
CA ILE B 706 21.93 18.46 35.47
C ILE B 706 22.55 17.10 35.78
N VAL B 707 22.04 16.40 36.82
CA VAL B 707 22.59 15.09 37.21
C VAL B 707 21.51 14.01 37.07
N PHE B 708 21.82 12.94 36.29
CA PHE B 708 20.96 11.78 36.14
C PHE B 708 21.44 10.82 37.20
N THR B 709 20.62 10.65 38.25
CA THR B 709 20.91 9.93 39.48
C THR B 709 20.31 8.51 39.51
N PRO B 710 20.86 7.59 40.35
CA PRO B 710 20.39 6.21 40.36
C PRO B 710 19.13 5.95 41.19
N LYS B 711 18.60 4.72 41.05
CA LYS B 711 17.42 4.19 41.75
C LYS B 711 17.82 2.83 42.37
N SER B 712 17.86 1.72 41.60
CA SER B 712 18.32 0.42 42.16
C SER B 712 19.86 0.42 42.36
N MET B 713 20.62 1.22 41.58
CA MET B 713 22.09 1.34 41.69
C MET B 713 22.51 1.95 43.07
N LEU B 714 21.58 2.61 43.81
CA LEU B 714 21.80 3.07 45.17
C LEU B 714 22.19 1.91 46.09
N ARG B 715 21.64 0.69 45.79
CA ARG B 715 21.88 -0.49 46.63
C ARG B 715 22.70 -1.59 45.94
N ASN B 716 23.26 -1.28 44.76
CA ASN B 716 24.15 -2.19 44.06
C ASN B 716 25.44 -2.22 44.89
N LYS B 717 25.83 -3.42 45.38
CA LYS B 717 27.00 -3.63 46.23
C LYS B 717 28.33 -3.44 45.47
N ALA B 718 28.29 -3.45 44.13
CA ALA B 718 29.48 -3.20 43.30
C ALA B 718 29.68 -1.70 43.12
N ALA B 719 28.61 -0.91 43.27
CA ALA B 719 28.61 0.55 43.09
C ALA B 719 28.91 1.27 44.44
N VAL B 720 30.09 0.96 45.02
CA VAL B 720 30.57 1.52 46.29
C VAL B 720 32.01 2.04 46.09
N SER B 721 32.44 2.98 46.94
CA SER B 721 33.75 3.61 46.80
C SER B 721 34.63 3.47 48.04
N ASP B 722 35.95 3.47 47.83
CA ASP B 722 36.97 3.42 48.87
C ASP B 722 37.23 4.82 49.40
N ILE B 723 37.73 4.91 50.66
CA ILE B 723 38.05 6.20 51.32
C ILE B 723 39.03 7.04 50.44
N ARG B 724 40.06 6.39 49.84
CA ARG B 724 41.09 7.01 48.99
C ARG B 724 40.48 7.72 47.78
N ASP B 725 39.31 7.25 47.30
CA ASP B 725 38.60 7.88 46.18
C ASP B 725 38.05 9.28 46.57
N PHE B 726 37.88 9.54 47.88
CA PHE B 726 37.39 10.81 48.43
C PHE B 726 38.52 11.72 48.92
N THR B 727 39.59 11.10 49.47
CA THR B 727 40.73 11.77 50.09
C THR B 727 41.91 12.02 49.14
N GLU B 728 42.09 11.19 48.09
CA GLU B 728 43.22 11.37 47.19
C GLU B 728 42.81 11.34 45.72
N SER B 729 41.63 11.85 45.38
CA SER B 729 41.19 11.86 43.98
C SER B 729 40.46 13.14 43.64
N LYS B 730 39.90 13.21 42.43
CA LYS B 730 39.15 14.33 41.89
C LYS B 730 38.03 13.79 40.97
N PHE B 731 37.18 14.69 40.42
CA PHE B 731 36.12 14.28 39.49
C PHE B 731 36.79 13.78 38.22
N ARG B 732 36.32 12.63 37.74
CA ARG B 732 36.84 11.98 36.54
C ARG B 732 35.74 11.96 35.49
N SER B 733 35.88 12.82 34.48
CA SER B 733 34.93 12.98 33.39
C SER B 733 34.79 11.70 32.56
N VAL B 734 35.87 10.91 32.46
CA VAL B 734 35.94 9.65 31.72
C VAL B 734 36.55 8.61 32.65
N LEU B 735 35.89 7.45 32.82
CA LEU B 735 36.38 6.40 33.70
C LEU B 735 36.69 5.10 32.97
N GLU B 736 37.86 4.55 33.26
CA GLU B 736 38.29 3.25 32.75
C GLU B 736 37.95 2.20 33.79
N GLU B 737 38.04 0.92 33.42
CA GLU B 737 37.81 -0.18 34.34
C GLU B 737 38.96 -0.24 35.36
N PRO B 738 38.68 -0.50 36.67
CA PRO B 738 39.77 -0.59 37.67
C PRO B 738 40.87 -1.61 37.35
N MET B 739 40.58 -2.66 36.55
CA MET B 739 41.58 -3.67 36.17
C MET B 739 42.73 -3.06 35.35
N TYR B 740 42.48 -1.94 34.65
CA TYR B 740 43.49 -1.31 33.83
C TYR B 740 44.24 -0.20 34.56
N THR B 741 43.59 0.47 35.53
CA THR B 741 44.21 1.58 36.28
C THR B 741 44.86 1.13 37.60
N ASP B 742 44.32 0.07 38.24
CA ASP B 742 44.82 -0.44 39.52
C ASP B 742 45.14 -1.93 39.48
N GLY B 743 44.47 -2.68 38.61
CA GLY B 743 44.64 -4.13 38.48
C GLY B 743 45.72 -4.60 37.54
N GLU B 744 45.61 -5.88 37.12
CA GLU B 744 46.59 -6.53 36.26
C GLU B 744 46.09 -6.71 34.80
N GLY B 745 45.09 -5.91 34.40
CA GLY B 745 44.53 -5.95 33.06
C GLY B 745 45.47 -5.42 32.00
N ASP B 746 45.40 -6.01 30.80
CA ASP B 746 46.23 -5.63 29.65
C ASP B 746 45.38 -4.96 28.57
N ARG B 747 45.56 -3.64 28.41
CA ARG B 747 44.84 -2.81 27.43
C ARG B 747 45.14 -3.22 25.97
N ASN B 748 46.33 -3.79 25.71
CA ASN B 748 46.76 -4.19 24.36
C ASN B 748 46.00 -5.41 23.80
N LYS B 749 45.33 -6.19 24.68
CA LYS B 749 44.54 -7.35 24.27
C LYS B 749 43.17 -6.92 23.71
N VAL B 750 42.75 -5.68 24.01
CA VAL B 750 41.45 -5.12 23.64
C VAL B 750 41.35 -4.80 22.15
N THR B 751 40.32 -5.39 21.50
CA THR B 751 39.98 -5.20 20.08
C THR B 751 38.60 -4.52 19.93
N ARG B 752 37.72 -4.63 20.95
CA ARG B 752 36.39 -4.02 20.95
C ARG B 752 36.25 -3.05 22.12
N LEU B 753 35.88 -1.80 21.80
CA LEU B 753 35.65 -0.78 22.81
C LEU B 753 34.17 -0.47 22.93
N LEU B 754 33.63 -0.59 24.15
CA LEU B 754 32.24 -0.26 24.48
C LEU B 754 32.23 1.02 25.29
N LEU B 755 31.69 2.10 24.72
CA LEU B 755 31.57 3.39 25.38
C LEU B 755 30.17 3.49 25.93
N THR B 756 30.05 3.82 27.23
CA THR B 756 28.75 3.84 27.88
C THR B 756 28.70 4.90 28.98
N SER B 757 27.59 4.95 29.68
CA SER B 757 27.34 5.85 30.79
C SER B 757 26.30 5.26 31.72
N GLY B 758 26.48 5.45 33.03
CA GLY B 758 25.51 5.03 34.02
C GLY B 758 25.61 3.57 34.46
N LYS B 759 24.53 3.09 35.07
CA LYS B 759 24.43 1.77 35.69
C LYS B 759 24.63 0.59 34.72
N ILE B 760 24.40 0.74 33.39
CA ILE B 760 24.57 -0.41 32.47
C ILE B 760 26.05 -0.90 32.50
N TYR B 761 27.00 -0.03 32.93
CA TYR B 761 28.41 -0.37 33.11
C TYR B 761 28.54 -1.64 33.95
N TYR B 762 27.88 -1.69 35.12
CA TYR B 762 27.96 -2.82 36.06
C TYR B 762 27.50 -4.14 35.42
N GLU B 763 26.45 -4.09 34.59
CA GLU B 763 25.91 -5.26 33.88
C GLU B 763 26.90 -5.74 32.81
N LEU B 764 27.53 -4.78 32.08
CA LEU B 764 28.53 -5.05 31.05
C LEU B 764 29.81 -5.61 31.67
N ALA B 765 30.24 -5.05 32.84
CA ALA B 765 31.43 -5.49 33.56
C ALA B 765 31.25 -6.92 34.10
N ALA B 766 30.04 -7.23 34.62
CA ALA B 766 29.71 -8.56 35.14
C ALA B 766 29.77 -9.62 34.04
N ARG B 767 29.25 -9.28 32.82
CA ARG B 767 29.26 -10.17 31.66
C ARG B 767 30.70 -10.44 31.18
N LYS B 768 31.55 -9.38 31.13
CA LYS B 768 32.96 -9.47 30.75
C LYS B 768 33.71 -10.43 31.70
N ALA B 769 33.47 -10.27 33.02
CA ALA B 769 34.06 -11.10 34.07
C ALA B 769 33.60 -12.55 33.95
N LYS B 770 32.31 -12.78 33.59
CA LYS B 770 31.72 -14.12 33.44
C LYS B 770 32.40 -14.91 32.32
N GLU B 771 32.57 -14.32 31.13
CA GLU B 771 33.17 -14.96 29.96
C GLU B 771 34.71 -14.78 29.89
N ASN B 772 35.32 -13.97 30.80
CA ASN B 772 36.76 -13.64 30.82
C ASN B 772 37.13 -13.01 29.43
N ARG B 773 36.43 -11.91 29.08
CA ARG B 773 36.62 -11.23 27.80
C ARG B 773 37.67 -10.13 27.90
N GLU B 774 38.94 -10.52 27.71
CA GLU B 774 40.12 -9.67 27.72
C GLU B 774 40.20 -8.81 26.45
N ASP B 775 39.48 -9.24 25.39
CA ASP B 775 39.39 -8.60 24.08
C ASP B 775 38.40 -7.40 24.09
N VAL B 776 37.61 -7.25 25.18
CA VAL B 776 36.61 -6.18 25.35
C VAL B 776 37.05 -5.23 26.51
N ALA B 777 36.74 -3.92 26.38
CA ALA B 777 36.96 -2.89 27.39
C ALA B 777 35.75 -1.98 27.43
N ILE B 778 35.38 -1.56 28.64
CA ILE B 778 34.22 -0.70 28.86
C ILE B 778 34.72 0.64 29.40
N VAL B 779 34.47 1.73 28.64
CA VAL B 779 34.87 3.10 29.01
C VAL B 779 33.59 3.91 29.29
N ARG B 780 33.54 4.59 30.45
CA ARG B 780 32.39 5.39 30.86
C ARG B 780 32.58 6.85 30.63
N ILE B 781 31.56 7.52 30.07
CA ILE B 781 31.55 8.97 29.89
C ILE B 781 30.67 9.48 31.03
N GLU B 782 31.32 9.99 32.10
CA GLU B 782 30.66 10.48 33.34
C GLU B 782 30.06 11.88 33.15
N GLN B 783 30.75 12.73 32.41
CA GLN B 783 30.34 14.09 32.08
C GLN B 783 29.85 14.06 30.63
N LEU B 784 28.52 14.17 30.42
CA LEU B 784 27.94 14.07 29.07
C LEU B 784 28.08 15.38 28.29
N ALA B 785 28.03 16.51 28.99
CA ALA B 785 28.16 17.84 28.43
C ALA B 785 28.81 18.79 29.46
N PRO B 786 29.88 19.56 29.12
CA PRO B 786 30.59 19.57 27.82
C PRO B 786 31.31 18.24 27.62
N LEU B 787 31.40 17.75 26.38
CA LEU B 787 32.09 16.48 26.11
C LEU B 787 33.55 16.60 26.54
N PRO B 788 34.05 15.64 27.34
CA PRO B 788 35.46 15.72 27.77
C PRO B 788 36.38 15.23 26.66
N ARG B 789 36.47 16.01 25.56
CA ARG B 789 37.22 15.70 24.33
C ARG B 789 38.64 15.24 24.63
N ARG B 790 39.43 16.06 25.37
CA ARG B 790 40.84 15.79 25.72
C ARG B 790 41.02 14.44 26.42
N ARG B 791 40.35 14.25 27.58
CA ARG B 791 40.43 13.04 28.38
C ARG B 791 39.93 11.81 27.61
N LEU B 792 38.89 11.96 26.76
CA LEU B 792 38.35 10.88 25.94
C LEU B 792 39.40 10.40 24.92
N ALA B 793 40.03 11.35 24.17
CA ALA B 793 41.09 11.08 23.20
C ALA B 793 42.29 10.39 23.85
N GLU B 794 42.76 10.92 25.00
CA GLU B 794 43.89 10.38 25.76
C GLU B 794 43.59 8.97 26.28
N THR B 795 42.34 8.71 26.74
CA THR B 795 41.90 7.41 27.25
C THR B 795 41.90 6.38 26.11
N LEU B 796 41.28 6.71 24.95
CA LEU B 796 41.21 5.80 23.79
C LEU B 796 42.58 5.50 23.18
N ASP B 797 43.56 6.43 23.28
CA ASP B 797 44.93 6.26 22.76
C ASP B 797 45.68 5.15 23.50
N ARG B 798 45.16 4.73 24.66
CA ARG B 798 45.75 3.70 25.50
C ARG B 798 45.31 2.28 25.06
N TYR B 799 44.43 2.20 24.04
CA TYR B 799 43.92 0.94 23.48
C TYR B 799 44.30 0.92 21.98
N PRO B 800 45.57 0.59 21.63
CA PRO B 800 45.99 0.70 20.21
C PRO B 800 45.43 -0.36 19.25
N ASN B 801 45.01 -1.52 19.75
CA ASN B 801 44.55 -2.62 18.90
C ASN B 801 43.03 -2.69 18.73
N VAL B 802 42.30 -1.62 19.09
CA VAL B 802 40.84 -1.54 18.95
C VAL B 802 40.48 -1.48 17.46
N LYS B 803 39.61 -2.39 17.01
CA LYS B 803 39.13 -2.49 15.62
C LYS B 803 37.68 -1.99 15.48
N GLU B 804 36.89 -2.01 16.59
CA GLU B 804 35.50 -1.58 16.57
C GLU B 804 35.13 -0.86 17.87
N LYS B 805 34.33 0.23 17.73
CA LYS B 805 33.85 1.05 18.84
C LYS B 805 32.33 1.13 18.81
N PHE B 806 31.70 0.94 19.99
CA PHE B 806 30.25 0.97 20.12
C PHE B 806 29.78 1.86 21.26
N TRP B 807 28.77 2.69 21.00
CA TRP B 807 28.12 3.46 22.06
C TRP B 807 26.99 2.55 22.55
N VAL B 808 27.05 2.14 23.84
CA VAL B 808 26.06 1.24 24.44
C VAL B 808 25.20 2.04 25.42
N GLN B 809 23.87 1.89 25.29
CA GLN B 809 22.90 2.56 26.14
C GLN B 809 21.63 1.73 26.29
N GLU B 810 20.93 1.94 27.40
CA GLU B 810 19.65 1.33 27.76
C GLU B 810 18.49 1.99 27.01
N GLU B 811 18.60 3.29 26.80
CA GLU B 811 17.53 4.12 26.23
C GLU B 811 17.28 3.79 24.77
N PRO B 812 16.03 3.97 24.28
CA PRO B 812 15.76 3.80 22.84
C PRO B 812 16.70 4.62 21.95
N ALA B 813 16.86 4.18 20.67
CA ALA B 813 17.77 4.78 19.69
C ALA B 813 17.54 6.31 19.50
N ASN B 814 16.30 6.80 19.65
CA ASN B 814 15.96 8.23 19.52
C ASN B 814 16.08 8.97 20.87
N GLN B 815 16.52 8.27 21.93
CA GLN B 815 16.65 8.84 23.28
C GLN B 815 18.05 8.59 23.82
N GLY B 816 18.31 8.99 25.07
CA GLY B 816 19.63 8.86 25.68
C GLY B 816 20.65 9.78 25.04
N ALA B 817 21.94 9.42 25.09
CA ALA B 817 23.03 10.23 24.54
C ALA B 817 23.28 10.01 23.05
N TRP B 818 22.79 8.89 22.45
CA TRP B 818 23.06 8.57 21.04
C TRP B 818 22.63 9.67 20.04
N PRO B 819 21.40 10.25 20.05
CA PRO B 819 21.07 11.29 19.04
C PRO B 819 22.10 12.41 18.96
N SER B 820 22.71 12.84 20.09
CA SER B 820 23.71 13.89 20.06
C SER B 820 25.13 13.30 19.86
N PHE B 821 25.54 12.28 20.64
CA PHE B 821 26.88 11.64 20.55
C PHE B 821 27.14 11.02 19.18
N GLY B 822 26.12 10.38 18.60
CA GLY B 822 26.21 9.74 17.28
C GLY B 822 26.52 10.72 16.17
N LEU B 823 26.14 12.00 16.36
CA LEU B 823 26.40 13.08 15.42
C LEU B 823 27.68 13.88 15.82
N THR B 824 27.86 14.14 17.12
CA THR B 824 28.97 14.95 17.63
C THR B 824 30.32 14.18 17.69
N LEU B 825 30.39 12.98 18.33
CA LEU B 825 31.65 12.23 18.50
C LEU B 825 32.43 12.02 17.17
N PRO B 826 31.85 11.57 16.03
CA PRO B 826 32.66 11.45 14.81
C PRO B 826 33.18 12.79 14.25
N GLU B 827 32.56 13.92 14.64
CA GLU B 827 32.99 15.23 14.15
C GLU B 827 34.10 15.83 15.02
N ILE B 828 33.97 15.78 16.36
CA ILE B 828 34.95 16.37 17.30
C ILE B 828 36.21 15.50 17.43
N LEU B 829 36.08 14.17 17.23
CA LEU B 829 37.21 13.25 17.30
C LEU B 829 37.13 12.27 16.09
N PRO B 830 37.36 12.77 14.83
CA PRO B 830 37.25 11.89 13.64
C PRO B 830 38.22 10.72 13.61
N ASP B 831 39.42 10.85 14.18
CA ASP B 831 40.40 9.77 14.17
C ASP B 831 40.05 8.67 15.20
N HIS B 832 39.15 8.98 16.15
CA HIS B 832 38.74 8.01 17.17
C HIS B 832 37.35 7.44 16.93
N PHE B 833 36.38 8.26 16.45
CA PHE B 833 35.01 7.77 16.35
C PHE B 833 34.40 7.67 14.96
N THR B 834 35.21 7.69 13.88
CA THR B 834 34.69 7.47 12.53
C THR B 834 34.36 5.97 12.49
N GLY B 835 33.10 5.64 12.19
CA GLY B 835 32.65 4.25 12.16
C GLY B 835 32.01 3.79 13.46
N LEU B 836 31.78 4.73 14.40
CA LEU B 836 31.14 4.45 15.70
C LEU B 836 29.71 3.93 15.48
N LYS B 837 29.40 2.78 16.08
CA LYS B 837 28.10 2.14 15.94
C LYS B 837 27.34 2.18 17.25
N ARG B 838 26.01 1.99 17.17
CA ARG B 838 25.11 2.07 18.32
C ARG B 838 24.54 0.71 18.73
N ILE B 839 24.49 0.48 20.06
CA ILE B 839 23.84 -0.66 20.71
C ILE B 839 22.90 -0.03 21.74
N SER B 840 21.59 -0.17 21.51
CA SER B 840 20.54 0.42 22.34
C SER B 840 19.24 -0.31 22.16
N ARG B 841 18.18 0.17 22.82
CA ARG B 841 16.82 -0.29 22.55
C ARG B 841 16.39 0.35 21.22
N ARG B 842 15.40 -0.20 20.54
CA ARG B 842 14.85 0.36 19.31
C ARG B 842 14.25 1.76 19.59
N ALA B 843 14.12 2.61 18.54
CA ALA B 843 13.47 3.93 18.67
C ALA B 843 12.04 3.70 19.17
N MET B 844 11.59 4.49 20.16
CA MET B 844 10.25 4.32 20.76
C MET B 844 9.58 5.64 20.91
N SER B 845 8.24 5.70 20.82
CA SER B 845 7.46 6.91 21.01
C SER B 845 7.32 7.26 22.49
N ALA B 846 7.68 6.31 23.40
CA ALA B 846 7.66 6.47 24.87
C ALA B 846 9.08 6.18 25.44
N PRO B 847 9.44 6.56 26.70
CA PRO B 847 10.81 6.29 27.18
C PRO B 847 11.14 4.80 27.37
N SER B 848 10.10 3.96 27.42
CA SER B 848 10.20 2.52 27.58
C SER B 848 8.86 1.80 27.32
N SER B 849 8.91 0.48 27.46
CA SER B 849 7.74 -0.39 27.38
C SER B 849 7.00 -0.33 28.73
N GLY B 850 5.72 -0.65 28.75
CA GLY B 850 4.96 -0.73 29.99
C GLY B 850 5.22 -2.03 30.75
N SER B 851 5.78 -3.06 30.07
CA SER B 851 6.03 -4.37 30.67
C SER B 851 7.45 -4.53 31.22
N SER B 852 7.56 -5.05 32.47
CA SER B 852 8.85 -5.36 33.10
C SER B 852 9.47 -6.61 32.41
N LYS B 853 8.60 -7.48 31.80
CA LYS B 853 9.01 -8.67 31.08
C LYS B 853 9.64 -8.30 29.72
N VAL B 854 9.02 -7.34 28.99
CA VAL B 854 9.54 -6.84 27.71
C VAL B 854 10.87 -6.13 27.99
N HIS B 855 10.95 -5.38 29.11
CA HIS B 855 12.16 -4.66 29.54
C HIS B 855 13.35 -5.62 29.75
N ALA B 856 13.11 -6.74 30.48
CA ALA B 856 14.09 -7.75 30.84
C ALA B 856 14.66 -8.45 29.61
N VAL B 857 13.82 -8.73 28.59
CA VAL B 857 14.22 -9.34 27.32
C VAL B 857 15.14 -8.36 26.57
N GLU B 858 14.73 -7.06 26.50
CA GLU B 858 15.47 -5.98 25.83
C GLU B 858 16.82 -5.71 26.50
N GLN B 859 16.88 -5.77 27.85
CA GLN B 859 18.11 -5.54 28.60
C GLN B 859 19.11 -6.63 28.29
N GLN B 860 18.66 -7.90 28.27
CA GLN B 860 19.47 -9.08 27.96
C GLN B 860 19.96 -9.01 26.50
N GLU B 861 19.07 -8.60 25.56
CA GLU B 861 19.35 -8.39 24.14
C GLU B 861 20.48 -7.38 23.87
N ILE B 862 20.61 -6.30 24.71
CA ILE B 862 21.64 -5.27 24.61
C ILE B 862 22.97 -5.89 25.04
N LEU B 863 23.00 -6.59 26.19
CA LEU B 863 24.21 -7.24 26.74
C LEU B 863 24.77 -8.29 25.77
N ASP B 864 23.87 -9.11 25.18
CA ASP B 864 24.22 -10.15 24.20
C ASP B 864 24.81 -9.54 22.90
N THR B 865 24.25 -8.41 22.43
CA THR B 865 24.75 -7.73 21.23
C THR B 865 26.16 -7.16 21.48
N ALA B 866 26.39 -6.57 22.66
CA ALA B 866 27.67 -5.97 23.05
C ALA B 866 28.80 -7.02 23.14
N PHE B 867 28.47 -8.29 23.45
CA PHE B 867 29.45 -9.39 23.56
C PHE B 867 29.27 -10.46 22.46
N GLY B 868 28.58 -10.09 21.37
CA GLY B 868 28.33 -10.98 20.25
C GLY B 868 29.40 -10.88 19.17
N LYS C 7 30.59 -53.42 -66.00
CA LYS C 7 30.11 -52.29 -65.22
C LYS C 7 30.56 -52.42 -63.75
N ASN C 8 31.61 -51.65 -63.38
CA ASN C 8 32.19 -51.58 -62.02
C ASN C 8 31.57 -50.40 -61.25
N ALA C 9 30.71 -49.65 -61.94
CA ALA C 9 29.91 -48.50 -61.51
C ALA C 9 28.75 -48.96 -60.62
N ARG C 10 28.45 -50.28 -60.63
CA ARG C 10 27.42 -50.94 -59.81
C ARG C 10 27.78 -50.88 -58.31
N VAL C 11 29.08 -50.70 -57.99
CA VAL C 11 29.60 -50.58 -56.62
C VAL C 11 29.24 -49.17 -56.10
N ILE C 12 29.46 -48.12 -56.93
CA ILE C 12 29.13 -46.72 -56.60
C ILE C 12 27.62 -46.59 -56.29
N GLU C 13 26.78 -47.25 -57.11
CA GLU C 13 25.32 -47.26 -56.96
C GLU C 13 24.92 -48.05 -55.71
N LEU C 14 25.70 -49.08 -55.33
CA LEU C 14 25.43 -49.88 -54.14
C LEU C 14 25.75 -49.06 -52.89
N ILE C 15 26.89 -48.33 -52.90
CA ILE C 15 27.30 -47.45 -51.79
C ILE C 15 26.22 -46.37 -51.54
N ALA C 16 25.74 -45.71 -52.63
CA ALA C 16 24.72 -44.66 -52.56
C ALA C 16 23.40 -45.22 -52.02
N ALA C 17 23.03 -46.46 -52.45
CA ALA C 17 21.80 -47.14 -52.01
C ALA C 17 21.80 -47.36 -50.50
N TYR C 18 22.95 -47.77 -49.92
CA TYR C 18 23.04 -47.99 -48.46
C TYR C 18 22.97 -46.65 -47.72
N ARG C 19 23.64 -45.62 -48.24
CA ARG C 19 23.66 -44.29 -47.65
C ARG C 19 22.26 -43.64 -47.69
N ASN C 20 21.56 -43.75 -48.83
CA ASN C 20 20.24 -43.17 -49.06
C ASN C 20 19.08 -43.95 -48.44
N ARG C 21 19.08 -45.28 -48.60
CA ARG C 21 17.94 -46.11 -48.22
C ARG C 21 18.22 -47.25 -47.23
N GLY C 22 19.46 -47.36 -46.73
CA GLY C 22 19.84 -48.42 -45.78
C GLY C 22 19.01 -48.46 -44.51
N HIS C 23 18.55 -47.27 -44.06
CA HIS C 23 17.70 -47.07 -42.88
C HIS C 23 16.36 -47.83 -43.00
N LEU C 24 15.91 -48.18 -44.22
CA LEU C 24 14.67 -48.94 -44.45
C LEU C 24 14.85 -50.43 -44.11
N MET C 25 16.09 -50.90 -44.00
CA MET C 25 16.42 -52.29 -43.71
C MET C 25 17.07 -52.45 -42.34
N ALA C 26 17.32 -51.33 -41.63
CA ALA C 26 17.96 -51.36 -40.31
C ALA C 26 17.05 -52.03 -39.26
N ASP C 27 17.65 -52.85 -38.35
CA ASP C 27 16.93 -53.54 -37.28
C ASP C 27 16.67 -52.54 -36.12
N ILE C 28 15.70 -51.64 -36.32
CA ILE C 28 15.36 -50.55 -35.40
C ILE C 28 14.19 -50.83 -34.47
N ASP C 29 13.24 -51.71 -34.86
CA ASP C 29 12.06 -52.00 -34.02
C ASP C 29 12.34 -53.11 -33.02
N PRO C 30 12.36 -52.84 -31.70
CA PRO C 30 12.57 -53.92 -30.71
C PRO C 30 11.44 -54.97 -30.66
N LEU C 31 10.27 -54.68 -31.27
CA LEU C 31 9.12 -55.60 -31.31
C LEU C 31 9.10 -56.45 -32.58
N ARG C 32 9.80 -56.02 -33.66
CA ARG C 32 9.87 -56.69 -34.98
C ARG C 32 8.45 -56.99 -35.50
N LEU C 33 7.56 -55.97 -35.43
CA LEU C 33 6.15 -56.11 -35.84
C LEU C 33 6.01 -56.35 -37.33
N ASP C 34 6.74 -55.57 -38.16
CA ASP C 34 6.69 -55.68 -39.61
C ASP C 34 7.48 -56.92 -40.05
N ASN C 35 6.72 -57.95 -40.47
CA ASN C 35 7.23 -59.25 -40.92
C ASN C 35 7.66 -59.24 -42.40
N THR C 36 7.63 -58.06 -43.05
CA THR C 36 8.01 -57.90 -44.47
C THR C 36 9.17 -56.90 -44.65
N ARG C 37 9.67 -56.33 -43.54
CA ARG C 37 10.75 -55.33 -43.49
C ARG C 37 12.09 -55.85 -44.03
N PHE C 38 12.50 -57.06 -43.61
CA PHE C 38 13.78 -57.66 -43.98
C PHE C 38 13.60 -58.61 -45.17
N THR C 52 27.05 -61.58 -58.00
CA THR C 52 28.37 -60.94 -57.92
C THR C 52 29.17 -61.45 -56.71
N LEU C 53 29.00 -62.74 -56.32
CA LEU C 53 29.66 -63.35 -55.18
C LEU C 53 31.19 -63.51 -55.39
N TRP C 54 31.62 -63.60 -56.67
CA TRP C 54 33.02 -63.70 -57.04
C TRP C 54 33.72 -62.35 -56.97
N ASP C 55 32.93 -61.25 -57.10
CA ASP C 55 33.41 -59.87 -57.08
C ASP C 55 33.72 -59.37 -55.65
N LEU C 56 33.32 -60.14 -54.62
CA LEU C 56 33.50 -59.81 -53.21
C LEU C 56 34.96 -59.64 -52.78
N ASP C 57 35.85 -60.46 -53.34
CA ASP C 57 37.27 -60.45 -53.01
C ASP C 57 38.08 -59.51 -53.94
N ARG C 58 37.41 -58.87 -54.92
CA ARG C 58 38.03 -57.94 -55.86
C ARG C 58 38.09 -56.54 -55.24
N GLU C 59 39.23 -55.85 -55.44
CA GLU C 59 39.47 -54.50 -54.93
C GLU C 59 38.88 -53.44 -55.87
N PHE C 60 38.22 -52.42 -55.29
CA PHE C 60 37.57 -51.31 -55.99
C PHE C 60 38.03 -49.97 -55.46
N LYS C 71 39.86 -50.69 -51.65
CA LYS C 71 39.31 -51.65 -50.70
C LYS C 71 38.51 -52.77 -51.40
N LYS C 72 38.53 -54.00 -50.82
CA LYS C 72 37.79 -55.14 -51.34
C LYS C 72 36.28 -54.91 -51.17
N LEU C 73 35.47 -55.41 -52.12
CA LEU C 73 34.01 -55.26 -52.10
C LEU C 73 33.40 -55.82 -50.80
N ARG C 74 33.90 -56.97 -50.30
CA ARG C 74 33.42 -57.57 -49.04
C ARG C 74 33.62 -56.58 -47.87
N ASP C 75 34.71 -55.79 -47.89
CA ASP C 75 35.05 -54.81 -46.86
C ASP C 75 34.17 -53.58 -46.98
N ILE C 76 33.90 -53.12 -48.21
CA ILE C 76 33.03 -51.97 -48.46
C ILE C 76 31.62 -52.29 -47.95
N LEU C 77 31.09 -53.47 -48.32
CA LEU C 77 29.75 -53.93 -47.94
C LEU C 77 29.61 -54.19 -46.43
N SER C 78 30.68 -54.64 -45.76
CA SER C 78 30.63 -54.90 -44.31
C SER C 78 30.54 -53.57 -43.55
N VAL C 79 31.26 -52.52 -44.03
CA VAL C 79 31.24 -51.18 -43.43
C VAL C 79 29.83 -50.60 -43.58
N LEU C 80 29.23 -50.73 -44.79
CA LEU C 80 27.88 -50.22 -45.11
C LEU C 80 26.78 -50.90 -44.26
N ARG C 81 26.77 -52.26 -44.16
CA ARG C 81 25.80 -53.02 -43.33
C ARG C 81 25.92 -52.63 -41.84
N ASP C 82 27.16 -52.51 -41.31
CA ASP C 82 27.41 -52.13 -39.91
C ASP C 82 26.97 -50.70 -39.63
N ALA C 83 27.22 -49.77 -40.56
CA ALA C 83 26.90 -48.35 -40.40
C ALA C 83 25.42 -48.02 -40.61
N TYR C 84 24.77 -48.67 -41.58
CA TYR C 84 23.41 -48.31 -41.98
C TYR C 84 22.32 -49.35 -41.76
N CYS C 85 22.68 -50.61 -41.48
CA CYS C 85 21.69 -51.68 -41.39
C CYS C 85 21.75 -52.51 -40.09
N ARG C 86 22.24 -51.92 -38.98
CA ARG C 86 22.25 -52.63 -37.70
C ARG C 86 21.16 -52.03 -36.81
N HIS C 87 21.49 -51.52 -35.63
CA HIS C 87 20.47 -50.96 -34.73
C HIS C 87 20.28 -49.44 -34.89
N VAL C 88 20.98 -48.84 -35.89
CA VAL C 88 20.89 -47.41 -36.17
C VAL C 88 20.53 -47.18 -37.65
N GLY C 89 19.40 -46.52 -37.88
CA GLY C 89 18.92 -46.12 -39.20
C GLY C 89 19.26 -44.64 -39.36
N VAL C 90 20.19 -44.33 -40.27
CA VAL C 90 20.68 -42.98 -40.49
C VAL C 90 20.03 -42.35 -41.72
N GLU C 91 19.40 -41.17 -41.54
CA GLU C 91 18.81 -40.36 -42.60
C GLU C 91 19.55 -39.02 -42.68
N TYR C 92 20.36 -38.83 -43.74
CA TYR C 92 21.20 -37.64 -43.85
C TYR C 92 21.42 -37.17 -45.29
N THR C 93 21.08 -38.00 -46.31
CA THR C 93 21.38 -37.61 -47.70
C THR C 93 20.41 -36.55 -48.24
N HIS C 94 19.39 -36.17 -47.45
CA HIS C 94 18.44 -35.10 -47.78
C HIS C 94 19.06 -33.74 -47.46
N ILE C 95 20.15 -33.71 -46.65
CA ILE C 95 20.85 -32.50 -46.22
C ILE C 95 21.53 -31.87 -47.46
N LEU C 96 21.22 -30.59 -47.74
CA LEU C 96 21.77 -29.88 -48.90
C LEU C 96 23.25 -29.47 -48.72
N GLU C 97 23.74 -29.34 -47.46
CA GLU C 97 25.13 -28.94 -47.16
C GLU C 97 26.05 -30.15 -47.35
N PRO C 98 26.95 -30.16 -48.39
CA PRO C 98 27.82 -31.33 -48.59
C PRO C 98 28.78 -31.60 -47.43
N GLU C 99 29.27 -30.55 -46.74
CA GLU C 99 30.17 -30.68 -45.59
C GLU C 99 29.49 -31.41 -44.40
N GLN C 100 28.17 -31.24 -44.22
CA GLN C 100 27.39 -31.90 -43.17
C GLN C 100 27.19 -33.39 -43.48
N GLN C 101 26.88 -33.72 -44.75
CA GLN C 101 26.75 -35.10 -45.25
C GLN C 101 28.07 -35.84 -45.06
N ARG C 102 29.19 -35.17 -45.41
CA ARG C 102 30.57 -35.66 -45.27
C ARG C 102 30.94 -35.90 -43.80
N TRP C 103 30.56 -34.97 -42.89
CA TRP C 103 30.82 -35.06 -41.44
C TRP C 103 30.16 -36.34 -40.85
N ILE C 104 28.88 -36.61 -41.20
CA ILE C 104 28.11 -37.77 -40.73
C ILE C 104 28.74 -39.06 -41.31
N GLN C 105 28.97 -39.12 -42.64
CA GLN C 105 29.65 -40.22 -43.36
C GLN C 105 30.94 -40.68 -42.66
N GLU C 106 31.86 -39.73 -42.40
CA GLU C 106 33.14 -40.00 -41.76
C GLU C 106 32.98 -40.65 -40.37
N ARG C 107 32.01 -40.18 -39.55
CA ARG C 107 31.78 -40.71 -38.20
C ARG C 107 31.02 -42.03 -38.17
N VAL C 108 30.17 -42.27 -39.15
CA VAL C 108 29.30 -43.44 -39.24
C VAL C 108 29.98 -44.61 -40.02
N GLU C 109 30.77 -44.29 -41.07
CA GLU C 109 31.44 -45.28 -41.91
C GLU C 109 32.89 -45.60 -41.45
N THR C 110 33.07 -45.83 -40.14
CA THR C 110 34.37 -46.17 -39.55
C THR C 110 34.22 -47.25 -38.50
N LYS C 111 35.28 -48.02 -38.24
CA LYS C 111 35.29 -49.02 -37.18
C LYS C 111 35.37 -48.26 -35.86
N HIS C 112 34.27 -48.25 -35.10
CA HIS C 112 34.18 -47.54 -33.82
C HIS C 112 34.82 -48.35 -32.71
N ASP C 113 35.36 -47.64 -31.71
CA ASP C 113 35.96 -48.29 -30.54
C ASP C 113 34.84 -48.80 -29.64
N LYS C 114 34.90 -50.09 -29.24
CA LYS C 114 33.91 -50.71 -28.35
C LYS C 114 33.97 -50.02 -26.99
N PRO C 115 32.83 -49.76 -26.28
CA PRO C 115 32.93 -49.07 -24.99
C PRO C 115 33.66 -49.90 -23.94
N THR C 116 34.29 -49.22 -22.97
CA THR C 116 35.00 -49.88 -21.88
C THR C 116 33.98 -50.50 -20.94
N VAL C 117 34.37 -51.56 -20.21
CA VAL C 117 33.53 -52.26 -19.23
C VAL C 117 32.94 -51.22 -18.25
N ALA C 118 33.75 -50.23 -17.83
CA ALA C 118 33.34 -49.13 -16.95
C ALA C 118 32.18 -48.31 -17.56
N GLU C 119 32.23 -48.03 -18.88
CA GLU C 119 31.20 -47.27 -19.60
C GLU C 119 29.92 -48.10 -19.74
N GLN C 120 30.07 -49.43 -20.03
CA GLN C 120 28.97 -50.40 -20.17
C GLN C 120 28.25 -50.61 -18.83
N LYS C 121 29.03 -50.71 -17.74
CA LYS C 121 28.49 -50.87 -16.39
C LYS C 121 27.78 -49.59 -15.96
N TYR C 122 28.28 -48.43 -16.44
CA TYR C 122 27.66 -47.13 -16.14
C TYR C 122 26.30 -47.03 -16.84
N ILE C 123 26.21 -47.47 -18.12
CA ILE C 123 24.98 -47.50 -18.89
C ILE C 123 23.99 -48.45 -18.16
N LEU C 124 24.44 -49.65 -17.74
CA LEU C 124 23.64 -50.62 -17.00
C LEU C 124 23.12 -50.00 -15.68
N SER C 125 23.97 -49.26 -14.94
CA SER C 125 23.60 -48.56 -13.69
C SER C 125 22.47 -47.53 -13.94
N LYS C 126 22.51 -46.83 -15.09
CA LYS C 126 21.46 -45.86 -15.46
C LYS C 126 20.12 -46.56 -15.76
N LEU C 127 20.16 -47.69 -16.47
CA LEU C 127 18.97 -48.50 -16.75
C LEU C 127 18.46 -49.16 -15.48
N ASN C 128 19.38 -49.41 -14.52
CA ASN C 128 19.02 -50.00 -13.24
C ASN C 128 18.15 -49.05 -12.46
N ALA C 129 18.60 -47.77 -12.34
CA ALA C 129 17.91 -46.69 -11.62
C ALA C 129 16.61 -46.34 -12.24
N ALA C 130 16.54 -46.38 -13.60
CA ALA C 130 15.35 -46.09 -14.40
C ALA C 130 14.28 -47.15 -14.16
N GLU C 131 14.61 -48.43 -14.35
CA GLU C 131 13.68 -49.52 -14.13
C GLU C 131 13.32 -49.63 -12.63
N ALA C 132 14.26 -49.39 -11.70
CA ALA C 132 13.92 -49.43 -10.25
C ALA C 132 12.97 -48.29 -9.86
N PHE C 133 12.96 -47.18 -10.62
CA PHE C 133 12.07 -46.05 -10.34
C PHE C 133 10.62 -46.42 -10.75
N GLU C 134 10.47 -46.95 -11.98
CA GLU C 134 9.21 -47.41 -12.57
C GLU C 134 8.52 -48.47 -11.71
N THR C 135 9.29 -49.46 -11.19
CA THR C 135 8.72 -50.56 -10.40
C THR C 135 8.25 -50.09 -9.01
N PHE C 136 8.95 -49.14 -8.39
CA PHE C 136 8.50 -48.53 -7.14
C PHE C 136 7.23 -47.64 -7.43
N LEU C 137 7.28 -46.75 -8.45
CA LEU C 137 6.14 -45.86 -8.83
C LEU C 137 4.83 -46.64 -9.06
N GLN C 138 4.92 -47.82 -9.72
CA GLN C 138 3.77 -48.68 -10.03
C GLN C 138 3.43 -49.66 -8.89
N THR C 139 4.21 -49.68 -7.80
CA THR C 139 3.96 -50.59 -6.66
C THR C 139 3.50 -49.80 -5.41
N LYS C 140 4.09 -48.62 -5.14
CA LYS C 140 3.74 -47.82 -3.96
C LYS C 140 2.47 -46.97 -4.18
N TYR C 141 2.44 -46.11 -5.19
CA TYR C 141 1.29 -45.25 -5.41
C TYR C 141 0.27 -45.84 -6.40
N VAL C 142 -0.97 -45.32 -6.30
CA VAL C 142 -2.13 -45.67 -7.11
C VAL C 142 -2.31 -44.60 -8.23
N GLY C 143 -2.83 -45.03 -9.37
CA GLY C 143 -3.08 -44.18 -10.53
C GLY C 143 -1.86 -43.57 -11.20
N GLN C 144 -0.76 -44.33 -11.34
CA GLN C 144 0.51 -43.85 -11.93
C GLN C 144 0.80 -44.47 -13.33
N LYS C 145 -0.04 -45.46 -13.76
CA LYS C 145 0.07 -46.20 -15.03
C LYS C 145 0.30 -45.32 -16.25
N ARG C 146 -0.33 -44.12 -16.27
CA ARG C 146 -0.27 -43.06 -17.30
C ARG C 146 1.14 -42.48 -17.50
N PHE C 147 1.93 -42.49 -16.45
CA PHE C 147 3.22 -41.83 -16.52
C PHE C 147 4.35 -42.83 -16.81
N SER C 148 4.01 -44.13 -16.91
CA SER C 148 4.93 -45.26 -17.07
C SER C 148 5.85 -45.15 -18.26
N LEU C 149 7.15 -45.22 -17.98
CA LEU C 149 8.27 -45.28 -18.92
C LEU C 149 8.67 -46.74 -19.21
N GLU C 150 7.98 -47.76 -18.64
CA GLU C 150 8.20 -49.19 -18.88
C GLU C 150 8.14 -49.51 -20.39
N GLY C 151 9.23 -50.05 -20.92
CA GLY C 151 9.40 -50.33 -22.35
C GLY C 151 10.24 -49.26 -23.05
N ALA C 152 10.51 -48.12 -22.37
CA ALA C 152 11.23 -46.98 -22.94
C ALA C 152 12.31 -46.41 -21.97
N GLU C 153 12.81 -47.22 -21.00
CA GLU C 153 13.83 -46.83 -20.00
C GLU C 153 15.18 -46.45 -20.58
N THR C 154 15.48 -46.86 -21.83
CA THR C 154 16.74 -46.55 -22.50
C THR C 154 16.85 -45.03 -22.78
N VAL C 155 15.75 -44.28 -22.63
CA VAL C 155 15.79 -42.82 -22.82
C VAL C 155 16.61 -42.18 -21.67
N ILE C 156 16.69 -42.85 -20.47
CA ILE C 156 17.47 -42.33 -19.34
C ILE C 156 18.98 -42.40 -19.68
N PRO C 157 19.62 -43.56 -20.04
CA PRO C 157 21.06 -43.48 -20.41
C PRO C 157 21.28 -42.62 -21.67
N MET C 158 20.29 -42.54 -22.57
CA MET C 158 20.39 -41.69 -23.78
C MET C 158 20.46 -40.19 -23.40
N MET C 159 19.55 -39.71 -22.53
CA MET C 159 19.55 -38.31 -22.06
C MET C 159 20.81 -38.00 -21.26
N ASP C 160 21.27 -38.97 -20.46
CA ASP C 160 22.49 -38.87 -19.65
C ASP C 160 23.69 -38.65 -20.54
N ALA C 161 23.74 -39.37 -21.69
CA ALA C 161 24.81 -39.26 -22.67
C ALA C 161 24.77 -37.88 -23.34
N VAL C 162 23.57 -37.34 -23.61
CA VAL C 162 23.41 -36.02 -24.21
C VAL C 162 24.05 -34.97 -23.29
N ILE C 163 23.64 -34.96 -22.01
CA ILE C 163 24.06 -34.01 -20.99
C ILE C 163 25.56 -34.16 -20.69
N ASP C 164 26.06 -35.41 -20.64
CA ASP C 164 27.48 -35.67 -20.41
C ASP C 164 28.33 -35.17 -21.58
N GLN C 165 27.82 -35.31 -22.83
CA GLN C 165 28.54 -34.83 -24.02
C GLN C 165 28.55 -33.31 -24.06
N CYS C 166 27.46 -32.68 -23.59
CA CYS C 166 27.37 -31.22 -23.50
C CYS C 166 28.38 -30.70 -22.46
N ALA C 167 28.57 -31.44 -21.33
CA ALA C 167 29.55 -31.10 -20.28
C ALA C 167 30.98 -31.29 -20.80
N GLU C 168 31.18 -32.29 -21.70
CA GLU C 168 32.47 -32.56 -22.34
C GLU C 168 32.87 -31.40 -23.26
N HIS C 169 31.88 -30.72 -23.87
CA HIS C 169 32.08 -29.56 -24.73
C HIS C 169 32.24 -28.26 -23.90
N GLY C 170 32.12 -28.40 -22.56
CA GLY C 170 32.26 -27.32 -21.60
C GLY C 170 31.12 -26.33 -21.65
N LEU C 171 29.91 -26.81 -22.01
CA LEU C 171 28.74 -25.95 -22.14
C LEU C 171 28.17 -25.60 -20.75
N ASP C 172 27.34 -24.55 -20.68
CA ASP C 172 26.86 -24.02 -19.40
C ASP C 172 25.60 -24.67 -18.85
N GLU C 173 24.62 -24.97 -19.72
CA GLU C 173 23.35 -25.52 -19.27
C GLU C 173 22.63 -26.29 -20.37
N VAL C 174 21.84 -27.27 -19.94
CA VAL C 174 20.95 -28.05 -20.77
C VAL C 174 19.56 -27.78 -20.23
N VAL C 175 18.64 -27.31 -21.08
CA VAL C 175 17.26 -27.05 -20.66
C VAL C 175 16.38 -28.07 -21.39
N ILE C 176 15.56 -28.78 -20.61
CA ILE C 176 14.68 -29.87 -21.09
C ILE C 176 13.24 -29.43 -21.13
N ALA C 177 12.53 -29.90 -22.13
CA ALA C 177 11.08 -29.77 -22.29
C ALA C 177 10.61 -31.14 -22.66
N MET C 178 9.52 -31.58 -22.08
CA MET C 178 9.04 -32.93 -22.37
C MET C 178 7.55 -33.11 -22.00
N PRO C 179 6.88 -34.15 -22.52
CA PRO C 179 5.53 -34.44 -22.04
C PRO C 179 5.61 -35.17 -20.67
N HIS C 180 4.52 -35.71 -20.12
CA HIS C 180 4.61 -36.25 -18.75
C HIS C 180 5.15 -37.72 -18.62
N ARG C 181 5.29 -38.49 -19.73
CA ARG C 181 5.77 -39.87 -19.65
C ARG C 181 7.28 -39.94 -19.23
N GLY C 182 7.51 -40.47 -18.01
CA GLY C 182 8.82 -40.63 -17.38
C GLY C 182 9.40 -39.38 -16.71
N ARG C 183 8.56 -38.35 -16.50
CA ARG C 183 8.98 -37.04 -15.99
C ARG C 183 9.61 -37.07 -14.59
N LEU C 184 9.08 -37.87 -13.64
CA LEU C 184 9.72 -37.99 -12.30
C LEU C 184 10.99 -38.82 -12.36
N ASN C 185 11.07 -39.77 -13.32
CA ASN C 185 12.27 -40.59 -13.58
C ASN C 185 13.38 -39.67 -14.05
N VAL C 186 13.02 -38.71 -14.92
CA VAL C 186 13.94 -37.71 -15.45
C VAL C 186 14.36 -36.81 -14.28
N LEU C 187 13.39 -36.40 -13.43
CA LEU C 187 13.71 -35.57 -12.26
C LEU C 187 14.72 -36.26 -11.33
N ALA C 188 14.52 -37.57 -11.07
CA ALA C 188 15.41 -38.29 -10.16
C ALA C 188 16.72 -38.73 -10.79
N ASN C 189 16.71 -39.16 -12.06
CA ASN C 189 17.93 -39.74 -12.63
C ASN C 189 18.67 -38.89 -13.66
N ILE C 190 18.14 -37.70 -14.01
CA ILE C 190 18.75 -36.79 -14.98
C ILE C 190 19.01 -35.43 -14.30
N VAL C 191 17.94 -34.77 -13.83
CA VAL C 191 18.00 -33.45 -13.15
C VAL C 191 18.72 -33.62 -11.79
N GLY C 192 18.59 -34.79 -11.18
CA GLY C 192 19.26 -35.10 -9.94
C GLY C 192 18.53 -34.66 -8.69
N LYS C 193 17.20 -34.45 -8.80
CA LYS C 193 16.37 -34.03 -7.66
C LYS C 193 16.31 -35.15 -6.62
N PRO C 194 16.44 -34.84 -5.28
CA PRO C 194 16.29 -35.93 -4.30
C PRO C 194 14.82 -36.35 -4.19
N TYR C 195 14.60 -37.62 -3.83
CA TYR C 195 13.29 -38.26 -3.69
C TYR C 195 12.43 -37.56 -2.66
N SER C 196 13.08 -36.95 -1.62
CA SER C 196 12.45 -36.20 -0.54
C SER C 196 11.69 -35.00 -1.08
N GLN C 197 12.29 -34.27 -2.04
CA GLN C 197 11.71 -33.11 -2.72
C GLN C 197 10.65 -33.54 -3.76
N ILE C 198 10.88 -34.69 -4.46
CA ILE C 198 9.99 -35.22 -5.49
C ILE C 198 8.67 -35.70 -4.89
N PHE C 199 8.74 -36.59 -3.88
CA PHE C 199 7.55 -37.20 -3.29
C PHE C 199 7.06 -36.50 -1.99
N SER C 200 7.39 -35.20 -1.84
CA SER C 200 6.98 -34.37 -0.71
C SER C 200 5.52 -33.93 -0.91
N GLU C 201 4.65 -34.29 0.07
CA GLU C 201 3.21 -34.00 0.11
C GLU C 201 2.51 -34.51 -1.16
N VAL C 217 0.22 -32.07 -10.19
CA VAL C 217 0.81 -30.80 -10.62
C VAL C 217 2.33 -30.99 -10.76
N LYS C 218 2.91 -31.98 -10.03
CA LYS C 218 4.34 -32.33 -10.03
C LYS C 218 4.83 -32.74 -11.43
N TYR C 219 3.92 -33.24 -12.29
CA TYR C 219 4.18 -33.66 -13.67
C TYR C 219 4.12 -32.49 -14.69
N HIS C 220 4.12 -31.25 -14.20
CA HIS C 220 4.04 -30.04 -15.03
C HIS C 220 4.92 -28.91 -14.49
N LEU C 221 5.52 -29.05 -13.27
CA LEU C 221 6.37 -28.01 -12.67
C LEU C 221 7.81 -27.99 -13.20
N GLY C 222 8.40 -26.80 -13.13
CA GLY C 222 9.79 -26.59 -13.49
C GLY C 222 10.72 -27.14 -12.41
N ALA C 223 11.98 -27.32 -12.77
CA ALA C 223 13.00 -27.85 -11.84
C ALA C 223 14.38 -27.40 -12.28
N THR C 224 15.32 -27.40 -11.34
CA THR C 224 16.69 -27.03 -11.65
C THR C 224 17.66 -27.87 -10.82
N GLY C 225 18.77 -28.26 -11.43
CA GLY C 225 19.81 -29.06 -10.79
C GLY C 225 21.17 -28.97 -11.43
N THR C 226 22.12 -29.78 -10.94
CA THR C 226 23.49 -29.81 -11.44
C THR C 226 23.89 -31.23 -11.77
N TYR C 227 24.38 -31.43 -12.99
CA TYR C 227 24.88 -32.71 -13.47
C TYR C 227 26.40 -32.73 -13.29
N ILE C 228 26.91 -33.76 -12.60
CA ILE C 228 28.34 -33.93 -12.40
C ILE C 228 28.80 -35.15 -13.21
N GLN C 229 29.81 -34.96 -14.08
CA GLN C 229 30.35 -36.03 -14.93
C GLN C 229 30.89 -37.19 -14.10
N MET C 230 30.60 -38.41 -14.55
CA MET C 230 31.04 -39.65 -13.91
C MET C 230 32.53 -39.88 -14.18
N PHE C 231 32.94 -39.82 -15.47
CA PHE C 231 34.32 -40.08 -15.89
C PHE C 231 35.08 -38.80 -16.31
N GLY C 232 34.46 -37.65 -16.15
CA GLY C 232 35.06 -36.35 -16.48
C GLY C 232 35.13 -35.43 -15.29
N ASP C 233 35.76 -34.25 -15.49
CA ASP C 233 35.94 -33.26 -14.43
C ASP C 233 35.02 -32.04 -14.58
N ASN C 234 34.10 -32.07 -15.54
CA ASN C 234 33.17 -30.96 -15.72
C ASN C 234 31.82 -31.23 -15.08
N ASP C 235 31.09 -30.14 -14.82
CA ASP C 235 29.70 -30.15 -14.36
C ASP C 235 28.91 -29.25 -15.29
N ILE C 236 27.58 -29.38 -15.28
CA ILE C 236 26.70 -28.58 -16.13
C ILE C 236 25.35 -28.43 -15.42
N GLU C 237 24.70 -27.27 -15.59
CA GLU C 237 23.38 -27.03 -15.03
C GLU C 237 22.35 -27.76 -15.89
N VAL C 238 21.36 -28.36 -15.25
CA VAL C 238 20.28 -29.08 -15.93
C VAL C 238 18.95 -28.55 -15.38
N SER C 239 18.10 -28.05 -16.26
CA SER C 239 16.80 -27.57 -15.82
C SER C 239 15.70 -28.16 -16.68
N LEU C 240 14.50 -28.21 -16.12
CA LEU C 240 13.30 -28.74 -16.74
C LEU C 240 12.24 -27.65 -16.70
N THR C 241 11.69 -27.32 -17.85
CA THR C 241 10.71 -26.26 -17.89
C THR C 241 9.31 -26.80 -17.61
N ALA C 242 8.44 -25.92 -17.05
CA ALA C 242 7.04 -26.22 -16.76
C ALA C 242 6.25 -26.29 -18.09
N ASN C 243 5.12 -27.03 -18.11
CA ASN C 243 4.30 -27.16 -19.32
C ASN C 243 2.85 -27.59 -19.03
N PRO C 244 1.88 -27.30 -19.94
CA PRO C 244 0.50 -27.80 -19.73
C PRO C 244 0.37 -29.24 -20.27
N SER C 245 -0.86 -29.78 -20.31
CA SER C 245 -1.08 -31.11 -20.86
C SER C 245 -1.01 -31.11 -22.40
N HIS C 246 -1.24 -29.93 -23.04
CA HIS C 246 -1.21 -29.72 -24.50
C HIS C 246 0.14 -30.12 -25.04
N LEU C 247 0.18 -31.28 -25.71
CA LEU C 247 1.42 -31.87 -26.23
C LEU C 247 2.02 -30.96 -27.29
N GLU C 248 3.35 -30.72 -27.17
CA GLU C 248 4.19 -29.94 -28.07
C GLU C 248 4.02 -28.42 -27.92
N ALA C 249 3.01 -27.93 -27.15
CA ALA C 249 2.80 -26.48 -26.94
C ALA C 249 4.02 -25.76 -26.31
N VAL C 250 4.82 -26.48 -25.51
CA VAL C 250 5.99 -25.98 -24.80
C VAL C 250 7.20 -25.82 -25.73
N ASP C 251 7.17 -26.49 -26.91
CA ASP C 251 8.30 -26.49 -27.85
C ASP C 251 8.85 -25.07 -28.12
N PRO C 252 8.06 -24.06 -28.55
CA PRO C 252 8.63 -22.71 -28.77
C PRO C 252 8.97 -21.97 -27.48
N VAL C 253 8.29 -22.33 -26.37
CA VAL C 253 8.50 -21.76 -25.04
C VAL C 253 9.93 -22.08 -24.60
N LEU C 254 10.35 -23.36 -24.76
CA LEU C 254 11.71 -23.86 -24.48
C LEU C 254 12.72 -23.05 -25.27
N GLU C 255 12.51 -22.93 -26.59
CA GLU C 255 13.39 -22.19 -27.50
C GLU C 255 13.59 -20.76 -27.03
N GLY C 256 12.49 -20.05 -26.71
CA GLY C 256 12.57 -18.68 -26.21
C GLY C 256 13.37 -18.57 -24.92
N LEU C 257 13.10 -19.52 -23.99
CA LEU C 257 13.73 -19.63 -22.68
C LEU C 257 15.25 -19.81 -22.83
N VAL C 258 15.69 -20.75 -23.67
CA VAL C 258 17.09 -20.98 -23.95
C VAL C 258 17.73 -19.72 -24.60
N ARG C 259 17.06 -19.12 -25.60
CA ARG C 259 17.56 -17.91 -26.29
C ARG C 259 17.80 -16.74 -25.32
N ALA C 260 16.90 -16.56 -24.31
CA ALA C 260 17.04 -15.54 -23.26
C ALA C 260 18.26 -15.80 -22.41
N LYS C 261 18.52 -17.08 -22.07
CA LYS C 261 19.65 -17.49 -21.24
C LYS C 261 20.94 -17.30 -22.02
N GLN C 262 20.93 -17.71 -23.29
CA GLN C 262 22.07 -17.53 -24.19
C GLN C 262 22.43 -16.04 -24.32
N ASP C 263 21.42 -15.13 -24.51
CA ASP C 263 21.67 -13.68 -24.59
C ASP C 263 22.29 -13.15 -23.28
N LEU C 264 21.82 -13.65 -22.11
CA LEU C 264 22.37 -13.25 -20.80
C LEU C 264 23.83 -13.70 -20.64
N LEU C 265 24.18 -14.91 -21.11
CA LEU C 265 25.52 -15.47 -21.02
C LEU C 265 26.46 -14.95 -22.11
N ASP C 266 25.99 -14.02 -22.96
CA ASP C 266 26.75 -13.42 -24.06
C ASP C 266 27.30 -14.51 -25.01
N THR C 267 26.46 -15.52 -25.30
CA THR C 267 26.75 -16.65 -26.18
C THR C 267 25.70 -16.70 -27.27
N GLY C 268 26.06 -17.23 -28.42
CA GLY C 268 25.17 -17.31 -29.56
C GLY C 268 25.10 -16.10 -30.48
N GLU C 269 23.90 -15.92 -31.10
CA GLU C 269 23.56 -14.89 -32.10
C GLU C 269 23.80 -13.46 -31.61
N GLU C 270 23.42 -13.17 -30.36
CA GLU C 270 23.60 -11.85 -29.73
C GLU C 270 24.77 -11.86 -28.73
N GLY C 271 25.68 -12.81 -28.91
CA GLY C 271 26.85 -12.98 -28.05
C GLY C 271 28.19 -12.72 -28.70
N SER C 272 29.25 -12.76 -27.88
CA SER C 272 30.64 -12.57 -28.28
C SER C 272 31.20 -13.91 -28.80
N ASP C 273 30.70 -15.05 -28.25
CA ASP C 273 31.09 -16.40 -28.66
C ASP C 273 29.92 -17.12 -29.38
N ASN C 274 30.25 -17.98 -30.34
CA ASN C 274 29.25 -18.75 -31.09
C ASN C 274 29.15 -20.19 -30.54
N ARG C 275 29.33 -20.36 -29.22
CA ARG C 275 29.22 -21.68 -28.59
C ARG C 275 27.77 -22.11 -28.40
N PHE C 276 26.83 -21.12 -28.24
CA PHE C 276 25.40 -21.36 -27.94
C PHE C 276 25.39 -22.36 -26.77
N SER C 277 26.09 -21.96 -25.68
CA SER C 277 26.40 -22.75 -24.49
C SER C 277 25.20 -23.16 -23.61
N VAL C 278 23.96 -22.87 -24.05
CA VAL C 278 22.72 -23.32 -23.40
C VAL C 278 22.04 -24.20 -24.46
N VAL C 279 21.81 -25.49 -24.15
CA VAL C 279 21.30 -26.46 -25.10
C VAL C 279 19.86 -26.84 -24.82
N PRO C 280 18.96 -26.65 -25.81
CA PRO C 280 17.59 -27.18 -25.66
C PRO C 280 17.59 -28.68 -25.95
N LEU C 281 17.06 -29.47 -25.01
CA LEU C 281 16.88 -30.92 -25.15
C LEU C 281 15.37 -31.14 -25.13
N MET C 282 14.77 -31.40 -26.28
CA MET C 282 13.30 -31.49 -26.42
C MET C 282 12.84 -32.92 -26.61
N LEU C 283 12.01 -33.41 -25.68
CA LEU C 283 11.45 -34.78 -25.78
C LEU C 283 10.04 -34.74 -26.36
N HIS C 284 9.70 -35.76 -27.13
CA HIS C 284 8.39 -35.87 -27.76
C HIS C 284 7.87 -37.30 -27.74
N GLY C 285 6.58 -37.44 -28.06
CA GLY C 285 5.90 -38.69 -28.32
C GLY C 285 5.76 -38.77 -29.83
N ASP C 286 5.65 -39.97 -30.38
CA ASP C 286 5.58 -40.17 -31.83
C ASP C 286 4.28 -39.66 -32.44
N ALA C 287 3.11 -39.78 -31.71
CA ALA C 287 1.88 -39.33 -32.37
C ALA C 287 1.83 -37.80 -32.41
N ALA C 288 2.23 -37.15 -31.32
CA ALA C 288 2.24 -35.71 -31.12
C ALA C 288 3.22 -35.00 -32.04
N PHE C 289 4.43 -35.58 -32.26
CA PHE C 289 5.48 -35.01 -33.11
C PHE C 289 5.03 -34.90 -34.56
N ALA C 290 4.25 -35.89 -35.03
CA ALA C 290 3.74 -35.92 -36.39
C ALA C 290 2.45 -35.08 -36.57
N GLY C 291 1.59 -35.04 -35.57
CA GLY C 291 0.31 -34.37 -35.71
C GLY C 291 0.21 -32.91 -35.32
N GLN C 292 1.09 -32.41 -34.42
CA GLN C 292 0.96 -31.03 -33.94
C GLN C 292 1.73 -30.03 -34.82
N GLY C 293 1.00 -29.07 -35.38
CA GLY C 293 1.55 -28.01 -36.24
C GLY C 293 2.63 -27.15 -35.60
N VAL C 294 2.57 -26.98 -34.27
CA VAL C 294 3.55 -26.15 -33.54
C VAL C 294 4.99 -26.73 -33.68
N VAL C 295 5.12 -28.04 -33.97
CA VAL C 295 6.40 -28.72 -34.23
C VAL C 295 7.04 -28.06 -35.46
N ALA C 296 6.33 -28.03 -36.61
CA ALA C 296 6.81 -27.38 -37.87
C ALA C 296 7.16 -25.89 -37.65
N GLU C 297 6.28 -25.15 -36.93
CA GLU C 297 6.46 -23.74 -36.61
C GLU C 297 7.72 -23.49 -35.81
N THR C 298 8.05 -24.40 -34.85
CA THR C 298 9.21 -24.28 -33.96
C THR C 298 10.50 -24.68 -34.70
N LEU C 299 10.43 -25.73 -35.54
CA LEU C 299 11.54 -26.14 -36.42
C LEU C 299 11.87 -25.00 -37.39
N ASN C 300 10.84 -24.30 -37.90
CA ASN C 300 11.02 -23.17 -38.80
C ASN C 300 11.82 -22.00 -38.18
N LEU C 301 11.93 -21.94 -36.84
CA LEU C 301 12.67 -20.88 -36.12
C LEU C 301 14.15 -21.21 -35.95
N ALA C 302 14.54 -22.48 -36.14
CA ALA C 302 15.85 -23.05 -35.82
C ALA C 302 17.06 -22.27 -36.35
N LEU C 303 16.97 -21.61 -37.50
CA LEU C 303 18.13 -20.90 -38.05
C LEU C 303 17.89 -19.41 -38.23
N LEU C 304 16.75 -18.89 -37.74
CA LEU C 304 16.41 -17.46 -37.86
C LEU C 304 17.29 -16.65 -36.90
N ARG C 305 17.79 -15.47 -37.33
CA ARG C 305 18.64 -14.61 -36.49
C ARG C 305 17.91 -14.18 -35.18
N GLY C 306 16.59 -13.96 -35.23
CA GLY C 306 15.85 -13.58 -34.03
C GLY C 306 15.43 -14.72 -33.11
N TYR C 307 15.58 -15.98 -33.58
CA TYR C 307 15.05 -17.11 -32.81
C TYR C 307 15.98 -18.30 -32.65
N ARG C 308 17.09 -18.40 -33.42
CA ARG C 308 18.00 -19.55 -33.37
C ARG C 308 18.62 -19.73 -31.98
N THR C 309 18.76 -20.99 -31.56
CA THR C 309 19.36 -21.37 -30.27
C THR C 309 20.63 -22.25 -30.48
N GLY C 310 21.16 -22.29 -31.70
CA GLY C 310 22.34 -23.08 -32.05
C GLY C 310 22.08 -24.57 -32.24
N GLY C 311 20.81 -24.93 -32.43
CA GLY C 311 20.39 -26.31 -32.62
C GLY C 311 19.83 -26.97 -31.36
N THR C 312 18.71 -27.65 -31.55
CA THR C 312 17.99 -28.38 -30.54
C THR C 312 18.27 -29.86 -30.69
N ILE C 313 18.47 -30.56 -29.57
CA ILE C 313 18.61 -32.03 -29.59
C ILE C 313 17.18 -32.56 -29.36
N HIS C 314 16.62 -33.25 -30.37
CA HIS C 314 15.28 -33.81 -30.25
C HIS C 314 15.35 -35.27 -29.97
N ILE C 315 14.54 -35.74 -29.01
CA ILE C 315 14.43 -37.16 -28.71
C ILE C 315 12.96 -37.51 -28.79
N VAL C 316 12.58 -38.36 -29.75
CA VAL C 316 11.21 -38.85 -29.84
C VAL C 316 11.14 -40.22 -29.15
N VAL C 317 10.31 -40.34 -28.08
CA VAL C 317 10.09 -41.61 -27.40
C VAL C 317 9.02 -42.31 -28.26
N ASN C 318 9.48 -43.00 -29.32
CA ASN C 318 8.61 -43.62 -30.30
C ASN C 318 8.22 -45.04 -29.89
N ASN C 319 7.11 -45.15 -29.12
CA ASN C 319 6.60 -46.45 -28.64
C ASN C 319 5.55 -47.02 -29.63
N GLN C 320 5.50 -46.46 -30.85
CA GLN C 320 4.72 -46.89 -32.01
C GLN C 320 3.20 -46.98 -31.70
N ILE C 321 2.70 -46.10 -30.81
CA ILE C 321 1.29 -46.02 -30.41
C ILE C 321 0.96 -44.62 -29.88
N GLY C 322 -0.27 -44.20 -30.13
CA GLY C 322 -0.80 -42.94 -29.64
C GLY C 322 -2.09 -43.26 -28.93
N PHE C 323 -2.01 -43.59 -27.61
CA PHE C 323 -3.12 -44.05 -26.75
C PHE C 323 -3.63 -45.40 -27.35
N THR C 324 -4.65 -45.40 -28.19
CA THR C 324 -5.14 -46.65 -28.84
C THR C 324 -4.85 -46.61 -30.37
N THR C 325 -4.29 -45.49 -30.87
CA THR C 325 -4.13 -45.25 -32.30
C THR C 325 -2.81 -45.77 -32.83
N ALA C 326 -2.92 -46.54 -33.92
CA ALA C 326 -1.79 -47.10 -34.66
C ALA C 326 -1.13 -46.00 -35.47
N PRO C 327 0.22 -46.05 -35.69
CA PRO C 327 0.89 -45.03 -36.53
C PRO C 327 0.27 -44.79 -37.92
N THR C 328 -0.38 -45.80 -38.52
CA THR C 328 -1.01 -45.66 -39.85
C THR C 328 -2.21 -44.68 -39.82
N ASP C 329 -2.79 -44.40 -38.63
CA ASP C 329 -3.86 -43.41 -38.47
C ASP C 329 -3.32 -42.09 -37.89
N SER C 330 -2.03 -42.04 -37.55
CA SER C 330 -1.41 -40.85 -36.94
C SER C 330 -0.57 -40.00 -37.91
N ARG C 331 -0.05 -40.60 -38.99
CA ARG C 331 0.82 -39.89 -39.93
C ARG C 331 0.74 -40.47 -41.33
N SER C 332 1.09 -39.63 -42.32
CA SER C 332 1.11 -39.95 -43.75
C SER C 332 2.53 -40.16 -44.28
N SER C 333 3.48 -40.50 -43.40
CA SER C 333 4.88 -40.69 -43.77
C SER C 333 5.45 -41.93 -43.10
N GLU C 334 6.61 -42.42 -43.59
CA GLU C 334 7.29 -43.61 -43.09
C GLU C 334 7.67 -43.45 -41.61
N TYR C 335 8.27 -42.30 -41.24
CA TYR C 335 8.72 -42.03 -39.87
C TYR C 335 7.97 -40.90 -39.20
N CYS C 336 7.81 -40.96 -37.85
CA CYS C 336 7.14 -39.90 -37.08
C CYS C 336 7.93 -38.57 -37.11
N THR C 337 9.21 -38.64 -37.42
CA THR C 337 10.18 -37.56 -37.43
C THR C 337 10.38 -36.89 -38.80
N ASP C 338 9.61 -37.31 -39.83
CA ASP C 338 9.77 -36.82 -41.20
C ASP C 338 9.54 -35.28 -41.36
N VAL C 339 8.85 -34.64 -40.41
CA VAL C 339 8.71 -33.18 -40.39
C VAL C 339 10.09 -32.49 -40.26
N ALA C 340 11.05 -33.07 -39.51
CA ALA C 340 12.37 -32.49 -39.29
C ALA C 340 13.19 -32.33 -40.60
N LYS C 341 12.78 -33.01 -41.69
CA LYS C 341 13.39 -32.92 -43.02
C LYS C 341 13.16 -31.51 -43.63
N MET C 342 12.16 -30.78 -43.11
CA MET C 342 11.78 -29.40 -43.42
C MET C 342 12.98 -28.45 -43.32
N ILE C 343 13.91 -28.69 -42.36
CA ILE C 343 15.07 -27.82 -42.12
C ILE C 343 16.37 -28.57 -42.39
N GLY C 344 16.25 -29.72 -43.04
CA GLY C 344 17.39 -30.56 -43.37
C GLY C 344 18.17 -31.03 -42.16
N ALA C 345 17.49 -31.41 -41.09
CA ALA C 345 18.15 -31.92 -39.88
C ALA C 345 18.50 -33.40 -40.05
N PRO C 346 19.69 -33.87 -39.58
CA PRO C 346 19.94 -35.32 -39.62
C PRO C 346 18.97 -36.08 -38.70
N ILE C 347 18.60 -37.32 -39.07
CA ILE C 347 17.66 -38.13 -38.28
C ILE C 347 18.29 -39.48 -38.02
N PHE C 348 18.26 -39.88 -36.74
CA PHE C 348 18.81 -41.18 -36.33
C PHE C 348 17.72 -42.00 -35.69
N HIS C 349 17.33 -43.08 -36.35
CA HIS C 349 16.33 -44.03 -35.85
C HIS C 349 17.10 -45.06 -35.07
N VAL C 350 16.77 -45.28 -33.80
CA VAL C 350 17.62 -46.21 -33.07
C VAL C 350 16.79 -47.24 -32.29
N ASN C 351 17.35 -48.45 -32.14
CA ASN C 351 16.73 -49.54 -31.40
C ASN C 351 16.81 -49.25 -29.90
N GLY C 352 15.68 -49.00 -29.28
CA GLY C 352 15.57 -48.72 -27.85
C GLY C 352 16.01 -49.88 -26.97
N ASP C 353 16.15 -51.10 -27.54
CA ASP C 353 16.63 -52.26 -26.78
C ASP C 353 18.17 -52.32 -26.82
N ASP C 354 18.85 -51.43 -27.60
CA ASP C 354 20.33 -51.38 -27.66
C ASP C 354 20.78 -50.06 -26.99
N PRO C 355 21.03 -50.10 -25.67
CA PRO C 355 21.39 -48.87 -24.95
C PRO C 355 22.74 -48.24 -25.37
N GLU C 356 23.68 -49.05 -25.89
CA GLU C 356 24.99 -48.61 -26.38
C GLU C 356 24.85 -47.80 -27.66
N ALA C 357 24.03 -48.28 -28.63
CA ALA C 357 23.78 -47.55 -29.88
C ALA C 357 23.03 -46.24 -29.56
N CYS C 358 22.11 -46.28 -28.57
CA CYS C 358 21.34 -45.12 -28.09
C CYS C 358 22.28 -44.06 -27.46
N ALA C 359 23.24 -44.49 -26.62
CA ALA C 359 24.21 -43.59 -25.98
C ALA C 359 25.17 -43.00 -27.03
N TRP C 360 25.63 -43.81 -28.01
CA TRP C 360 26.52 -43.41 -29.09
C TRP C 360 25.87 -42.35 -29.99
N VAL C 361 24.59 -42.57 -30.39
CA VAL C 361 23.82 -41.66 -31.25
C VAL C 361 23.60 -40.30 -30.53
N ALA C 362 23.33 -40.33 -29.21
CA ALA C 362 23.15 -39.16 -28.36
C ALA C 362 24.38 -38.25 -28.37
N ARG C 363 25.59 -38.86 -28.26
CA ARG C 363 26.87 -38.15 -28.25
C ARG C 363 27.20 -37.62 -29.66
N LEU C 364 26.88 -38.39 -30.72
CA LEU C 364 27.07 -37.97 -32.11
C LEU C 364 26.18 -36.74 -32.41
N ALA C 365 24.95 -36.76 -31.88
CA ALA C 365 23.95 -35.69 -32.01
C ALA C 365 24.45 -34.37 -31.40
N VAL C 366 25.03 -34.43 -30.19
CA VAL C 366 25.58 -33.26 -29.51
C VAL C 366 26.77 -32.69 -30.33
N ASP C 367 27.67 -33.56 -30.83
CA ASP C 367 28.82 -33.19 -31.67
C ASP C 367 28.36 -32.54 -32.99
N PHE C 368 27.27 -33.05 -33.62
CA PHE C 368 26.75 -32.47 -34.87
C PHE C 368 26.18 -31.06 -34.60
N ARG C 369 25.43 -30.91 -33.50
CA ARG C 369 24.82 -29.65 -33.08
C ARG C 369 25.94 -28.63 -32.81
N GLN C 370 27.01 -29.06 -32.13
CA GLN C 370 28.15 -28.17 -31.83
C GLN C 370 28.89 -27.75 -33.09
N ALA C 371 29.00 -28.66 -34.08
CA ALA C 371 29.71 -28.36 -35.33
C ALA C 371 28.91 -27.47 -36.30
N PHE C 372 27.59 -27.68 -36.39
CA PHE C 372 26.84 -26.96 -37.40
C PHE C 372 25.75 -26.01 -36.88
N LYS C 373 25.48 -26.00 -35.54
CA LYS C 373 24.48 -25.11 -34.90
C LYS C 373 23.08 -25.40 -35.47
N LYS C 374 22.80 -26.68 -35.71
CA LYS C 374 21.52 -27.11 -36.29
C LYS C 374 20.87 -28.22 -35.45
N ASP C 375 19.55 -28.43 -35.66
CA ASP C 375 18.72 -29.43 -34.97
C ASP C 375 19.16 -30.82 -35.37
N VAL C 376 19.14 -31.75 -34.40
CA VAL C 376 19.45 -33.17 -34.56
C VAL C 376 18.28 -33.93 -33.95
N VAL C 377 17.73 -34.89 -34.70
CA VAL C 377 16.57 -35.65 -34.24
C VAL C 377 16.95 -37.12 -34.01
N ILE C 378 16.67 -37.62 -32.80
CA ILE C 378 16.84 -39.01 -32.40
C ILE C 378 15.46 -39.64 -32.25
N ASP C 379 15.16 -40.60 -33.09
CA ASP C 379 13.90 -41.35 -33.07
C ASP C 379 14.15 -42.67 -32.33
N MET C 380 13.86 -42.72 -31.01
CA MET C 380 14.12 -43.95 -30.22
C MET C 380 12.93 -44.92 -30.32
N LEU C 381 13.09 -45.99 -31.07
CA LEU C 381 12.04 -47.01 -31.22
C LEU C 381 12.00 -47.91 -30.02
N CYS C 382 10.84 -47.93 -29.37
CA CYS C 382 10.61 -48.66 -28.15
C CYS C 382 9.15 -49.15 -28.13
N TYR C 383 8.61 -49.41 -26.93
CA TYR C 383 7.24 -49.87 -26.76
C TYR C 383 6.71 -49.34 -25.42
N ARG C 384 5.41 -49.46 -25.24
CA ARG C 384 4.70 -49.07 -24.03
C ARG C 384 4.27 -50.40 -23.44
N ARG C 385 4.95 -50.88 -22.40
CA ARG C 385 4.66 -52.19 -21.80
C ARG C 385 3.20 -52.36 -21.35
N ARG C 386 2.67 -51.34 -20.66
CA ARG C 386 1.33 -51.41 -20.09
C ARG C 386 0.33 -50.61 -20.91
N GLY C 387 -0.90 -50.50 -20.41
CA GLY C 387 -1.93 -49.68 -21.06
C GLY C 387 -1.57 -48.21 -20.93
N HIS C 388 -2.26 -47.36 -21.71
CA HIS C 388 -2.07 -45.91 -21.70
C HIS C 388 -2.44 -45.34 -20.31
N ASN C 389 -3.52 -45.86 -19.68
CA ASN C 389 -4.00 -45.48 -18.35
C ASN C 389 -4.79 -46.62 -17.69
N GLU C 390 -5.31 -46.34 -16.47
CA GLU C 390 -6.04 -47.26 -15.59
C GLU C 390 -7.12 -48.13 -16.27
N GLY C 391 -8.02 -47.52 -17.04
CA GLY C 391 -9.09 -48.28 -17.69
C GLY C 391 -8.73 -48.86 -19.05
N ASP C 392 -7.44 -48.92 -19.37
CA ASP C 392 -6.98 -49.42 -20.66
C ASP C 392 -6.34 -50.80 -20.58
N ASP C 393 -6.96 -51.75 -21.31
CA ASP C 393 -6.47 -53.08 -21.65
C ASP C 393 -6.06 -52.94 -23.12
N PRO C 394 -4.76 -52.68 -23.41
CA PRO C 394 -4.33 -52.40 -24.80
C PRO C 394 -4.54 -53.54 -25.82
N SER C 395 -4.95 -54.75 -25.39
CA SER C 395 -5.31 -55.89 -26.26
C SER C 395 -6.63 -55.65 -26.99
N MET C 396 -7.51 -54.80 -26.43
CA MET C 396 -8.82 -54.50 -27.02
C MET C 396 -8.67 -53.84 -28.36
N THR C 397 -7.67 -52.94 -28.48
CA THR C 397 -7.50 -52.16 -29.70
C THR C 397 -6.27 -52.56 -30.48
N GLN C 398 -5.21 -53.05 -29.83
CA GLN C 398 -4.01 -53.47 -30.56
C GLN C 398 -3.63 -54.90 -30.11
N PRO C 399 -4.48 -55.92 -30.41
CA PRO C 399 -4.20 -57.28 -29.90
C PRO C 399 -2.86 -57.88 -30.33
N TYR C 400 -2.41 -57.62 -31.57
CA TYR C 400 -1.15 -58.18 -32.09
C TYR C 400 0.09 -57.58 -31.40
N MET C 401 0.20 -56.25 -31.35
CA MET C 401 1.29 -55.52 -30.68
C MET C 401 1.42 -55.99 -29.22
N TYR C 402 0.28 -56.14 -28.53
CA TYR C 402 0.33 -56.51 -27.13
C TYR C 402 0.52 -58.01 -26.93
N ASP C 403 0.35 -58.87 -27.95
CA ASP C 403 0.68 -60.30 -27.76
C ASP C 403 2.25 -60.41 -27.82
N VAL C 404 2.88 -59.58 -28.67
CA VAL C 404 4.33 -59.46 -28.85
C VAL C 404 4.99 -58.74 -27.61
N ILE C 405 4.35 -57.66 -27.07
CA ILE C 405 4.84 -56.93 -25.88
C ILE C 405 4.79 -57.83 -24.62
N ASP C 406 3.80 -58.74 -24.54
CA ASP C 406 3.65 -59.70 -23.42
C ASP C 406 4.83 -60.69 -23.33
N THR C 407 5.55 -60.95 -24.44
CA THR C 407 6.72 -61.86 -24.45
C THR C 407 8.06 -61.06 -24.32
N LYS C 408 7.96 -59.72 -24.20
CA LYS C 408 9.12 -58.83 -24.10
C LYS C 408 9.59 -58.62 -22.67
N ARG C 409 10.86 -58.90 -22.45
CA ARG C 409 11.55 -58.66 -21.19
C ARG C 409 12.25 -57.34 -21.38
N GLY C 410 12.26 -56.51 -20.33
CA GLY C 410 12.84 -55.16 -20.34
C GLY C 410 14.25 -55.02 -20.90
N SER C 411 14.59 -53.78 -21.29
CA SER C 411 15.89 -53.37 -21.84
C SER C 411 17.04 -53.69 -20.89
N ARG C 412 16.80 -53.57 -19.56
CA ARG C 412 17.75 -53.81 -18.48
C ARG C 412 18.12 -55.29 -18.45
N LYS C 413 17.09 -56.18 -18.48
CA LYS C 413 17.29 -57.64 -18.46
C LYS C 413 17.99 -58.09 -19.75
N ALA C 414 17.64 -57.45 -20.89
CA ALA C 414 18.24 -57.74 -22.19
C ALA C 414 19.71 -57.37 -22.20
N TYR C 415 20.02 -56.11 -21.84
CA TYR C 415 21.37 -55.56 -21.85
C TYR C 415 22.30 -56.31 -20.87
N THR C 416 21.78 -56.80 -19.71
CA THR C 416 22.58 -57.59 -18.75
C THR C 416 22.94 -58.92 -19.40
N GLU C 417 21.98 -59.51 -20.14
CA GLU C 417 22.12 -60.79 -20.83
C GLU C 417 23.04 -60.66 -22.06
N ALA C 418 22.89 -59.58 -22.84
CA ALA C 418 23.70 -59.27 -24.03
C ALA C 418 25.19 -59.08 -23.65
N LEU C 419 25.48 -58.49 -22.47
CA LEU C 419 26.84 -58.29 -21.94
C LEU C 419 27.47 -59.62 -21.51
N ILE C 420 26.65 -60.63 -21.13
CA ILE C 420 27.13 -61.97 -20.74
C ILE C 420 27.49 -62.73 -22.03
N GLY C 421 26.56 -62.72 -22.99
CA GLY C 421 26.70 -63.36 -24.30
C GLY C 421 27.93 -62.91 -25.05
N ARG C 422 28.20 -61.58 -25.01
CA ARG C 422 29.37 -60.94 -25.63
C ARG C 422 30.68 -61.18 -24.82
N GLY C 423 30.55 -61.69 -23.59
CA GLY C 423 31.67 -61.95 -22.70
C GLY C 423 32.25 -60.71 -22.05
N ASP C 424 31.51 -59.55 -22.16
CA ASP C 424 31.90 -58.27 -21.60
C ASP C 424 31.82 -58.24 -20.08
N ILE C 425 30.83 -58.92 -19.47
CA ILE C 425 30.73 -59.00 -18.01
C ILE C 425 30.69 -60.46 -17.55
N SER C 426 31.16 -60.73 -16.32
CA SER C 426 31.11 -62.09 -15.76
C SER C 426 29.77 -62.30 -15.05
N MET C 427 29.53 -63.51 -14.51
CA MET C 427 28.32 -63.84 -13.74
C MET C 427 28.28 -62.98 -12.48
N LYS C 428 29.44 -62.85 -11.77
CA LYS C 428 29.62 -62.03 -10.56
C LYS C 428 29.27 -60.57 -10.85
N GLU C 429 29.75 -60.05 -12.01
CA GLU C 429 29.53 -58.69 -12.49
C GLU C 429 28.05 -58.46 -12.83
N ALA C 430 27.38 -59.50 -13.40
CA ALA C 430 25.95 -59.48 -13.73
C ALA C 430 25.12 -59.50 -12.44
N GLU C 431 25.49 -60.37 -11.47
CA GLU C 431 24.84 -60.53 -10.16
C GLU C 431 25.00 -59.27 -9.31
N ASP C 432 26.20 -58.63 -9.36
CA ASP C 432 26.50 -57.39 -8.61
C ASP C 432 25.61 -56.28 -9.10
N ALA C 433 25.27 -56.30 -10.41
CA ALA C 433 24.39 -55.34 -11.08
C ALA C 433 22.94 -55.54 -10.63
N LEU C 434 22.53 -56.81 -10.39
CA LEU C 434 21.21 -57.16 -9.87
C LEU C 434 21.13 -56.73 -8.38
N ARG C 435 22.29 -56.69 -7.70
CA ARG C 435 22.41 -56.20 -6.32
C ARG C 435 22.31 -54.67 -6.34
N ASP C 436 22.83 -54.02 -7.41
CA ASP C 436 22.74 -52.57 -7.58
C ASP C 436 21.28 -52.18 -7.82
N TYR C 437 20.56 -52.93 -8.70
CA TYR C 437 19.13 -52.76 -9.03
C TYR C 437 18.28 -52.82 -7.77
N GLN C 438 18.42 -53.92 -7.00
CA GLN C 438 17.74 -54.19 -5.73
C GLN C 438 18.03 -53.09 -4.70
N GLY C 439 19.29 -52.64 -4.64
CA GLY C 439 19.73 -51.55 -3.77
C GLY C 439 19.13 -50.20 -4.14
N GLN C 440 18.92 -49.94 -5.45
CA GLN C 440 18.27 -48.71 -5.96
C GLN C 440 16.77 -48.74 -5.65
N LEU C 441 16.12 -49.91 -5.80
CA LEU C 441 14.69 -50.12 -5.51
C LEU C 441 14.43 -49.94 -3.99
N GLU C 442 15.33 -50.47 -3.14
CA GLU C 442 15.22 -50.35 -1.69
C GLU C 442 15.36 -48.92 -1.22
N ARG C 443 16.40 -48.22 -1.70
CA ARG C 443 16.70 -46.83 -1.33
C ARG C 443 15.50 -45.88 -1.60
N VAL C 444 14.85 -46.00 -2.76
CA VAL C 444 13.72 -45.12 -3.06
C VAL C 444 12.55 -45.47 -2.11
N PHE C 445 12.29 -46.76 -1.85
CA PHE C 445 11.24 -47.17 -0.89
C PHE C 445 11.55 -46.66 0.53
N ASN C 446 12.82 -46.76 0.98
CA ASN C 446 13.31 -46.32 2.29
C ASN C 446 13.28 -44.79 2.46
N GLU C 447 13.86 -44.02 1.48
CA GLU C 447 13.92 -42.55 1.54
C GLU C 447 12.54 -41.93 1.58
N VAL C 448 11.58 -42.51 0.83
CA VAL C 448 10.19 -42.05 0.78
C VAL C 448 9.49 -42.47 2.10
N ARG C 449 9.83 -43.67 2.67
CA ARG C 449 9.30 -44.12 3.97
C ARG C 449 9.69 -43.11 5.05
N GLU C 450 10.99 -42.70 5.07
CA GLU C 450 11.58 -41.71 5.98
C GLU C 450 10.94 -40.32 5.76
N LEU C 451 10.57 -40.00 4.50
CA LEU C 451 9.93 -38.74 4.13
C LEU C 451 8.52 -38.64 4.75
N GLU C 452 7.69 -39.71 4.58
CA GLU C 452 6.32 -39.82 5.09
C GLU C 452 6.22 -39.65 6.61
N LYS C 453 7.27 -40.06 7.35
CA LYS C 453 7.37 -39.98 8.82
C LYS C 453 7.44 -38.51 9.28
N HIS C 454 8.19 -37.66 8.55
CA HIS C 454 8.32 -36.23 8.85
C HIS C 454 7.01 -35.49 8.51
N GLU C 455 6.16 -36.07 7.62
CA GLU C 455 4.85 -35.51 7.26
C GLU C 455 3.71 -36.32 7.91
N LEU C 472 6.98 3.59 -7.71
CA LEU C 472 8.06 3.88 -8.65
C LEU C 472 7.65 4.97 -9.64
N ALA C 473 8.59 5.92 -9.94
CA ALA C 473 8.34 7.05 -10.84
C ALA C 473 8.73 6.69 -12.28
N THR C 474 7.82 6.96 -13.23
CA THR C 474 8.05 6.62 -14.64
C THR C 474 8.41 7.87 -15.48
N ALA C 475 8.33 9.09 -14.89
CA ALA C 475 8.66 10.32 -15.59
C ALA C 475 10.17 10.39 -15.90
N VAL C 476 10.53 10.96 -17.05
CA VAL C 476 11.93 11.13 -17.47
C VAL C 476 12.22 12.64 -17.60
N ASP C 477 13.49 13.05 -17.71
CA ASP C 477 13.83 14.46 -17.90
C ASP C 477 13.70 14.80 -19.39
N LYS C 478 13.45 16.09 -19.73
CA LYS C 478 13.31 16.53 -21.12
C LYS C 478 14.58 16.18 -21.93
N ALA C 479 15.78 16.20 -21.28
CA ALA C 479 17.06 15.84 -21.89
C ALA C 479 17.07 14.39 -22.38
N MET C 480 16.31 13.48 -21.72
CA MET C 480 16.17 12.07 -22.13
C MET C 480 15.38 12.00 -23.45
N LEU C 481 14.26 12.75 -23.54
CA LEU C 481 13.41 12.84 -24.74
C LEU C 481 14.21 13.39 -25.92
N GLN C 482 15.01 14.46 -25.67
CA GLN C 482 15.86 15.14 -26.66
C GLN C 482 16.93 14.21 -27.21
N ARG C 483 17.50 13.38 -26.33
CA ARG C 483 18.55 12.40 -26.65
C ARG C 483 18.00 11.31 -27.58
N ILE C 484 16.79 10.79 -27.30
CA ILE C 484 16.13 9.77 -28.12
C ILE C 484 15.76 10.40 -29.49
N GLY C 485 15.37 11.68 -29.48
CA GLY C 485 15.07 12.45 -30.68
C GLY C 485 16.29 12.64 -31.56
N ASP C 486 17.43 13.03 -30.97
CA ASP C 486 18.71 13.24 -31.66
C ASP C 486 19.34 11.94 -32.17
N ALA C 487 19.04 10.80 -31.51
CA ALA C 487 19.53 9.49 -31.94
C ALA C 487 19.02 9.13 -33.35
N HIS C 488 17.79 9.56 -33.71
CA HIS C 488 17.15 9.34 -35.01
C HIS C 488 17.88 10.07 -36.15
N LEU C 489 18.73 11.06 -35.81
CA LEU C 489 19.49 11.83 -36.78
C LEU C 489 20.99 11.54 -36.71
N ALA C 490 21.44 10.79 -35.68
CA ALA C 490 22.85 10.45 -35.50
C ALA C 490 23.23 9.23 -36.37
N LEU C 491 23.15 9.44 -37.70
CA LEU C 491 23.39 8.42 -38.72
C LEU C 491 24.87 8.03 -38.86
N PRO C 492 25.17 6.73 -39.13
CA PRO C 492 26.57 6.34 -39.38
C PRO C 492 27.10 6.99 -40.65
N GLU C 493 28.43 7.14 -40.76
CA GLU C 493 29.10 7.76 -41.92
C GLU C 493 28.61 7.15 -43.24
N GLY C 494 28.29 8.03 -44.19
CA GLY C 494 27.85 7.67 -45.54
C GLY C 494 26.50 7.00 -45.66
N PHE C 495 25.74 6.87 -44.54
CA PHE C 495 24.41 6.25 -44.56
C PHE C 495 23.46 7.07 -45.40
N THR C 496 22.73 6.40 -46.31
CA THR C 496 21.72 7.00 -47.19
C THR C 496 20.36 6.62 -46.66
N VAL C 497 19.58 7.59 -46.18
CA VAL C 497 18.23 7.31 -45.69
C VAL C 497 17.25 7.39 -46.86
N HIS C 498 16.24 6.49 -46.87
CA HIS C 498 15.17 6.47 -47.89
C HIS C 498 14.41 7.81 -47.82
N PRO C 499 14.16 8.47 -48.97
CA PRO C 499 13.52 9.80 -48.96
C PRO C 499 12.23 9.93 -48.11
N ARG C 500 11.44 8.85 -47.95
CA ARG C 500 10.18 8.85 -47.17
C ARG C 500 10.41 8.55 -45.67
N VAL C 501 11.61 8.11 -45.29
CA VAL C 501 11.93 7.80 -43.87
C VAL C 501 12.57 9.03 -43.20
N ARG C 502 13.41 9.79 -43.94
CA ARG C 502 14.09 11.00 -43.48
C ARG C 502 13.10 11.97 -42.74
N PRO C 503 11.89 12.35 -43.28
CA PRO C 503 11.02 13.28 -42.53
C PRO C 503 10.53 12.73 -41.20
N VAL C 504 10.43 11.39 -41.05
CA VAL C 504 10.00 10.70 -39.82
C VAL C 504 11.06 10.91 -38.76
N LEU C 505 12.34 10.72 -39.13
CA LEU C 505 13.49 10.96 -38.26
C LEU C 505 13.56 12.43 -37.77
N GLU C 506 13.42 13.38 -38.70
CA GLU C 506 13.44 14.83 -38.43
C GLU C 506 12.23 15.28 -37.58
N LYS C 507 11.06 14.67 -37.81
CA LYS C 507 9.83 14.95 -37.08
C LYS C 507 9.97 14.51 -35.62
N ARG C 508 10.76 13.45 -35.39
CA ARG C 508 10.99 12.92 -34.06
C ARG C 508 11.92 13.81 -33.26
N ARG C 509 12.95 14.38 -33.89
CA ARG C 509 13.81 15.38 -33.23
C ARG C 509 12.95 16.60 -32.85
N GLU C 510 12.05 17.03 -33.75
CA GLU C 510 11.11 18.14 -33.56
C GLU C 510 10.16 17.84 -32.40
N MET C 511 9.54 16.63 -32.38
CA MET C 511 8.62 16.22 -31.33
C MET C 511 9.29 16.20 -29.95
N ALA C 512 10.54 15.69 -29.88
CA ALA C 512 11.33 15.57 -28.65
C ALA C 512 11.61 16.94 -27.98
N TYR C 513 11.79 18.00 -28.80
CA TYR C 513 12.09 19.35 -28.32
C TYR C 513 10.88 20.26 -28.22
N GLU C 514 9.88 20.07 -29.11
CA GLU C 514 8.74 20.98 -29.22
C GLU C 514 7.38 20.41 -28.78
N GLY C 515 7.26 19.09 -28.60
CA GLY C 515 6.00 18.48 -28.19
C GLY C 515 5.20 17.94 -29.35
N ARG C 516 3.87 17.76 -29.15
CA ARG C 516 2.92 17.13 -30.09
C ARG C 516 3.42 15.70 -30.43
N ILE C 517 3.99 15.01 -29.41
CA ILE C 517 4.53 13.66 -29.55
C ILE C 517 3.40 12.68 -29.92
N ASP C 518 3.58 11.95 -31.03
CA ASP C 518 2.59 10.99 -31.49
C ASP C 518 2.82 9.63 -30.81
N TRP C 519 1.88 8.68 -31.02
CA TRP C 519 1.89 7.34 -30.41
C TRP C 519 3.17 6.55 -30.72
N ALA C 520 3.53 6.46 -32.00
CA ALA C 520 4.66 5.69 -32.47
C ALA C 520 5.96 6.15 -31.84
N PHE C 521 6.15 7.48 -31.70
CA PHE C 521 7.35 8.03 -31.09
C PHE C 521 7.33 7.82 -29.56
N ALA C 522 6.15 7.98 -28.93
CA ALA C 522 5.98 7.77 -27.48
C ALA C 522 6.44 6.35 -27.07
N GLU C 523 6.11 5.34 -27.90
CA GLU C 523 6.54 3.95 -27.69
C GLU C 523 8.07 3.86 -27.68
N LEU C 524 8.74 4.48 -28.67
CA LEU C 524 10.20 4.46 -28.78
C LEU C 524 10.86 5.29 -27.66
N LEU C 525 10.15 6.33 -27.16
CA LEU C 525 10.63 7.13 -26.03
C LEU C 525 10.66 6.27 -24.78
N ALA C 526 9.63 5.40 -24.57
CA ALA C 526 9.55 4.48 -23.42
C ALA C 526 10.63 3.42 -23.51
N LEU C 527 10.79 2.78 -24.68
CA LEU C 527 11.76 1.71 -24.86
C LEU C 527 13.20 2.26 -24.82
N GLY C 528 13.42 3.42 -25.45
CA GLY C 528 14.72 4.09 -25.49
C GLY C 528 15.22 4.53 -24.11
N SER C 529 14.30 5.07 -23.29
CA SER C 529 14.62 5.51 -21.92
C SER C 529 14.91 4.30 -21.01
N LEU C 530 14.26 3.15 -21.26
CA LEU C 530 14.55 1.90 -20.52
C LEU C 530 15.94 1.38 -20.87
N ILE C 531 16.32 1.41 -22.18
CA ILE C 531 17.66 0.99 -22.66
C ILE C 531 18.73 1.92 -22.02
N ALA C 532 18.46 3.25 -21.97
CA ALA C 532 19.36 4.25 -21.38
C ALA C 532 19.57 3.99 -19.89
N GLU C 533 18.55 3.42 -19.23
CA GLU C 533 18.59 3.06 -17.80
C GLU C 533 19.21 1.67 -17.56
N GLY C 534 19.64 0.99 -18.62
CA GLY C 534 20.31 -0.32 -18.52
C GLY C 534 19.48 -1.57 -18.77
N LYS C 535 18.21 -1.41 -19.22
CA LYS C 535 17.34 -2.56 -19.45
C LYS C 535 17.50 -3.17 -20.85
N LEU C 536 17.43 -4.52 -20.92
CA LEU C 536 17.43 -5.24 -22.19
C LEU C 536 16.00 -5.19 -22.69
N VAL C 537 15.81 -4.76 -23.94
CA VAL C 537 14.51 -4.67 -24.56
C VAL C 537 14.48 -5.55 -25.81
N ARG C 538 13.53 -6.49 -25.87
CA ARG C 538 13.30 -7.38 -27.00
C ARG C 538 11.91 -7.11 -27.57
N LEU C 539 11.86 -6.69 -28.84
CA LEU C 539 10.63 -6.35 -29.55
C LEU C 539 10.57 -7.14 -30.86
N SER C 540 9.45 -7.86 -31.09
CA SER C 540 9.33 -8.64 -32.32
C SER C 540 7.87 -8.85 -32.68
N GLY C 541 7.63 -9.25 -33.91
CA GLY C 541 6.31 -9.47 -34.47
C GLY C 541 6.41 -9.36 -35.98
N GLN C 542 5.30 -9.58 -36.69
CA GLN C 542 5.30 -9.53 -38.13
C GLN C 542 5.53 -8.09 -38.60
N ASP C 543 6.64 -7.87 -39.33
CA ASP C 543 7.03 -6.58 -39.91
C ASP C 543 7.19 -5.49 -38.84
N THR C 544 7.57 -5.87 -37.63
CA THR C 544 7.70 -5.00 -36.45
C THR C 544 8.85 -3.98 -36.58
N GLN C 545 9.90 -4.28 -37.38
CA GLN C 545 11.01 -3.33 -37.50
C GLN C 545 10.53 -2.01 -38.13
N ARG C 546 9.69 -2.12 -39.14
CA ARG C 546 9.16 -0.93 -39.80
C ARG C 546 7.80 -0.54 -39.19
N GLY C 547 6.99 -1.55 -38.92
CA GLY C 547 5.64 -1.40 -38.40
C GLY C 547 4.66 -1.70 -39.50
N THR C 548 3.59 -2.44 -39.15
CA THR C 548 2.52 -2.78 -40.07
C THR C 548 1.93 -1.49 -40.72
N PHE C 549 1.81 -0.39 -39.95
CA PHE C 549 1.19 0.86 -40.43
C PHE C 549 2.24 1.91 -40.74
N THR C 550 3.48 1.47 -41.10
CA THR C 550 4.67 2.27 -41.48
C THR C 550 4.94 3.39 -40.46
N GLN C 551 4.66 3.14 -39.19
CA GLN C 551 4.78 4.16 -38.15
C GLN C 551 6.02 4.01 -37.24
N ARG C 552 6.61 2.80 -37.11
CA ARG C 552 7.68 2.60 -36.14
C ARG C 552 9.09 2.99 -36.62
N HIS C 553 9.63 2.34 -37.68
CA HIS C 553 11.00 2.57 -38.19
C HIS C 553 12.01 2.43 -37.04
N ALA C 554 11.94 1.27 -36.33
CA ALA C 554 12.86 0.91 -35.23
C ALA C 554 14.24 0.60 -35.84
N VAL C 555 14.21 0.06 -37.05
CA VAL C 555 15.35 -0.23 -37.89
C VAL C 555 15.11 0.53 -39.20
N ILE C 556 16.12 1.25 -39.71
CA ILE C 556 16.02 1.94 -40.99
C ILE C 556 17.08 1.28 -41.89
N VAL C 557 16.82 1.26 -43.21
CA VAL C 557 17.64 0.52 -44.17
C VAL C 557 18.28 1.48 -45.17
N ASP C 558 19.62 1.33 -45.39
CA ASP C 558 20.39 2.15 -46.34
C ASP C 558 19.87 1.92 -47.74
N ARG C 559 19.37 3.00 -48.37
CA ARG C 559 18.74 3.02 -49.69
C ARG C 559 19.63 2.37 -50.78
N LYS C 560 20.98 2.52 -50.68
CA LYS C 560 21.91 1.96 -51.65
C LYS C 560 22.60 0.64 -51.19
N THR C 561 22.77 0.39 -49.88
CA THR C 561 23.51 -0.82 -49.46
C THR C 561 22.64 -1.90 -48.77
N GLY C 562 21.55 -1.48 -48.16
CA GLY C 562 20.69 -2.39 -47.42
C GLY C 562 21.16 -2.58 -45.99
N GLU C 563 22.19 -1.83 -45.56
CA GLU C 563 22.70 -1.90 -44.19
C GLU C 563 21.66 -1.34 -43.21
N GLU C 564 21.37 -2.11 -42.17
CA GLU C 564 20.40 -1.74 -41.14
C GLU C 564 21.04 -0.81 -40.10
N PHE C 565 20.28 0.20 -39.66
CA PHE C 565 20.66 1.14 -38.61
C PHE C 565 19.54 1.15 -37.58
N THR C 566 19.89 0.99 -36.28
CA THR C 566 18.93 0.93 -35.18
C THR C 566 19.15 2.14 -34.29
N PRO C 567 18.39 3.26 -34.51
CA PRO C 567 18.58 4.46 -33.69
C PRO C 567 18.55 4.24 -32.15
N LEU C 568 17.61 3.42 -31.63
CA LEU C 568 17.50 3.19 -30.18
C LEU C 568 18.71 2.47 -29.57
N GLN C 569 19.54 1.79 -30.39
CA GLN C 569 20.74 1.09 -29.91
C GLN C 569 21.84 2.08 -29.44
N LEU C 570 21.79 3.33 -29.88
CA LEU C 570 22.72 4.39 -29.45
C LEU C 570 22.51 4.76 -27.97
N LEU C 571 21.31 4.42 -27.42
CA LEU C 571 20.95 4.71 -26.03
C LEU C 571 21.66 3.76 -25.06
N ALA C 572 22.16 2.61 -25.56
CA ALA C 572 22.89 1.59 -24.78
C ALA C 572 24.30 2.08 -24.37
N THR C 573 24.72 3.27 -24.88
CA THR C 573 26.00 3.90 -24.55
C THR C 573 25.69 5.26 -23.91
N ASN C 574 26.25 5.51 -22.72
CA ASN C 574 26.09 6.77 -21.98
C ASN C 574 26.82 7.92 -22.70
N PRO C 575 26.47 9.22 -22.47
CA PRO C 575 27.19 10.31 -23.13
C PRO C 575 28.71 10.30 -22.92
N ASP C 576 29.20 9.76 -21.78
CA ASP C 576 30.64 9.64 -21.50
C ASP C 576 31.32 8.54 -22.36
N GLY C 577 30.52 7.62 -22.91
CA GLY C 577 31.00 6.53 -23.76
C GLY C 577 30.96 5.14 -23.14
N THR C 578 30.60 5.05 -21.86
CA THR C 578 30.53 3.77 -21.15
C THR C 578 29.20 3.06 -21.46
N PRO C 579 29.12 1.71 -21.43
CA PRO C 579 27.83 1.06 -21.68
C PRO C 579 26.86 1.24 -20.51
N THR C 580 25.54 1.31 -20.82
CA THR C 580 24.48 1.45 -19.82
C THR C 580 24.10 0.08 -19.25
N GLY C 581 24.43 -0.98 -20.00
CA GLY C 581 24.06 -2.37 -19.71
C GLY C 581 22.83 -2.77 -20.49
N GLY C 582 22.21 -1.80 -21.16
CA GLY C 582 21.00 -1.98 -21.97
C GLY C 582 21.27 -2.44 -23.39
N LYS C 583 20.22 -2.89 -24.09
CA LYS C 583 20.31 -3.40 -25.46
C LYS C 583 18.94 -3.40 -26.11
N PHE C 584 18.88 -3.10 -27.43
CA PHE C 584 17.64 -3.14 -28.19
C PHE C 584 17.74 -4.27 -29.19
N LEU C 585 16.86 -5.27 -29.03
CA LEU C 585 16.81 -6.45 -29.87
C LEU C 585 15.47 -6.45 -30.60
N VAL C 586 15.46 -5.94 -31.84
CA VAL C 586 14.24 -5.82 -32.61
C VAL C 586 14.32 -6.71 -33.87
N TYR C 587 13.26 -7.50 -34.08
CA TYR C 587 13.22 -8.43 -35.20
C TYR C 587 11.89 -8.48 -35.87
N ASN C 588 11.93 -8.85 -37.15
CA ASN C 588 10.77 -9.23 -37.92
C ASN C 588 10.57 -10.73 -37.59
N SER C 589 9.38 -11.13 -37.22
CA SER C 589 9.14 -12.54 -36.93
C SER C 589 8.79 -13.33 -38.22
N ALA C 590 8.73 -14.66 -38.08
CA ALA C 590 8.26 -15.54 -39.13
C ALA C 590 6.73 -15.35 -39.20
N LEU C 591 6.06 -15.84 -40.25
CA LEU C 591 4.60 -15.69 -40.31
C LEU C 591 3.99 -16.80 -39.45
N SER C 592 4.14 -16.63 -38.13
CA SER C 592 3.66 -17.52 -37.07
C SER C 592 3.11 -16.72 -35.92
N GLU C 593 2.08 -17.26 -35.25
CA GLU C 593 1.51 -16.67 -34.05
C GLU C 593 1.83 -17.58 -32.88
N PHE C 594 1.46 -18.87 -32.98
CA PHE C 594 1.64 -19.89 -31.95
C PHE C 594 3.12 -19.98 -31.49
N ALA C 595 4.07 -20.24 -32.42
CA ALA C 595 5.49 -20.34 -32.05
C ALA C 595 6.07 -19.01 -31.60
N ALA C 596 5.78 -17.90 -32.30
CA ALA C 596 6.29 -16.58 -31.94
C ALA C 596 5.84 -16.11 -30.54
N VAL C 597 4.53 -16.25 -30.19
CA VAL C 597 4.00 -15.88 -28.87
C VAL C 597 4.59 -16.83 -27.79
N GLY C 598 4.67 -18.12 -28.10
CA GLY C 598 5.29 -19.10 -27.21
C GLY C 598 6.74 -18.74 -26.92
N PHE C 599 7.47 -18.30 -27.97
CA PHE C 599 8.87 -17.92 -27.88
C PHE C 599 9.07 -16.71 -26.96
N GLU C 600 8.29 -15.66 -27.17
CA GLU C 600 8.35 -14.42 -26.39
C GLU C 600 7.95 -14.67 -24.94
N TYR C 601 6.93 -15.50 -24.70
CA TYR C 601 6.57 -15.91 -23.34
C TYR C 601 7.78 -16.60 -22.70
N GLY C 602 8.38 -17.56 -23.42
CA GLY C 602 9.55 -18.29 -22.93
C GLY C 602 10.74 -17.37 -22.66
N TYR C 603 10.95 -16.37 -23.53
CA TYR C 603 12.03 -15.40 -23.40
C TYR C 603 11.91 -14.61 -22.07
N SER C 604 10.69 -14.14 -21.72
CA SER C 604 10.47 -13.39 -20.46
C SER C 604 10.70 -14.29 -19.22
N VAL C 605 10.39 -15.58 -19.31
CA VAL C 605 10.66 -16.56 -18.22
C VAL C 605 12.19 -16.74 -18.08
N GLY C 606 12.88 -16.83 -19.21
CA GLY C 606 14.34 -17.01 -19.26
C GLY C 606 15.12 -15.84 -18.70
N ASN C 607 14.62 -14.60 -18.93
CA ASN C 607 15.21 -13.37 -18.42
C ASN C 607 14.10 -12.49 -17.83
N PRO C 608 13.84 -12.65 -16.51
CA PRO C 608 12.79 -11.82 -15.85
C PRO C 608 13.10 -10.32 -15.85
N ASP C 609 14.36 -9.93 -16.12
CA ASP C 609 14.83 -8.55 -16.13
C ASP C 609 14.71 -7.90 -17.49
N ALA C 610 14.38 -8.69 -18.50
CA ALA C 610 14.17 -8.23 -19.88
C ALA C 610 12.79 -7.65 -20.07
N MET C 611 12.69 -6.63 -20.94
CA MET C 611 11.45 -6.03 -21.41
C MET C 611 11.14 -6.79 -22.71
N VAL C 612 10.10 -7.64 -22.74
CA VAL C 612 9.76 -8.51 -23.87
C VAL C 612 8.39 -8.13 -24.41
N LEU C 613 8.34 -7.69 -25.68
CA LEU C 613 7.09 -7.31 -26.33
C LEU C 613 6.92 -8.06 -27.65
N TRP C 614 5.74 -8.66 -27.83
CA TRP C 614 5.38 -9.33 -29.06
C TRP C 614 4.26 -8.55 -29.66
N GLU C 615 4.32 -8.31 -30.96
CA GLU C 615 3.30 -7.52 -31.61
C GLU C 615 2.57 -8.31 -32.69
N ALA C 616 1.22 -8.40 -32.58
CA ALA C 616 0.38 -9.02 -33.60
C ALA C 616 0.27 -8.06 -34.79
N GLN C 617 0.18 -8.57 -36.03
CA GLN C 617 0.03 -7.73 -37.23
C GLN C 617 -1.25 -6.88 -37.03
N PHE C 618 -2.31 -7.57 -36.60
CA PHE C 618 -3.62 -7.10 -36.17
C PHE C 618 -3.99 -8.00 -35.02
N GLY C 619 -4.67 -7.47 -33.99
CA GLY C 619 -5.06 -8.30 -32.85
C GLY C 619 -5.88 -9.53 -33.22
N ASP C 620 -6.58 -9.46 -34.39
CA ASP C 620 -7.46 -10.52 -34.92
C ASP C 620 -6.74 -11.88 -35.18
N PHE C 621 -5.39 -11.88 -35.29
CA PHE C 621 -4.62 -13.09 -35.60
C PHE C 621 -3.99 -13.73 -34.36
N VAL C 622 -4.20 -13.12 -33.18
CA VAL C 622 -3.63 -13.68 -31.95
C VAL C 622 -4.40 -14.98 -31.53
N ASN C 623 -5.61 -15.23 -32.08
CA ASN C 623 -6.35 -16.49 -31.79
C ASN C 623 -5.59 -17.72 -32.35
N GLY C 624 -4.64 -17.49 -33.27
CA GLY C 624 -3.74 -18.53 -33.77
C GLY C 624 -2.75 -18.98 -32.70
N ALA C 625 -2.66 -18.22 -31.58
CA ALA C 625 -1.78 -18.52 -30.46
C ALA C 625 -2.59 -18.78 -29.20
N GLN C 626 -3.88 -19.17 -29.35
CA GLN C 626 -4.79 -19.36 -28.22
C GLN C 626 -4.25 -20.34 -27.16
N SER C 627 -3.63 -21.48 -27.57
CA SER C 627 -3.08 -22.45 -26.62
C SER C 627 -2.01 -21.78 -25.69
N ILE C 628 -1.22 -20.84 -26.20
CA ILE C 628 -0.20 -20.15 -25.41
C ILE C 628 -0.86 -19.17 -24.42
N ILE C 629 -1.84 -18.39 -24.92
CA ILE C 629 -2.59 -17.44 -24.10
C ILE C 629 -3.29 -18.21 -22.96
N ASP C 630 -4.05 -19.26 -23.32
CA ASP C 630 -4.79 -20.07 -22.37
C ASP C 630 -3.93 -20.87 -21.37
N GLU C 631 -2.88 -21.55 -21.88
CA GLU C 631 -2.10 -22.51 -21.08
C GLU C 631 -0.85 -21.94 -20.44
N PHE C 632 -0.33 -20.81 -20.93
CA PHE C 632 0.90 -20.27 -20.36
C PHE C 632 0.73 -18.88 -19.80
N ILE C 633 0.46 -17.90 -20.68
CA ILE C 633 0.38 -16.47 -20.32
C ILE C 633 -0.65 -16.19 -19.19
N SER C 634 -1.91 -16.53 -19.40
CA SER C 634 -2.97 -16.21 -18.46
C SER C 634 -2.97 -17.05 -17.18
N SER C 635 -2.36 -18.22 -17.19
CA SER C 635 -2.48 -19.18 -16.09
C SER C 635 -1.21 -19.85 -15.51
N GLY C 636 -0.05 -19.66 -16.12
CA GLY C 636 1.21 -20.25 -15.65
C GLY C 636 1.57 -19.94 -14.19
N GLU C 637 1.33 -18.69 -13.76
CA GLU C 637 1.63 -18.25 -12.39
C GLU C 637 0.82 -19.03 -11.35
N ALA C 638 -0.51 -19.09 -11.49
CA ALA C 638 -1.37 -19.81 -10.54
C ALA C 638 -1.14 -21.30 -10.58
N LYS C 639 -0.89 -21.88 -11.77
CA LYS C 639 -0.73 -23.32 -11.91
C LYS C 639 0.65 -23.82 -11.49
N TRP C 640 1.71 -23.10 -11.86
CA TRP C 640 3.06 -23.62 -11.61
C TRP C 640 3.99 -22.72 -10.80
N GLY C 641 3.53 -21.53 -10.44
CA GLY C 641 4.38 -20.55 -9.78
C GLY C 641 5.37 -19.95 -10.76
N GLN C 642 5.14 -20.15 -12.07
CA GLN C 642 6.02 -19.65 -13.14
C GLN C 642 5.55 -18.27 -13.55
N LEU C 643 6.46 -17.30 -13.47
CA LEU C 643 6.15 -15.91 -13.72
C LEU C 643 6.69 -15.43 -15.07
N SER C 644 5.91 -14.59 -15.73
CA SER C 644 6.25 -13.99 -17.01
C SER C 644 5.80 -12.55 -17.05
N ASP C 645 6.63 -11.67 -17.61
CA ASP C 645 6.36 -10.24 -17.78
C ASP C 645 6.19 -9.91 -19.25
N VAL C 646 5.82 -10.91 -20.08
CA VAL C 646 5.64 -10.71 -21.53
C VAL C 646 4.54 -9.66 -21.83
N VAL C 647 4.76 -8.83 -22.86
CA VAL C 647 3.80 -7.85 -23.33
C VAL C 647 3.25 -8.31 -24.68
N LEU C 648 1.92 -8.29 -24.85
CA LEU C 648 1.29 -8.57 -26.13
C LEU C 648 0.67 -7.25 -26.65
N LEU C 649 1.12 -6.81 -27.82
CA LEU C 649 0.61 -5.58 -28.46
C LEU C 649 -0.38 -6.00 -29.56
N LEU C 650 -1.66 -5.64 -29.38
CA LEU C 650 -2.71 -6.08 -30.29
C LEU C 650 -3.41 -4.91 -30.99
N PRO C 651 -3.07 -4.60 -32.29
CA PRO C 651 -3.77 -3.49 -33.00
C PRO C 651 -5.27 -3.79 -33.09
N HIS C 652 -6.05 -2.86 -32.52
CA HIS C 652 -7.48 -3.01 -32.33
C HIS C 652 -8.23 -1.73 -32.68
N GLY C 653 -9.44 -1.87 -33.22
CA GLY C 653 -10.30 -0.74 -33.56
C GLY C 653 -11.21 -0.95 -34.75
N HIS C 654 -12.48 -0.49 -34.63
CA HIS C 654 -13.47 -0.58 -35.71
C HIS C 654 -13.23 0.55 -36.68
N GLU C 655 -12.79 0.22 -37.91
CA GLU C 655 -12.49 1.21 -38.97
C GLU C 655 -13.06 0.84 -40.33
N GLY C 656 -13.86 -0.23 -40.41
CA GLY C 656 -14.46 -0.70 -41.66
C GLY C 656 -13.58 -1.60 -42.50
N GLN C 657 -12.54 -2.22 -41.91
CA GLN C 657 -11.64 -3.10 -42.66
C GLN C 657 -11.99 -4.60 -42.50
N GLY C 658 -13.17 -4.91 -41.97
CA GLY C 658 -13.66 -6.29 -41.90
C GLY C 658 -13.44 -7.04 -40.59
N PRO C 659 -14.07 -8.23 -40.45
CA PRO C 659 -13.99 -8.97 -39.18
C PRO C 659 -12.62 -9.52 -38.78
N ASP C 660 -11.60 -9.46 -39.70
CA ASP C 660 -10.27 -9.93 -39.38
C ASP C 660 -9.26 -8.82 -39.33
N HIS C 661 -9.73 -7.57 -39.32
CA HIS C 661 -8.89 -6.38 -39.19
C HIS C 661 -9.62 -5.38 -38.27
N THR C 662 -10.28 -5.87 -37.24
CA THR C 662 -11.03 -5.01 -36.34
C THR C 662 -10.82 -5.29 -34.84
N SER C 663 -10.66 -6.56 -34.43
CA SER C 663 -10.66 -6.84 -33.01
C SER C 663 -9.60 -7.82 -32.52
N GLY C 664 -8.99 -7.49 -31.37
CA GLY C 664 -8.04 -8.35 -30.67
C GLY C 664 -8.78 -9.15 -29.59
N ARG C 665 -10.13 -9.10 -29.60
CA ARG C 665 -11.06 -9.81 -28.73
C ARG C 665 -10.81 -9.48 -27.26
N ILE C 666 -11.02 -8.21 -26.87
CA ILE C 666 -10.89 -7.70 -25.49
C ILE C 666 -11.64 -8.62 -24.51
N GLU C 667 -12.90 -8.97 -24.86
CA GLU C 667 -13.83 -9.79 -24.08
C GLU C 667 -13.23 -11.14 -23.66
N ARG C 668 -12.37 -11.73 -24.51
CA ARG C 668 -11.73 -13.01 -24.25
C ARG C 668 -10.62 -12.86 -23.21
N PHE C 669 -9.79 -11.79 -23.31
CA PHE C 669 -8.72 -11.56 -22.33
C PHE C 669 -9.32 -11.20 -20.96
N LEU C 670 -10.45 -10.45 -20.96
CA LEU C 670 -11.15 -10.04 -19.73
C LEU C 670 -11.79 -11.24 -19.04
N GLN C 671 -12.26 -12.23 -19.82
CA GLN C 671 -12.83 -13.49 -19.35
C GLN C 671 -11.75 -14.35 -18.72
N LEU C 672 -10.53 -14.35 -19.31
CA LEU C 672 -9.39 -15.12 -18.83
C LEU C 672 -8.82 -14.56 -17.51
N TRP C 673 -8.89 -13.24 -17.33
CA TRP C 673 -8.40 -12.50 -16.18
C TRP C 673 -9.07 -12.96 -14.87
N ALA C 674 -8.25 -13.00 -13.82
CA ALA C 674 -8.57 -13.27 -12.42
C ALA C 674 -7.50 -12.57 -11.61
N GLU C 675 -7.90 -11.91 -10.50
CA GLU C 675 -7.05 -11.04 -9.66
C GLU C 675 -5.55 -11.39 -9.72
N GLY C 676 -4.79 -10.41 -10.19
CA GLY C 676 -3.34 -10.40 -10.30
C GLY C 676 -2.72 -11.34 -11.32
N SER C 677 -3.46 -11.77 -12.34
CA SER C 677 -2.85 -12.70 -13.28
C SER C 677 -2.28 -11.92 -14.48
N MET C 678 -2.99 -10.86 -14.95
CA MET C 678 -2.56 -10.02 -16.08
C MET C 678 -2.97 -8.59 -15.88
N THR C 679 -2.35 -7.69 -16.64
CA THR C 679 -2.74 -6.29 -16.74
C THR C 679 -3.27 -6.14 -18.17
N ILE C 680 -4.46 -5.54 -18.32
CA ILE C 680 -5.09 -5.37 -19.63
C ILE C 680 -5.40 -3.89 -19.79
N ALA C 681 -4.90 -3.28 -20.87
CA ALA C 681 -5.07 -1.85 -21.07
C ALA C 681 -5.39 -1.49 -22.52
N MET C 682 -6.06 -0.34 -22.71
CA MET C 682 -6.38 0.23 -24.01
C MET C 682 -6.14 1.76 -23.90
N PRO C 683 -4.86 2.22 -24.00
CA PRO C 683 -4.59 3.66 -23.84
C PRO C 683 -5.12 4.46 -25.02
N SER C 684 -5.50 5.73 -24.75
CA SER C 684 -6.06 6.65 -25.73
C SER C 684 -5.05 7.75 -26.10
N THR C 685 -3.95 7.89 -25.31
CA THR C 685 -2.96 8.94 -25.59
C THR C 685 -1.54 8.38 -25.66
N PRO C 686 -0.64 9.00 -26.46
CA PRO C 686 0.77 8.54 -26.51
C PRO C 686 1.48 8.55 -25.14
N ALA C 687 1.30 9.63 -24.34
CA ALA C 687 1.95 9.76 -23.03
C ALA C 687 1.49 8.69 -22.06
N ASN C 688 0.18 8.34 -22.07
CA ASN C 688 -0.32 7.32 -21.17
C ASN C 688 0.23 5.94 -21.55
N TYR C 689 0.46 5.68 -22.87
CA TYR C 689 1.07 4.44 -23.37
C TYR C 689 2.53 4.37 -22.91
N PHE C 690 3.28 5.48 -23.07
CA PHE C 690 4.67 5.65 -22.64
C PHE C 690 4.82 5.26 -21.15
N HIS C 691 3.97 5.82 -20.28
CA HIS C 691 3.98 5.55 -18.84
C HIS C 691 3.57 4.11 -18.53
N LEU C 692 2.63 3.52 -19.29
CA LEU C 692 2.18 2.13 -19.14
C LEU C 692 3.36 1.16 -19.36
N LEU C 693 4.18 1.38 -20.42
CA LEU C 693 5.34 0.54 -20.75
C LEU C 693 6.47 0.73 -19.73
N ARG C 694 6.71 1.97 -19.28
CA ARG C 694 7.75 2.23 -18.27
C ARG C 694 7.33 1.67 -16.89
N ARG C 695 6.04 1.77 -16.51
CA ARG C 695 5.57 1.18 -15.24
C ARG C 695 5.79 -0.34 -15.31
N HIS C 696 5.37 -0.98 -16.42
CA HIS C 696 5.52 -2.42 -16.64
C HIS C 696 6.97 -2.89 -16.52
N GLY C 697 7.89 -2.15 -17.09
CA GLY C 697 9.30 -2.52 -17.08
C GLY C 697 10.03 -2.21 -15.78
N LYS C 698 9.50 -1.29 -14.96
CA LYS C 698 10.19 -0.87 -13.72
C LYS C 698 9.47 -1.24 -12.41
N ASP C 699 8.23 -1.79 -12.47
CA ASP C 699 7.43 -2.11 -11.27
C ASP C 699 7.96 -3.29 -10.42
N GLY C 700 8.90 -4.06 -10.97
CA GLY C 700 9.48 -5.21 -10.27
C GLY C 700 8.54 -6.38 -10.10
N ILE C 701 7.42 -6.38 -10.85
CA ILE C 701 6.36 -7.39 -10.84
C ILE C 701 6.43 -8.17 -12.16
N GLN C 702 6.41 -9.51 -12.09
CA GLN C 702 6.44 -10.35 -13.28
C GLN C 702 4.99 -10.73 -13.59
N ARG C 703 4.35 -9.93 -14.45
CA ARG C 703 2.95 -10.14 -14.80
C ARG C 703 2.70 -9.76 -16.26
N PRO C 704 2.04 -10.60 -17.08
CA PRO C 704 1.84 -10.21 -18.48
C PRO C 704 0.99 -8.97 -18.66
N LEU C 705 1.30 -8.20 -19.69
CA LEU C 705 0.58 -6.98 -20.05
C LEU C 705 -0.02 -7.16 -21.43
N ILE C 706 -1.36 -7.02 -21.54
CA ILE C 706 -2.12 -7.10 -22.79
C ILE C 706 -2.50 -5.67 -23.18
N VAL C 707 -1.98 -5.18 -24.32
CA VAL C 707 -2.27 -3.80 -24.76
C VAL C 707 -3.02 -3.82 -26.09
N PHE C 708 -4.20 -3.17 -26.14
CA PHE C 708 -5.00 -2.99 -27.37
C PHE C 708 -4.54 -1.65 -27.93
N THR C 709 -3.78 -1.73 -29.04
CA THR C 709 -3.06 -0.62 -29.66
C THR C 709 -3.79 -0.04 -30.88
N PRO C 710 -3.47 1.22 -31.28
CA PRO C 710 -4.21 1.85 -32.36
C PRO C 710 -3.71 1.51 -33.76
N LYS C 711 -4.52 1.91 -34.77
CA LYS C 711 -4.28 1.76 -36.19
C LYS C 711 -4.39 3.15 -36.86
N SER C 712 -5.58 3.66 -37.17
CA SER C 712 -5.71 5.03 -37.72
C SER C 712 -5.43 6.12 -36.62
N MET C 713 -5.67 5.80 -35.34
CA MET C 713 -5.43 6.71 -34.20
C MET C 713 -3.90 7.06 -34.06
N LEU C 714 -3.00 6.28 -34.66
CA LEU C 714 -1.57 6.58 -34.76
C LEU C 714 -1.35 7.94 -35.42
N ARG C 715 -2.22 8.30 -36.38
CA ARG C 715 -2.08 9.54 -37.15
C ARG C 715 -3.18 10.58 -36.86
N ASN C 716 -4.03 10.32 -35.85
CA ASN C 716 -5.03 11.28 -35.39
C ASN C 716 -4.27 12.44 -34.76
N LYS C 717 -4.44 13.66 -35.29
CA LYS C 717 -3.74 14.87 -34.85
C LYS C 717 -4.20 15.34 -33.45
N ALA C 718 -5.37 14.87 -32.97
CA ALA C 718 -5.87 15.19 -31.63
C ALA C 718 -5.24 14.23 -30.60
N ALA C 719 -4.79 13.04 -31.06
CA ALA C 719 -4.18 11.99 -30.21
C ALA C 719 -2.66 12.18 -30.12
N VAL C 720 -2.24 13.36 -29.59
CA VAL C 720 -0.82 13.73 -29.41
C VAL C 720 -0.62 14.24 -27.98
N SER C 721 0.61 14.18 -27.48
CA SER C 721 0.91 14.56 -26.11
C SER C 721 1.97 15.66 -25.99
N ASP C 722 1.87 16.45 -24.90
CA ASP C 722 2.83 17.51 -24.58
C ASP C 722 4.01 16.92 -23.84
N ILE C 723 5.18 17.59 -23.90
CA ILE C 723 6.41 17.16 -23.22
C ILE C 723 6.16 16.94 -21.71
N ARG C 724 5.42 17.86 -21.04
CA ARG C 724 5.09 17.83 -19.61
C ARG C 724 4.37 16.53 -19.22
N ASP C 725 3.62 15.91 -20.16
CA ASP C 725 2.91 14.65 -19.91
C ASP C 725 3.92 13.50 -19.73
N PHE C 726 5.14 13.62 -20.29
CA PHE C 726 6.20 12.61 -20.22
C PHE C 726 7.14 12.87 -19.04
N THR C 727 7.45 14.16 -18.82
CA THR C 727 8.40 14.62 -17.82
C THR C 727 7.78 14.89 -16.45
N GLU C 728 6.54 15.31 -16.35
CA GLU C 728 6.03 15.61 -15.01
C GLU C 728 4.70 14.92 -14.74
N SER C 729 4.52 13.70 -15.26
CA SER C 729 3.28 12.96 -15.04
C SER C 729 3.60 11.46 -14.79
N LYS C 730 2.55 10.64 -14.67
CA LYS C 730 2.60 9.19 -14.42
C LYS C 730 1.44 8.50 -15.17
N PHE C 731 1.36 7.17 -15.11
CA PHE C 731 0.28 6.43 -15.76
C PHE C 731 -1.04 6.77 -15.09
N ARG C 732 -2.04 7.06 -15.91
CA ARG C 732 -3.39 7.40 -15.45
C ARG C 732 -4.33 6.29 -15.88
N SER C 733 -4.82 5.50 -14.89
CA SER C 733 -5.74 4.38 -15.13
C SER C 733 -7.12 4.89 -15.60
N VAL C 734 -7.50 6.12 -15.19
CA VAL C 734 -8.76 6.77 -15.52
C VAL C 734 -8.45 8.18 -16.04
N LEU C 735 -9.03 8.58 -17.19
CA LEU C 735 -8.77 9.93 -17.73
C LEU C 735 -10.03 10.75 -17.93
N GLU C 736 -9.98 12.01 -17.49
CA GLU C 736 -11.04 12.99 -17.70
C GLU C 736 -10.72 13.82 -18.91
N GLU C 737 -11.69 14.61 -19.40
CA GLU C 737 -11.49 15.52 -20.52
C GLU C 737 -10.60 16.69 -20.10
N PRO C 738 -9.62 17.11 -20.95
CA PRO C 738 -8.75 18.25 -20.58
C PRO C 738 -9.48 19.55 -20.21
N MET C 739 -10.73 19.77 -20.69
CA MET C 739 -11.51 20.98 -20.35
C MET C 739 -11.83 21.05 -18.84
N TYR C 740 -11.86 19.90 -18.16
CA TYR C 740 -12.18 19.88 -16.73
C TYR C 740 -10.93 19.89 -15.85
N THR C 741 -9.80 19.36 -16.33
CA THR C 741 -8.55 19.29 -15.57
C THR C 741 -7.61 20.47 -15.84
N ASP C 742 -7.63 21.03 -17.07
CA ASP C 742 -6.76 22.13 -17.48
C ASP C 742 -7.53 23.32 -18.06
N GLY C 743 -8.73 23.09 -18.58
CA GLY C 743 -9.55 24.11 -19.20
C GLY C 743 -10.54 24.80 -18.28
N GLU C 744 -11.56 25.43 -18.89
CA GLU C 744 -12.59 26.19 -18.16
C GLU C 744 -13.98 25.50 -18.17
N GLY C 745 -14.01 24.19 -18.41
CA GLY C 745 -15.24 23.40 -18.35
C GLY C 745 -15.76 23.25 -16.92
N ASP C 746 -17.11 23.17 -16.76
CA ASP C 746 -17.81 23.05 -15.46
C ASP C 746 -18.44 21.65 -15.30
N ARG C 747 -17.89 20.83 -14.38
CA ARG C 747 -18.33 19.46 -14.11
C ARG C 747 -19.77 19.41 -13.55
N ASN C 748 -20.23 20.48 -12.88
CA ASN C 748 -21.56 20.54 -12.24
C ASN C 748 -22.71 20.64 -13.25
N LYS C 749 -22.43 21.05 -14.49
CA LYS C 749 -23.43 21.15 -15.55
C LYS C 749 -23.76 19.76 -16.13
N VAL C 750 -22.89 18.77 -15.89
CA VAL C 750 -22.98 17.41 -16.43
C VAL C 750 -24.09 16.60 -15.77
N THR C 751 -25.02 16.08 -16.61
CA THR C 751 -26.15 15.24 -16.23
C THR C 751 -26.02 13.83 -16.83
N ARG C 752 -25.28 13.70 -17.95
CA ARG C 752 -25.04 12.41 -18.60
C ARG C 752 -23.55 12.09 -18.57
N LEU C 753 -23.20 10.93 -18.05
CA LEU C 753 -21.80 10.51 -18.04
C LEU C 753 -21.62 9.33 -18.99
N LEU C 754 -20.70 9.49 -19.97
CA LEU C 754 -20.33 8.44 -20.92
C LEU C 754 -18.99 7.85 -20.49
N LEU C 755 -18.95 6.54 -20.27
CA LEU C 755 -17.71 5.85 -19.92
C LEU C 755 -17.29 5.06 -21.12
N THR C 756 -16.03 5.17 -21.49
CA THR C 756 -15.53 4.54 -22.69
C THR C 756 -14.06 4.18 -22.52
N SER C 757 -13.49 3.67 -23.60
CA SER C 757 -12.10 3.28 -23.72
C SER C 757 -11.68 3.31 -25.19
N GLY C 758 -10.48 3.81 -25.43
CA GLY C 758 -9.90 3.80 -26.77
C GLY C 758 -10.25 4.99 -27.64
N LYS C 759 -10.05 4.82 -28.93
CA LYS C 759 -10.22 5.84 -29.97
C LYS C 759 -11.64 6.42 -30.09
N ILE C 760 -12.71 5.70 -29.67
CA ILE C 760 -14.08 6.26 -29.79
C ILE C 760 -14.21 7.56 -28.96
N TYR C 761 -13.31 7.77 -27.93
CA TYR C 761 -13.26 8.97 -27.13
C TYR C 761 -13.15 10.20 -28.03
N TYR C 762 -12.23 10.21 -29.00
CA TYR C 762 -12.00 11.34 -29.90
C TYR C 762 -13.23 11.70 -30.72
N GLU C 763 -14.00 10.68 -31.16
CA GLU C 763 -15.24 10.86 -31.93
C GLU C 763 -16.33 11.46 -31.04
N LEU C 764 -16.43 10.99 -29.78
CA LEU C 764 -17.39 11.47 -28.79
C LEU C 764 -17.05 12.91 -28.37
N ALA C 765 -15.75 13.22 -28.17
CA ALA C 765 -15.28 14.56 -27.79
C ALA C 765 -15.54 15.56 -28.91
N ALA C 766 -15.32 15.15 -30.20
CA ALA C 766 -15.56 16.00 -31.37
C ALA C 766 -17.05 16.37 -31.48
N ARG C 767 -17.95 15.39 -31.22
CA ARG C 767 -19.41 15.59 -31.28
C ARG C 767 -19.85 16.55 -30.19
N LYS C 768 -19.32 16.38 -28.95
CA LYS C 768 -19.61 17.25 -27.80
C LYS C 768 -19.22 18.70 -28.12
N ALA C 769 -18.02 18.90 -28.70
CA ALA C 769 -17.49 20.20 -29.11
C ALA C 769 -18.36 20.85 -30.21
N LYS C 770 -18.87 20.02 -31.15
CA LYS C 770 -19.72 20.47 -32.27
C LYS C 770 -21.05 21.07 -31.77
N GLU C 771 -21.75 20.36 -30.89
CA GLU C 771 -23.05 20.81 -30.33
C GLU C 771 -22.92 21.64 -29.04
N ASN C 772 -21.69 21.82 -28.50
CA ASN C 772 -21.42 22.53 -27.23
C ASN C 772 -22.26 21.85 -26.11
N ARG C 773 -22.08 20.52 -25.94
CA ARG C 773 -22.84 19.74 -24.95
C ARG C 773 -22.14 19.76 -23.59
N GLU C 774 -22.41 20.79 -22.78
CA GLU C 774 -21.86 20.98 -21.43
C GLU C 774 -22.51 20.01 -20.44
N ASP C 775 -23.70 19.47 -20.81
CA ASP C 775 -24.50 18.53 -20.03
C ASP C 775 -23.96 17.07 -20.14
N VAL C 776 -23.00 16.80 -21.07
CA VAL C 776 -22.41 15.47 -21.26
C VAL C 776 -20.89 15.47 -20.99
N ALA C 777 -20.39 14.49 -20.19
CA ALA C 777 -18.95 14.29 -19.93
C ALA C 777 -18.51 12.89 -20.33
N ILE C 778 -17.27 12.78 -20.81
CA ILE C 778 -16.70 11.51 -21.30
C ILE C 778 -15.50 11.13 -20.43
N VAL C 779 -15.62 9.99 -19.72
CA VAL C 779 -14.57 9.47 -18.85
C VAL C 779 -14.01 8.19 -19.48
N ARG C 780 -12.67 8.12 -19.61
CA ARG C 780 -11.98 6.96 -20.20
C ARG C 780 -11.41 6.02 -19.14
N ILE C 781 -11.62 4.71 -19.34
CA ILE C 781 -11.03 3.66 -18.51
C ILE C 781 -9.84 3.14 -19.34
N GLU C 782 -8.62 3.58 -18.99
CA GLU C 782 -7.36 3.25 -19.69
C GLU C 782 -6.85 1.86 -19.30
N GLN C 783 -7.02 1.48 -18.03
CA GLN C 783 -6.64 0.17 -17.50
C GLN C 783 -7.92 -0.64 -17.33
N LEU C 784 -8.15 -1.63 -18.19
CA LEU C 784 -9.40 -2.41 -18.17
C LEU C 784 -9.39 -3.48 -17.07
N ALA C 785 -8.22 -4.04 -16.77
CA ALA C 785 -8.02 -5.06 -15.74
C ALA C 785 -6.62 -4.93 -15.13
N PRO C 786 -6.45 -4.89 -13.78
CA PRO C 786 -7.51 -4.86 -12.74
C PRO C 786 -8.29 -3.54 -12.83
N LEU C 787 -9.60 -3.58 -12.55
CA LEU C 787 -10.42 -2.37 -12.60
C LEU C 787 -9.90 -1.34 -11.61
N PRO C 788 -9.65 -0.09 -12.06
CA PRO C 788 -9.16 0.94 -11.12
C PRO C 788 -10.32 1.49 -10.28
N ARG C 789 -10.86 0.65 -9.38
CA ARG C 789 -12.03 0.93 -8.54
C ARG C 789 -11.96 2.31 -7.85
N ARG C 790 -10.91 2.59 -7.05
CA ARG C 790 -10.77 3.85 -6.30
C ARG C 790 -10.73 5.07 -7.23
N ARG C 791 -9.86 5.06 -8.28
CA ARG C 791 -9.72 6.18 -9.21
C ARG C 791 -11.03 6.44 -9.94
N LEU C 792 -11.77 5.36 -10.29
CA LEU C 792 -13.06 5.44 -10.96
C LEU C 792 -14.09 6.12 -10.05
N ALA C 793 -14.20 5.67 -8.78
CA ALA C 793 -15.10 6.22 -7.78
C ALA C 793 -14.80 7.70 -7.51
N GLU C 794 -13.51 8.05 -7.29
CA GLU C 794 -13.08 9.43 -7.02
C GLU C 794 -13.36 10.36 -8.22
N THR C 795 -13.17 9.87 -9.46
CA THR C 795 -13.43 10.63 -10.68
C THR C 795 -14.93 10.93 -10.81
N LEU C 796 -15.79 9.89 -10.68
CA LEU C 796 -17.25 10.03 -10.79
C LEU C 796 -17.86 10.93 -9.68
N ASP C 797 -17.23 10.99 -8.48
CA ASP C 797 -17.67 11.83 -7.37
C ASP C 797 -17.56 13.31 -7.67
N ARG C 798 -16.82 13.66 -8.73
CA ARG C 798 -16.59 15.04 -9.17
C ARG C 798 -17.71 15.53 -10.09
N TYR C 799 -18.67 14.65 -10.43
CA TYR C 799 -19.84 14.96 -11.27
C TYR C 799 -21.12 14.71 -10.44
N PRO C 800 -21.49 15.63 -9.51
CA PRO C 800 -22.61 15.33 -8.60
C PRO C 800 -24.01 15.32 -9.21
N ASN C 801 -24.22 16.00 -10.35
CA ASN C 801 -25.55 16.13 -10.95
C ASN C 801 -25.83 15.13 -12.07
N VAL C 802 -25.03 14.06 -12.16
CA VAL C 802 -25.20 12.99 -13.16
C VAL C 802 -26.48 12.20 -12.81
N LYS C 803 -27.38 12.06 -13.80
CA LYS C 803 -28.65 11.34 -13.70
C LYS C 803 -28.62 10.02 -14.45
N GLU C 804 -27.72 9.89 -15.46
CA GLU C 804 -27.59 8.67 -16.27
C GLU C 804 -26.14 8.40 -16.64
N LYS C 805 -25.76 7.10 -16.61
CA LYS C 805 -24.42 6.62 -16.95
C LYS C 805 -24.49 5.57 -18.05
N PHE C 806 -23.62 5.69 -19.07
CA PHE C 806 -23.59 4.77 -20.18
C PHE C 806 -22.19 4.26 -20.48
N TRP C 807 -22.05 2.93 -20.68
CA TRP C 807 -20.80 2.37 -21.16
C TRP C 807 -20.91 2.41 -22.69
N VAL C 808 -20.02 3.17 -23.34
CA VAL C 808 -20.01 3.34 -24.80
C VAL C 808 -18.82 2.57 -25.37
N GLN C 809 -19.10 1.74 -26.39
CA GLN C 809 -18.09 0.94 -27.09
C GLN C 809 -18.48 0.73 -28.55
N GLU C 810 -17.48 0.54 -29.38
CA GLU C 810 -17.56 0.24 -30.79
C GLU C 810 -17.95 -1.21 -31.04
N GLU C 811 -17.46 -2.11 -30.18
CA GLU C 811 -17.60 -3.56 -30.34
C GLU C 811 -19.04 -4.02 -30.16
N PRO C 812 -19.44 -5.14 -30.83
CA PRO C 812 -20.79 -5.70 -30.63
C PRO C 812 -21.09 -5.95 -29.16
N ALA C 813 -22.38 -5.96 -28.75
CA ALA C 813 -22.86 -6.09 -27.36
C ALA C 813 -22.27 -7.32 -26.62
N ASN C 814 -22.02 -8.43 -27.33
CA ASN C 814 -21.45 -9.66 -26.76
C ASN C 814 -19.90 -9.63 -26.78
N GLN C 815 -19.33 -8.46 -27.17
CA GLN C 815 -17.89 -8.24 -27.30
C GLN C 815 -17.43 -6.97 -26.57
N GLY C 816 -16.13 -6.66 -26.66
CA GLY C 816 -15.54 -5.52 -25.99
C GLY C 816 -15.56 -5.71 -24.49
N ALA C 817 -15.57 -4.62 -23.72
CA ALA C 817 -15.58 -4.65 -22.25
C ALA C 817 -16.95 -4.86 -21.63
N TRP C 818 -18.05 -4.65 -22.37
CA TRP C 818 -19.41 -4.75 -21.81
C TRP C 818 -19.74 -6.11 -21.16
N PRO C 819 -19.52 -7.30 -21.78
CA PRO C 819 -19.87 -8.56 -21.10
C PRO C 819 -19.32 -8.68 -19.67
N SER C 820 -18.08 -8.18 -19.42
CA SER C 820 -17.52 -8.23 -18.06
C SER C 820 -17.90 -6.97 -17.24
N PHE C 821 -17.75 -5.75 -17.79
CA PHE C 821 -18.04 -4.47 -17.10
C PHE C 821 -19.51 -4.35 -16.72
N GLY C 822 -20.40 -4.79 -17.60
CA GLY C 822 -21.84 -4.76 -17.39
C GLY C 822 -22.27 -5.59 -16.20
N LEU C 823 -21.48 -6.63 -15.87
CA LEU C 823 -21.74 -7.50 -14.74
C LEU C 823 -20.92 -7.07 -13.49
N THR C 824 -19.64 -6.68 -13.69
CA THR C 824 -18.72 -6.31 -12.62
C THR C 824 -18.96 -4.88 -12.04
N LEU C 825 -19.03 -3.82 -12.89
CA LEU C 825 -19.18 -2.43 -12.41
C LEU C 825 -20.37 -2.22 -11.43
N PRO C 826 -21.62 -2.70 -11.68
CA PRO C 826 -22.69 -2.49 -10.69
C PRO C 826 -22.47 -3.24 -9.36
N GLU C 827 -21.60 -4.25 -9.34
CA GLU C 827 -21.34 -5.02 -8.13
C GLU C 827 -20.20 -4.39 -7.30
N ILE C 828 -19.09 -3.99 -7.94
CA ILE C 828 -17.91 -3.43 -7.24
C ILE C 828 -18.15 -1.97 -6.82
N LEU C 829 -18.99 -1.23 -7.57
CA LEU C 829 -19.34 0.15 -7.25
C LEU C 829 -20.87 0.36 -7.38
N PRO C 830 -21.68 -0.25 -6.46
CA PRO C 830 -23.15 -0.15 -6.56
C PRO C 830 -23.72 1.27 -6.48
N ASP C 831 -23.06 2.19 -5.73
CA ASP C 831 -23.56 3.56 -5.59
C ASP C 831 -23.26 4.40 -6.83
N HIS C 832 -22.34 3.92 -7.69
CA HIS C 832 -21.98 4.63 -8.91
C HIS C 832 -22.57 4.01 -10.17
N PHE C 833 -22.63 2.67 -10.27
CA PHE C 833 -23.05 2.05 -11.52
C PHE C 833 -24.35 1.23 -11.50
N THR C 834 -25.20 1.39 -10.47
CA THR C 834 -26.52 0.72 -10.47
C THR C 834 -27.34 1.48 -11.52
N GLY C 835 -27.85 0.75 -12.50
CA GLY C 835 -28.62 1.34 -13.60
C GLY C 835 -27.79 1.70 -14.81
N LEU C 836 -26.50 1.27 -14.83
CA LEU C 836 -25.56 1.47 -15.96
C LEU C 836 -26.12 0.82 -17.21
N LYS C 837 -26.20 1.60 -18.30
CA LYS C 837 -26.74 1.13 -19.57
C LYS C 837 -25.63 1.05 -20.63
N ARG C 838 -25.88 0.27 -21.68
CA ARG C 838 -24.92 0.02 -22.76
C ARG C 838 -25.30 0.72 -24.07
N ILE C 839 -24.27 1.29 -24.73
CA ILE C 839 -24.33 1.85 -26.08
C ILE C 839 -23.19 1.18 -26.83
N SER C 840 -23.54 0.33 -27.80
CA SER C 840 -22.61 -0.44 -28.60
C SER C 840 -23.24 -0.85 -29.92
N ARG C 841 -22.52 -1.66 -30.70
CA ARG C 841 -23.05 -2.33 -31.87
C ARG C 841 -23.90 -3.50 -31.35
N ARG C 842 -24.84 -3.98 -32.14
CA ARG C 842 -25.68 -5.13 -31.78
C ARG C 842 -24.78 -6.38 -31.58
N ALA C 843 -25.26 -7.39 -30.82
CA ALA C 843 -24.51 -8.64 -30.64
C ALA C 843 -24.29 -9.26 -32.04
N MET C 844 -23.06 -9.69 -32.33
CA MET C 844 -22.70 -10.28 -33.64
C MET C 844 -21.93 -11.57 -33.44
N SER C 845 -22.06 -12.51 -34.41
CA SER C 845 -21.34 -13.80 -34.39
C SER C 845 -19.88 -13.65 -34.90
N ALA C 846 -19.55 -12.50 -35.48
CA ALA C 846 -18.22 -12.10 -35.96
C ALA C 846 -17.81 -10.73 -35.29
N PRO C 847 -16.52 -10.30 -35.26
CA PRO C 847 -16.18 -9.02 -34.58
C PRO C 847 -16.78 -7.75 -35.23
N SER C 848 -17.24 -7.85 -36.45
CA SER C 848 -17.81 -6.74 -37.21
C SER C 848 -18.45 -7.25 -38.50
N SER C 849 -19.04 -6.31 -39.25
CA SER C 849 -19.62 -6.52 -40.57
C SER C 849 -18.46 -6.54 -41.58
N GLY C 850 -18.69 -7.13 -42.75
CA GLY C 850 -17.70 -7.16 -43.82
C GLY C 850 -17.66 -5.86 -44.60
N SER C 851 -18.75 -5.05 -44.50
CA SER C 851 -18.89 -3.79 -45.24
C SER C 851 -18.40 -2.57 -44.44
N SER C 852 -17.59 -1.71 -45.10
CA SER C 852 -17.12 -0.43 -44.53
C SER C 852 -18.30 0.56 -44.48
N LYS C 853 -19.31 0.37 -45.36
CA LYS C 853 -20.53 1.19 -45.45
C LYS C 853 -21.45 0.90 -44.26
N VAL C 854 -21.66 -0.40 -43.95
CA VAL C 854 -22.46 -0.86 -42.80
C VAL C 854 -21.76 -0.37 -41.51
N HIS C 855 -20.41 -0.45 -41.46
CA HIS C 855 -19.60 0.02 -40.33
C HIS C 855 -19.84 1.52 -40.03
N ALA C 856 -19.77 2.36 -41.07
CA ALA C 856 -19.91 3.81 -41.00
C ALA C 856 -21.29 4.24 -40.50
N VAL C 857 -22.35 3.52 -40.91
CA VAL C 857 -23.74 3.75 -40.47
C VAL C 857 -23.82 3.40 -38.96
N GLU C 858 -23.25 2.25 -38.55
CA GLU C 858 -23.25 1.77 -37.16
C GLU C 858 -22.44 2.70 -36.23
N GLN C 859 -21.30 3.25 -36.72
CA GLN C 859 -20.46 4.17 -35.96
C GLN C 859 -21.23 5.44 -35.68
N GLN C 860 -21.92 5.99 -36.71
CA GLN C 860 -22.75 7.19 -36.58
C GLN C 860 -23.91 6.94 -35.62
N GLU C 861 -24.52 5.74 -35.66
CA GLU C 861 -25.62 5.34 -34.79
C GLU C 861 -25.22 5.37 -33.31
N ILE C 862 -23.99 4.93 -33.00
CA ILE C 862 -23.43 4.89 -31.64
C ILE C 862 -23.30 6.33 -31.11
N LEU C 863 -22.69 7.23 -31.92
CA LEU C 863 -22.48 8.64 -31.60
C LEU C 863 -23.81 9.35 -31.38
N ASP C 864 -24.81 9.11 -32.27
CA ASP C 864 -26.15 9.70 -32.18
C ASP C 864 -26.90 9.24 -30.92
N THR C 865 -26.76 7.95 -30.53
CA THR C 865 -27.41 7.40 -29.33
C THR C 865 -26.82 8.03 -28.08
N ALA C 866 -25.48 8.20 -28.04
CA ALA C 866 -24.76 8.79 -26.90
C ALA C 866 -25.14 10.25 -26.65
N PHE C 867 -25.55 10.99 -27.72
CA PHE C 867 -25.95 12.41 -27.61
C PHE C 867 -27.44 12.63 -27.92
N GLY C 868 -28.23 11.56 -27.83
CA GLY C 868 -29.68 11.60 -28.08
C GLY C 868 -30.49 11.87 -26.80
N ASN D 8 34.93 -43.23 -66.42
CA ASN D 8 33.61 -43.76 -66.76
C ASN D 8 32.67 -43.69 -65.58
N ALA D 9 33.17 -44.06 -64.37
CA ALA D 9 32.43 -44.02 -63.11
C ALA D 9 32.08 -42.57 -62.70
N ARG D 10 32.89 -41.60 -63.17
CA ARG D 10 32.71 -40.15 -62.95
C ARG D 10 31.45 -39.64 -63.65
N VAL D 11 30.99 -40.35 -64.71
CA VAL D 11 29.79 -40.02 -65.49
C VAL D 11 28.56 -40.42 -64.63
N ILE D 12 28.59 -41.62 -64.00
CA ILE D 12 27.52 -42.12 -63.12
C ILE D 12 27.29 -41.16 -61.93
N GLU D 13 28.40 -40.66 -61.34
CA GLU D 13 28.40 -39.70 -60.23
C GLU D 13 27.90 -38.34 -60.68
N LEU D 14 28.16 -37.98 -61.95
CA LEU D 14 27.70 -36.72 -62.53
C LEU D 14 26.20 -36.77 -62.74
N ILE D 15 25.67 -37.91 -63.26
CA ILE D 15 24.22 -38.12 -63.47
C ILE D 15 23.47 -37.98 -62.12
N ALA D 16 23.97 -38.64 -61.05
CA ALA D 16 23.36 -38.61 -59.71
C ALA D 16 23.38 -37.21 -59.12
N ALA D 17 24.49 -36.46 -59.33
CA ALA D 17 24.66 -35.08 -58.86
C ALA D 17 23.60 -34.16 -59.45
N TYR D 18 23.32 -34.29 -60.77
CA TYR D 18 22.29 -33.47 -61.43
C TYR D 18 20.90 -33.83 -60.91
N ARG D 19 20.63 -35.14 -60.73
CA ARG D 19 19.34 -35.64 -60.23
C ARG D 19 19.07 -35.19 -58.80
N ASN D 20 20.10 -35.28 -57.93
CA ASN D 20 20.02 -34.94 -56.51
C ASN D 20 20.10 -33.45 -56.21
N ARG D 21 21.04 -32.73 -56.85
CA ARG D 21 21.33 -31.35 -56.49
C ARG D 21 21.24 -30.31 -57.63
N GLY D 22 20.85 -30.74 -58.83
CA GLY D 22 20.72 -29.86 -59.99
C GLY D 22 19.85 -28.65 -59.77
N HIS D 23 18.75 -28.82 -58.99
CA HIS D 23 17.77 -27.79 -58.60
C HIS D 23 18.43 -26.57 -57.91
N LEU D 24 19.61 -26.77 -57.30
CA LEU D 24 20.35 -25.70 -56.62
C LEU D 24 21.01 -24.72 -57.59
N MET D 25 21.20 -25.15 -58.86
CA MET D 25 21.84 -24.39 -59.91
C MET D 25 20.85 -23.98 -61.02
N ALA D 26 19.59 -24.42 -60.93
CA ALA D 26 18.56 -24.11 -61.91
C ALA D 26 18.22 -22.60 -61.91
N ASP D 27 17.97 -22.04 -63.11
CA ASP D 27 17.61 -20.63 -63.31
C ASP D 27 16.09 -20.44 -63.00
N ILE D 28 15.75 -20.42 -61.72
CA ILE D 28 14.37 -20.37 -61.23
C ILE D 28 13.90 -18.95 -60.83
N ASP D 29 14.82 -18.07 -60.42
CA ASP D 29 14.46 -16.74 -59.96
C ASP D 29 14.36 -15.74 -61.13
N PRO D 30 13.16 -15.22 -61.46
CA PRO D 30 13.07 -14.21 -62.55
C PRO D 30 13.77 -12.88 -62.23
N LEU D 31 14.15 -12.64 -60.94
CA LEU D 31 14.83 -11.41 -60.53
C LEU D 31 16.36 -11.58 -60.51
N ARG D 32 16.87 -12.83 -60.44
CA ARG D 32 18.31 -13.19 -60.36
C ARG D 32 18.98 -12.40 -59.23
N LEU D 33 18.36 -12.37 -58.03
CA LEU D 33 18.84 -11.60 -56.88
C LEU D 33 20.16 -12.12 -56.37
N ASP D 34 20.27 -13.46 -56.21
CA ASP D 34 21.47 -14.11 -55.71
C ASP D 34 22.52 -14.17 -56.82
N ASN D 35 23.55 -13.31 -56.68
CA ASN D 35 24.66 -13.16 -57.63
C ASN D 35 25.78 -14.21 -57.39
N THR D 36 25.55 -15.17 -56.46
CA THR D 36 26.52 -16.23 -56.10
C THR D 36 25.96 -17.64 -56.35
N ARG D 37 24.70 -17.73 -56.83
CA ARG D 37 23.95 -18.97 -57.09
C ARG D 37 24.60 -19.85 -58.18
N PHE D 38 24.99 -19.24 -59.32
CA PHE D 38 25.60 -19.93 -60.45
C PHE D 38 27.12 -19.90 -60.38
N TRP D 54 37.23 -32.85 -74.10
CA TRP D 54 37.57 -33.85 -75.09
C TRP D 54 36.73 -35.12 -74.94
N ASP D 55 36.25 -35.39 -73.70
CA ASP D 55 35.44 -36.56 -73.35
C ASP D 55 33.97 -36.41 -73.78
N LEU D 56 33.57 -35.18 -74.19
CA LEU D 56 32.21 -34.81 -74.61
C LEU D 56 31.72 -35.62 -75.80
N ASP D 57 32.59 -35.91 -76.77
CA ASP D 57 32.23 -36.64 -77.98
C ASP D 57 32.42 -38.15 -77.84
N ARG D 58 32.89 -38.62 -76.65
CA ARG D 58 33.08 -40.04 -76.34
C ARG D 58 31.77 -40.66 -75.85
N GLU D 59 31.47 -41.89 -76.32
CA GLU D 59 30.26 -42.64 -75.95
C GLU D 59 30.45 -43.39 -74.63
N PHE D 60 29.42 -43.36 -73.76
CA PHE D 60 29.40 -44.00 -72.44
C PHE D 60 28.17 -44.90 -72.27
N ARG D 70 23.84 -46.65 -74.86
CA ARG D 70 25.10 -46.07 -75.34
C ARG D 70 24.87 -44.68 -75.95
N LYS D 71 25.35 -43.64 -75.27
CA LYS D 71 25.18 -42.25 -75.70
C LYS D 71 26.45 -41.42 -75.44
N LYS D 72 26.68 -40.39 -76.28
CA LYS D 72 27.81 -39.46 -76.13
C LYS D 72 27.61 -38.61 -74.86
N LEU D 73 28.72 -38.26 -74.17
CA LEU D 73 28.71 -37.46 -72.95
C LEU D 73 28.01 -36.12 -73.17
N ARG D 74 28.22 -35.45 -74.33
CA ARG D 74 27.57 -34.18 -74.65
C ARG D 74 26.05 -34.33 -74.65
N ASP D 75 25.53 -35.48 -75.12
CA ASP D 75 24.11 -35.82 -75.22
C ASP D 75 23.52 -36.20 -73.85
N ILE D 76 24.34 -36.80 -72.94
CA ILE D 76 23.90 -37.13 -71.56
C ILE D 76 23.77 -35.83 -70.77
N LEU D 77 24.82 -34.98 -70.83
CA LEU D 77 24.90 -33.69 -70.12
C LEU D 77 23.86 -32.68 -70.59
N SER D 78 23.51 -32.67 -71.90
CA SER D 78 22.51 -31.73 -72.42
C SER D 78 21.12 -32.11 -71.91
N VAL D 79 20.82 -33.42 -71.80
CA VAL D 79 19.55 -33.93 -71.25
C VAL D 79 19.46 -33.51 -69.75
N LEU D 80 20.54 -33.69 -68.96
CA LEU D 80 20.61 -33.37 -67.53
C LEU D 80 20.45 -31.87 -67.28
N ARG D 81 21.15 -31.01 -68.05
CA ARG D 81 21.06 -29.54 -67.92
C ARG D 81 19.66 -29.04 -68.27
N ASP D 82 19.04 -29.55 -69.34
CA ASP D 82 17.69 -29.17 -69.76
C ASP D 82 16.65 -29.62 -68.73
N ALA D 83 16.81 -30.83 -68.18
CA ALA D 83 15.87 -31.42 -67.22
C ALA D 83 15.97 -30.81 -65.83
N TYR D 84 17.21 -30.55 -65.33
CA TYR D 84 17.41 -30.14 -63.95
C TYR D 84 17.97 -28.74 -63.71
N CYS D 85 18.53 -28.07 -64.75
CA CYS D 85 19.22 -26.80 -64.55
C CYS D 85 18.76 -25.69 -65.48
N ARG D 86 17.56 -25.79 -66.04
CA ARG D 86 17.08 -24.72 -66.92
C ARG D 86 16.09 -23.85 -66.10
N HIS D 87 14.77 -23.83 -66.41
CA HIS D 87 13.82 -23.01 -65.64
C HIS D 87 12.96 -23.83 -64.66
N VAL D 88 13.28 -25.13 -64.48
CA VAL D 88 12.58 -26.04 -63.59
C VAL D 88 13.59 -26.74 -62.64
N GLY D 89 13.43 -26.52 -61.34
CA GLY D 89 14.21 -27.18 -60.30
C GLY D 89 13.39 -28.32 -59.76
N VAL D 90 13.81 -29.55 -60.03
CA VAL D 90 13.12 -30.78 -59.64
C VAL D 90 13.74 -31.39 -58.38
N GLU D 91 12.93 -31.57 -57.34
CA GLU D 91 13.34 -32.27 -56.13
C GLU D 91 12.47 -33.51 -56.03
N TYR D 92 13.09 -34.68 -56.16
CA TYR D 92 12.35 -35.94 -56.14
C TYR D 92 13.15 -37.09 -55.54
N THR D 93 14.47 -36.94 -55.33
CA THR D 93 15.29 -38.07 -54.86
C THR D 93 15.08 -38.33 -53.36
N HIS D 94 14.30 -37.48 -52.67
CA HIS D 94 13.92 -37.64 -51.26
C HIS D 94 12.75 -38.63 -51.13
N ILE D 95 12.05 -38.91 -52.25
CA ILE D 95 10.91 -39.83 -52.31
C ILE D 95 11.39 -41.26 -52.04
N LEU D 96 10.78 -41.93 -51.04
CA LEU D 96 11.18 -43.29 -50.65
C LEU D 96 10.68 -44.37 -51.62
N GLU D 97 9.61 -44.10 -52.39
CA GLU D 97 9.05 -45.05 -53.38
C GLU D 97 9.90 -45.04 -54.66
N PRO D 98 10.64 -46.15 -54.98
CA PRO D 98 11.48 -46.17 -56.20
C PRO D 98 10.70 -45.99 -57.50
N GLU D 99 9.46 -46.54 -57.58
CA GLU D 99 8.61 -46.43 -58.76
C GLU D 99 8.19 -44.97 -59.06
N GLN D 100 8.05 -44.14 -58.01
CA GLN D 100 7.71 -42.71 -58.14
C GLN D 100 8.92 -41.90 -58.64
N GLN D 101 10.12 -42.20 -58.11
CA GLN D 101 11.38 -41.59 -58.55
C GLN D 101 11.61 -41.89 -60.03
N ARG D 102 11.38 -43.16 -60.43
CA ARG D 102 11.51 -43.67 -61.80
C ARG D 102 10.50 -42.98 -62.74
N TRP D 103 9.24 -42.79 -62.29
CA TRP D 103 8.15 -42.14 -63.06
C TRP D 103 8.56 -40.69 -63.42
N ILE D 104 9.08 -39.91 -62.44
CA ILE D 104 9.50 -38.52 -62.62
C ILE D 104 10.71 -38.46 -63.56
N GLN D 105 11.76 -39.24 -63.23
CA GLN D 105 13.00 -39.39 -64.00
C GLN D 105 12.72 -39.55 -65.50
N GLU D 106 11.86 -40.52 -65.84
CA GLU D 106 11.49 -40.86 -67.21
C GLU D 106 10.80 -39.72 -67.95
N ARG D 107 9.95 -38.94 -67.28
CA ARG D 107 9.20 -37.86 -67.94
C ARG D 107 9.99 -36.54 -68.01
N VAL D 108 10.97 -36.38 -67.13
CA VAL D 108 11.82 -35.20 -67.03
C VAL D 108 13.11 -35.36 -67.88
N GLU D 109 13.66 -36.58 -67.98
CA GLU D 109 14.89 -36.84 -68.74
C GLU D 109 14.62 -37.33 -70.17
N THR D 110 13.79 -36.60 -70.91
CA THR D 110 13.46 -36.92 -72.31
C THR D 110 13.38 -35.63 -73.10
N LYS D 111 13.63 -35.69 -74.42
CA LYS D 111 13.49 -34.53 -75.29
C LYS D 111 11.99 -34.31 -75.47
N HIS D 112 11.47 -33.23 -74.85
CA HIS D 112 10.05 -32.90 -74.90
C HIS D 112 9.70 -32.21 -76.21
N ASP D 113 8.46 -32.44 -76.68
CA ASP D 113 7.96 -31.82 -77.89
C ASP D 113 7.60 -30.37 -77.56
N LYS D 114 8.10 -29.42 -78.37
CA LYS D 114 7.84 -27.99 -78.21
C LYS D 114 6.33 -27.73 -78.40
N PRO D 115 5.68 -26.84 -77.61
CA PRO D 115 4.24 -26.63 -77.79
C PRO D 115 3.90 -26.06 -79.17
N THR D 116 2.68 -26.35 -79.65
CA THR D 116 2.21 -25.86 -80.94
C THR D 116 1.94 -24.36 -80.82
N VAL D 117 2.03 -23.62 -81.94
CA VAL D 117 1.79 -22.17 -82.00
C VAL D 117 0.41 -21.87 -81.37
N ALA D 118 -0.60 -22.76 -81.63
CA ALA D 118 -1.95 -22.66 -81.06
C ALA D 118 -1.92 -22.70 -79.52
N GLU D 119 -1.09 -23.59 -78.93
CA GLU D 119 -0.93 -23.74 -77.47
C GLU D 119 -0.20 -22.53 -76.88
N GLN D 120 0.83 -22.03 -77.58
CA GLN D 120 1.63 -20.86 -77.19
C GLN D 120 0.78 -19.58 -77.22
N LYS D 121 -0.04 -19.43 -78.28
CA LYS D 121 -0.96 -18.29 -78.42
C LYS D 121 -2.04 -18.36 -77.35
N TYR D 122 -2.45 -19.58 -76.96
CA TYR D 122 -3.46 -19.77 -75.91
C TYR D 122 -2.88 -19.35 -74.56
N ILE D 123 -1.62 -19.73 -74.27
CA ILE D 123 -0.91 -19.34 -73.04
C ILE D 123 -0.80 -17.81 -73.02
N LEU D 124 -0.40 -17.20 -74.15
CA LEU D 124 -0.30 -15.74 -74.31
C LEU D 124 -1.65 -15.06 -74.03
N SER D 125 -2.76 -15.63 -74.57
CA SER D 125 -4.13 -15.12 -74.37
C SER D 125 -4.52 -15.13 -72.88
N LYS D 126 -4.08 -16.17 -72.12
CA LYS D 126 -4.34 -16.27 -70.67
C LYS D 126 -3.55 -15.20 -69.90
N LEU D 127 -2.33 -14.86 -70.39
CA LEU D 127 -1.47 -13.82 -69.82
C LEU D 127 -2.02 -12.42 -70.12
N ASN D 128 -2.58 -12.24 -71.32
CA ASN D 128 -3.19 -10.99 -71.79
C ASN D 128 -4.38 -10.63 -70.94
N ALA D 129 -5.31 -11.62 -70.76
CA ALA D 129 -6.52 -11.51 -69.95
C ALA D 129 -6.19 -11.22 -68.49
N ALA D 130 -5.14 -11.87 -67.94
CA ALA D 130 -4.70 -11.70 -66.55
C ALA D 130 -4.09 -10.33 -66.29
N GLU D 131 -3.27 -9.80 -67.23
CA GLU D 131 -2.67 -8.49 -67.00
C GLU D 131 -3.69 -7.35 -67.22
N ALA D 132 -4.57 -7.47 -68.24
CA ALA D 132 -5.64 -6.50 -68.51
C ALA D 132 -6.53 -6.36 -67.30
N PHE D 133 -6.88 -7.49 -66.64
CA PHE D 133 -7.67 -7.50 -65.43
C PHE D 133 -6.99 -6.70 -64.36
N GLU D 134 -5.67 -6.98 -64.10
CA GLU D 134 -4.84 -6.31 -63.08
C GLU D 134 -4.72 -4.81 -63.33
N THR D 135 -4.56 -4.42 -64.62
CA THR D 135 -4.46 -3.03 -65.07
C THR D 135 -5.80 -2.30 -64.84
N PHE D 136 -6.95 -2.94 -65.20
CA PHE D 136 -8.29 -2.37 -64.98
C PHE D 136 -8.53 -2.14 -63.49
N LEU D 137 -8.28 -3.20 -62.68
CA LEU D 137 -8.51 -3.24 -61.24
C LEU D 137 -7.84 -2.08 -60.50
N GLN D 138 -6.59 -1.76 -60.81
CA GLN D 138 -5.89 -0.64 -60.18
C GLN D 138 -6.33 0.74 -60.74
N THR D 139 -6.66 0.81 -62.03
CA THR D 139 -7.05 2.09 -62.67
C THR D 139 -8.48 2.52 -62.29
N LYS D 140 -9.41 1.56 -62.22
CA LYS D 140 -10.83 1.86 -61.93
C LYS D 140 -11.01 2.20 -60.48
N TYR D 141 -10.96 1.16 -59.65
CA TYR D 141 -11.24 1.21 -58.23
C TYR D 141 -10.08 1.67 -57.37
N VAL D 142 -10.46 2.12 -56.14
CA VAL D 142 -9.60 2.64 -55.07
C VAL D 142 -9.36 1.53 -54.03
N GLY D 143 -8.15 1.50 -53.48
CA GLY D 143 -7.73 0.56 -52.44
C GLY D 143 -7.71 -0.90 -52.81
N GLN D 144 -7.22 -1.22 -54.03
CA GLN D 144 -7.16 -2.62 -54.49
C GLN D 144 -5.73 -3.14 -54.66
N LYS D 145 -4.70 -2.33 -54.29
CA LYS D 145 -3.24 -2.57 -54.42
C LYS D 145 -2.81 -3.89 -53.78
N ARG D 146 -3.39 -4.18 -52.62
CA ARG D 146 -3.15 -5.36 -51.79
C ARG D 146 -3.55 -6.69 -52.45
N PHE D 147 -4.38 -6.65 -53.49
CA PHE D 147 -4.84 -7.87 -54.13
C PHE D 147 -4.14 -8.14 -55.48
N SER D 148 -3.23 -7.24 -55.89
CA SER D 148 -2.53 -7.27 -57.18
C SER D 148 -1.67 -8.54 -57.38
N LEU D 149 -1.85 -9.12 -58.56
CA LEU D 149 -1.16 -10.31 -59.05
C LEU D 149 -0.03 -9.90 -60.02
N GLU D 150 0.23 -8.60 -60.16
CA GLU D 150 1.30 -8.11 -61.02
C GLU D 150 2.62 -8.67 -60.57
N GLY D 151 3.32 -9.30 -61.51
CA GLY D 151 4.61 -9.95 -61.25
C GLY D 151 4.42 -11.45 -61.07
N ALA D 152 3.13 -11.91 -60.97
CA ALA D 152 2.73 -13.30 -60.71
C ALA D 152 1.57 -13.78 -61.63
N GLU D 153 1.31 -13.08 -62.74
CA GLU D 153 0.24 -13.37 -63.71
C GLU D 153 0.34 -14.77 -64.34
N THR D 154 1.52 -15.39 -64.34
CA THR D 154 1.77 -16.73 -64.87
C THR D 154 1.01 -17.82 -64.05
N VAL D 155 0.51 -17.49 -62.84
CA VAL D 155 -0.27 -18.44 -62.06
C VAL D 155 -1.61 -18.72 -62.79
N ILE D 156 -2.10 -17.76 -63.62
CA ILE D 156 -3.35 -17.92 -64.36
C ILE D 156 -3.15 -19.01 -65.46
N PRO D 157 -2.19 -18.94 -66.43
CA PRO D 157 -2.04 -20.09 -67.37
C PRO D 157 -1.63 -21.39 -66.65
N MET D 158 -0.93 -21.30 -65.50
CA MET D 158 -0.55 -22.47 -64.71
C MET D 158 -1.79 -23.18 -64.13
N MET D 159 -2.72 -22.42 -63.52
CA MET D 159 -3.96 -22.99 -62.93
C MET D 159 -4.85 -23.54 -64.04
N ASP D 160 -4.88 -22.84 -65.19
CA ASP D 160 -5.64 -23.22 -66.37
C ASP D 160 -5.17 -24.58 -66.86
N ALA D 161 -3.84 -24.81 -66.86
CA ALA D 161 -3.22 -26.07 -67.27
C ALA D 161 -3.59 -27.19 -66.29
N VAL D 162 -3.65 -26.89 -64.99
CA VAL D 162 -4.01 -27.86 -63.96
C VAL D 162 -5.42 -28.38 -64.25
N ILE D 163 -6.38 -27.47 -64.39
CA ILE D 163 -7.79 -27.74 -64.58
C ILE D 163 -8.03 -28.42 -65.93
N ASP D 164 -7.34 -27.96 -66.99
CA ASP D 164 -7.41 -28.58 -68.31
C ASP D 164 -6.89 -30.02 -68.30
N GLN D 165 -5.81 -30.29 -67.53
CA GLN D 165 -5.24 -31.64 -67.42
C GLN D 165 -6.18 -32.54 -66.62
N CYS D 166 -6.87 -31.98 -65.60
CA CYS D 166 -7.86 -32.71 -64.82
C CYS D 166 -9.05 -33.09 -65.73
N ALA D 167 -9.46 -32.18 -66.65
CA ALA D 167 -10.54 -32.44 -67.62
C ALA D 167 -10.12 -33.50 -68.66
N GLU D 168 -8.81 -33.52 -69.00
CA GLU D 168 -8.23 -34.50 -69.92
C GLU D 168 -8.28 -35.91 -69.30
N HIS D 169 -8.17 -36.00 -67.96
CA HIS D 169 -8.28 -37.26 -67.21
C HIS D 169 -9.76 -37.65 -66.95
N GLY D 170 -10.68 -36.81 -67.44
CA GLY D 170 -12.13 -36.99 -67.30
C GLY D 170 -12.63 -36.87 -65.88
N LEU D 171 -11.96 -36.06 -65.04
CA LEU D 171 -12.32 -35.87 -63.63
C LEU D 171 -13.58 -35.01 -63.49
N ASP D 172 -14.23 -35.04 -62.30
CA ASP D 172 -15.51 -34.38 -62.09
C ASP D 172 -15.43 -32.93 -61.64
N GLU D 173 -14.50 -32.60 -60.73
CA GLU D 173 -14.41 -31.24 -60.20
C GLU D 173 -13.03 -30.93 -59.64
N VAL D 174 -12.65 -29.65 -59.75
CA VAL D 174 -11.44 -29.08 -59.16
C VAL D 174 -11.94 -28.07 -58.12
N VAL D 175 -11.56 -28.25 -56.85
CA VAL D 175 -11.98 -27.33 -55.81
C VAL D 175 -10.75 -26.58 -55.34
N ILE D 176 -10.82 -25.26 -55.40
CA ILE D 176 -9.76 -24.32 -55.06
C ILE D 176 -9.94 -23.65 -53.70
N ALA D 177 -8.78 -23.47 -53.02
CA ALA D 177 -8.62 -22.67 -51.80
C ALA D 177 -7.44 -21.75 -52.04
N MET D 178 -7.57 -20.48 -51.69
CA MET D 178 -6.46 -19.56 -51.89
C MET D 178 -6.51 -18.35 -50.94
N PRO D 179 -5.36 -17.64 -50.72
CA PRO D 179 -5.43 -16.33 -50.03
C PRO D 179 -6.00 -15.25 -51.01
N HIS D 180 -6.08 -13.97 -50.63
CA HIS D 180 -6.78 -12.99 -51.48
C HIS D 180 -5.99 -12.43 -52.70
N ARG D 181 -4.67 -12.70 -52.81
CA ARG D 181 -3.88 -12.20 -53.93
C ARG D 181 -4.28 -12.87 -55.28
N GLY D 182 -4.76 -12.05 -56.22
CA GLY D 182 -5.16 -12.53 -57.54
C GLY D 182 -6.53 -13.16 -57.58
N ARG D 183 -7.25 -13.18 -56.42
CA ARG D 183 -8.57 -13.81 -56.20
C ARG D 183 -9.58 -13.45 -57.24
N LEU D 184 -9.81 -12.15 -57.48
CA LEU D 184 -10.82 -11.78 -58.50
C LEU D 184 -10.35 -12.11 -59.92
N ASN D 185 -9.02 -12.17 -60.15
CA ASN D 185 -8.46 -12.57 -61.45
C ASN D 185 -8.78 -14.07 -61.69
N VAL D 186 -8.70 -14.88 -60.62
CA VAL D 186 -8.99 -16.32 -60.62
C VAL D 186 -10.46 -16.50 -60.91
N LEU D 187 -11.34 -15.71 -60.26
CA LEU D 187 -12.77 -15.86 -60.54
C LEU D 187 -13.09 -15.59 -62.02
N ALA D 188 -12.54 -14.49 -62.57
CA ALA D 188 -12.82 -14.12 -63.96
C ALA D 188 -12.13 -15.01 -64.96
N ASN D 189 -10.87 -15.42 -64.73
CA ASN D 189 -10.17 -16.14 -65.79
C ASN D 189 -9.97 -17.64 -65.57
N ILE D 190 -10.41 -18.19 -64.42
CA ILE D 190 -10.28 -19.61 -64.08
C ILE D 190 -11.69 -20.20 -63.81
N VAL D 191 -12.40 -19.68 -62.80
CA VAL D 191 -13.74 -20.10 -62.41
C VAL D 191 -14.74 -19.74 -63.54
N GLY D 192 -14.44 -18.68 -64.29
CA GLY D 192 -15.23 -18.27 -65.46
C GLY D 192 -16.42 -17.40 -65.14
N LYS D 193 -16.40 -16.75 -63.95
CA LYS D 193 -17.50 -15.87 -63.52
C LYS D 193 -17.59 -14.63 -64.44
N PRO D 194 -18.78 -14.17 -64.87
CA PRO D 194 -18.83 -12.94 -65.67
C PRO D 194 -18.57 -11.72 -64.79
N TYR D 195 -18.09 -10.61 -65.41
CA TYR D 195 -17.78 -9.35 -64.74
C TYR D 195 -19.02 -8.71 -64.09
N SER D 196 -20.23 -8.94 -64.66
CA SER D 196 -21.50 -8.43 -64.14
C SER D 196 -21.81 -9.01 -62.75
N GLN D 197 -21.37 -10.25 -62.48
CA GLN D 197 -21.53 -10.93 -61.19
C GLN D 197 -20.37 -10.59 -60.22
N ILE D 198 -19.14 -10.35 -60.75
CA ILE D 198 -17.94 -10.03 -59.95
C ILE D 198 -17.94 -8.57 -59.43
N PHE D 199 -18.40 -7.59 -60.22
CA PHE D 199 -18.32 -6.19 -59.81
C PHE D 199 -19.69 -5.65 -59.34
N SER D 200 -20.68 -6.56 -59.21
CA SER D 200 -22.03 -6.27 -58.71
C SER D 200 -21.97 -5.89 -57.24
N GLU D 201 -22.46 -4.69 -56.89
CA GLU D 201 -22.49 -4.13 -55.53
C GLU D 201 -21.05 -4.03 -54.95
N PHE D 202 -20.10 -3.53 -55.79
CA PHE D 202 -18.68 -3.30 -55.50
C PHE D 202 -18.47 -1.87 -55.01
N GLU D 203 -17.38 -1.64 -54.25
CA GLU D 203 -16.96 -0.33 -53.72
C GLU D 203 -18.11 0.43 -53.04
N GLY D 215 -18.62 -5.36 -51.71
CA GLY D 215 -17.45 -4.88 -50.97
C GLY D 215 -16.28 -5.84 -50.98
N ASP D 216 -15.31 -5.64 -50.06
CA ASP D 216 -14.11 -6.45 -49.90
C ASP D 216 -14.44 -7.88 -49.34
N VAL D 217 -15.75 -8.17 -49.10
CA VAL D 217 -16.27 -9.48 -48.69
C VAL D 217 -16.14 -10.44 -49.91
N LYS D 218 -16.15 -9.87 -51.14
CA LYS D 218 -16.01 -10.59 -52.42
C LYS D 218 -14.69 -11.38 -52.49
N TYR D 219 -13.64 -10.95 -51.73
CA TYR D 219 -12.32 -11.59 -51.65
C TYR D 219 -12.28 -12.76 -50.63
N HIS D 220 -13.45 -13.21 -50.16
CA HIS D 220 -13.56 -14.28 -49.15
C HIS D 220 -14.76 -15.20 -49.43
N LEU D 221 -15.65 -14.87 -50.40
CA LEU D 221 -16.84 -15.69 -50.72
C LEU D 221 -16.51 -16.89 -51.60
N GLY D 222 -17.34 -17.93 -51.48
CA GLY D 222 -17.25 -19.10 -52.33
C GLY D 222 -17.82 -18.81 -53.70
N ALA D 223 -17.42 -19.58 -54.72
CA ALA D 223 -17.91 -19.42 -56.09
C ALA D 223 -17.92 -20.75 -56.80
N THR D 224 -18.75 -20.87 -57.85
CA THR D 224 -18.85 -22.13 -58.59
C THR D 224 -19.03 -21.82 -60.07
N GLY D 225 -18.41 -22.64 -60.91
CA GLY D 225 -18.48 -22.50 -62.36
C GLY D 225 -18.13 -23.77 -63.12
N THR D 226 -18.07 -23.65 -64.45
CA THR D 226 -17.76 -24.76 -65.35
C THR D 226 -16.63 -24.37 -66.28
N TYR D 227 -15.60 -25.21 -66.33
CA TYR D 227 -14.46 -25.03 -67.22
C TYR D 227 -14.68 -25.85 -68.47
N ILE D 228 -14.59 -25.22 -69.63
CA ILE D 228 -14.74 -25.87 -70.93
C ILE D 228 -13.36 -25.87 -71.64
N GLN D 229 -12.88 -27.05 -72.03
CA GLN D 229 -11.58 -27.22 -72.70
C GLN D 229 -11.52 -26.44 -74.02
N MET D 230 -10.40 -25.79 -74.25
CA MET D 230 -10.15 -25.00 -75.45
C MET D 230 -9.89 -25.94 -76.66
N PHE D 231 -8.98 -26.91 -76.49
CA PHE D 231 -8.57 -27.83 -77.56
C PHE D 231 -9.13 -29.27 -77.37
N GLY D 232 -9.94 -29.47 -76.34
CA GLY D 232 -10.55 -30.76 -76.04
C GLY D 232 -12.06 -30.70 -76.02
N ASP D 233 -12.70 -31.86 -75.83
CA ASP D 233 -14.16 -31.97 -75.82
C ASP D 233 -14.73 -32.20 -74.41
N ASN D 234 -13.89 -32.14 -73.37
CA ASN D 234 -14.37 -32.33 -72.01
C ASN D 234 -14.60 -30.99 -71.29
N ASP D 235 -15.43 -31.04 -70.25
CA ASP D 235 -15.69 -29.94 -69.33
C ASP D 235 -15.50 -30.49 -67.91
N ILE D 236 -15.34 -29.57 -66.93
CA ILE D 236 -15.14 -29.94 -65.54
C ILE D 236 -15.69 -28.81 -64.65
N GLU D 237 -16.24 -29.16 -63.49
CA GLU D 237 -16.73 -28.16 -62.54
C GLU D 237 -15.52 -27.55 -61.81
N VAL D 238 -15.58 -26.23 -61.58
CA VAL D 238 -14.52 -25.50 -60.88
C VAL D 238 -15.18 -24.69 -59.78
N SER D 239 -14.76 -24.91 -58.53
CA SER D 239 -15.33 -24.11 -57.43
C SER D 239 -14.21 -23.54 -56.56
N LEU D 240 -14.53 -22.48 -55.84
CA LEU D 240 -13.64 -21.73 -54.97
C LEU D 240 -14.29 -21.65 -53.60
N THR D 241 -13.62 -22.17 -52.57
CA THR D 241 -14.20 -22.19 -51.23
C THR D 241 -13.97 -20.83 -50.53
N ALA D 242 -14.87 -20.49 -49.62
CA ALA D 242 -14.81 -19.28 -48.80
C ALA D 242 -13.70 -19.43 -47.76
N ASN D 243 -13.14 -18.30 -47.27
CA ASN D 243 -12.06 -18.33 -46.27
C ASN D 243 -11.91 -17.01 -45.49
N PRO D 244 -11.31 -17.04 -44.26
CA PRO D 244 -11.07 -15.78 -43.54
C PRO D 244 -9.74 -15.16 -44.00
N SER D 245 -9.28 -14.13 -43.33
CA SER D 245 -8.00 -13.50 -43.63
C SER D 245 -6.84 -14.34 -43.14
N HIS D 246 -7.07 -15.21 -42.11
CA HIS D 246 -6.08 -16.12 -41.51
C HIS D 246 -5.51 -17.02 -42.59
N LEU D 247 -4.25 -16.74 -42.98
CA LEU D 247 -3.56 -17.47 -44.04
C LEU D 247 -3.36 -18.92 -43.65
N GLU D 248 -3.68 -19.83 -44.59
CA GLU D 248 -3.53 -21.28 -44.50
C GLU D 248 -4.61 -21.95 -43.64
N ALA D 249 -5.43 -21.20 -42.87
CA ALA D 249 -6.50 -21.78 -42.01
C ALA D 249 -7.52 -22.61 -42.81
N VAL D 250 -7.77 -22.25 -44.11
CA VAL D 250 -8.70 -22.91 -45.01
C VAL D 250 -8.16 -24.26 -45.55
N ASP D 251 -6.83 -24.49 -45.42
CA ASP D 251 -6.20 -25.69 -45.97
C ASP D 251 -6.96 -26.99 -45.58
N PRO D 252 -7.21 -27.30 -44.26
CA PRO D 252 -7.91 -28.55 -43.94
C PRO D 252 -9.38 -28.52 -44.26
N VAL D 253 -9.95 -27.32 -44.36
CA VAL D 253 -11.37 -27.09 -44.70
C VAL D 253 -11.59 -27.56 -46.13
N LEU D 254 -10.64 -27.24 -47.04
CA LEU D 254 -10.64 -27.63 -48.43
C LEU D 254 -10.63 -29.15 -48.54
N GLU D 255 -9.69 -29.77 -47.80
CA GLU D 255 -9.51 -31.22 -47.76
C GLU D 255 -10.80 -31.88 -47.34
N GLY D 256 -11.43 -31.36 -46.28
CA GLY D 256 -12.71 -31.84 -45.77
C GLY D 256 -13.83 -31.75 -46.79
N LEU D 257 -14.00 -30.58 -47.41
CA LEU D 257 -14.99 -30.29 -48.47
C LEU D 257 -14.83 -31.27 -49.65
N VAL D 258 -13.58 -31.45 -50.14
CA VAL D 258 -13.29 -32.35 -51.26
C VAL D 258 -13.65 -33.81 -50.89
N ARG D 259 -13.21 -34.31 -49.71
CA ARG D 259 -13.52 -35.65 -49.24
C ARG D 259 -15.04 -35.91 -49.23
N ALA D 260 -15.83 -34.93 -48.71
CA ALA D 260 -17.27 -35.05 -48.66
C ALA D 260 -17.85 -35.21 -50.05
N LYS D 261 -17.33 -34.44 -51.03
CA LYS D 261 -17.77 -34.49 -52.43
C LYS D 261 -17.34 -35.86 -53.05
N GLN D 262 -16.11 -36.32 -52.73
CA GLN D 262 -15.61 -37.62 -53.17
C GLN D 262 -16.51 -38.73 -52.67
N ASP D 263 -16.88 -38.71 -51.36
CA ASP D 263 -17.77 -39.72 -50.78
C ASP D 263 -19.15 -39.70 -51.45
N LEU D 264 -19.67 -38.50 -51.82
CA LEU D 264 -20.97 -38.38 -52.51
C LEU D 264 -20.91 -38.98 -53.93
N LEU D 265 -19.79 -38.79 -54.63
CA LEU D 265 -19.61 -39.29 -55.99
C LEU D 265 -19.22 -40.77 -56.04
N ASP D 266 -19.11 -41.44 -54.86
CA ASP D 266 -18.69 -42.84 -54.70
C ASP D 266 -17.30 -43.05 -55.37
N THR D 267 -16.40 -42.07 -55.13
CA THR D 267 -15.02 -42.10 -55.64
C THR D 267 -14.06 -41.94 -54.49
N GLY D 268 -12.94 -42.63 -54.56
CA GLY D 268 -11.90 -42.54 -53.54
C GLY D 268 -11.95 -43.62 -52.49
N GLU D 269 -11.41 -43.29 -51.29
CA GLU D 269 -11.27 -44.16 -50.13
C GLU D 269 -12.58 -44.86 -49.74
N GLU D 270 -13.71 -44.11 -49.76
CA GLU D 270 -15.03 -44.66 -49.42
C GLU D 270 -15.89 -44.89 -50.69
N GLY D 271 -15.21 -45.01 -51.83
CA GLY D 271 -15.85 -45.21 -53.12
C GLY D 271 -15.57 -46.54 -53.79
N SER D 272 -16.31 -46.79 -54.89
CA SER D 272 -16.22 -47.99 -55.73
C SER D 272 -15.01 -47.91 -56.67
N ASP D 273 -14.66 -46.70 -57.13
CA ASP D 273 -13.49 -46.47 -57.99
C ASP D 273 -12.38 -45.78 -57.18
N ASN D 274 -11.15 -45.82 -57.70
CA ASN D 274 -10.01 -45.19 -57.05
C ASN D 274 -9.56 -43.95 -57.86
N ARG D 275 -10.50 -43.25 -58.54
CA ARG D 275 -10.16 -42.08 -59.36
C ARG D 275 -9.94 -40.81 -58.52
N PHE D 276 -10.62 -40.69 -57.32
CA PHE D 276 -10.60 -39.49 -56.45
C PHE D 276 -10.86 -38.28 -57.36
N SER D 277 -12.00 -38.33 -58.08
CA SER D 277 -12.37 -37.45 -59.18
C SER D 277 -12.64 -35.99 -58.80
N VAL D 278 -12.50 -35.65 -57.52
CA VAL D 278 -12.61 -34.28 -57.04
C VAL D 278 -11.21 -33.93 -56.59
N VAL D 279 -10.61 -32.89 -57.20
CA VAL D 279 -9.22 -32.51 -56.97
C VAL D 279 -9.10 -31.24 -56.15
N PRO D 280 -8.42 -31.31 -55.00
CA PRO D 280 -8.11 -30.07 -54.27
C PRO D 280 -6.93 -29.33 -54.95
N LEU D 281 -7.11 -28.06 -55.26
CA LEU D 281 -6.08 -27.20 -55.84
C LEU D 281 -5.86 -26.10 -54.79
N MET D 282 -4.76 -26.18 -54.05
CA MET D 282 -4.49 -25.29 -52.93
C MET D 282 -3.41 -24.26 -53.26
N LEU D 283 -3.76 -22.96 -53.20
CA LEU D 283 -2.79 -21.90 -53.45
C LEU D 283 -2.26 -21.34 -52.15
N HIS D 284 -0.99 -20.94 -52.15
CA HIS D 284 -0.35 -20.38 -50.96
C HIS D 284 0.59 -19.24 -51.30
N GLY D 285 1.02 -18.55 -50.25
CA GLY D 285 2.06 -17.52 -50.29
C GLY D 285 3.29 -18.17 -49.69
N ASP D 286 4.47 -17.69 -50.02
CA ASP D 286 5.73 -18.28 -49.54
C ASP D 286 5.97 -18.07 -48.05
N ALA D 287 5.58 -16.90 -47.49
CA ALA D 287 5.83 -16.67 -46.05
C ALA D 287 4.88 -17.53 -45.19
N ALA D 288 3.61 -17.62 -45.60
CA ALA D 288 2.56 -18.35 -44.92
C ALA D 288 2.78 -19.85 -44.96
N PHE D 289 3.23 -20.40 -46.13
CA PHE D 289 3.46 -21.83 -46.34
C PHE D 289 4.54 -22.36 -45.40
N ALA D 290 5.57 -21.54 -45.13
CA ALA D 290 6.66 -21.94 -44.27
C ALA D 290 6.36 -21.71 -42.78
N GLY D 291 5.60 -20.66 -42.45
CA GLY D 291 5.40 -20.34 -41.05
C GLY D 291 4.19 -20.88 -40.35
N GLN D 292 3.12 -21.26 -41.10
CA GLN D 292 1.90 -21.71 -40.45
C GLN D 292 1.90 -23.22 -40.20
N GLY D 293 1.76 -23.61 -38.93
CA GLY D 293 1.72 -25.01 -38.50
C GLY D 293 0.60 -25.84 -39.12
N VAL D 294 -0.54 -25.20 -39.47
CA VAL D 294 -1.68 -25.90 -40.05
C VAL D 294 -1.30 -26.55 -41.44
N VAL D 295 -0.25 -26.04 -42.09
CA VAL D 295 0.28 -26.59 -43.34
C VAL D 295 0.77 -28.03 -43.07
N ALA D 296 1.69 -28.21 -42.09
CA ALA D 296 2.21 -29.51 -41.66
C ALA D 296 1.07 -30.48 -41.24
N GLU D 297 0.12 -29.98 -40.42
CA GLU D 297 -1.03 -30.73 -39.94
C GLU D 297 -1.91 -31.24 -41.08
N THR D 298 -2.10 -30.43 -42.14
CA THR D 298 -2.95 -30.77 -43.29
C THR D 298 -2.20 -31.74 -44.22
N LEU D 299 -0.88 -31.53 -44.42
CA LEU D 299 -0.02 -32.45 -45.19
C LEU D 299 -0.01 -33.82 -44.50
N ASN D 300 0.02 -33.84 -43.15
CA ASN D 300 -0.01 -35.08 -42.37
C ASN D 300 -1.30 -35.93 -42.61
N LEU D 301 -2.39 -35.31 -43.11
CA LEU D 301 -3.66 -36.00 -43.43
C LEU D 301 -3.70 -36.65 -44.82
N ALA D 302 -2.74 -36.29 -45.71
CA ALA D 302 -2.73 -36.62 -47.13
C ALA D 302 -2.93 -38.09 -47.50
N LEU D 303 -2.44 -39.03 -46.67
CA LEU D 303 -2.53 -40.46 -46.99
C LEU D 303 -3.33 -41.24 -45.97
N LEU D 304 -3.94 -40.57 -44.99
CA LEU D 304 -4.71 -41.25 -43.94
C LEU D 304 -6.02 -41.77 -44.51
N ARG D 305 -6.46 -42.98 -44.13
CA ARG D 305 -7.73 -43.55 -44.64
C ARG D 305 -8.96 -42.67 -44.28
N GLY D 306 -8.92 -41.97 -43.15
CA GLY D 306 -10.05 -41.12 -42.80
C GLY D 306 -10.04 -39.75 -43.44
N TYR D 307 -8.89 -39.33 -44.01
CA TYR D 307 -8.76 -37.95 -44.48
C TYR D 307 -8.23 -37.76 -45.87
N ARG D 308 -7.68 -38.80 -46.52
CA ARG D 308 -7.08 -38.68 -47.85
C ARG D 308 -8.06 -38.24 -48.92
N THR D 309 -7.59 -37.41 -49.84
CA THR D 309 -8.37 -36.90 -50.96
C THR D 309 -7.72 -37.32 -52.31
N GLY D 310 -6.78 -38.26 -52.25
CA GLY D 310 -6.09 -38.76 -53.44
C GLY D 310 -5.01 -37.84 -53.98
N GLY D 311 -4.53 -36.94 -53.13
CA GLY D 311 -3.50 -35.99 -53.50
C GLY D 311 -3.99 -34.61 -53.85
N THR D 312 -3.32 -33.62 -53.31
CA THR D 312 -3.61 -32.18 -53.49
C THR D 312 -2.56 -31.58 -54.42
N ILE D 313 -2.99 -30.72 -55.35
CA ILE D 313 -2.06 -29.97 -56.19
C ILE D 313 -1.82 -28.67 -55.46
N HIS D 314 -0.57 -28.43 -55.02
CA HIS D 314 -0.22 -27.21 -54.31
C HIS D 314 0.50 -26.26 -55.23
N ILE D 315 0.10 -24.98 -55.21
CA ILE D 315 0.77 -23.94 -55.97
C ILE D 315 1.15 -22.86 -55.00
N VAL D 316 2.46 -22.63 -54.82
CA VAL D 316 2.95 -21.54 -53.96
C VAL D 316 3.29 -20.36 -54.87
N VAL D 317 2.63 -19.22 -54.66
CA VAL D 317 2.92 -17.98 -55.38
C VAL D 317 4.09 -17.37 -54.61
N ASN D 318 5.30 -17.80 -54.95
CA ASN D 318 6.53 -17.42 -54.26
C ASN D 318 7.11 -16.15 -54.82
N ASN D 319 6.70 -15.02 -54.27
CA ASN D 319 7.15 -13.70 -54.74
C ASN D 319 8.36 -13.24 -53.96
N GLN D 320 8.94 -14.16 -53.13
CA GLN D 320 10.20 -14.02 -52.36
C GLN D 320 10.13 -12.87 -51.38
N ILE D 321 8.94 -12.65 -50.83
CA ILE D 321 8.65 -11.58 -49.87
C ILE D 321 7.36 -11.89 -49.16
N GLY D 322 7.28 -11.47 -47.89
CA GLY D 322 6.08 -11.57 -47.07
C GLY D 322 5.85 -10.21 -46.44
N PHE D 323 5.11 -9.33 -47.14
CA PHE D 323 4.82 -7.93 -46.79
C PHE D 323 6.15 -7.18 -46.81
N THR D 324 6.83 -6.93 -45.67
CA THR D 324 8.15 -6.25 -45.70
C THR D 324 9.28 -7.24 -45.37
N THR D 325 8.92 -8.50 -45.07
CA THR D 325 9.86 -9.51 -44.58
C THR D 325 10.52 -10.33 -45.70
N ALA D 326 11.86 -10.38 -45.63
CA ALA D 326 12.70 -11.16 -46.54
C ALA D 326 12.60 -12.64 -46.15
N PRO D 327 12.74 -13.59 -47.12
CA PRO D 327 12.70 -15.03 -46.79
C PRO D 327 13.66 -15.48 -45.68
N THR D 328 14.81 -14.78 -45.49
CA THR D 328 15.79 -15.16 -44.45
C THR D 328 15.20 -14.96 -43.04
N ASP D 329 14.14 -14.12 -42.88
CA ASP D 329 13.49 -13.92 -41.59
C ASP D 329 12.18 -14.73 -41.50
N SER D 330 11.79 -15.43 -42.59
CA SER D 330 10.55 -16.18 -42.66
C SER D 330 10.71 -17.70 -42.54
N ARG D 331 11.91 -18.25 -42.88
CA ARG D 331 12.14 -19.69 -42.83
C ARG D 331 13.60 -20.05 -42.59
N SER D 332 13.86 -21.25 -42.07
CA SER D 332 15.18 -21.81 -41.75
C SER D 332 15.63 -22.86 -42.77
N SER D 333 15.03 -22.85 -43.97
CA SER D 333 15.32 -23.84 -45.01
C SER D 333 15.53 -23.17 -46.35
N GLU D 334 16.13 -23.89 -47.31
CA GLU D 334 16.43 -23.36 -48.65
C GLU D 334 15.17 -22.92 -49.39
N TYR D 335 14.11 -23.74 -49.37
CA TYR D 335 12.86 -23.45 -50.08
C TYR D 335 11.67 -23.28 -49.13
N CYS D 336 10.69 -22.45 -49.52
CA CYS D 336 9.47 -22.18 -48.73
C CYS D 336 8.60 -23.45 -48.63
N THR D 337 8.79 -24.38 -49.58
CA THR D 337 8.05 -25.62 -49.76
C THR D 337 8.67 -26.85 -49.08
N ASP D 338 9.77 -26.67 -48.33
CA ASP D 338 10.50 -27.77 -47.71
C ASP D 338 9.67 -28.62 -46.71
N VAL D 339 8.60 -28.05 -46.15
CA VAL D 339 7.67 -28.78 -45.27
C VAL D 339 7.03 -29.97 -46.04
N ALA D 340 6.74 -29.82 -47.34
CA ALA D 340 6.13 -30.88 -48.16
C ALA D 340 6.97 -32.18 -48.27
N LYS D 341 8.26 -32.11 -47.89
CA LYS D 341 9.17 -33.25 -47.87
C LYS D 341 8.77 -34.24 -46.77
N MET D 342 8.02 -33.77 -45.78
CA MET D 342 7.40 -34.49 -44.66
C MET D 342 6.62 -35.73 -45.14
N ILE D 343 5.95 -35.65 -46.32
CA ILE D 343 5.12 -36.73 -46.85
C ILE D 343 5.69 -37.24 -48.17
N GLY D 344 6.95 -36.88 -48.44
CA GLY D 344 7.69 -37.30 -49.63
C GLY D 344 7.02 -36.88 -50.90
N ALA D 345 6.48 -35.65 -50.91
CA ALA D 345 5.83 -35.07 -52.08
C ALA D 345 6.87 -34.58 -53.09
N PRO D 346 6.68 -34.77 -54.42
CA PRO D 346 7.64 -34.18 -55.38
C PRO D 346 7.46 -32.66 -55.41
N ILE D 347 8.57 -31.91 -55.55
CA ILE D 347 8.49 -30.45 -55.57
C ILE D 347 9.10 -29.95 -56.85
N PHE D 348 8.41 -29.02 -57.50
CA PHE D 348 8.89 -28.42 -58.73
C PHE D 348 8.99 -26.92 -58.55
N HIS D 349 10.23 -26.42 -58.54
CA HIS D 349 10.53 -24.99 -58.46
C HIS D 349 10.53 -24.50 -59.88
N VAL D 350 9.70 -23.50 -60.20
CA VAL D 350 9.61 -23.11 -61.59
C VAL D 350 9.63 -21.58 -61.74
N ASN D 351 10.38 -21.13 -62.78
CA ASN D 351 10.53 -19.74 -63.16
C ASN D 351 9.22 -19.15 -63.68
N GLY D 352 8.63 -18.26 -62.88
CA GLY D 352 7.38 -17.57 -63.17
C GLY D 352 7.40 -16.72 -64.43
N ASP D 353 8.59 -16.42 -64.97
CA ASP D 353 8.71 -15.65 -66.21
C ASP D 353 8.69 -16.58 -67.43
N ASP D 354 8.69 -17.93 -67.23
CA ASP D 354 8.59 -18.93 -68.28
C ASP D 354 7.20 -19.59 -68.19
N PRO D 355 6.19 -19.04 -68.88
CA PRO D 355 4.83 -19.59 -68.78
C PRO D 355 4.67 -21.01 -69.35
N GLU D 356 5.52 -21.40 -70.32
CA GLU D 356 5.52 -22.73 -70.93
C GLU D 356 6.00 -23.79 -69.93
N ALA D 357 7.11 -23.52 -69.21
CA ALA D 357 7.62 -24.43 -68.18
C ALA D 357 6.59 -24.56 -67.04
N CYS D 358 5.91 -23.45 -66.71
CA CYS D 358 4.86 -23.39 -65.68
C CYS D 358 3.64 -24.24 -66.07
N ALA D 359 3.21 -24.16 -67.35
CA ALA D 359 2.09 -24.95 -67.87
C ALA D 359 2.45 -26.43 -67.93
N TRP D 360 3.69 -26.76 -68.36
CA TRP D 360 4.21 -28.13 -68.47
C TRP D 360 4.28 -28.81 -67.08
N VAL D 361 4.80 -28.10 -66.07
CA VAL D 361 4.94 -28.59 -64.68
C VAL D 361 3.54 -28.86 -64.07
N ALA D 362 2.57 -27.98 -64.33
CA ALA D 362 1.19 -28.09 -63.88
C ALA D 362 0.54 -29.40 -64.38
N ARG D 363 0.76 -29.75 -65.67
CA ARG D 363 0.22 -30.94 -66.31
C ARG D 363 0.93 -32.20 -65.81
N LEU D 364 2.26 -32.12 -65.58
CA LEU D 364 3.05 -33.22 -65.02
C LEU D 364 2.56 -33.53 -63.59
N ALA D 365 2.25 -32.47 -62.81
CA ALA D 365 1.76 -32.53 -61.43
C ALA D 365 0.42 -33.26 -61.35
N VAL D 366 -0.52 -32.95 -62.26
CA VAL D 366 -1.84 -33.61 -62.34
C VAL D 366 -1.65 -35.12 -62.66
N ASP D 367 -0.77 -35.44 -63.62
CA ASP D 367 -0.45 -36.82 -64.03
C ASP D 367 0.18 -37.61 -62.87
N PHE D 368 1.08 -36.98 -62.08
CA PHE D 368 1.71 -37.63 -60.91
C PHE D 368 0.66 -37.94 -59.85
N ARG D 369 -0.25 -36.97 -59.57
CA ARG D 369 -1.32 -37.10 -58.59
C ARG D 369 -2.25 -38.23 -59.01
N GLN D 370 -2.59 -38.29 -60.32
CA GLN D 370 -3.46 -39.35 -60.84
C GLN D 370 -2.81 -40.73 -60.74
N ALA D 371 -1.48 -40.81 -60.94
CA ALA D 371 -0.75 -42.08 -60.91
C ALA D 371 -0.51 -42.59 -59.49
N PHE D 372 -0.22 -41.70 -58.52
CA PHE D 372 0.17 -42.16 -57.20
C PHE D 372 -0.76 -41.76 -56.06
N LYS D 373 -1.79 -40.90 -56.31
CA LYS D 373 -2.78 -40.44 -55.28
C LYS D 373 -2.07 -39.74 -54.10
N LYS D 374 -1.09 -38.91 -54.40
CA LYS D 374 -0.27 -38.22 -53.39
C LYS D 374 -0.06 -36.76 -53.85
N ASP D 375 0.24 -35.88 -52.90
CA ASP D 375 0.45 -34.44 -53.09
C ASP D 375 1.64 -34.13 -54.00
N VAL D 376 1.50 -33.04 -54.75
CA VAL D 376 2.50 -32.47 -55.64
C VAL D 376 2.56 -30.99 -55.31
N VAL D 377 3.76 -30.46 -55.18
CA VAL D 377 3.95 -29.05 -54.85
C VAL D 377 4.67 -28.34 -56.00
N ILE D 378 4.06 -27.23 -56.49
CA ILE D 378 4.63 -26.34 -57.49
C ILE D 378 5.01 -25.03 -56.80
N ASP D 379 6.29 -24.73 -56.77
CA ASP D 379 6.83 -23.51 -56.19
C ASP D 379 7.08 -22.52 -57.34
N MET D 380 6.13 -21.61 -57.62
CA MET D 380 6.28 -20.65 -58.72
C MET D 380 7.04 -19.39 -58.28
N LEU D 381 8.28 -19.27 -58.71
CA LEU D 381 9.11 -18.10 -58.34
C LEU D 381 8.74 -16.92 -59.21
N CYS D 382 8.37 -15.85 -58.54
CA CYS D 382 7.91 -14.65 -59.20
C CYS D 382 8.29 -13.45 -58.32
N TYR D 383 7.59 -12.32 -58.50
CA TYR D 383 7.83 -11.11 -57.71
C TYR D 383 6.51 -10.38 -57.49
N ARG D 384 6.54 -9.40 -56.57
CA ARG D 384 5.40 -8.52 -56.28
C ARG D 384 5.77 -7.15 -56.87
N ARG D 385 5.25 -6.84 -58.05
CA ARG D 385 5.52 -5.59 -58.78
C ARG D 385 5.30 -4.33 -57.90
N ARG D 386 4.16 -4.29 -57.22
CA ARG D 386 3.79 -3.13 -56.42
C ARG D 386 4.03 -3.41 -54.92
N GLY D 387 3.76 -2.38 -54.11
CA GLY D 387 3.83 -2.43 -52.66
C GLY D 387 2.76 -3.39 -52.19
N HIS D 388 2.91 -3.87 -50.93
CA HIS D 388 1.96 -4.82 -50.36
C HIS D 388 0.58 -4.14 -50.24
N ASN D 389 0.56 -2.86 -49.89
CA ASN D 389 -0.69 -2.13 -49.76
C ASN D 389 -0.44 -0.63 -49.97
N GLU D 390 -1.54 0.14 -49.89
CA GLU D 390 -1.59 1.59 -50.05
C GLU D 390 -0.43 2.34 -49.36
N GLY D 391 -0.16 2.06 -48.09
CA GLY D 391 0.90 2.74 -47.37
C GLY D 391 2.28 2.17 -47.54
N ASP D 392 2.50 1.39 -48.60
CA ASP D 392 3.78 0.74 -48.77
C ASP D 392 4.57 1.23 -49.97
N ASP D 393 5.74 1.80 -49.68
CA ASP D 393 6.77 2.12 -50.65
C ASP D 393 7.76 0.98 -50.37
N PRO D 394 7.73 -0.11 -51.17
CA PRO D 394 8.54 -1.31 -50.79
C PRO D 394 10.04 -1.08 -50.80
N SER D 395 10.54 0.02 -51.39
CA SER D 395 11.99 0.29 -51.38
C SER D 395 12.48 0.75 -50.00
N MET D 396 11.57 1.07 -49.05
CA MET D 396 11.97 1.47 -47.67
C MET D 396 12.62 0.31 -46.92
N THR D 397 12.09 -0.90 -47.11
CA THR D 397 12.55 -2.09 -46.40
C THR D 397 13.30 -3.08 -47.32
N GLN D 398 12.98 -3.10 -48.64
CA GLN D 398 13.66 -3.98 -49.58
C GLN D 398 14.17 -3.15 -50.77
N PRO D 399 15.14 -2.20 -50.54
CA PRO D 399 15.59 -1.35 -51.63
C PRO D 399 16.24 -2.09 -52.81
N TYR D 400 16.96 -3.18 -52.54
CA TYR D 400 17.70 -3.92 -53.58
C TYR D 400 16.71 -4.67 -54.49
N MET D 401 15.80 -5.46 -53.90
CA MET D 401 14.76 -6.20 -54.60
C MET D 401 13.94 -5.26 -55.53
N TYR D 402 13.49 -4.10 -55.00
CA TYR D 402 12.62 -3.18 -55.72
C TYR D 402 13.40 -2.34 -56.77
N ASP D 403 14.72 -2.22 -56.68
CA ASP D 403 15.44 -1.56 -57.78
C ASP D 403 15.53 -2.53 -58.97
N VAL D 404 15.61 -3.85 -58.72
CA VAL D 404 15.64 -4.88 -59.77
C VAL D 404 14.24 -4.99 -60.35
N ILE D 405 13.19 -4.96 -59.48
CA ILE D 405 11.79 -5.06 -59.90
C ILE D 405 11.44 -3.91 -60.82
N ASP D 406 11.90 -2.69 -60.53
CA ASP D 406 11.62 -1.51 -61.33
C ASP D 406 12.15 -1.65 -62.76
N THR D 407 13.19 -2.47 -62.97
CA THR D 407 13.76 -2.70 -64.31
C THR D 407 12.98 -3.84 -65.03
N LYS D 408 12.15 -4.58 -64.28
CA LYS D 408 11.39 -5.72 -64.81
C LYS D 408 10.20 -5.30 -65.65
N ARG D 409 10.06 -5.95 -66.81
CA ARG D 409 8.90 -5.84 -67.69
C ARG D 409 8.11 -7.11 -67.42
N GLY D 410 6.78 -7.02 -67.37
CA GLY D 410 5.90 -8.15 -67.06
C GLY D 410 6.10 -9.43 -67.86
N SER D 411 5.58 -10.56 -67.33
CA SER D 411 5.64 -11.91 -67.91
C SER D 411 4.99 -11.94 -69.31
N ARG D 412 3.95 -11.12 -69.53
CA ARG D 412 3.22 -11.00 -70.80
C ARG D 412 4.13 -10.38 -71.87
N LYS D 413 4.73 -9.20 -71.61
CA LYS D 413 5.65 -8.52 -72.53
C LYS D 413 6.89 -9.38 -72.75
N ALA D 414 7.35 -10.08 -71.71
CA ALA D 414 8.52 -10.96 -71.78
C ALA D 414 8.23 -12.19 -72.65
N TYR D 415 7.06 -12.84 -72.46
CA TYR D 415 6.70 -14.04 -73.23
C TYR D 415 6.45 -13.68 -74.68
N THR D 416 5.85 -12.50 -74.98
CA THR D 416 5.65 -12.12 -76.37
C THR D 416 7.05 -11.80 -77.01
N GLU D 417 8.01 -11.22 -76.26
CA GLU D 417 9.38 -10.96 -76.75
C GLU D 417 10.14 -12.27 -76.99
N ALA D 418 10.03 -13.24 -76.04
CA ALA D 418 10.66 -14.56 -76.11
C ALA D 418 10.18 -15.36 -77.32
N LEU D 419 8.86 -15.20 -77.68
CA LEU D 419 8.25 -15.86 -78.82
C LEU D 419 8.76 -15.27 -80.13
N ILE D 420 9.13 -13.96 -80.15
CA ILE D 420 9.67 -13.28 -81.34
C ILE D 420 11.11 -13.77 -81.56
N GLY D 421 11.91 -13.75 -80.49
CA GLY D 421 13.30 -14.20 -80.46
C GLY D 421 13.46 -15.63 -80.93
N ARG D 422 12.53 -16.52 -80.52
CA ARG D 422 12.49 -17.93 -80.90
C ARG D 422 11.94 -18.13 -82.33
N GLY D 423 11.34 -17.09 -82.90
CA GLY D 423 10.74 -17.12 -84.24
C GLY D 423 9.42 -17.85 -84.30
N ASP D 424 8.80 -18.14 -83.13
CA ASP D 424 7.52 -18.85 -83.00
C ASP D 424 6.34 -17.99 -83.50
N ILE D 425 6.49 -16.65 -83.42
CA ILE D 425 5.51 -15.65 -83.88
C ILE D 425 6.25 -14.54 -84.65
N SER D 426 5.52 -13.83 -85.54
CA SER D 426 6.04 -12.73 -86.35
C SER D 426 5.78 -11.37 -85.66
N MET D 427 6.34 -10.26 -86.21
CA MET D 427 6.15 -8.90 -85.68
C MET D 427 4.67 -8.47 -85.77
N LYS D 428 3.95 -8.97 -86.82
CA LYS D 428 2.52 -8.73 -87.03
C LYS D 428 1.69 -9.46 -85.96
N GLU D 429 2.06 -10.74 -85.66
CA GLU D 429 1.43 -11.60 -84.66
C GLU D 429 1.58 -11.01 -83.26
N ALA D 430 2.76 -10.38 -83.00
CA ALA D 430 3.12 -9.69 -81.76
C ALA D 430 2.27 -8.44 -81.63
N GLU D 431 2.03 -7.73 -82.76
CA GLU D 431 1.18 -6.54 -82.82
C GLU D 431 -0.28 -6.93 -82.57
N ASP D 432 -0.69 -8.16 -83.00
CA ASP D 432 -2.04 -8.68 -82.78
C ASP D 432 -2.23 -9.08 -81.30
N ALA D 433 -1.15 -9.65 -80.69
CA ALA D 433 -1.10 -10.05 -79.28
C ALA D 433 -1.34 -8.86 -78.37
N LEU D 434 -0.75 -7.70 -78.73
CA LEU D 434 -0.88 -6.44 -77.99
C LEU D 434 -2.28 -5.86 -78.21
N ARG D 435 -2.89 -6.14 -79.38
CA ARG D 435 -4.27 -5.71 -79.68
C ARG D 435 -5.26 -6.57 -78.92
N ASP D 436 -4.92 -7.88 -78.65
CA ASP D 436 -5.77 -8.77 -77.86
C ASP D 436 -5.82 -8.23 -76.43
N TYR D 437 -4.67 -7.70 -75.95
CA TYR D 437 -4.53 -7.10 -74.62
C TYR D 437 -5.42 -5.84 -74.48
N GLN D 438 -5.41 -4.96 -75.51
CA GLN D 438 -6.21 -3.74 -75.52
C GLN D 438 -7.71 -4.06 -75.58
N GLY D 439 -8.08 -5.07 -76.38
CA GLY D 439 -9.47 -5.53 -76.48
C GLY D 439 -9.97 -6.05 -75.14
N GLN D 440 -9.17 -6.91 -74.46
CA GLN D 440 -9.51 -7.48 -73.15
C GLN D 440 -9.67 -6.37 -72.10
N LEU D 441 -8.78 -5.35 -72.16
CA LEU D 441 -8.77 -4.18 -71.29
C LEU D 441 -10.05 -3.35 -71.49
N GLU D 442 -10.45 -3.15 -72.75
CA GLU D 442 -11.65 -2.41 -73.13
C GLU D 442 -12.92 -3.10 -72.66
N ARG D 443 -13.07 -4.41 -72.97
CA ARG D 443 -14.23 -5.24 -72.63
C ARG D 443 -14.54 -5.20 -71.12
N VAL D 444 -13.51 -5.32 -70.26
CA VAL D 444 -13.74 -5.31 -68.82
C VAL D 444 -14.21 -3.89 -68.39
N PHE D 445 -13.65 -2.80 -68.98
CA PHE D 445 -14.10 -1.42 -68.67
C PHE D 445 -15.53 -1.22 -69.11
N ASN D 446 -15.85 -1.66 -70.35
CA ASN D 446 -17.17 -1.55 -70.98
C ASN D 446 -18.25 -2.35 -70.22
N GLU D 447 -18.02 -3.65 -69.96
CA GLU D 447 -18.96 -4.54 -69.26
C GLU D 447 -19.29 -4.02 -67.86
N VAL D 448 -18.28 -3.49 -67.13
CA VAL D 448 -18.50 -2.93 -65.79
C VAL D 448 -19.23 -1.59 -65.93
N ARG D 449 -18.86 -0.78 -66.95
CA ARG D 449 -19.53 0.51 -67.24
C ARG D 449 -21.03 0.25 -67.45
N GLU D 450 -21.35 -0.76 -68.27
CA GLU D 450 -22.71 -1.19 -68.60
C GLU D 450 -23.42 -1.69 -67.33
N LEU D 451 -22.69 -2.38 -66.44
CA LEU D 451 -23.21 -2.91 -65.18
C LEU D 451 -23.67 -1.76 -64.26
N GLU D 452 -22.82 -0.72 -64.06
CA GLU D 452 -23.08 0.48 -63.23
C GLU D 452 -24.35 1.26 -63.67
N LYS D 453 -24.66 1.23 -64.98
CA LYS D 453 -25.84 1.88 -65.57
C LYS D 453 -27.14 1.21 -65.11
N HIS D 454 -27.16 -0.13 -65.04
CA HIS D 454 -28.32 -0.91 -64.59
C HIS D 454 -28.42 -0.90 -63.05
N GLU D 455 -27.25 -1.14 -62.39
CA GLU D 455 -27.08 -1.21 -60.95
C GLU D 455 -27.23 0.16 -60.31
N ILE D 456 -28.31 0.34 -59.52
CA ILE D 456 -28.62 1.57 -58.79
C ILE D 456 -28.24 1.41 -57.32
N LEU D 472 -41.02 -31.54 -36.28
CA LEU D 472 -40.34 -32.81 -36.58
C LEU D 472 -40.25 -33.69 -35.32
N ALA D 473 -40.60 -34.98 -35.46
CA ALA D 473 -40.58 -35.95 -34.37
C ALA D 473 -39.26 -36.71 -34.36
N THR D 474 -38.62 -36.78 -33.19
CA THR D 474 -37.32 -37.46 -33.06
C THR D 474 -37.48 -38.84 -32.38
N ALA D 475 -38.68 -39.18 -31.86
CA ALA D 475 -38.92 -40.48 -31.22
C ALA D 475 -38.85 -41.61 -32.23
N VAL D 476 -38.34 -42.79 -31.81
CA VAL D 476 -38.23 -43.98 -32.65
C VAL D 476 -39.09 -45.10 -32.04
N ASP D 477 -39.38 -46.18 -32.80
CA ASP D 477 -40.16 -47.30 -32.28
C ASP D 477 -39.23 -48.23 -31.47
N LYS D 478 -39.81 -49.03 -30.53
CA LYS D 478 -39.10 -50.01 -29.70
C LYS D 478 -38.30 -51.01 -30.57
N ALA D 479 -38.81 -51.33 -31.78
CA ALA D 479 -38.19 -52.23 -32.76
C ALA D 479 -36.91 -51.61 -33.36
N MET D 480 -36.87 -50.26 -33.49
CA MET D 480 -35.68 -49.55 -34.00
C MET D 480 -34.55 -49.70 -32.96
N LEU D 481 -34.88 -49.51 -31.66
CA LEU D 481 -33.94 -49.67 -30.53
C LEU D 481 -33.42 -51.08 -30.46
N GLN D 482 -34.33 -52.08 -30.55
CA GLN D 482 -34.04 -53.51 -30.48
C GLN D 482 -33.09 -53.95 -31.59
N ARG D 483 -33.26 -53.37 -32.79
CA ARG D 483 -32.45 -53.65 -33.99
C ARG D 483 -31.00 -53.18 -33.78
N ILE D 484 -30.81 -51.98 -33.20
CA ILE D 484 -29.48 -51.41 -32.95
C ILE D 484 -28.80 -52.26 -31.84
N GLY D 485 -29.58 -52.74 -30.87
CA GLY D 485 -29.12 -53.61 -29.80
C GLY D 485 -28.68 -54.97 -30.33
N ASP D 486 -29.50 -55.57 -31.23
CA ASP D 486 -29.25 -56.85 -31.89
C ASP D 486 -27.99 -56.78 -32.77
N ALA D 487 -27.74 -55.63 -33.44
CA ALA D 487 -26.59 -55.40 -34.34
C ALA D 487 -25.25 -55.62 -33.62
N HIS D 488 -25.17 -55.28 -32.31
CA HIS D 488 -23.99 -55.45 -31.47
C HIS D 488 -23.62 -56.94 -31.23
N LEU D 489 -24.58 -57.85 -31.51
CA LEU D 489 -24.37 -59.30 -31.35
C LEU D 489 -24.37 -60.01 -32.72
N ALA D 490 -24.69 -59.29 -33.81
CA ALA D 490 -24.71 -59.89 -35.16
C ALA D 490 -23.30 -59.87 -35.76
N LEU D 491 -22.39 -60.65 -35.13
CA LEU D 491 -21.00 -60.77 -35.49
C LEU D 491 -20.75 -61.54 -36.79
N PRO D 492 -19.74 -61.13 -37.61
CA PRO D 492 -19.42 -61.93 -38.83
C PRO D 492 -18.92 -63.31 -38.44
N GLU D 493 -19.08 -64.29 -39.33
CA GLU D 493 -18.68 -65.67 -39.09
C GLU D 493 -17.18 -65.75 -38.75
N GLY D 494 -16.87 -66.52 -37.70
CA GLY D 494 -15.51 -66.71 -37.21
C GLY D 494 -14.88 -65.54 -36.48
N PHE D 495 -15.67 -64.47 -36.17
CA PHE D 495 -15.16 -63.29 -35.47
C PHE D 495 -14.93 -63.58 -33.97
N THR D 496 -13.74 -63.18 -33.44
CA THR D 496 -13.39 -63.35 -32.03
C THR D 496 -13.47 -61.99 -31.31
N VAL D 497 -14.41 -61.87 -30.38
CA VAL D 497 -14.56 -60.66 -29.58
C VAL D 497 -13.59 -60.74 -28.40
N HIS D 498 -12.92 -59.62 -28.09
CA HIS D 498 -12.04 -59.52 -26.92
C HIS D 498 -12.89 -59.74 -25.68
N PRO D 499 -12.40 -60.56 -24.71
CA PRO D 499 -13.20 -60.89 -23.51
C PRO D 499 -13.83 -59.70 -22.77
N ARG D 500 -13.22 -58.52 -22.77
CA ARG D 500 -13.73 -57.32 -22.10
C ARG D 500 -14.72 -56.50 -22.96
N VAL D 501 -14.82 -56.80 -24.28
CA VAL D 501 -15.75 -56.10 -25.18
C VAL D 501 -17.11 -56.84 -25.27
N ARG D 502 -17.07 -58.18 -25.24
CA ARG D 502 -18.25 -59.05 -25.28
C ARG D 502 -19.35 -58.61 -24.25
N PRO D 503 -19.07 -58.36 -22.94
CA PRO D 503 -20.16 -57.93 -22.02
C PRO D 503 -20.82 -56.60 -22.42
N VAL D 504 -20.08 -55.70 -23.10
CA VAL D 504 -20.56 -54.40 -23.56
C VAL D 504 -21.63 -54.62 -24.63
N LEU D 505 -21.37 -55.57 -25.54
CA LEU D 505 -22.29 -55.88 -26.63
C LEU D 505 -23.57 -56.55 -26.12
N GLU D 506 -23.41 -57.48 -25.14
CA GLU D 506 -24.53 -58.18 -24.50
C GLU D 506 -25.36 -57.22 -23.63
N LYS D 507 -24.71 -56.24 -22.96
CA LYS D 507 -25.35 -55.21 -22.13
C LYS D 507 -26.18 -54.27 -23.00
N ARG D 508 -25.75 -54.02 -24.25
CA ARG D 508 -26.45 -53.14 -25.21
C ARG D 508 -27.70 -53.80 -25.74
N ARG D 509 -27.67 -55.13 -25.99
CA ARG D 509 -28.86 -55.87 -26.38
C ARG D 509 -29.86 -55.81 -25.22
N GLU D 510 -29.37 -56.00 -23.96
CA GLU D 510 -30.15 -55.94 -22.72
C GLU D 510 -30.78 -54.55 -22.55
N MET D 511 -29.99 -53.48 -22.70
CA MET D 511 -30.48 -52.08 -22.59
C MET D 511 -31.59 -51.77 -23.62
N ALA D 512 -31.44 -52.24 -24.86
CA ALA D 512 -32.36 -52.01 -25.98
C ALA D 512 -33.74 -52.66 -25.77
N TYR D 513 -33.79 -53.77 -24.99
CA TYR D 513 -35.04 -54.48 -24.71
C TYR D 513 -35.59 -54.19 -23.32
N GLU D 514 -34.71 -53.93 -22.35
CA GLU D 514 -35.11 -53.79 -20.95
C GLU D 514 -35.00 -52.38 -20.33
N GLY D 515 -34.30 -51.47 -21.00
CA GLY D 515 -34.15 -50.10 -20.48
C GLY D 515 -32.84 -49.89 -19.75
N ARG D 516 -32.79 -48.84 -18.89
CA ARG D 516 -31.60 -48.37 -18.14
C ARG D 516 -30.47 -48.06 -19.14
N ILE D 517 -30.85 -47.47 -20.30
CA ILE D 517 -29.94 -47.13 -21.39
C ILE D 517 -28.96 -46.05 -20.91
N ASP D 518 -27.65 -46.32 -21.05
CA ASP D 518 -26.61 -45.38 -20.62
C ASP D 518 -26.30 -44.39 -21.75
N TRP D 519 -25.45 -43.38 -21.45
CA TRP D 519 -25.09 -42.30 -22.37
C TRP D 519 -24.45 -42.82 -23.66
N ALA D 520 -23.43 -43.66 -23.54
CA ALA D 520 -22.67 -44.20 -24.66
C ALA D 520 -23.57 -44.96 -25.65
N PHE D 521 -24.53 -45.75 -25.15
CA PHE D 521 -25.44 -46.49 -26.02
C PHE D 521 -26.48 -45.56 -26.63
N ALA D 522 -26.98 -44.56 -25.86
CA ALA D 522 -27.94 -43.56 -26.35
C ALA D 522 -27.39 -42.83 -27.59
N GLU D 523 -26.09 -42.48 -27.58
CA GLU D 523 -25.42 -41.86 -28.71
C GLU D 523 -25.49 -42.76 -29.95
N LEU D 524 -25.18 -44.06 -29.80
CA LEU D 524 -25.20 -45.02 -30.90
C LEU D 524 -26.63 -45.31 -31.36
N LEU D 525 -27.63 -45.19 -30.44
CA LEU D 525 -29.03 -45.36 -30.78
C LEU D 525 -29.47 -44.23 -31.72
N ALA D 526 -29.01 -42.98 -31.42
CA ALA D 526 -29.30 -41.80 -32.26
C ALA D 526 -28.65 -41.92 -33.63
N LEU D 527 -27.35 -42.27 -33.67
CA LEU D 527 -26.61 -42.37 -34.93
C LEU D 527 -27.09 -43.55 -35.76
N GLY D 528 -27.34 -44.69 -35.11
CA GLY D 528 -27.84 -45.91 -35.76
C GLY D 528 -29.22 -45.74 -36.41
N SER D 529 -30.13 -45.04 -35.71
CA SER D 529 -31.48 -44.76 -36.21
C SER D 529 -31.44 -43.78 -37.40
N LEU D 530 -30.48 -42.84 -37.40
CA LEU D 530 -30.27 -41.90 -38.51
C LEU D 530 -29.76 -42.65 -39.74
N ILE D 531 -28.79 -43.59 -39.57
CA ILE D 531 -28.24 -44.45 -40.65
C ILE D 531 -29.40 -45.30 -41.24
N ALA D 532 -30.26 -45.87 -40.36
CA ALA D 532 -31.42 -46.69 -40.78
C ALA D 532 -32.41 -45.87 -41.60
N GLU D 533 -32.49 -44.56 -41.34
CA GLU D 533 -33.35 -43.60 -42.05
C GLU D 533 -32.69 -43.05 -43.33
N GLY D 534 -31.47 -43.48 -43.64
CA GLY D 534 -30.75 -43.09 -44.85
C GLY D 534 -29.69 -42.00 -44.74
N LYS D 535 -29.36 -41.59 -43.52
CA LYS D 535 -28.36 -40.53 -43.35
C LYS D 535 -26.91 -41.05 -43.30
N LEU D 536 -26.00 -40.31 -43.97
CA LEU D 536 -24.57 -40.56 -43.89
C LEU D 536 -24.10 -39.97 -42.56
N VAL D 537 -23.50 -40.81 -41.70
CA VAL D 537 -22.98 -40.37 -40.40
C VAL D 537 -21.44 -40.51 -40.39
N ARG D 538 -20.74 -39.38 -40.21
CA ARG D 538 -19.29 -39.34 -40.13
C ARG D 538 -18.90 -38.83 -38.74
N LEU D 539 -18.25 -39.72 -37.97
CA LEU D 539 -17.80 -39.52 -36.60
C LEU D 539 -16.29 -39.72 -36.53
N SER D 540 -15.54 -38.79 -35.90
CA SER D 540 -14.09 -38.90 -35.79
C SER D 540 -13.57 -38.04 -34.64
N GLY D 541 -12.35 -38.33 -34.22
CA GLY D 541 -11.67 -37.66 -33.13
C GLY D 541 -10.59 -38.57 -32.61
N GLN D 542 -9.82 -38.12 -31.61
CA GLN D 542 -8.73 -38.93 -31.10
C GLN D 542 -9.28 -40.15 -30.34
N ASP D 543 -8.95 -41.35 -30.82
CA ASP D 543 -9.36 -42.65 -30.25
C ASP D 543 -10.90 -42.80 -30.17
N THR D 544 -11.61 -42.17 -31.10
CA THR D 544 -13.09 -42.11 -31.16
C THR D 544 -13.71 -43.49 -31.49
N GLN D 545 -12.99 -44.39 -32.18
CA GLN D 545 -13.58 -45.70 -32.49
C GLN D 545 -13.89 -46.48 -31.18
N ARG D 546 -12.97 -46.43 -30.21
CA ARG D 546 -13.18 -47.11 -28.95
C ARG D 546 -13.81 -46.15 -27.93
N GLY D 547 -13.38 -44.88 -27.94
CA GLY D 547 -13.79 -43.88 -26.97
C GLY D 547 -12.72 -43.73 -25.92
N THR D 548 -12.31 -42.47 -25.64
CA THR D 548 -11.31 -42.09 -24.64
C THR D 548 -11.59 -42.80 -23.30
N PHE D 549 -12.88 -42.89 -22.93
CA PHE D 549 -13.29 -43.46 -21.66
C PHE D 549 -13.80 -44.89 -21.83
N THR D 550 -13.20 -45.66 -22.79
CA THR D 550 -13.49 -47.08 -23.11
C THR D 550 -14.99 -47.32 -23.13
N GLN D 551 -15.74 -46.37 -23.68
CA GLN D 551 -17.19 -46.44 -23.58
C GLN D 551 -17.91 -46.62 -24.94
N ARG D 552 -17.31 -46.21 -26.06
CA ARG D 552 -18.08 -46.22 -27.32
C ARG D 552 -18.10 -47.59 -28.04
N HIS D 553 -16.93 -48.14 -28.38
CA HIS D 553 -16.78 -49.41 -29.11
C HIS D 553 -17.65 -49.38 -30.39
N ALA D 554 -17.48 -48.30 -31.20
CA ALA D 554 -18.15 -48.08 -32.49
C ALA D 554 -17.56 -49.08 -33.49
N VAL D 555 -16.29 -49.38 -33.32
CA VAL D 555 -15.52 -50.39 -34.05
C VAL D 555 -14.97 -51.36 -33.01
N ILE D 556 -15.11 -52.66 -33.22
CA ILE D 556 -14.54 -53.66 -32.33
C ILE D 556 -13.50 -54.43 -33.17
N VAL D 557 -12.45 -54.96 -32.51
CA VAL D 557 -11.31 -55.58 -33.17
C VAL D 557 -11.22 -57.08 -32.82
N ASP D 558 -11.04 -57.91 -33.87
CA ASP D 558 -10.90 -59.36 -33.73
C ASP D 558 -9.63 -59.67 -32.89
N ARG D 559 -9.81 -60.41 -31.78
CA ARG D 559 -8.75 -60.77 -30.84
C ARG D 559 -7.63 -61.60 -31.54
N LYS D 560 -7.96 -62.42 -32.54
CA LYS D 560 -6.99 -63.25 -33.27
C LYS D 560 -6.54 -62.67 -34.63
N THR D 561 -7.35 -61.84 -35.32
CA THR D 561 -6.91 -61.35 -36.65
C THR D 561 -6.62 -59.85 -36.70
N GLY D 562 -7.27 -59.06 -35.85
CA GLY D 562 -7.15 -57.60 -35.89
C GLY D 562 -8.14 -56.99 -36.86
N GLU D 563 -9.02 -57.82 -37.44
CA GLU D 563 -10.09 -57.39 -38.35
C GLU D 563 -11.07 -56.53 -37.57
N GLU D 564 -11.47 -55.39 -38.16
CA GLU D 564 -12.40 -54.44 -37.57
C GLU D 564 -13.83 -54.82 -37.95
N PHE D 565 -14.77 -54.66 -37.01
CA PHE D 565 -16.21 -54.87 -37.19
C PHE D 565 -16.94 -53.64 -36.69
N THR D 566 -17.86 -53.09 -37.51
CA THR D 566 -18.60 -51.88 -37.17
C THR D 566 -20.08 -52.22 -37.03
N PRO D 567 -20.56 -52.50 -35.78
CA PRO D 567 -21.98 -52.87 -35.60
C PRO D 567 -23.01 -51.92 -36.25
N LEU D 568 -22.83 -50.59 -36.16
CA LEU D 568 -23.82 -49.64 -36.71
C LEU D 568 -23.90 -49.66 -38.24
N GLN D 569 -22.89 -50.24 -38.93
CA GLN D 569 -22.88 -50.33 -40.40
C GLN D 569 -23.95 -51.31 -40.90
N LEU D 570 -24.43 -52.23 -40.04
CA LEU D 570 -25.50 -53.19 -40.38
C LEU D 570 -26.85 -52.47 -40.56
N LEU D 571 -27.02 -51.27 -39.94
CA LEU D 571 -28.22 -50.45 -40.03
C LEU D 571 -28.30 -49.72 -41.40
N ALA D 572 -27.25 -49.81 -42.23
CA ALA D 572 -27.20 -49.20 -43.57
C ALA D 572 -27.91 -50.08 -44.62
N THR D 573 -28.38 -51.25 -44.19
CA THR D 573 -29.13 -52.22 -44.98
C THR D 573 -30.47 -52.46 -44.28
N ASN D 574 -31.59 -52.33 -45.02
CA ASN D 574 -32.94 -52.57 -44.51
C ASN D 574 -33.15 -54.07 -44.21
N PRO D 575 -34.15 -54.46 -43.35
CA PRO D 575 -34.38 -55.90 -43.09
C PRO D 575 -34.61 -56.74 -44.35
N ASP D 576 -35.16 -56.15 -45.43
CA ASP D 576 -35.39 -56.84 -46.70
C ASP D 576 -34.06 -57.09 -47.48
N GLY D 577 -33.01 -56.33 -47.15
CA GLY D 577 -31.69 -56.47 -47.78
C GLY D 577 -31.29 -55.33 -48.69
N THR D 578 -32.20 -54.37 -48.93
CA THR D 578 -31.94 -53.21 -49.80
C THR D 578 -31.17 -52.13 -49.02
N PRO D 579 -30.33 -51.27 -49.67
CA PRO D 579 -29.64 -50.23 -48.90
C PRO D 579 -30.60 -49.10 -48.47
N THR D 580 -30.34 -48.48 -47.32
CA THR D 580 -31.15 -47.38 -46.79
C THR D 580 -30.68 -46.04 -47.37
N GLY D 581 -29.45 -46.04 -47.91
CA GLY D 581 -28.79 -44.85 -48.42
C GLY D 581 -27.83 -44.27 -47.39
N GLY D 582 -27.91 -44.81 -46.16
CA GLY D 582 -27.09 -44.41 -45.03
C GLY D 582 -25.76 -45.11 -44.97
N LYS D 583 -24.85 -44.61 -44.13
CA LYS D 583 -23.50 -45.15 -43.98
C LYS D 583 -22.88 -44.64 -42.69
N PHE D 584 -22.08 -45.49 -42.02
CA PHE D 584 -21.36 -45.11 -40.81
C PHE D 584 -19.88 -45.05 -41.13
N LEU D 585 -19.30 -43.85 -41.03
CA LEU D 585 -17.89 -43.58 -41.30
C LEU D 585 -17.25 -43.11 -40.01
N VAL D 586 -16.63 -44.03 -39.28
CA VAL D 586 -16.01 -43.74 -37.99
C VAL D 586 -14.48 -43.95 -38.06
N TYR D 587 -13.74 -42.93 -37.60
CA TYR D 587 -12.29 -42.98 -37.65
C TYR D 587 -11.64 -42.47 -36.42
N ASN D 588 -10.43 -42.96 -36.18
CA ASN D 588 -9.50 -42.43 -35.21
C ASN D 588 -8.78 -41.32 -35.96
N SER D 589 -8.72 -40.12 -35.40
CA SER D 589 -8.04 -39.02 -36.07
C SER D 589 -6.52 -39.05 -35.74
N ALA D 590 -5.77 -38.17 -36.43
CA ALA D 590 -4.37 -37.91 -36.14
C ALA D 590 -4.35 -37.08 -34.87
N LEU D 591 -3.19 -36.93 -34.22
CA LEU D 591 -3.12 -36.13 -33.00
C LEU D 591 -3.05 -34.64 -33.41
N SER D 592 -4.18 -34.14 -33.91
CA SER D 592 -4.40 -32.77 -34.38
C SER D 592 -5.77 -32.28 -33.95
N GLU D 593 -5.86 -30.97 -33.67
CA GLU D 593 -7.12 -30.32 -33.35
C GLU D 593 -7.46 -29.38 -34.49
N PHE D 594 -6.53 -28.48 -34.84
CA PHE D 594 -6.72 -27.45 -35.90
C PHE D 594 -7.11 -28.08 -37.24
N ALA D 595 -6.29 -29.03 -37.78
CA ALA D 595 -6.63 -29.65 -39.05
C ALA D 595 -7.86 -30.54 -38.96
N ALA D 596 -8.01 -31.37 -37.91
CA ALA D 596 -9.14 -32.26 -37.76
C ALA D 596 -10.50 -31.50 -37.65
N VAL D 597 -10.58 -30.42 -36.83
CA VAL D 597 -11.79 -29.60 -36.69
C VAL D 597 -12.07 -28.88 -38.03
N GLY D 598 -11.02 -28.32 -38.65
CA GLY D 598 -11.13 -27.70 -39.97
C GLY D 598 -11.68 -28.66 -41.01
N PHE D 599 -11.19 -29.92 -40.97
CA PHE D 599 -11.59 -30.99 -41.89
C PHE D 599 -13.09 -31.31 -41.73
N GLU D 600 -13.54 -31.55 -40.49
CA GLU D 600 -14.94 -31.88 -40.18
C GLU D 600 -15.86 -30.72 -40.53
N TYR D 601 -15.44 -29.47 -40.25
CA TYR D 601 -16.21 -28.30 -40.67
C TYR D 601 -16.36 -28.32 -42.20
N GLY D 602 -15.25 -28.52 -42.91
CA GLY D 602 -15.24 -28.60 -44.37
C GLY D 602 -16.09 -29.73 -44.91
N TYR D 603 -16.07 -30.90 -44.24
CA TYR D 603 -16.86 -32.07 -44.63
C TYR D 603 -18.38 -31.73 -44.60
N SER D 604 -18.87 -31.04 -43.51
CA SER D 604 -20.29 -30.67 -43.41
C SER D 604 -20.70 -29.66 -44.52
N VAL D 605 -19.79 -28.75 -44.91
CA VAL D 605 -20.02 -27.80 -46.01
C VAL D 605 -20.11 -28.58 -47.34
N GLY D 606 -19.23 -29.57 -47.53
CA GLY D 606 -19.17 -30.40 -48.73
C GLY D 606 -20.40 -31.25 -48.93
N ASN D 607 -20.99 -31.76 -47.82
CA ASN D 607 -22.22 -32.56 -47.84
C ASN D 607 -23.16 -32.05 -46.74
N PRO D 608 -24.04 -31.09 -47.09
CA PRO D 608 -24.99 -30.54 -46.10
C PRO D 608 -25.97 -31.58 -45.54
N ASP D 609 -26.14 -32.74 -46.24
CA ASP D 609 -27.04 -33.81 -45.84
C ASP D 609 -26.38 -34.82 -44.89
N ALA D 610 -25.10 -34.63 -44.57
CA ALA D 610 -24.40 -35.53 -43.66
C ALA D 610 -24.54 -35.11 -42.19
N MET D 611 -24.38 -36.09 -41.30
CA MET D 611 -24.29 -35.89 -39.85
C MET D 611 -22.80 -36.00 -39.59
N VAL D 612 -22.14 -34.87 -39.29
CA VAL D 612 -20.69 -34.77 -39.08
C VAL D 612 -20.40 -34.40 -37.63
N LEU D 613 -19.72 -35.30 -36.91
CA LEU D 613 -19.38 -35.09 -35.50
C LEU D 613 -17.89 -35.23 -35.30
N TRP D 614 -17.27 -34.25 -34.63
CA TRP D 614 -15.87 -34.30 -34.27
C TRP D 614 -15.81 -34.35 -32.77
N GLU D 615 -14.99 -35.22 -32.23
CA GLU D 615 -14.90 -35.36 -30.78
C GLU D 615 -13.52 -35.01 -30.26
N ALA D 616 -13.48 -34.04 -29.31
CA ALA D 616 -12.23 -33.69 -28.61
C ALA D 616 -11.90 -34.81 -27.62
N GLN D 617 -10.61 -35.08 -27.38
CA GLN D 617 -10.20 -36.10 -26.40
C GLN D 617 -10.79 -35.69 -25.05
N PHE D 618 -10.63 -34.38 -24.75
CA PHE D 618 -11.15 -33.61 -23.63
C PHE D 618 -11.44 -32.25 -24.21
N GLY D 619 -12.52 -31.60 -23.80
CA GLY D 619 -12.85 -30.28 -24.33
C GLY D 619 -11.72 -29.27 -24.17
N ASP D 620 -10.82 -29.48 -23.18
CA ASP D 620 -9.67 -28.60 -22.87
C ASP D 620 -8.65 -28.41 -24.05
N PHE D 621 -8.68 -29.32 -25.06
CA PHE D 621 -7.72 -29.30 -26.18
C PHE D 621 -8.33 -28.68 -27.43
N VAL D 622 -9.62 -28.27 -27.38
CA VAL D 622 -10.28 -27.67 -28.53
C VAL D 622 -9.74 -26.23 -28.78
N ASN D 623 -9.08 -25.59 -27.77
CA ASN D 623 -8.45 -24.27 -27.96
C ASN D 623 -7.30 -24.33 -29.01
N GLY D 624 -6.80 -25.53 -29.30
CA GLY D 624 -5.82 -25.79 -30.36
C GLY D 624 -6.42 -25.58 -31.74
N ALA D 625 -7.77 -25.52 -31.81
CA ALA D 625 -8.53 -25.30 -33.04
C ALA D 625 -9.29 -23.97 -32.99
N GLN D 626 -8.85 -23.01 -32.13
CA GLN D 626 -9.52 -21.73 -31.95
C GLN D 626 -9.73 -20.95 -33.24
N SER D 627 -8.74 -20.93 -34.17
CA SER D 627 -8.91 -20.22 -35.47
C SER D 627 -10.11 -20.76 -36.26
N ILE D 628 -10.38 -22.09 -36.18
CA ILE D 628 -11.52 -22.71 -36.91
C ILE D 628 -12.84 -22.34 -36.25
N ILE D 629 -12.90 -22.41 -34.91
CA ILE D 629 -14.08 -22.03 -34.13
C ILE D 629 -14.40 -20.56 -34.40
N ASP D 630 -13.41 -19.68 -34.25
CA ASP D 630 -13.57 -18.23 -34.44
C ASP D 630 -13.87 -17.81 -35.87
N GLU D 631 -13.12 -18.34 -36.84
CA GLU D 631 -13.18 -17.88 -38.24
C GLU D 631 -14.12 -18.66 -39.13
N PHE D 632 -14.51 -19.88 -38.77
CA PHE D 632 -15.38 -20.66 -39.65
C PHE D 632 -16.68 -21.06 -39.00
N ILE D 633 -16.61 -21.89 -37.94
CA ILE D 633 -17.80 -22.46 -37.28
C ILE D 633 -18.78 -21.38 -36.74
N SER D 634 -18.29 -20.50 -35.87
CA SER D 634 -19.15 -19.50 -35.22
C SER D 634 -19.62 -18.35 -36.13
N SER D 635 -18.89 -18.08 -37.23
CA SER D 635 -19.12 -16.88 -38.02
C SER D 635 -19.24 -17.02 -39.55
N GLY D 636 -18.98 -18.19 -40.12
CA GLY D 636 -19.05 -18.40 -41.58
C GLY D 636 -20.38 -18.02 -42.21
N GLU D 637 -21.52 -18.34 -41.53
CA GLU D 637 -22.88 -18.06 -42.01
C GLU D 637 -23.12 -16.53 -42.18
N ALA D 638 -22.89 -15.74 -41.14
CA ALA D 638 -23.08 -14.29 -41.18
C ALA D 638 -22.10 -13.61 -42.13
N LYS D 639 -20.83 -14.05 -42.18
CA LYS D 639 -19.83 -13.42 -43.04
C LYS D 639 -19.95 -13.80 -44.52
N TRP D 640 -20.18 -15.09 -44.82
CA TRP D 640 -20.16 -15.51 -46.23
C TRP D 640 -21.43 -16.19 -46.74
N GLY D 641 -22.41 -16.39 -45.88
CA GLY D 641 -23.62 -17.12 -46.26
C GLY D 641 -23.32 -18.60 -46.36
N GLN D 642 -22.15 -19.04 -45.83
CA GLN D 642 -21.73 -20.43 -45.86
C GLN D 642 -22.25 -21.12 -44.63
N LEU D 643 -22.99 -22.21 -44.83
CA LEU D 643 -23.63 -22.96 -43.77
C LEU D 643 -22.90 -24.29 -43.47
N SER D 644 -22.89 -24.62 -42.19
CA SER D 644 -22.31 -25.85 -41.69
C SER D 644 -23.18 -26.41 -40.57
N ASP D 645 -23.34 -27.74 -40.55
CA ASP D 645 -24.12 -28.45 -39.54
C ASP D 645 -23.17 -29.31 -38.69
N VAL D 646 -21.88 -28.96 -38.64
CA VAL D 646 -20.87 -29.71 -37.89
C VAL D 646 -21.22 -29.76 -36.37
N VAL D 647 -20.96 -30.92 -35.74
CA VAL D 647 -21.14 -31.14 -34.31
C VAL D 647 -19.77 -31.25 -33.64
N LEU D 648 -19.56 -30.51 -32.54
CA LEU D 648 -18.34 -30.63 -31.74
C LEU D 648 -18.72 -31.23 -30.41
N LEU D 649 -18.14 -32.39 -30.08
CA LEU D 649 -18.36 -33.11 -28.82
C LEU D 649 -17.20 -32.82 -27.89
N LEU D 650 -17.48 -32.12 -26.77
CA LEU D 650 -16.41 -31.69 -25.87
C LEU D 650 -16.55 -32.26 -24.45
N PRO D 651 -15.78 -33.34 -24.09
CA PRO D 651 -15.87 -33.90 -22.72
C PRO D 651 -15.51 -32.82 -21.71
N HIS D 652 -16.47 -32.54 -20.82
CA HIS D 652 -16.44 -31.47 -19.86
C HIS D 652 -16.90 -31.93 -18.49
N GLY D 653 -16.32 -31.37 -17.43
CA GLY D 653 -16.71 -31.66 -16.05
C GLY D 653 -15.61 -31.58 -15.02
N HIS D 654 -15.90 -30.99 -13.87
CA HIS D 654 -14.97 -30.88 -12.73
C HIS D 654 -14.93 -32.19 -11.97
N GLU D 655 -13.79 -32.90 -12.03
CA GLU D 655 -13.63 -34.23 -11.38
C GLU D 655 -12.28 -34.38 -10.65
N GLY D 656 -11.51 -33.31 -10.57
CA GLY D 656 -10.21 -33.33 -9.89
C GLY D 656 -9.04 -33.79 -10.75
N GLN D 657 -9.19 -33.80 -12.09
CA GLN D 657 -8.10 -34.24 -12.98
C GLN D 657 -7.26 -33.07 -13.53
N GLY D 658 -7.39 -31.89 -12.97
CA GLY D 658 -6.58 -30.73 -13.34
C GLY D 658 -7.13 -29.77 -14.37
N PRO D 659 -6.43 -28.62 -14.57
CA PRO D 659 -6.93 -27.58 -15.47
C PRO D 659 -6.98 -27.92 -16.97
N ASP D 660 -6.41 -29.08 -17.39
CA ASP D 660 -6.43 -29.50 -18.78
C ASP D 660 -7.25 -30.74 -18.99
N HIS D 661 -8.00 -31.14 -17.99
CA HIS D 661 -8.93 -32.28 -18.07
C HIS D 661 -10.22 -31.91 -17.31
N THR D 662 -10.64 -30.67 -17.43
CA THR D 662 -11.82 -30.21 -16.71
C THR D 662 -12.82 -29.41 -17.59
N SER D 663 -12.35 -28.57 -18.51
CA SER D 663 -13.26 -27.66 -19.16
C SER D 663 -13.09 -27.52 -20.68
N GLY D 664 -14.22 -27.49 -21.36
CA GLY D 664 -14.29 -27.21 -22.79
C GLY D 664 -14.54 -25.74 -23.03
N ARG D 665 -14.47 -24.93 -21.96
CA ARG D 665 -14.65 -23.46 -21.92
C ARG D 665 -16.00 -23.03 -22.48
N ILE D 666 -17.07 -23.43 -21.80
CA ILE D 666 -18.48 -23.07 -22.12
C ILE D 666 -18.60 -21.56 -22.36
N GLU D 667 -18.03 -20.75 -21.43
CA GLU D 667 -18.05 -19.28 -21.42
C GLU D 667 -17.58 -18.66 -22.73
N ARG D 668 -16.60 -19.30 -23.40
CA ARG D 668 -16.04 -18.85 -24.67
C ARG D 668 -17.02 -19.09 -25.82
N PHE D 669 -17.67 -20.27 -25.87
CA PHE D 669 -18.66 -20.56 -26.92
C PHE D 669 -19.90 -19.69 -26.76
N LEU D 670 -20.31 -19.41 -25.48
CA LEU D 670 -21.47 -18.56 -25.18
C LEU D 670 -21.20 -17.10 -25.55
N GLN D 671 -19.93 -16.65 -25.44
CA GLN D 671 -19.47 -15.30 -25.79
C GLN D 671 -19.47 -15.16 -27.31
N LEU D 672 -19.12 -16.23 -28.03
CA LEU D 672 -19.08 -16.25 -29.50
C LEU D 672 -20.47 -16.25 -30.11
N TRP D 673 -21.43 -16.90 -29.43
CA TRP D 673 -22.81 -17.05 -29.88
C TRP D 673 -23.52 -15.70 -30.09
N ALA D 674 -24.27 -15.61 -31.20
CA ALA D 674 -25.20 -14.52 -31.54
C ALA D 674 -26.38 -15.13 -32.29
N GLU D 675 -27.61 -14.74 -31.93
CA GLU D 675 -28.88 -15.27 -32.45
C GLU D 675 -28.74 -16.08 -33.75
N GLY D 676 -29.04 -17.36 -33.64
CA GLY D 676 -29.07 -18.32 -34.74
C GLY D 676 -27.74 -18.68 -35.38
N SER D 677 -26.63 -18.53 -34.66
CA SER D 677 -25.35 -18.88 -35.29
C SER D 677 -24.96 -20.30 -34.90
N MET D 678 -25.22 -20.71 -33.64
CA MET D 678 -24.90 -22.05 -33.14
C MET D 678 -25.92 -22.50 -32.12
N THR D 679 -25.96 -23.81 -31.86
CA THR D 679 -26.73 -24.42 -30.78
C THR D 679 -25.67 -24.91 -29.79
N ILE D 680 -25.83 -24.57 -28.50
CA ILE D 680 -24.90 -24.96 -27.46
C ILE D 680 -25.69 -25.70 -26.38
N ALA D 681 -25.29 -26.94 -26.08
CA ALA D 681 -26.02 -27.74 -25.12
C ALA D 681 -25.11 -28.52 -24.17
N MET D 682 -25.65 -28.83 -22.98
CA MET D 682 -24.99 -29.63 -21.97
CA MET D 682 -24.99 -29.63 -21.97
C MET D 682 -26.04 -30.61 -21.39
N PRO D 683 -26.37 -31.71 -22.11
CA PRO D 683 -27.40 -32.62 -21.61
C PRO D 683 -26.95 -33.39 -20.36
N SER D 684 -27.92 -33.73 -19.50
CA SER D 684 -27.72 -34.43 -18.24
C SER D 684 -28.21 -35.88 -18.32
N THR D 685 -28.97 -36.24 -19.37
CA THR D 685 -29.48 -37.62 -19.47
C THR D 685 -29.16 -38.23 -20.84
N PRO D 686 -29.01 -39.58 -20.93
CA PRO D 686 -28.78 -40.22 -22.25
C PRO D 686 -29.88 -39.95 -23.26
N ALA D 687 -31.17 -40.03 -22.85
CA ALA D 687 -32.33 -39.83 -23.74
C ALA D 687 -32.38 -38.41 -24.28
N ASN D 688 -32.07 -37.40 -23.45
CA ASN D 688 -32.06 -36.01 -23.90
C ASN D 688 -30.92 -35.77 -24.92
N TYR D 689 -29.78 -36.47 -24.77
CA TYR D 689 -28.66 -36.40 -25.73
C TYR D 689 -29.08 -37.05 -27.07
N PHE D 690 -29.72 -38.23 -26.98
CA PHE D 690 -30.25 -38.97 -28.14
C PHE D 690 -31.15 -38.06 -28.98
N HIS D 691 -32.13 -37.38 -28.34
CA HIS D 691 -33.07 -36.48 -29.01
C HIS D 691 -32.38 -35.24 -29.56
N LEU D 692 -31.35 -34.72 -28.86
CA LEU D 692 -30.55 -33.56 -29.30
C LEU D 692 -29.86 -33.87 -30.65
N LEU D 693 -29.24 -35.06 -30.79
CA LEU D 693 -28.54 -35.50 -32.02
C LEU D 693 -29.53 -35.77 -33.16
N ARG D 694 -30.69 -36.40 -32.86
CA ARG D 694 -31.70 -36.66 -33.87
C ARG D 694 -32.38 -35.37 -34.33
N ARG D 695 -32.66 -34.40 -33.41
CA ARG D 695 -33.21 -33.10 -33.80
C ARG D 695 -32.25 -32.41 -34.75
N HIS D 696 -30.94 -32.38 -34.39
CA HIS D 696 -29.89 -31.76 -35.17
C HIS D 696 -29.78 -32.33 -36.59
N GLY D 697 -29.88 -33.64 -36.73
CA GLY D 697 -29.80 -34.30 -38.03
C GLY D 697 -31.06 -34.28 -38.87
N LYS D 698 -32.23 -34.02 -38.26
CA LYS D 698 -33.53 -34.04 -38.98
C LYS D 698 -34.25 -32.69 -39.06
N ASP D 699 -33.77 -31.63 -38.39
CA ASP D 699 -34.42 -30.31 -38.36
C ASP D 699 -34.39 -29.52 -39.70
N GLY D 700 -33.58 -29.96 -40.66
CA GLY D 700 -33.45 -29.30 -41.96
C GLY D 700 -32.75 -27.97 -41.91
N ILE D 701 -32.03 -27.68 -40.80
CA ILE D 701 -31.32 -26.44 -40.54
C ILE D 701 -29.83 -26.72 -40.54
N GLN D 702 -29.03 -25.89 -41.24
CA GLN D 702 -27.58 -26.07 -41.26
C GLN D 702 -27.00 -25.10 -40.25
N ARG D 703 -26.79 -25.59 -39.03
CA ARG D 703 -26.27 -24.79 -37.92
C ARG D 703 -25.36 -25.62 -37.02
N PRO D 704 -24.15 -25.15 -36.65
CA PRO D 704 -23.28 -25.99 -35.78
C PRO D 704 -23.86 -26.25 -34.41
N LEU D 705 -23.56 -27.43 -33.86
CA LEU D 705 -23.99 -27.85 -32.55
C LEU D 705 -22.76 -28.10 -31.68
N ILE D 706 -22.68 -27.40 -30.54
CA ILE D 706 -21.59 -27.53 -29.54
C ILE D 706 -22.16 -28.30 -28.36
N VAL D 707 -21.63 -29.51 -28.09
CA VAL D 707 -22.15 -30.35 -26.99
C VAL D 707 -21.05 -30.56 -25.95
N PHE D 708 -21.34 -30.21 -24.67
CA PHE D 708 -20.46 -30.45 -23.54
C PHE D 708 -20.91 -31.80 -23.00
N THR D 709 -20.07 -32.82 -23.22
CA THR D 709 -20.33 -34.24 -22.97
C THR D 709 -19.70 -34.73 -21.66
N PRO D 710 -20.21 -35.87 -21.10
CA PRO D 710 -19.71 -36.33 -19.80
C PRO D 710 -18.44 -37.18 -19.87
N LYS D 711 -17.88 -37.46 -18.67
CA LYS D 711 -16.70 -38.27 -18.43
C LYS D 711 -17.05 -39.34 -17.35
N SER D 712 -17.09 -39.00 -16.04
CA SER D 712 -17.50 -39.99 -15.04
C SER D 712 -19.04 -40.22 -15.08
N MET D 713 -19.83 -39.22 -15.54
CA MET D 713 -21.29 -39.32 -15.68
C MET D 713 -21.70 -40.43 -16.72
N LEU D 714 -20.77 -40.86 -17.60
CA LEU D 714 -20.98 -41.99 -18.51
C LEU D 714 -21.33 -43.25 -17.72
N ARG D 715 -20.78 -43.39 -16.48
CA ARG D 715 -20.98 -44.60 -15.66
C ARG D 715 -21.76 -44.33 -14.38
N ASN D 716 -22.36 -43.12 -14.26
CA ASN D 716 -23.25 -42.78 -13.15
C ASN D 716 -24.53 -43.59 -13.36
N LYS D 717 -24.87 -44.45 -12.39
CA LYS D 717 -26.02 -45.34 -12.47
C LYS D 717 -27.37 -44.60 -12.38
N ALA D 718 -27.36 -43.33 -11.91
CA ALA D 718 -28.56 -42.50 -11.84
C ALA D 718 -28.80 -41.82 -13.19
N ALA D 719 -27.74 -41.66 -14.00
CA ALA D 719 -27.77 -41.01 -15.31
C ALA D 719 -28.06 -42.04 -16.43
N VAL D 720 -29.21 -42.71 -16.34
CA VAL D 720 -29.69 -43.72 -17.29
C VAL D 720 -31.15 -43.40 -17.66
N SER D 721 -31.59 -43.87 -18.83
CA SER D 721 -32.92 -43.56 -19.34
C SER D 721 -33.78 -44.79 -19.62
N ASP D 722 -35.10 -44.62 -19.52
CA ASP D 722 -36.10 -45.65 -19.80
C ASP D 722 -36.39 -45.67 -21.30
N ILE D 723 -36.87 -46.81 -21.83
CA ILE D 723 -37.22 -47.00 -23.24
C ILE D 723 -38.23 -45.90 -23.71
N ARG D 724 -39.26 -45.61 -22.87
CA ARG D 724 -40.31 -44.61 -23.13
C ARG D 724 -39.75 -43.21 -23.39
N ASP D 725 -38.57 -42.90 -22.81
CA ASP D 725 -37.90 -41.60 -23.02
C ASP D 725 -37.38 -41.47 -24.47
N PHE D 726 -37.20 -42.60 -25.18
CA PHE D 726 -36.72 -42.66 -26.57
C PHE D 726 -37.86 -42.84 -27.57
N THR D 727 -38.90 -43.61 -27.16
CA THR D 727 -40.04 -43.99 -27.99
C THR D 727 -41.25 -43.05 -27.87
N GLU D 728 -41.43 -42.36 -26.73
CA GLU D 728 -42.60 -41.47 -26.57
C GLU D 728 -42.20 -40.10 -26.02
N SER D 729 -41.04 -39.57 -26.41
CA SER D 729 -40.63 -38.25 -25.95
C SER D 729 -39.92 -37.48 -27.07
N LYS D 730 -39.39 -36.30 -26.72
CA LYS D 730 -38.68 -35.36 -27.60
C LYS D 730 -37.58 -34.65 -26.78
N PHE D 731 -36.75 -33.83 -27.44
CA PHE D 731 -35.71 -33.08 -26.76
C PHE D 731 -36.34 -32.06 -25.82
N ARG D 732 -35.87 -32.02 -24.56
CA ARG D 732 -36.36 -31.08 -23.55
C ARG D 732 -35.24 -30.11 -23.21
N SER D 733 -35.42 -28.84 -23.64
CA SER D 733 -34.49 -27.74 -23.44
C SER D 733 -34.34 -27.39 -21.96
N VAL D 734 -35.41 -27.60 -21.18
CA VAL D 734 -35.47 -27.36 -19.73
C VAL D 734 -36.00 -28.64 -19.08
N LEU D 735 -35.33 -29.13 -18.03
CA LEU D 735 -35.79 -30.33 -17.35
C LEU D 735 -36.08 -30.10 -15.87
N GLU D 736 -37.24 -30.59 -15.42
CA GLU D 736 -37.63 -30.58 -14.02
C GLU D 736 -37.24 -31.90 -13.40
N GLU D 737 -37.29 -32.00 -12.07
CA GLU D 737 -37.01 -33.24 -11.36
C GLU D 737 -38.15 -34.24 -11.62
N PRO D 738 -37.84 -35.54 -11.86
CA PRO D 738 -38.91 -36.54 -12.09
C PRO D 738 -39.97 -36.63 -10.97
N MET D 739 -39.65 -36.23 -9.72
CA MET D 739 -40.61 -36.26 -8.60
C MET D 739 -41.80 -35.30 -8.85
N TYR D 740 -41.61 -34.26 -9.67
CA TYR D 740 -42.67 -33.29 -9.95
C TYR D 740 -43.45 -33.62 -11.22
N THR D 741 -42.81 -34.28 -12.20
CA THR D 741 -43.45 -34.62 -13.49
C THR D 741 -44.07 -36.04 -13.48
N ASP D 742 -43.47 -36.99 -12.74
CA ASP D 742 -43.91 -38.39 -12.70
C ASP D 742 -44.16 -38.88 -11.28
N GLY D 743 -43.49 -38.29 -10.29
CA GLY D 743 -43.59 -38.69 -8.89
C GLY D 743 -44.67 -37.99 -8.08
N GLU D 744 -44.52 -38.03 -6.75
CA GLU D 744 -45.47 -37.49 -5.78
C GLU D 744 -44.99 -36.16 -5.12
N GLY D 745 -44.07 -35.47 -5.78
CA GLY D 745 -43.54 -34.20 -5.30
C GLY D 745 -44.53 -33.05 -5.40
N ASP D 746 -44.46 -32.11 -4.44
CA ASP D 746 -45.32 -30.93 -4.39
C ASP D 746 -44.51 -29.66 -4.68
N ARG D 747 -44.72 -29.06 -5.86
CA ARG D 747 -44.05 -27.83 -6.32
C ARG D 747 -44.34 -26.61 -5.43
N ASN D 748 -45.52 -26.58 -4.76
CA ASN D 748 -45.94 -25.46 -3.93
C ASN D 748 -45.15 -25.34 -2.61
N LYS D 749 -44.47 -26.42 -2.20
CA LYS D 749 -43.64 -26.41 -0.98
C LYS D 749 -42.29 -25.71 -1.22
N VAL D 750 -41.90 -25.56 -2.50
CA VAL D 750 -40.62 -25.00 -2.94
C VAL D 750 -40.54 -23.49 -2.73
N THR D 751 -39.50 -23.07 -1.99
CA THR D 751 -39.18 -21.66 -1.67
C THR D 751 -37.84 -21.25 -2.30
N ARG D 752 -36.94 -22.23 -2.56
CA ARG D 752 -35.60 -22.02 -3.15
C ARG D 752 -35.47 -22.79 -4.46
N LEU D 753 -35.20 -22.06 -5.55
CA LEU D 753 -35.03 -22.63 -6.87
C LEU D 753 -33.55 -22.59 -7.28
N LEU D 754 -32.97 -23.78 -7.49
CA LEU D 754 -31.59 -23.93 -7.96
C LEU D 754 -31.60 -24.25 -9.45
N LEU D 755 -31.07 -23.33 -10.26
CA LEU D 755 -30.98 -23.48 -11.72
C LEU D 755 -29.59 -23.94 -12.04
N THR D 756 -29.47 -25.03 -12.80
CA THR D 756 -28.16 -25.60 -13.09
C THR D 756 -28.12 -26.25 -14.47
N SER D 757 -26.99 -26.90 -14.77
CA SER D 757 -26.77 -27.62 -16.01
C SER D 757 -25.70 -28.69 -15.80
N GLY D 758 -25.88 -29.84 -16.41
CA GLY D 758 -24.88 -30.89 -16.38
C GLY D 758 -24.91 -31.80 -15.19
N LYS D 759 -23.78 -32.48 -14.95
CA LYS D 759 -23.66 -33.53 -13.98
C LYS D 759 -23.91 -33.08 -12.53
N ILE D 760 -23.66 -31.79 -12.15
CA ILE D 760 -23.83 -31.30 -10.76
C ILE D 760 -25.28 -31.51 -10.29
N TYR D 761 -26.24 -31.64 -11.25
CA TYR D 761 -27.65 -31.94 -10.96
C TYR D 761 -27.76 -33.18 -10.06
N TYR D 762 -27.07 -34.29 -10.43
CA TYR D 762 -27.12 -35.56 -9.69
C TYR D 762 -26.64 -35.40 -8.25
N GLU D 763 -25.59 -34.58 -8.01
CA GLU D 763 -25.04 -34.32 -6.68
C GLU D 763 -26.02 -33.49 -5.86
N LEU D 764 -26.68 -32.51 -6.50
CA LEU D 764 -27.69 -31.64 -5.86
C LEU D 764 -28.96 -32.45 -5.53
N ALA D 765 -29.38 -33.36 -6.45
CA ALA D 765 -30.55 -34.21 -6.26
C ALA D 765 -30.32 -35.23 -5.13
N ALA D 766 -29.10 -35.80 -5.05
CA ALA D 766 -28.71 -36.75 -3.99
C ALA D 766 -28.74 -36.09 -2.60
N ARG D 767 -28.27 -34.81 -2.51
CA ARG D 767 -28.27 -34.04 -1.27
C ARG D 767 -29.71 -33.72 -0.83
N LYS D 768 -30.60 -33.36 -1.79
CA LYS D 768 -32.01 -33.08 -1.54
C LYS D 768 -32.69 -34.31 -0.97
N ALA D 769 -32.43 -35.48 -1.56
CA ALA D 769 -32.97 -36.79 -1.14
C ALA D 769 -32.47 -37.16 0.27
N LYS D 770 -31.21 -36.85 0.59
CA LYS D 770 -30.57 -37.13 1.87
C LYS D 770 -31.26 -36.37 3.01
N GLU D 771 -31.46 -35.05 2.84
CA GLU D 771 -32.07 -34.20 3.86
C GLU D 771 -33.63 -34.10 3.74
N ASN D 772 -34.23 -34.69 2.68
CA ASN D 772 -35.68 -34.62 2.36
C ASN D 772 -36.06 -33.13 2.25
N ARG D 773 -35.38 -32.39 1.33
CA ARG D 773 -35.58 -30.94 1.15
C ARG D 773 -36.68 -30.65 0.15
N GLU D 774 -37.93 -30.65 0.62
CA GLU D 774 -39.12 -30.38 -0.18
C GLU D 774 -39.23 -28.89 -0.52
N ASP D 775 -38.51 -28.04 0.24
CA ASP D 775 -38.46 -26.59 0.10
C ASP D 775 -37.49 -26.15 -1.02
N VAL D 776 -36.66 -27.09 -1.53
CA VAL D 776 -35.67 -26.86 -2.59
C VAL D 776 -36.05 -27.63 -3.88
N ALA D 777 -35.99 -26.96 -5.04
CA ALA D 777 -36.25 -27.60 -6.35
C ALA D 777 -35.10 -27.29 -7.29
N ILE D 778 -34.73 -28.27 -8.12
CA ILE D 778 -33.60 -28.16 -9.05
C ILE D 778 -34.11 -28.23 -10.49
N VAL D 779 -33.85 -27.16 -11.26
CA VAL D 779 -34.26 -27.05 -12.65
C VAL D 779 -32.99 -27.02 -13.53
N ARG D 780 -32.95 -27.86 -14.59
CA ARG D 780 -31.81 -27.94 -15.50
C ARG D 780 -32.04 -27.20 -16.79
N ILE D 781 -31.05 -26.43 -17.22
CA ILE D 781 -31.05 -25.76 -18.53
C ILE D 781 -30.18 -26.65 -19.42
N GLU D 782 -30.82 -27.47 -20.26
CA GLU D 782 -30.16 -28.46 -21.15
C GLU D 782 -29.60 -27.79 -22.41
N GLN D 783 -30.32 -26.81 -22.94
CA GLN D 783 -29.93 -26.02 -24.11
C GLN D 783 -29.46 -24.66 -23.60
N LEU D 784 -28.15 -24.40 -23.65
CA LEU D 784 -27.59 -23.16 -23.10
C LEU D 784 -27.75 -21.98 -24.05
N ALA D 785 -27.72 -22.25 -25.35
CA ALA D 785 -27.89 -21.25 -26.42
C ALA D 785 -28.54 -21.91 -27.64
N PRO D 786 -29.63 -21.33 -28.23
CA PRO D 786 -30.35 -20.12 -27.77
C PRO D 786 -31.07 -20.42 -26.46
N LEU D 787 -31.15 -19.42 -25.56
CA LEU D 787 -31.81 -19.62 -24.29
C LEU D 787 -33.27 -20.01 -24.50
N PRO D 788 -33.74 -21.11 -23.87
CA PRO D 788 -35.14 -21.49 -24.06
C PRO D 788 -36.06 -20.64 -23.19
N ARG D 789 -36.19 -19.35 -23.56
CA ARG D 789 -36.93 -18.32 -22.83
C ARG D 789 -38.35 -18.78 -22.41
N ARG D 790 -39.21 -19.18 -23.38
CA ARG D 790 -40.59 -19.59 -23.11
C ARG D 790 -40.68 -20.80 -22.17
N ARG D 791 -39.93 -21.89 -22.46
CA ARG D 791 -39.93 -23.11 -21.65
C ARG D 791 -39.45 -22.81 -20.23
N LEU D 792 -38.45 -21.92 -20.08
CA LEU D 792 -37.90 -21.50 -18.79
C LEU D 792 -38.98 -20.75 -17.98
N ALA D 793 -39.65 -19.75 -18.60
CA ALA D 793 -40.72 -18.97 -17.98
C ALA D 793 -41.89 -19.86 -17.54
N GLU D 794 -42.36 -20.76 -18.43
CA GLU D 794 -43.46 -21.69 -18.17
C GLU D 794 -43.12 -22.66 -17.02
N THR D 795 -41.87 -23.15 -16.97
CA THR D 795 -41.39 -24.07 -15.93
C THR D 795 -41.39 -23.35 -14.56
N LEU D 796 -40.80 -22.14 -14.48
CA LEU D 796 -40.71 -21.37 -13.24
C LEU D 796 -42.08 -20.92 -12.72
N ASP D 797 -43.07 -20.73 -13.61
CA ASP D 797 -44.44 -20.32 -13.24
C ASP D 797 -45.16 -21.41 -12.44
N ARG D 798 -44.64 -22.64 -12.46
CA ARG D 798 -45.19 -23.79 -11.75
C ARG D 798 -44.72 -23.85 -10.29
N TYR D 799 -43.84 -22.92 -9.88
CA TYR D 799 -43.30 -22.80 -8.52
C TYR D 799 -43.68 -21.41 -7.96
N PRO D 800 -44.95 -21.22 -7.51
CA PRO D 800 -45.39 -19.87 -7.11
C PRO D 800 -44.81 -19.31 -5.80
N ASN D 801 -44.34 -20.18 -4.89
CA ASN D 801 -43.86 -19.75 -3.58
C ASN D 801 -42.33 -19.58 -3.47
N VAL D 802 -41.63 -19.54 -4.63
CA VAL D 802 -40.18 -19.35 -4.68
C VAL D 802 -39.85 -17.91 -4.24
N LYS D 803 -38.95 -17.79 -3.25
CA LYS D 803 -38.50 -16.51 -2.69
C LYS D 803 -37.06 -16.17 -3.13
N GLU D 804 -36.26 -17.19 -3.51
CA GLU D 804 -34.89 -17.00 -3.96
C GLU D 804 -34.51 -17.96 -5.08
N LYS D 805 -33.75 -17.45 -6.06
CA LYS D 805 -33.26 -18.19 -7.23
C LYS D 805 -31.74 -18.10 -7.33
N PHE D 806 -31.09 -19.26 -7.56
CA PHE D 806 -29.64 -19.33 -7.67
C PHE D 806 -29.19 -20.10 -8.90
N TRP D 807 -28.21 -19.55 -9.63
CA TRP D 807 -27.56 -20.27 -10.71
C TRP D 807 -26.41 -21.03 -10.05
N VAL D 808 -26.44 -22.37 -10.12
CA VAL D 808 -25.43 -23.23 -9.50
C VAL D 808 -24.57 -23.86 -10.60
N GLN D 809 -23.24 -23.75 -10.44
CA GLN D 809 -22.28 -24.30 -11.39
C GLN D 809 -20.99 -24.69 -10.68
N GLU D 810 -20.29 -25.64 -11.29
CA GLU D 810 -18.99 -26.17 -10.89
C GLU D 810 -17.87 -25.24 -11.25
N GLU D 811 -17.99 -24.59 -12.40
CA GLU D 811 -16.96 -23.75 -13.00
C GLU D 811 -16.70 -22.48 -12.20
N PRO D 812 -15.46 -21.93 -12.25
CA PRO D 812 -15.17 -20.64 -11.59
C PRO D 812 -16.13 -19.53 -12.03
N ALA D 813 -16.32 -18.51 -11.17
CA ALA D 813 -17.26 -17.39 -11.37
C ALA D 813 -17.09 -16.69 -12.74
N ASN D 814 -15.84 -16.57 -13.26
CA ASN D 814 -15.54 -15.96 -14.56
C ASN D 814 -15.64 -16.97 -15.74
N GLN D 815 -16.01 -18.24 -15.46
CA GLN D 815 -16.13 -19.31 -16.45
C GLN D 815 -17.52 -19.94 -16.36
N GLY D 816 -17.78 -20.98 -17.18
CA GLY D 816 -19.11 -21.60 -17.24
C GLY D 816 -20.17 -20.70 -17.87
N ALA D 817 -21.44 -20.94 -17.51
CA ALA D 817 -22.58 -20.20 -18.04
C ALA D 817 -22.89 -18.86 -17.33
N TRP D 818 -22.37 -18.66 -16.07
CA TRP D 818 -22.64 -17.44 -15.28
C TRP D 818 -22.25 -16.10 -15.97
N PRO D 819 -21.03 -15.89 -16.54
CA PRO D 819 -20.74 -14.59 -17.18
C PRO D 819 -21.80 -14.12 -18.17
N SER D 820 -22.41 -15.05 -18.95
CA SER D 820 -23.46 -14.68 -19.90
C SER D 820 -24.86 -14.74 -19.25
N PHE D 821 -25.23 -15.82 -18.54
CA PHE D 821 -26.54 -15.99 -17.88
C PHE D 821 -26.80 -14.94 -16.82
N GLY D 822 -25.78 -14.59 -16.05
CA GLY D 822 -25.85 -13.57 -15.00
C GLY D 822 -26.22 -12.20 -15.52
N LEU D 823 -25.86 -11.93 -16.79
CA LEU D 823 -26.17 -10.68 -17.47
C LEU D 823 -27.45 -10.81 -18.33
N THR D 824 -27.63 -11.95 -19.02
CA THR D 824 -28.75 -12.18 -19.93
C THR D 824 -30.08 -12.52 -19.21
N LEU D 825 -30.11 -13.53 -18.30
CA LEU D 825 -31.34 -13.97 -17.62
C LEU D 825 -32.14 -12.83 -16.96
N PRO D 826 -31.55 -11.89 -16.14
CA PRO D 826 -32.39 -10.81 -15.59
C PRO D 826 -32.94 -9.82 -16.63
N GLU D 827 -32.35 -9.79 -17.84
CA GLU D 827 -32.81 -8.88 -18.90
C GLU D 827 -33.92 -9.51 -19.74
N ILE D 828 -33.78 -10.78 -20.15
CA ILE D 828 -34.75 -11.47 -21.02
C ILE D 828 -35.98 -11.92 -20.23
N LEU D 829 -35.83 -12.19 -18.92
CA LEU D 829 -36.93 -12.60 -18.04
C LEU D 829 -36.84 -11.82 -16.71
N PRO D 830 -37.10 -10.47 -16.74
CA PRO D 830 -36.99 -9.67 -15.50
C PRO D 830 -37.92 -10.07 -14.37
N ASP D 831 -39.12 -10.58 -14.67
CA ASP D 831 -40.08 -10.97 -13.63
C ASP D 831 -39.69 -12.30 -12.98
N HIS D 832 -38.79 -13.06 -13.61
CA HIS D 832 -38.34 -14.35 -13.07
C HIS D 832 -36.94 -14.29 -12.48
N PHE D 833 -36.00 -13.55 -13.09
CA PHE D 833 -34.62 -13.60 -12.64
C PHE D 833 -34.02 -12.30 -12.06
N THR D 834 -34.86 -11.31 -11.68
CA THR D 834 -34.35 -10.11 -11.02
C THR D 834 -33.96 -10.57 -9.62
N GLY D 835 -32.69 -10.35 -9.25
CA GLY D 835 -32.15 -10.76 -7.97
C GLY D 835 -31.51 -12.13 -7.98
N LEU D 836 -31.29 -12.70 -9.19
CA LEU D 836 -30.66 -14.01 -9.39
C LEU D 836 -29.24 -13.96 -8.85
N LYS D 837 -28.90 -14.91 -7.99
CA LYS D 837 -27.58 -14.97 -7.37
C LYS D 837 -26.80 -16.18 -7.87
N ARG D 838 -25.46 -16.14 -7.71
CA ARG D 838 -24.55 -17.17 -8.20
C ARG D 838 -23.95 -18.01 -7.06
N ILE D 839 -23.87 -19.33 -7.30
CA ILE D 839 -23.19 -20.32 -6.47
C ILE D 839 -22.28 -21.06 -7.43
N SER D 840 -20.95 -20.87 -7.26
CA SER D 840 -19.91 -21.42 -8.13
C SER D 840 -18.60 -21.49 -7.41
N ARG D 841 -17.53 -21.91 -8.12
CA ARG D 841 -16.17 -21.80 -7.61
C ARG D 841 -15.78 -20.31 -7.74
N ARG D 842 -14.80 -19.86 -6.98
CA ARG D 842 -14.29 -18.48 -7.10
C ARG D 842 -13.69 -18.25 -8.51
N ALA D 843 -13.60 -16.98 -8.96
CA ALA D 843 -12.98 -16.65 -10.25
C ALA D 843 -11.55 -17.16 -10.23
N MET D 844 -11.10 -17.82 -11.29
CA MET D 844 -9.74 -18.40 -11.39
C MET D 844 -9.12 -18.07 -12.74
N SER D 845 -7.77 -17.96 -12.78
CA SER D 845 -6.99 -17.70 -14.00
C SER D 845 -6.83 -18.97 -14.86
N ALA D 846 -7.20 -20.14 -14.32
CA ALA D 846 -7.17 -21.47 -14.95
C ALA D 846 -8.56 -22.12 -14.82
N PRO D 847 -8.93 -23.17 -15.61
CA PRO D 847 -10.29 -23.75 -15.48
C PRO D 847 -10.58 -24.45 -14.15
N SER D 848 -9.53 -24.82 -13.42
CA SER D 848 -9.61 -25.53 -12.16
C SER D 848 -8.26 -25.49 -11.41
N SER D 849 -8.28 -25.97 -10.15
CA SER D 849 -7.09 -26.18 -9.33
C SER D 849 -6.34 -27.41 -9.87
N GLY D 850 -5.05 -27.50 -9.58
CA GLY D 850 -4.25 -28.65 -9.97
C GLY D 850 -4.45 -29.83 -9.02
N SER D 851 -4.99 -29.57 -7.82
CA SER D 851 -5.20 -30.60 -6.78
C SER D 851 -6.61 -31.21 -6.81
N SER D 852 -6.69 -32.55 -6.79
CA SER D 852 -7.96 -33.29 -6.68
C SER D 852 -8.55 -33.09 -5.25
N LYS D 853 -7.68 -32.81 -4.25
CA LYS D 853 -8.06 -32.56 -2.84
C LYS D 853 -8.71 -31.19 -2.71
N VAL D 854 -8.13 -30.15 -3.35
CA VAL D 854 -8.68 -28.79 -3.36
C VAL D 854 -10.02 -28.83 -4.09
N HIS D 855 -10.10 -29.61 -5.21
CA HIS D 855 -11.33 -29.80 -6.01
C HIS D 855 -12.50 -30.34 -5.15
N ALA D 856 -12.22 -31.41 -4.35
CA ALA D 856 -13.17 -32.12 -3.52
C ALA D 856 -13.74 -31.22 -2.43
N VAL D 857 -12.90 -30.35 -1.84
CA VAL D 857 -13.31 -29.37 -0.81
C VAL D 857 -14.25 -28.33 -1.45
N GLU D 858 -13.87 -27.82 -2.66
CA GLU D 858 -14.64 -26.84 -3.43
C GLU D 858 -16.00 -27.39 -3.89
N GLN D 859 -16.03 -28.68 -4.31
CA GLN D 859 -17.26 -29.33 -4.76
C GLN D 859 -18.25 -29.42 -3.61
N GLN D 860 -17.76 -29.83 -2.42
CA GLN D 860 -18.54 -29.96 -1.19
C GLN D 860 -19.04 -28.59 -0.75
N GLU D 861 -18.20 -27.53 -0.89
CA GLU D 861 -18.55 -26.15 -0.55
C GLU D 861 -19.74 -25.63 -1.37
N ILE D 862 -19.79 -25.99 -2.67
CA ILE D 862 -20.86 -25.58 -3.58
C ILE D 862 -22.17 -26.22 -3.12
N LEU D 863 -22.19 -27.54 -2.91
CA LEU D 863 -23.40 -28.24 -2.46
C LEU D 863 -23.88 -27.69 -1.13
N ASP D 864 -22.98 -27.49 -0.13
CA ASP D 864 -23.30 -26.93 1.20
C ASP D 864 -23.91 -25.51 1.11
N THR D 865 -23.40 -24.65 0.22
CA THR D 865 -23.92 -23.30 0.01
C THR D 865 -25.35 -23.37 -0.56
N ALA D 866 -25.59 -24.27 -1.55
CA ALA D 866 -26.87 -24.45 -2.21
C ALA D 866 -27.98 -24.93 -1.24
N PHE D 867 -27.60 -25.66 -0.16
CA PHE D 867 -28.55 -26.16 0.84
C PHE D 867 -28.36 -25.52 2.23
N GLY D 868 -27.68 -24.36 2.26
CA GLY D 868 -27.43 -23.62 3.49
C GLY D 868 -28.53 -22.63 3.82
N1' ZP1 E . 4.66 14.45 40.23
C2' ZP1 E . 3.64 14.18 39.43
CM2 ZP1 E . 3.13 15.31 38.59
N3' ZP1 E . 3.03 12.97 39.28
C4' ZP1 E . 3.56 11.96 40.06
N4' ZP1 E . 3.03 10.72 39.79
C5' ZP1 E . 4.62 12.14 40.97
C6' ZP1 E . 5.14 13.43 41.00
C7' ZP1 E . 5.13 11.06 41.86
N3 ZP1 E . 4.28 10.49 42.96
C2 ZP1 E . 3.27 9.42 42.64
S1 ZP1 E . 2.28 9.26 44.19
C5 ZP1 E . 2.84 10.77 44.86
C4 ZP1 E . 3.81 11.34 44.06
CM4 ZP1 E . 4.42 12.71 44.37
C6 ZP1 E . 2.25 11.27 46.14
C7 ZP1 E . 0.72 11.57 45.86
O7 ZP1 E . 0.09 12.21 46.90
PA ZP1 E . -1.64 12.39 46.87
O1A ZP1 E . -1.78 13.41 45.75
O2A ZP1 E . -1.96 12.89 48.26
O3A ZP1 E . -2.10 11.01 46.50
PB ZP1 E . -2.00 9.52 47.54
O1B ZP1 E . -1.89 10.05 48.98
O2B ZP1 E . -0.74 8.81 47.11
O3B ZP1 E . -3.32 8.86 47.15
C11 ZP1 E . 3.65 8.07 41.92
P4 ZP1 E . 4.81 6.98 42.87
O5 ZP1 E . 5.38 6.03 41.87
O6 ZP1 E . 4.22 6.40 44.10
O8 ZP1 E . 6.19 7.90 43.34
C12 ZP1 E . 2.30 7.26 41.77
O11 ZP1 E . 4.16 8.30 40.62
C13 ZP1 E . 1.34 7.51 40.59
C14 ZP1 E . 1.70 6.68 39.34
O15 ZP1 E . 2.91 6.41 39.17
O16 ZP1 E . 0.83 6.29 38.52
C8 ZP1 E . 6.72 7.67 44.60
C9 ZP1 E . 7.58 6.36 44.62
MG MG F . -2.85 11.67 49.80
CA CA G . -6.46 11.41 10.42
N1' ZP1 H . 1.17 32.29 26.54
C2' ZP1 H . 2.09 32.62 27.47
CM2 ZP1 H . 2.34 31.66 28.60
N3' ZP1 H . 2.84 33.76 27.47
C4' ZP1 H . 2.63 34.61 26.40
N4' ZP1 H . 3.50 35.68 26.37
C5' ZP1 H . 1.69 34.37 25.41
C6' ZP1 H . 0.99 33.16 25.53
C7' ZP1 H . 1.41 35.35 24.30
N3 ZP1 H . 0.79 36.68 24.61
C2 ZP1 H . 1.66 37.81 25.05
S1 ZP1 H . 0.49 39.12 25.59
C5 ZP1 H . -0.90 38.04 25.64
C4 ZP1 H . -0.55 36.78 25.20
CM4 ZP1 H . -1.53 35.63 25.24
C6 ZP1 H . -2.21 38.57 26.14
C7 ZP1 H . -2.01 38.95 27.67
O7 ZP1 H . -3.15 39.33 28.30
PA ZP1 H . -3.13 39.93 29.94
O1A ZP1 H . -2.65 38.68 30.67
O2A ZP1 H . -4.59 40.32 30.10
O3A ZP1 H . -2.06 41.01 29.82
PB ZP1 H . -2.21 42.53 28.85
O1B ZP1 H . -3.72 42.78 28.72
O2B ZP1 H . -1.54 42.24 27.53
O3B ZP1 H . -1.46 43.47 29.70
C11 ZP1 H . 2.93 38.30 24.21
P4 ZP1 H . 2.56 38.96 22.52
O5 ZP1 H . 3.80 38.91 21.75
O6 ZP1 H . 1.86 40.26 22.56
O8 ZP1 H . 1.57 37.86 21.66
C12 ZP1 H . 3.53 39.49 25.07
O11 ZP1 H . 3.90 37.28 24.10
C13 ZP1 H . 4.51 39.25 26.23
C14 ZP1 H . 5.97 39.13 25.75
O15 ZP1 H . 6.17 38.64 24.62
O16 ZP1 H . 6.92 39.49 26.45
C8 ZP1 H . 0.52 38.34 20.92
C9 ZP1 H . 1.03 38.78 19.53
MG MG I . -5.11 42.41 30.09
CA CA J . 29.43 26.45 40.50
N1' ZP1 K . -4.19 -33.08 -27.76
C2' ZP1 K . -3.17 -32.39 -27.23
CM2 ZP1 K . -2.69 -31.19 -27.99
N3' ZP1 K . -2.54 -32.67 -26.08
C4' ZP1 K . -3.03 -33.76 -25.38
N4' ZP1 K . -2.47 -33.94 -24.15
C5' ZP1 K . -4.08 -34.57 -25.87
C6' ZP1 K . -4.63 -34.18 -27.09
C7' ZP1 K . -4.55 -35.81 -25.15
N3 ZP1 K . -3.67 -37.02 -25.01
C2 ZP1 K . -2.66 -37.07 -23.92
S1 ZP1 K . -1.66 -38.54 -24.30
C5 ZP1 K . -2.24 -38.67 -25.96
C4 ZP1 K . -3.22 -37.76 -26.18
CM4 ZP1 K . -3.84 -37.59 -27.55
C6 ZP1 K . -1.64 -39.69 -26.88
C7 ZP1 K . -0.14 -39.31 -27.09
O7 ZP1 K . 0.49 -40.08 -28.02
PA ZP1 K . 2.23 -39.95 -28.23
O1A ZP1 K . 2.31 -38.51 -28.82
O2A ZP1 K . 2.50 -41.07 -29.18
O3A ZP1 K . 2.74 -40.04 -26.82
PB ZP1 K . 2.66 -41.49 -25.74
O1B ZP1 K . 2.59 -42.67 -26.72
O2B ZP1 K . 1.46 -41.32 -24.91
O3B ZP1 K . 3.98 -41.29 -25.00
C11 ZP1 K . -3.03 -36.85 -22.38
P4 ZP1 K . -4.17 -38.13 -21.67
O5 ZP1 K . -4.76 -37.52 -20.43
O6 ZP1 K . -3.56 -39.46 -21.52
O8 ZP1 K . -5.54 -38.31 -22.69
C12 ZP1 K . -1.67 -36.96 -21.59
O11 ZP1 K . -3.55 -35.56 -22.15
C13 ZP1 K . -0.72 -35.75 -21.44
C14 ZP1 K . -1.08 -34.86 -20.23
O15 ZP1 K . -2.29 -34.81 -19.92
O16 ZP1 K . -0.21 -34.20 -19.60
C8 ZP1 K . -6.02 -39.60 -22.87
C9 ZP1 K . -6.90 -40.07 -21.67
MG MG L . 3.49 -42.85 -28.46
CA CA M . 6.78 -5.93 -14.79
N1' ZP1 N . -1.27 -13.99 -39.77
C2' ZP1 N . -2.17 -14.77 -40.39
CM2 ZP1 N . -2.38 -16.18 -39.87
N3' ZP1 N . -2.91 -14.39 -41.45
C4' ZP1 N . -2.75 -13.10 -41.88
N4' ZP1 N . -3.63 -12.70 -42.83
C5' ZP1 N . -1.82 -12.21 -41.31
C6' ZP1 N . -1.11 -12.73 -40.22
C7' ZP1 N . -1.55 -10.84 -41.83
N3 ZP1 N . -0.97 -10.66 -43.21
C2 ZP1 N . -1.85 -10.66 -44.40
S1 ZP1 N . -0.70 -10.68 -45.84
C5 ZP1 N . 0.69 -11.11 -44.89
C4 ZP1 N . 0.37 -11.14 -43.54
CM4 ZP1 N . 1.38 -11.55 -42.48
C6 ZP1 N . 1.97 -11.36 -45.61
C7 ZP1 N . 1.81 -12.69 -46.46
O7 ZP1 N . 2.97 -13.16 -47.01
PA ZP1 N . 2.96 -14.46 -48.18
O1A ZP1 N . 2.51 -15.61 -47.28
O2A ZP1 N . 4.41 -14.47 -48.61
O3A ZP1 N . 1.93 -13.96 -49.13
PB ZP1 N . 2.03 -12.55 -50.21
O1B ZP1 N . 3.55 -12.33 -50.43
O2B ZP1 N . 1.36 -11.41 -49.50
O3B ZP1 N . 1.26 -13.06 -51.36
C11 ZP1 N . -3.14 -9.74 -44.53
P4 ZP1 N . -2.82 -7.90 -44.56
O5 ZP1 N . -4.08 -7.24 -44.24
O6 ZP1 N . -2.11 -7.45 -45.80
O8 ZP1 N . -1.81 -7.50 -43.23
C12 ZP1 N . -3.77 -10.12 -45.95
O11 ZP1 N . -4.10 -10.01 -43.53
C13 ZP1 N . -4.70 -11.33 -46.13
C14 ZP1 N . -6.16 -10.99 -45.83
O15 ZP1 N . -6.38 -10.07 -44.98
O16 ZP1 N . -7.11 -11.59 -46.39
C8 ZP1 N . -0.78 -6.60 -43.41
C9 ZP1 N . -1.32 -5.16 -43.40
MG MG O . 4.96 -13.77 -50.62
CA CA P . -29.29 -29.64 -38.79
#